data_5EJB
#
_entry.id   5EJB
#
_cell.length_a   108.610
_cell.length_b   163.500
_cell.length_c   147.940
_cell.angle_alpha   90.000
_cell.angle_beta   94.130
_cell.angle_gamma   90.000
#
_symmetry.space_group_name_H-M   'P 1 21 1'
#
loop_
_entity.id
_entity.type
_entity.pdbx_description
1 polymer 'Fusion glycoprotein F0'
2 branched 2-acetamido-2-deoxy-beta-D-glucopyranose-(1-4)-2-acetamido-2-deoxy-beta-D-glucopyranose
3 non-polymer 'SULFATE ION'
4 non-polymer 2-acetamido-2-deoxy-beta-D-glucopyranose
#
_entity_poly.entity_id   1
_entity_poly.type   'polypeptide(L)'
_entity_poly.pdbx_seq_one_letter_code
;GILHYEKLSKIGLVKGITRKYKIKSNPLTKDIVIKMKPNVSNVSKCTGTVMENYKSRLTGILSPIKGAIELYNNNTHDLV
GDVKLAGVVMAGIAIGIATAAQITAGVALYEAMKNADNINKLKSSIESTNEAVVKLQETAEKTVYVLTALQDYINTNLVP
SIDQISCKQTELALDLALSKYLSDLLFVFGPNLQDPVSNSMTIQAISQAFGGNYETLLRTLGYATEDFDDLLESDSITGQ
IVYVDLSSYYIIVRVYFPILTEIQQAYVQELLPVSFNNDNSEWISIVPNFVLIRNTLISNIEVKYCLITKKSVICNQDYA
TPMTASVRECLTGSTDKCPRELVVSSHVPRFALSGGVLFANCISVTCQCQTTGRAISQSGEQTLLMIDNTTCTTVVLGNI
IISLGKYLGSINYNSESIAVGPPVYTDKVDISSQISSMNQSLQQSKDYIKEAQKILDNVEDKIEEILSKIYHIENEIARI
KKLIGEAPGGIEGRHHHHHHH
;
_entity_poly.pdbx_strand_id   B,C,D,F,E,A
#
loop_
_chem_comp.id
_chem_comp.type
_chem_comp.name
_chem_comp.formula
NAG D-saccharide, beta linking 2-acetamido-2-deoxy-beta-D-glucopyranose 'C8 H15 N O6'
SO4 non-polymer 'SULFATE ION' 'O4 S -2'
#
# COMPACT_ATOMS: atom_id res chain seq x y z
N GLY A 1 -1.15 -6.38 31.59
CA GLY A 1 -1.61 -6.99 30.32
C GLY A 1 -2.73 -6.19 29.70
N ILE A 2 -3.98 -6.59 29.96
CA ILE A 2 -5.18 -5.79 29.64
C ILE A 2 -5.15 -4.51 30.50
N LEU A 3 -5.95 -3.53 30.13
CA LEU A 3 -6.11 -2.44 31.06
C LEU A 3 -7.11 -2.93 32.08
N HIS A 4 -6.88 -2.62 33.34
CA HIS A 4 -7.87 -2.99 34.35
C HIS A 4 -9.03 -2.02 34.35
N TYR A 5 -9.94 -2.26 33.41
CA TYR A 5 -11.06 -1.34 33.10
C TYR A 5 -12.02 -1.02 34.25
N GLU A 6 -12.42 -2.06 35.01
CA GLU A 6 -13.31 -1.88 36.16
C GLU A 6 -12.65 -1.03 37.27
N LYS A 7 -11.50 -1.51 37.77
CA LYS A 7 -10.71 -0.77 38.73
C LYS A 7 -10.56 0.68 38.20
N LEU A 8 -10.18 0.83 36.92
CA LEU A 8 -10.09 2.17 36.34
C LEU A 8 -11.37 2.96 36.40
N SER A 9 -12.52 2.34 36.17
CA SER A 9 -13.79 3.07 36.08
C SER A 9 -14.22 3.66 37.41
N LYS A 10 -13.84 3.01 38.51
CA LYS A 10 -14.10 3.59 39.84
C LYS A 10 -13.31 4.91 40.08
N ILE A 11 -12.07 4.96 39.61
CA ILE A 11 -11.23 6.15 39.73
C ILE A 11 -11.62 7.21 38.65
N GLY A 12 -12.75 6.97 37.98
CA GLY A 12 -13.36 7.95 37.11
C GLY A 12 -12.88 7.98 35.66
N LEU A 13 -12.27 6.87 35.23
CA LEU A 13 -11.88 6.62 33.82
C LEU A 13 -12.65 5.43 33.19
N VAL A 14 -13.70 5.71 32.42
CA VAL A 14 -14.59 4.64 31.93
C VAL A 14 -14.20 4.23 30.51
N LYS A 15 -14.36 2.95 30.11
CA LYS A 15 -13.95 2.52 28.73
C LYS A 15 -14.67 3.29 27.64
N GLY A 16 -13.89 3.94 26.80
CA GLY A 16 -14.41 4.65 25.66
C GLY A 16 -14.25 3.72 24.50
N ILE A 17 -14.25 4.26 23.29
CA ILE A 17 -14.08 3.41 22.11
C ILE A 17 -12.69 2.79 22.04
N THR A 18 -12.64 1.57 21.51
CA THR A 18 -11.39 1.00 21.05
C THR A 18 -11.20 1.20 19.55
N ARG A 19 -10.03 1.78 19.17
CA ARG A 19 -9.77 2.16 17.77
C ARG A 19 -8.61 1.49 17.09
N LYS A 20 -8.78 1.28 15.79
CA LYS A 20 -7.70 0.78 14.94
C LYS A 20 -6.62 1.84 14.86
N TYR A 21 -5.39 1.43 14.59
CA TYR A 21 -4.26 2.36 14.54
C TYR A 21 -3.71 2.34 13.15
N LYS A 22 -3.76 3.48 12.48
CA LYS A 22 -3.23 3.49 11.11
C LYS A 22 -2.19 4.58 10.86
N ILE A 23 -1.21 4.25 10.05
CA ILE A 23 -0.17 5.19 9.63
C ILE A 23 -0.01 5.14 8.12
N LYS A 24 0.26 6.27 7.48
CA LYS A 24 0.62 6.29 6.04
C LYS A 24 1.90 5.48 5.72
N SER A 25 1.95 4.95 4.49
CA SER A 25 3.14 4.24 3.95
C SER A 25 2.99 4.02 2.43
N ASN A 26 4.04 3.55 1.76
CA ASN A 26 3.99 3.42 0.30
C ASN A 26 3.28 4.56 -0.44
N PRO A 27 3.93 5.70 -0.53
CA PRO A 27 3.46 6.70 -1.45
C PRO A 27 3.40 6.19 -2.91
N LEU A 28 2.45 6.73 -3.67
CA LEU A 28 2.38 6.62 -5.13
C LEU A 28 2.51 8.05 -5.67
N THR A 29 3.72 8.39 -6.12
CA THR A 29 4.12 9.72 -6.61
C THR A 29 3.41 10.19 -7.89
N LYS A 30 3.02 11.46 -7.96
CA LYS A 30 2.44 12.02 -9.21
C LYS A 30 2.80 13.50 -9.38
N ASP A 31 3.10 13.96 -10.60
CA ASP A 31 3.70 15.32 -10.78
C ASP A 31 2.80 16.44 -11.35
N ILE A 32 3.00 17.65 -10.86
CA ILE A 32 2.16 18.77 -11.32
C ILE A 32 2.89 20.10 -11.48
N VAL A 33 2.46 20.89 -12.46
CA VAL A 33 3.06 22.20 -12.68
C VAL A 33 2.19 23.33 -12.12
N ILE A 34 2.79 24.18 -11.28
CA ILE A 34 2.07 25.35 -10.78
C ILE A 34 2.75 26.62 -11.30
N LYS A 35 2.04 27.38 -12.12
CA LYS A 35 2.54 28.61 -12.70
C LYS A 35 2.11 29.80 -11.88
N MET A 36 3.07 30.62 -11.50
CA MET A 36 2.83 31.65 -10.49
C MET A 36 2.69 33.08 -10.99
N LYS A 37 2.71 33.27 -12.31
CA LYS A 37 2.37 34.54 -12.96
C LYS A 37 1.27 34.25 -13.99
N PRO A 38 0.13 34.96 -13.90
CA PRO A 38 -1.00 34.77 -14.83
C PRO A 38 -0.72 35.22 -16.28
N ASN A 39 -1.71 35.12 -17.16
CA ASN A 39 -1.49 35.28 -18.60
C ASN A 39 -1.19 36.72 -19.06
N VAL A 40 -2.21 37.58 -18.95
CA VAL A 40 -2.09 39.03 -19.27
C VAL A 40 -1.72 39.36 -20.73
N SER A 41 -1.62 38.32 -21.57
CA SER A 41 -1.44 38.50 -23.01
C SER A 41 -2.71 39.11 -23.62
N ASN A 42 -3.87 38.70 -23.10
CA ASN A 42 -5.16 39.28 -23.49
C ASN A 42 -5.56 40.54 -22.69
N VAL A 43 -4.57 41.20 -22.07
CA VAL A 43 -4.81 42.36 -21.20
C VAL A 43 -3.70 43.43 -21.25
N SER A 44 -2.52 43.05 -21.78
CA SER A 44 -1.27 43.88 -21.72
C SER A 44 -1.37 45.41 -21.97
N LYS A 45 -2.58 45.89 -22.20
CA LYS A 45 -2.89 47.30 -22.51
C LYS A 45 -2.61 48.28 -21.36
N CYS A 46 -3.11 47.97 -20.17
CA CYS A 46 -2.96 48.81 -18.98
C CYS A 46 -2.26 48.07 -17.84
N THR A 47 -0.95 47.85 -17.95
CA THR A 47 -0.26 47.03 -16.94
C THR A 47 0.95 47.70 -16.29
N GLY A 48 1.12 49.01 -16.50
CA GLY A 48 2.24 49.78 -15.95
C GLY A 48 3.57 49.03 -15.91
N THR A 49 4.28 49.12 -14.78
CA THR A 49 5.40 48.21 -14.52
C THR A 49 5.08 47.26 -13.37
N VAL A 50 3.79 46.97 -13.15
CA VAL A 50 3.38 46.06 -12.08
C VAL A 50 3.83 44.64 -12.34
N MET A 51 3.92 44.24 -13.61
CA MET A 51 4.47 42.94 -13.95
C MET A 51 5.97 42.91 -13.71
N GLU A 52 6.63 43.97 -14.18
CA GLU A 52 8.07 44.14 -14.04
C GLU A 52 8.45 44.11 -12.55
N ASN A 53 7.58 44.69 -11.72
CA ASN A 53 7.73 44.67 -10.27
C ASN A 53 7.41 43.30 -9.67
N TYR A 54 6.17 42.84 -9.86
CA TYR A 54 5.73 41.53 -9.40
C TYR A 54 6.74 40.42 -9.71
N LYS A 55 7.29 40.44 -10.93
CA LYS A 55 8.24 39.41 -11.34
C LYS A 55 9.49 39.42 -10.47
N SER A 56 10.15 40.58 -10.38
CA SER A 56 11.36 40.73 -9.57
C SER A 56 11.09 40.56 -8.09
N ARG A 57 9.85 40.85 -7.66
CA ARG A 57 9.43 40.57 -6.30
C ARG A 57 9.37 39.06 -6.09
N LEU A 58 8.70 38.36 -7.00
CA LEU A 58 8.51 36.91 -6.92
C LEU A 58 9.86 36.17 -7.00
N THR A 59 10.74 36.63 -7.90
CA THR A 59 12.10 36.12 -8.06
C THR A 59 12.85 36.08 -6.72
N GLY A 60 12.61 37.12 -5.92
CA GLY A 60 13.18 37.22 -4.58
C GLY A 60 12.77 36.10 -3.64
N ILE A 61 11.50 35.71 -3.68
CA ILE A 61 11.02 34.67 -2.78
C ILE A 61 11.24 33.29 -3.39
N LEU A 62 11.34 33.23 -4.72
CA LEU A 62 11.51 31.95 -5.45
C LEU A 62 12.95 31.46 -5.57
N SER A 63 13.86 32.38 -5.91
CA SER A 63 15.21 31.97 -6.26
C SER A 63 15.89 31.11 -5.16
N PRO A 64 15.80 31.55 -3.88
CA PRO A 64 16.56 30.79 -2.88
C PRO A 64 16.12 29.32 -2.78
N ILE A 65 14.86 29.03 -3.12
CA ILE A 65 14.37 27.64 -3.22
C ILE A 65 15.20 26.94 -4.29
N LYS A 66 15.08 27.42 -5.52
CA LYS A 66 15.89 26.95 -6.65
C LYS A 66 17.33 26.67 -6.19
N GLY A 67 18.01 27.73 -5.79
CA GLY A 67 19.34 27.60 -5.19
C GLY A 67 19.49 26.43 -4.21
N ALA A 68 18.57 26.33 -3.25
CA ALA A 68 18.66 25.26 -2.27
C ALA A 68 18.52 23.86 -2.92
N ILE A 69 17.55 23.74 -3.83
CA ILE A 69 17.32 22.50 -4.52
C ILE A 69 18.56 22.10 -5.32
N GLU A 70 19.09 23.04 -6.11
CA GLU A 70 20.21 22.72 -6.98
C GLU A 70 21.50 22.32 -6.30
N LEU A 71 21.66 22.67 -5.03
CA LEU A 71 22.82 22.17 -4.27
C LEU A 71 22.75 20.64 -4.03
N TYR A 72 21.55 20.10 -3.90
CA TYR A 72 21.43 18.65 -3.85
C TYR A 72 21.61 17.99 -5.24
N ASN A 73 21.07 18.65 -6.26
CA ASN A 73 21.26 18.18 -7.63
C ASN A 73 22.72 18.20 -8.10
N ASN A 74 23.49 19.28 -7.88
CA ASN A 74 24.94 19.17 -8.15
C ASN A 74 25.67 18.12 -7.29
N ASN A 75 25.18 17.87 -6.08
CA ASN A 75 25.88 17.05 -5.10
C ASN A 75 25.52 15.57 -5.18
N THR A 76 24.44 15.26 -5.88
CA THR A 76 24.17 13.84 -6.08
C THR A 76 24.68 13.41 -7.47
N HIS A 77 25.94 12.93 -7.49
CA HIS A 77 26.68 12.51 -8.70
C HIS A 77 26.60 11.00 -8.86
N ASP A 78 25.47 10.55 -9.33
CA ASP A 78 24.92 9.33 -8.79
C ASP A 78 24.77 8.18 -9.76
N LEU A 79 23.52 7.86 -10.02
CA LEU A 79 23.19 6.61 -10.63
C LEU A 79 24.15 5.46 -10.21
N VAL A 80 25.01 5.75 -9.20
CA VAL A 80 26.05 4.82 -8.68
C VAL A 80 26.88 4.28 -9.83
N GLY A 81 26.86 2.94 -10.00
CA GLY A 81 27.47 2.26 -11.13
C GLY A 81 26.58 2.61 -12.29
N ASP A 82 26.93 3.73 -12.94
CA ASP A 82 26.16 4.44 -13.97
C ASP A 82 24.62 4.28 -14.13
N VAL A 83 24.10 3.06 -13.89
CA VAL A 83 22.72 2.61 -14.31
C VAL A 83 21.51 3.20 -13.56
N LYS A 84 20.41 3.37 -14.31
CA LYS A 84 19.25 4.09 -13.80
C LYS A 84 18.84 3.60 -12.40
N LEU A 85 18.45 2.27 -12.33
CA LEU A 85 17.78 1.69 -11.16
C LEU A 85 18.75 1.02 -10.18
N ALA A 86 20.05 1.13 -10.50
CA ALA A 86 21.14 0.59 -9.67
C ALA A 86 21.18 1.28 -8.33
N GLY A 87 20.81 2.57 -8.34
CA GLY A 87 20.69 3.38 -7.12
C GLY A 87 21.17 4.81 -7.36
N VAL A 88 21.38 5.54 -6.26
CA VAL A 88 21.79 6.97 -6.26
C VAL A 88 22.82 7.28 -5.17
N VAL A 89 23.94 7.92 -5.52
CA VAL A 89 24.97 8.31 -4.54
C VAL A 89 24.97 9.80 -4.24
N MET A 90 24.78 10.13 -2.95
CA MET A 90 24.82 11.50 -2.45
C MET A 90 26.23 11.88 -1.98
N ALA A 91 26.69 13.08 -2.34
CA ALA A 91 28.03 13.49 -1.94
C ALA A 91 28.05 14.01 -0.50
N GLY A 92 28.58 13.15 0.38
CA GLY A 92 28.68 13.45 1.82
C GLY A 92 29.53 14.67 2.18
N ILE A 93 30.70 14.81 1.54
CA ILE A 93 31.57 15.92 1.84
C ILE A 93 30.90 17.18 1.37
N ALA A 94 30.32 17.13 0.17
CA ALA A 94 29.64 18.28 -0.41
C ALA A 94 28.44 18.76 0.42
N ILE A 95 27.62 17.77 0.81
CA ILE A 95 26.44 18.04 1.66
C ILE A 95 26.82 18.53 3.06
N GLY A 96 27.82 17.86 3.65
CA GLY A 96 28.46 18.28 4.89
C GLY A 96 27.70 17.94 6.16
N ILE A 97 26.59 18.62 6.37
CA ILE A 97 25.83 18.54 7.61
C ILE A 97 24.39 18.46 7.14
N ALA A 98 23.75 17.31 7.34
CA ALA A 98 22.31 17.21 7.05
C ALA A 98 21.64 16.10 7.86
N THR A 99 20.31 16.11 7.86
CA THR A 99 19.57 15.01 8.49
C THR A 99 19.17 13.92 7.52
N ALA A 100 18.91 12.75 8.11
CA ALA A 100 18.53 11.57 7.35
C ALA A 100 17.33 11.92 6.49
N ALA A 101 16.38 12.61 7.11
CA ALA A 101 15.13 12.98 6.46
C ALA A 101 15.40 13.74 5.18
N GLN A 102 16.25 14.75 5.34
CA GLN A 102 16.69 15.64 4.28
C GLN A 102 17.41 14.86 3.20
N ILE A 103 18.44 14.09 3.55
CA ILE A 103 19.10 13.21 2.57
C ILE A 103 18.07 12.40 1.76
N THR A 104 17.12 11.77 2.46
CA THR A 104 16.10 10.99 1.76
C THR A 104 15.27 11.84 0.81
N ALA A 105 14.83 13.01 1.30
CA ALA A 105 14.16 13.95 0.42
C ALA A 105 15.00 14.29 -0.83
N GLY A 106 16.32 14.40 -0.62
CA GLY A 106 17.28 14.60 -1.71
C GLY A 106 17.30 13.46 -2.71
N VAL A 107 17.37 12.22 -2.19
CA VAL A 107 17.22 11.08 -3.06
C VAL A 107 15.91 11.17 -3.86
N ALA A 108 14.81 11.49 -3.18
CA ALA A 108 13.53 11.57 -3.91
C ALA A 108 13.56 12.66 -4.95
N LEU A 109 14.31 13.71 -4.65
CA LEU A 109 14.47 14.83 -5.57
C LEU A 109 15.21 14.40 -6.83
N TYR A 110 16.37 13.77 -6.61
CA TYR A 110 17.09 13.14 -7.73
C TYR A 110 16.18 12.21 -8.52
N GLU A 111 15.44 11.36 -7.82
CA GLU A 111 14.45 10.52 -8.49
C GLU A 111 13.47 11.34 -9.35
N ALA A 112 12.98 12.46 -8.82
CA ALA A 112 12.11 13.36 -9.58
C ALA A 112 12.75 14.06 -10.77
N MET A 113 14.06 14.23 -10.69
CA MET A 113 14.79 14.91 -11.80
C MET A 113 14.49 14.41 -13.22
N LYS A 114 14.51 13.09 -13.38
CA LYS A 114 14.30 12.44 -14.68
C LYS A 114 13.04 12.94 -15.39
N ASN A 115 11.92 12.92 -14.69
CA ASN A 115 10.67 13.43 -15.23
C ASN A 115 10.62 14.95 -15.23
N ALA A 116 11.16 15.59 -14.18
CA ALA A 116 11.28 17.06 -14.20
C ALA A 116 11.86 17.56 -15.55
N ASP A 117 12.99 16.97 -15.92
CA ASP A 117 13.66 17.31 -17.19
C ASP A 117 12.78 17.14 -18.44
N ASN A 118 11.97 16.08 -18.45
CA ASN A 118 11.04 15.85 -19.53
C ASN A 118 9.89 16.84 -19.54
N ILE A 119 9.40 17.19 -18.35
CA ILE A 119 8.32 18.19 -18.24
C ILE A 119 8.83 19.52 -18.72
N ASN A 120 10.05 19.86 -18.30
CA ASN A 120 10.66 21.14 -18.65
C ASN A 120 10.76 21.49 -20.15
N LYS A 121 10.76 20.46 -21.02
CA LYS A 121 10.82 20.64 -22.47
C LYS A 121 9.61 21.38 -23.04
N LEU A 122 8.52 21.41 -22.28
CA LEU A 122 7.27 22.07 -22.71
C LEU A 122 7.21 23.52 -22.19
N LYS A 123 8.39 24.08 -21.89
CA LYS A 123 8.52 25.40 -21.28
C LYS A 123 7.77 26.50 -22.02
N SER A 124 7.99 26.62 -23.33
CA SER A 124 7.33 27.66 -24.11
C SER A 124 5.81 27.48 -24.18
N SER A 125 5.33 26.23 -24.13
CA SER A 125 3.88 25.96 -24.05
C SER A 125 3.30 26.24 -22.66
N ILE A 126 4.08 25.99 -21.60
CA ILE A 126 3.71 26.42 -20.23
C ILE A 126 3.59 27.94 -20.18
N GLU A 127 4.63 28.60 -20.73
CA GLU A 127 4.72 30.08 -20.78
C GLU A 127 3.47 30.78 -21.32
N SER A 128 2.76 30.12 -22.23
CA SER A 128 1.65 30.76 -22.92
C SER A 128 0.32 30.08 -22.68
N THR A 129 0.18 29.45 -21.50
CA THR A 129 -1.09 28.82 -21.13
C THR A 129 -2.19 29.87 -20.92
N ASN A 130 -3.34 29.63 -21.54
CA ASN A 130 -4.43 30.58 -21.59
C ASN A 130 -5.29 30.55 -20.35
N GLU A 131 -5.53 29.34 -19.85
CA GLU A 131 -6.55 29.10 -18.83
C GLU A 131 -5.97 28.65 -17.49
N ALA A 132 -6.84 28.65 -16.48
CA ALA A 132 -6.48 28.36 -15.10
C ALA A 132 -5.84 26.99 -14.91
N VAL A 133 -6.50 25.96 -15.45
CA VAL A 133 -5.98 24.58 -15.45
C VAL A 133 -5.86 24.05 -16.88
N VAL A 134 -4.65 23.62 -17.26
CA VAL A 134 -4.43 23.13 -18.60
C VAL A 134 -3.81 21.73 -18.57
N LYS A 135 -4.26 20.91 -19.52
CA LYS A 135 -3.78 19.54 -19.70
C LYS A 135 -2.79 19.54 -20.86
N LEU A 136 -1.54 19.14 -20.61
CA LEU A 136 -0.52 19.12 -21.66
C LEU A 136 0.00 17.71 -21.95
N GLN A 137 0.54 17.53 -23.15
CA GLN A 137 1.10 16.24 -23.57
C GLN A 137 2.62 16.21 -23.44
N GLU A 138 3.11 15.31 -22.59
CA GLU A 138 4.54 15.14 -22.37
C GLU A 138 5.10 14.09 -23.34
N THR A 139 4.62 14.19 -24.59
CA THR A 139 5.06 13.36 -25.73
C THR A 139 4.76 11.85 -25.65
N ALA A 140 4.68 11.31 -24.44
CA ALA A 140 4.59 9.87 -24.26
C ALA A 140 3.16 9.35 -24.43
N GLU A 141 2.20 10.26 -24.41
CA GLU A 141 0.80 9.99 -24.06
C GLU A 141 0.62 10.14 -22.52
N LYS A 142 1.74 10.29 -21.83
CA LYS A 142 1.77 10.68 -20.42
C LYS A 142 1.49 12.17 -20.35
N THR A 143 0.35 12.53 -19.78
CA THR A 143 -0.09 13.93 -19.65
C THR A 143 0.54 14.65 -18.45
N VAL A 144 0.56 15.99 -18.50
CA VAL A 144 1.01 16.79 -17.36
C VAL A 144 0.17 18.06 -17.23
N TYR A 145 -0.20 18.40 -15.99
CA TYR A 145 -1.10 19.51 -15.74
C TYR A 145 -0.42 20.83 -15.31
N VAL A 146 -0.92 21.92 -15.87
CA VAL A 146 -0.48 23.26 -15.48
C VAL A 146 -1.62 24.03 -14.82
N LEU A 147 -1.44 24.30 -13.52
CA LEU A 147 -2.33 25.15 -12.72
C LEU A 147 -1.70 26.51 -12.56
N THR A 148 -2.33 27.55 -13.13
CA THR A 148 -1.73 28.90 -13.13
C THR A 148 -2.52 29.89 -12.25
N ALA A 149 -1.82 30.55 -11.35
CA ALA A 149 -2.45 31.44 -10.38
C ALA A 149 -3.12 32.65 -11.02
N LEU A 150 -4.19 33.12 -10.40
CA LEU A 150 -4.91 34.36 -10.76
C LEU A 150 -5.48 34.38 -12.17
N GLN A 151 -5.17 33.35 -12.94
CA GLN A 151 -5.59 33.26 -14.33
C GLN A 151 -7.10 33.34 -14.47
N ASP A 152 -7.81 32.63 -13.59
CA ASP A 152 -9.26 32.62 -13.61
C ASP A 152 -9.80 34.02 -13.35
N TYR A 153 -9.30 34.65 -12.28
CA TYR A 153 -9.64 36.04 -11.97
C TYR A 153 -9.44 36.88 -13.18
N ILE A 154 -8.25 36.79 -13.80
CA ILE A 154 -7.95 37.58 -15.00
C ILE A 154 -8.94 37.34 -16.14
N ASN A 155 -9.21 36.07 -16.44
CA ASN A 155 -10.12 35.71 -17.53
C ASN A 155 -11.57 36.09 -17.28
N THR A 156 -12.03 35.98 -16.04
CA THR A 156 -13.47 36.16 -15.77
C THR A 156 -13.88 37.42 -14.97
N ASN A 157 -12.91 38.23 -14.53
CA ASN A 157 -13.19 39.55 -13.91
C ASN A 157 -12.70 40.69 -14.77
N LEU A 158 -11.40 40.71 -15.00
CA LEU A 158 -10.74 41.83 -15.69
C LEU A 158 -11.08 42.03 -17.18
N VAL A 159 -10.85 40.99 -17.98
CA VAL A 159 -11.27 40.97 -19.39
C VAL A 159 -12.75 41.36 -19.54
N PRO A 160 -13.66 40.80 -18.69
CA PRO A 160 -15.03 41.28 -18.74
C PRO A 160 -15.25 42.72 -18.25
N SER A 161 -14.50 43.20 -17.26
CA SER A 161 -14.74 44.60 -16.87
C SER A 161 -13.94 45.68 -17.64
N ILE A 162 -13.06 45.25 -18.54
CA ILE A 162 -12.16 46.14 -19.29
C ILE A 162 -12.88 47.22 -20.12
N ASP A 163 -14.01 46.87 -20.70
CA ASP A 163 -14.82 47.80 -21.48
C ASP A 163 -15.48 48.86 -20.61
N GLN A 164 -15.72 48.52 -19.34
CA GLN A 164 -16.37 49.42 -18.40
C GLN A 164 -15.44 50.10 -17.38
N ILE A 165 -14.18 49.68 -17.31
CA ILE A 165 -13.20 50.35 -16.42
C ILE A 165 -11.98 50.92 -17.17
N SER A 166 -11.35 51.95 -16.59
CA SER A 166 -10.33 52.77 -17.29
C SER A 166 -8.95 52.12 -17.49
N CYS A 167 -7.93 52.73 -16.90
CA CYS A 167 -6.56 52.25 -17.05
C CYS A 167 -5.83 52.13 -15.71
N LYS A 168 -5.57 53.27 -15.08
CA LYS A 168 -5.10 53.33 -13.68
C LYS A 168 -6.20 52.81 -12.73
N GLN A 169 -6.94 51.81 -13.21
CA GLN A 169 -7.98 51.13 -12.47
C GLN A 169 -7.82 49.66 -12.83
N THR A 170 -7.79 49.39 -14.14
CA THR A 170 -7.45 48.06 -14.65
C THR A 170 -6.12 47.59 -14.13
N GLU A 171 -5.14 48.50 -14.03
CA GLU A 171 -3.83 48.13 -13.48
C GLU A 171 -3.81 48.05 -11.93
N LEU A 172 -4.56 48.93 -11.28
CA LEU A 172 -4.78 48.86 -9.83
C LEU A 172 -5.35 47.50 -9.40
N ALA A 173 -6.46 47.13 -10.04
CA ALA A 173 -7.11 45.84 -9.78
C ALA A 173 -6.15 44.65 -9.95
N LEU A 174 -5.22 44.78 -10.89
CA LEU A 174 -4.25 43.73 -11.15
C LEU A 174 -3.17 43.70 -10.08
N ASP A 175 -2.53 44.85 -9.90
CA ASP A 175 -1.53 45.06 -8.85
C ASP A 175 -2.03 44.53 -7.50
N LEU A 176 -3.27 44.89 -7.18
CA LEU A 176 -3.91 44.47 -5.96
C LEU A 176 -4.09 42.94 -5.87
N ALA A 177 -4.54 42.32 -6.95
CA ALA A 177 -4.73 40.87 -6.99
C ALA A 177 -3.39 40.18 -6.78
N LEU A 178 -2.41 40.60 -7.58
CA LEU A 178 -1.07 40.06 -7.48
C LEU A 178 -0.49 40.20 -6.07
N SER A 179 -0.56 41.42 -5.52
CA SER A 179 -0.02 41.65 -4.17
C SER A 179 -0.79 40.90 -3.08
N LYS A 180 -2.11 40.80 -3.22
CA LYS A 180 -2.87 39.94 -2.29
C LYS A 180 -2.36 38.49 -2.37
N TYR A 181 -2.38 37.94 -3.58
CA TYR A 181 -1.90 36.57 -3.79
C TYR A 181 -0.51 36.38 -3.18
N LEU A 182 0.35 37.37 -3.40
CA LEU A 182 1.69 37.37 -2.82
C LEU A 182 1.65 37.31 -1.28
N SER A 183 0.94 38.27 -0.68
CA SER A 183 0.80 38.30 0.79
C SER A 183 0.19 37.03 1.37
N ASP A 184 -0.65 36.36 0.58
CA ASP A 184 -1.16 35.03 0.96
C ASP A 184 -0.15 33.91 0.83
N LEU A 185 0.60 33.86 -0.28
CA LEU A 185 1.55 32.76 -0.41
C LEU A 185 2.80 32.95 0.45
N LEU A 186 3.08 34.19 0.86
CA LEU A 186 4.36 34.47 1.54
C LEU A 186 4.67 33.65 2.81
N PHE A 187 3.64 33.30 3.60
CA PHE A 187 3.90 32.52 4.82
C PHE A 187 4.58 31.17 4.53
N VAL A 188 3.93 30.35 3.71
CA VAL A 188 4.43 29.04 3.32
C VAL A 188 5.74 29.09 2.51
N PHE A 189 5.81 29.97 1.51
CA PHE A 189 6.94 29.99 0.58
C PHE A 189 8.05 31.00 0.87
N GLY A 190 7.90 31.79 1.94
CA GLY A 190 8.88 32.85 2.28
C GLY A 190 10.26 32.37 2.67
N PRO A 191 11.03 33.23 3.38
CA PRO A 191 12.33 32.81 3.96
C PRO A 191 12.09 31.70 4.98
N ASN A 192 10.80 31.54 5.25
CA ASN A 192 10.21 30.64 6.22
C ASN A 192 10.49 29.17 5.95
N LEU A 193 10.15 28.73 4.74
CA LEU A 193 10.48 27.40 4.17
C LEU A 193 11.99 27.31 3.89
N GLN A 194 12.79 27.21 4.95
CA GLN A 194 14.25 27.31 4.82
C GLN A 194 14.85 26.04 4.26
N ASP A 195 14.14 24.94 4.47
CA ASP A 195 14.54 23.63 3.98
C ASP A 195 13.50 23.07 2.96
N PRO A 196 13.70 23.33 1.64
CA PRO A 196 12.74 22.92 0.60
C PRO A 196 13.03 21.52 0.04
N VAL A 197 14.18 20.98 0.44
CA VAL A 197 14.53 19.60 0.16
C VAL A 197 13.90 18.75 1.28
N SER A 198 12.57 18.65 1.19
CA SER A 198 11.76 17.91 2.15
C SER A 198 10.45 17.44 1.53
N ASN A 199 9.82 16.44 2.12
CA ASN A 199 8.48 16.06 1.70
C ASN A 199 7.60 15.98 2.90
N SER A 200 7.54 17.11 3.61
CA SER A 200 6.69 17.29 4.77
C SER A 200 5.55 18.17 4.39
N MET A 201 5.86 19.30 3.80
CA MET A 201 4.85 20.20 3.25
C MET A 201 3.58 19.45 2.85
N THR A 202 2.47 19.85 3.45
CA THR A 202 1.22 19.22 3.13
C THR A 202 0.69 19.83 1.85
N ILE A 203 -0.07 19.03 1.10
CA ILE A 203 -0.57 19.46 -0.20
C ILE A 203 -1.46 20.67 -0.08
N GLN A 204 -2.23 20.72 1.01
CA GLN A 204 -2.96 21.93 1.36
C GLN A 204 -2.02 23.12 1.35
N ALA A 205 -1.00 23.11 2.21
CA ALA A 205 0.03 24.16 2.28
C ALA A 205 0.67 24.49 0.92
N ILE A 206 1.06 23.46 0.18
CA ILE A 206 1.58 23.71 -1.18
C ILE A 206 0.55 24.49 -2.00
N SER A 207 -0.72 24.06 -1.98
CA SER A 207 -1.77 24.68 -2.81
C SER A 207 -1.99 26.18 -2.57
N GLN A 208 -1.42 26.70 -1.48
CA GLN A 208 -1.29 28.13 -1.28
C GLN A 208 -0.78 28.90 -2.51
N ALA A 209 0.10 28.26 -3.29
CA ALA A 209 0.59 28.81 -4.55
C ALA A 209 -0.48 28.79 -5.63
N PHE A 210 -1.45 27.88 -5.52
CA PHE A 210 -2.63 27.92 -6.38
C PHE A 210 -3.84 28.48 -5.64
N GLY A 211 -3.59 29.22 -4.57
CA GLY A 211 -4.63 30.03 -3.91
C GLY A 211 -5.49 29.21 -2.98
N GLY A 212 -4.86 28.19 -2.38
CA GLY A 212 -5.49 27.32 -1.40
C GLY A 212 -6.43 26.27 -1.95
N ASN A 213 -6.65 26.28 -3.26
CA ASN A 213 -7.60 25.37 -3.89
C ASN A 213 -6.98 23.98 -4.11
N TYR A 214 -6.65 23.28 -3.02
CA TYR A 214 -6.01 21.96 -3.10
C TYR A 214 -6.98 20.90 -3.63
N GLU A 215 -8.27 21.23 -3.56
CA GLU A 215 -9.28 20.39 -4.16
C GLU A 215 -9.02 20.12 -5.64
N THR A 216 -8.97 21.19 -6.45
CA THR A 216 -8.75 21.07 -7.90
C THR A 216 -7.41 20.38 -8.16
N LEU A 217 -6.38 20.81 -7.42
CA LEU A 217 -5.03 20.24 -7.51
C LEU A 217 -5.05 18.73 -7.35
N LEU A 218 -5.75 18.26 -6.31
CA LEU A 218 -5.93 16.82 -6.12
C LEU A 218 -6.81 16.16 -7.21
N ARG A 219 -7.93 16.81 -7.54
CA ARG A 219 -8.91 16.28 -8.50
C ARG A 219 -8.36 16.11 -9.90
N THR A 220 -7.50 17.02 -10.37
CA THR A 220 -6.88 16.84 -11.72
C THR A 220 -5.91 15.66 -11.77
N LEU A 221 -5.37 15.28 -10.62
CA LEU A 221 -4.51 14.10 -10.54
C LEU A 221 -5.28 12.80 -10.28
N GLY A 222 -6.21 12.80 -9.33
CA GLY A 222 -6.87 11.56 -8.87
C GLY A 222 -6.21 10.94 -7.64
N ASP A 227 -11.23 7.16 1.05
CA ASP A 227 -9.99 7.06 1.80
C ASP A 227 -9.12 8.28 1.49
N PHE A 228 -9.65 9.12 0.59
CA PHE A 228 -9.03 10.35 0.08
C PHE A 228 -9.02 11.39 1.22
N ASP A 229 -10.21 11.62 1.77
CA ASP A 229 -10.42 12.56 2.86
C ASP A 229 -9.66 12.19 4.13
N ASP A 230 -9.64 10.91 4.47
CA ASP A 230 -8.90 10.47 5.64
C ASP A 230 -7.42 10.71 5.50
N LEU A 231 -6.93 10.57 4.27
CA LEU A 231 -5.53 10.85 3.96
C LEU A 231 -5.34 12.30 4.13
N LEU A 232 -6.18 13.07 3.44
CA LEU A 232 -6.11 14.53 3.43
C LEU A 232 -6.13 15.17 4.84
N GLU A 233 -7.00 14.68 5.70
CA GLU A 233 -7.14 15.21 7.03
C GLU A 233 -6.16 14.62 8.03
N SER A 234 -5.16 13.89 7.60
CA SER A 234 -4.15 13.47 8.52
C SER A 234 -2.90 14.16 8.11
N ASP A 235 -3.05 15.12 7.19
CA ASP A 235 -1.92 15.69 6.45
C ASP A 235 -0.93 14.57 6.08
N SER A 236 -1.36 13.68 5.20
CA SER A 236 -0.51 12.58 4.74
C SER A 236 -0.24 12.74 3.26
N ILE A 237 -1.08 13.55 2.61
CA ILE A 237 -0.83 13.95 1.24
C ILE A 237 0.15 15.14 1.21
N THR A 238 1.40 14.89 0.85
CA THR A 238 2.42 15.93 0.87
C THR A 238 2.96 16.32 -0.51
N GLY A 239 3.53 17.52 -0.60
CA GLY A 239 4.16 18.01 -1.84
C GLY A 239 5.65 18.27 -1.64
N GLN A 240 6.42 18.02 -2.69
CA GLN A 240 7.84 18.38 -2.71
C GLN A 240 8.10 19.22 -3.94
N ILE A 241 8.73 20.39 -3.74
CA ILE A 241 9.11 21.26 -4.88
C ILE A 241 10.36 20.67 -5.50
N VAL A 242 10.25 20.28 -6.77
CA VAL A 242 11.36 19.59 -7.47
C VAL A 242 12.07 20.38 -8.58
N TYR A 243 11.47 21.50 -9.00
CA TYR A 243 12.09 22.40 -9.99
C TYR A 243 11.41 23.77 -10.07
N VAL A 244 12.25 24.81 -10.15
CA VAL A 244 11.83 26.20 -10.18
C VAL A 244 12.31 26.81 -11.49
N ASP A 245 11.40 27.38 -12.27
CA ASP A 245 11.79 28.12 -13.49
C ASP A 245 11.59 29.62 -13.31
N LEU A 246 12.70 30.35 -13.31
CA LEU A 246 12.71 31.78 -12.97
C LEU A 246 12.40 32.74 -14.09
N SER A 247 12.47 32.29 -15.35
CA SER A 247 12.08 33.13 -16.49
C SER A 247 10.61 32.96 -16.87
N SER A 248 10.08 31.75 -16.68
CA SER A 248 8.68 31.44 -16.99
C SER A 248 7.79 31.53 -15.76
N TYR A 249 8.41 31.50 -14.57
CA TYR A 249 7.71 31.65 -13.30
C TYR A 249 6.72 30.51 -13.05
N TYR A 250 7.26 29.30 -13.03
CA TYR A 250 6.50 28.10 -12.68
C TYR A 250 7.34 27.17 -11.81
N ILE A 251 6.64 26.28 -11.11
CA ILE A 251 7.30 25.24 -10.33
C ILE A 251 6.73 23.88 -10.66
N ILE A 252 7.59 22.86 -10.52
CA ILE A 252 7.13 21.47 -10.58
C ILE A 252 7.06 20.86 -9.17
N VAL A 253 5.88 20.34 -8.83
CA VAL A 253 5.69 19.70 -7.55
C VAL A 253 5.43 18.20 -7.73
N ARG A 254 6.19 17.41 -6.95
CA ARG A 254 5.97 15.97 -6.87
C ARG A 254 5.02 15.82 -5.71
N VAL A 255 3.88 15.19 -5.98
CA VAL A 255 2.90 14.95 -4.95
C VAL A 255 3.00 13.51 -4.51
N TYR A 256 3.07 13.32 -3.18
CA TYR A 256 3.24 12.00 -2.59
C TYR A 256 1.93 11.56 -1.99
N PHE A 257 1.22 10.76 -2.74
CA PHE A 257 -0.11 10.34 -2.37
C PHE A 257 0.02 8.92 -1.80
N PRO A 258 0.01 8.76 -0.47
CA PRO A 258 0.25 7.43 0.07
C PRO A 258 -1.03 6.64 0.31
N ILE A 259 -0.87 5.57 1.06
CA ILE A 259 -1.96 4.71 1.41
C ILE A 259 -1.73 4.48 2.88
N LEU A 260 -2.76 4.10 3.62
CA LEU A 260 -2.58 3.96 5.05
C LEU A 260 -2.75 2.55 5.58
N THR A 261 -1.79 2.10 6.37
CA THR A 261 -1.81 0.73 6.82
C THR A 261 -2.17 0.55 8.30
N GLU A 262 -2.99 -0.48 8.55
CA GLU A 262 -3.36 -0.86 9.90
C GLU A 262 -2.13 -1.43 10.60
N ILE A 263 -1.78 -0.90 11.74
CA ILE A 263 -0.70 -1.52 12.52
C ILE A 263 -1.24 -2.82 13.14
N GLN A 264 -0.38 -3.81 13.34
CA GLN A 264 -0.89 -5.13 13.73
C GLN A 264 -0.86 -5.41 15.23
N GLN A 265 -1.89 -6.10 15.71
CA GLN A 265 -2.31 -6.02 17.14
C GLN A 265 -1.94 -4.66 17.81
N ALA A 266 -2.49 -3.58 17.28
CA ALA A 266 -2.29 -2.32 17.86
C ALA A 266 -3.63 -1.69 17.83
N TYR A 267 -4.04 -1.18 18.99
CA TYR A 267 -5.24 -0.38 19.12
C TYR A 267 -5.04 0.78 20.04
N VAL A 268 -5.88 1.80 19.83
CA VAL A 268 -5.92 2.99 20.68
C VAL A 268 -7.25 3.06 21.47
N GLN A 269 -7.06 2.89 22.77
CA GLN A 269 -8.17 2.83 23.70
C GLN A 269 -8.48 4.21 24.23
N GLU A 270 -9.70 4.72 23.98
CA GLU A 270 -10.10 5.97 24.70
C GLU A 270 -10.61 5.70 26.16
N LEU A 271 -10.33 6.63 27.07
CA LEU A 271 -10.85 6.57 28.41
C LEU A 271 -11.69 7.82 28.61
N LEU A 272 -12.99 7.66 28.85
CA LEU A 272 -13.81 8.85 29.16
C LEU A 272 -13.70 9.22 30.64
N PRO A 273 -13.32 10.49 30.90
CA PRO A 273 -13.07 10.94 32.25
C PRO A 273 -14.36 11.49 32.85
N VAL A 274 -14.51 11.24 34.16
CA VAL A 274 -15.73 11.50 34.93
C VAL A 274 -15.30 11.92 36.33
N SER A 275 -15.79 13.07 36.82
CA SER A 275 -15.40 13.54 38.17
C SER A 275 -15.88 12.55 39.21
N PHE A 276 -15.12 12.33 40.26
CA PHE A 276 -15.49 11.33 41.23
C PHE A 276 -15.28 11.82 42.65
N ASN A 277 -15.98 11.20 43.60
CA ASN A 277 -15.96 11.69 44.96
C ASN A 277 -14.99 11.02 45.91
N ASN A 278 -14.24 11.82 46.65
CA ASN A 278 -13.41 11.31 47.72
C ASN A 278 -13.20 12.34 48.85
N ASP A 279 -13.46 11.89 50.09
CA ASP A 279 -13.26 12.68 51.29
C ASP A 279 -13.80 14.14 51.22
N ASN A 280 -15.08 14.27 50.87
CA ASN A 280 -15.78 15.57 50.81
C ASN A 280 -15.42 16.51 49.66
N SER A 281 -14.92 15.96 48.55
CA SER A 281 -14.59 16.77 47.40
C SER A 281 -14.52 15.97 46.10
N GLU A 282 -14.67 16.68 44.98
CA GLU A 282 -14.65 16.12 43.64
C GLU A 282 -13.25 16.13 43.08
N TRP A 283 -12.85 14.98 42.59
CA TRP A 283 -11.55 14.81 42.01
C TRP A 283 -11.67 14.31 40.58
N ILE A 284 -10.63 14.58 39.81
CA ILE A 284 -10.53 14.06 38.47
C ILE A 284 -9.19 13.34 38.36
N SER A 285 -9.16 12.22 37.63
CA SER A 285 -7.96 11.40 37.59
C SER A 285 -6.97 11.89 36.54
N ILE A 286 -5.68 11.93 36.92
CA ILE A 286 -4.62 12.42 36.03
C ILE A 286 -3.91 11.25 35.34
N VAL A 287 -4.55 10.80 34.26
CA VAL A 287 -4.20 9.59 33.55
C VAL A 287 -4.50 9.86 32.07
N PRO A 288 -3.64 9.38 31.16
CA PRO A 288 -3.87 9.62 29.74
C PRO A 288 -5.25 9.18 29.26
N ASN A 289 -5.94 10.00 28.46
CA ASN A 289 -7.25 9.64 27.88
C ASN A 289 -7.18 8.73 26.66
N PHE A 290 -5.96 8.59 26.14
CA PHE A 290 -5.70 7.77 25.00
C PHE A 290 -4.44 6.96 25.28
N VAL A 291 -4.62 5.65 25.20
CA VAL A 291 -3.56 4.71 25.46
C VAL A 291 -3.42 3.85 24.20
N LEU A 292 -2.17 3.68 23.78
CA LEU A 292 -1.88 2.83 22.65
C LEU A 292 -1.38 1.50 23.16
N ILE A 293 -2.00 0.45 22.66
CA ILE A 293 -1.55 -0.90 23.00
C ILE A 293 -1.18 -1.57 21.70
N ARG A 294 0.09 -1.84 21.52
CA ARG A 294 0.53 -2.68 20.39
C ARG A 294 1.42 -3.80 20.87
N ASN A 295 1.05 -5.00 20.44
CA ASN A 295 1.53 -6.24 21.02
C ASN A 295 1.12 -6.32 22.47
N THR A 296 2.07 -6.66 23.35
CA THR A 296 1.72 -6.79 24.76
C THR A 296 2.07 -5.50 25.51
N LEU A 297 2.51 -4.50 24.75
CA LEU A 297 3.09 -3.26 25.27
C LEU A 297 2.09 -2.08 25.32
N ILE A 298 1.96 -1.45 26.49
CA ILE A 298 1.10 -0.23 26.60
C ILE A 298 1.94 1.04 26.67
N SER A 299 1.61 2.00 25.81
CA SER A 299 2.36 3.26 25.80
C SER A 299 1.49 4.43 25.39
N ASN A 300 2.03 5.64 25.59
CA ASN A 300 1.30 6.85 25.30
C ASN A 300 1.27 7.13 23.82
N ILE A 301 0.30 7.91 23.37
CA ILE A 301 0.26 8.31 21.99
C ILE A 301 -0.23 9.74 21.89
N GLU A 302 0.38 10.54 21.01
CA GLU A 302 0.01 11.96 20.85
C GLU A 302 -1.06 12.14 19.75
N VAL A 303 -2.31 11.85 20.11
CA VAL A 303 -3.42 11.79 19.15
C VAL A 303 -3.76 13.16 18.59
N LYS A 304 -3.40 14.20 19.35
CA LYS A 304 -3.54 15.60 18.92
C LYS A 304 -3.06 15.84 17.48
N TYR A 305 -2.01 15.13 17.08
CA TYR A 305 -1.46 15.26 15.76
C TYR A 305 -2.11 14.38 14.67
N CYS A 306 -2.97 13.42 15.08
CA CYS A 306 -3.59 12.43 14.19
C CYS A 306 -4.97 12.85 13.76
N LEU A 307 -5.70 11.95 13.12
CA LEU A 307 -7.10 12.19 12.84
C LEU A 307 -7.87 11.08 13.55
N ILE A 308 -8.65 11.48 14.56
CA ILE A 308 -9.51 10.57 15.36
C ILE A 308 -10.81 10.37 14.58
N THR A 309 -11.40 9.19 14.66
CA THR A 309 -12.47 8.79 13.74
C THR A 309 -13.18 7.54 14.25
N LYS A 310 -14.52 7.46 14.08
CA LYS A 310 -15.33 6.40 14.74
C LYS A 310 -14.55 5.08 14.91
N LYS A 311 -13.86 4.63 13.85
CA LYS A 311 -13.21 3.34 13.89
C LYS A 311 -11.69 3.38 14.12
N SER A 312 -11.05 4.49 13.77
CA SER A 312 -9.58 4.49 13.70
C SER A 312 -8.92 5.80 14.11
N VAL A 313 -7.72 5.70 14.67
CA VAL A 313 -6.77 6.82 14.79
C VAL A 313 -5.81 6.78 13.59
N ILE A 314 -5.82 7.87 12.82
CA ILE A 314 -5.06 7.92 11.57
C ILE A 314 -3.90 8.92 11.61
N CYS A 315 -2.67 8.44 11.55
CA CYS A 315 -1.53 9.33 11.75
C CYS A 315 -0.57 9.35 10.55
N ASN A 316 0.13 10.45 10.35
CA ASN A 316 1.07 10.46 9.26
C ASN A 316 2.43 9.96 9.69
N GLN A 317 2.51 9.58 10.95
CA GLN A 317 3.68 8.88 11.46
C GLN A 317 3.30 8.13 12.70
N ASP A 318 4.22 7.30 13.21
CA ASP A 318 4.06 6.67 14.49
C ASP A 318 4.19 7.76 15.53
N TYR A 319 3.25 7.84 16.45
CA TYR A 319 3.27 8.88 17.50
C TYR A 319 3.39 8.32 18.92
N ALA A 320 3.83 7.07 19.05
CA ALA A 320 3.99 6.42 20.33
C ALA A 320 4.98 7.19 21.18
N THR A 321 4.79 7.18 22.49
CA THR A 321 5.66 7.85 23.44
C THR A 321 5.72 7.00 24.70
N PRO A 322 6.90 6.91 25.33
CA PRO A 322 7.11 6.08 26.52
C PRO A 322 6.24 6.47 27.70
N MET A 323 6.09 5.56 28.64
CA MET A 323 5.19 5.79 29.75
C MET A 323 5.86 5.27 31.01
N THR A 324 5.78 6.04 32.09
CA THR A 324 6.45 5.67 33.30
C THR A 324 5.75 4.45 33.92
N ALA A 325 6.56 3.62 34.58
CA ALA A 325 6.09 2.33 35.09
C ALA A 325 4.98 2.52 36.09
N SER A 326 4.95 3.68 36.73
CA SER A 326 3.89 4.02 37.67
C SER A 326 2.55 4.20 36.97
N VAL A 327 2.54 5.01 35.92
CA VAL A 327 1.34 5.20 35.10
C VAL A 327 0.94 3.93 34.33
N ARG A 328 1.94 3.11 33.96
CA ARG A 328 1.65 1.77 33.46
C ARG A 328 0.89 0.99 34.53
N GLU A 329 1.52 0.83 35.69
CA GLU A 329 0.94 0.10 36.85
C GLU A 329 -0.48 0.54 37.20
N CYS A 330 -0.65 1.86 37.31
CA CYS A 330 -1.94 2.51 37.46
C CYS A 330 -3.03 1.99 36.49
N LEU A 331 -2.70 1.86 35.21
CA LEU A 331 -3.70 1.45 34.20
C LEU A 331 -4.01 -0.08 34.23
N THR A 332 -3.18 -0.82 34.94
CA THR A 332 -3.30 -2.25 34.99
C THR A 332 -3.49 -2.67 36.42
N GLY A 333 -4.34 -1.95 37.14
CA GLY A 333 -4.74 -2.33 38.50
C GLY A 333 -4.44 -1.36 39.64
N SER A 334 -3.20 -0.91 39.74
CA SER A 334 -2.73 -0.14 40.89
C SER A 334 -3.29 1.29 40.94
N THR A 335 -4.56 1.44 41.33
CA THR A 335 -5.22 2.74 41.26
C THR A 335 -4.67 3.70 42.29
N ASP A 336 -3.98 3.17 43.27
CA ASP A 336 -3.34 3.98 44.27
C ASP A 336 -2.08 4.61 43.70
N LYS A 337 -1.82 4.30 42.43
CA LYS A 337 -0.71 4.93 41.70
C LYS A 337 -1.20 5.95 40.69
N CYS A 338 -2.51 5.97 40.40
CA CYS A 338 -3.08 6.98 39.50
C CYS A 338 -3.25 8.28 40.23
N PRO A 339 -2.49 9.34 39.84
CA PRO A 339 -2.60 10.60 40.57
C PRO A 339 -3.99 11.24 40.35
N ARG A 340 -4.43 12.05 41.30
CA ARG A 340 -5.74 12.70 41.15
C ARG A 340 -5.65 14.18 41.46
N GLU A 341 -6.51 14.98 40.83
CA GLU A 341 -6.49 16.43 41.02
C GLU A 341 -7.86 16.93 41.45
N LEU A 342 -7.84 17.94 42.33
CA LEU A 342 -9.04 18.61 42.79
C LEU A 342 -9.85 19.22 41.63
N VAL A 343 -11.18 19.10 41.71
CA VAL A 343 -12.06 19.71 40.70
C VAL A 343 -12.65 21.02 41.20
N VAL A 344 -12.46 22.12 40.46
CA VAL A 344 -13.06 23.39 40.90
C VAL A 344 -13.86 24.10 39.80
N SER A 345 -14.08 23.41 38.69
CA SER A 345 -14.96 23.93 37.65
C SER A 345 -16.25 23.11 37.48
N SER A 346 -17.38 23.79 37.60
CA SER A 346 -18.66 23.32 37.08
C SER A 346 -18.65 23.00 35.56
N HIS A 347 -17.69 22.22 35.09
CA HIS A 347 -17.72 21.91 33.70
C HIS A 347 -17.15 20.52 33.51
N VAL A 348 -16.22 20.13 34.39
CA VAL A 348 -15.68 18.78 34.23
C VAL A 348 -16.90 17.91 34.38
N PRO A 349 -17.01 16.91 33.52
CA PRO A 349 -18.15 15.98 33.39
C PRO A 349 -18.49 15.12 34.64
N ARG A 350 -19.77 14.86 34.81
CA ARG A 350 -20.20 14.28 36.04
C ARG A 350 -20.74 12.85 35.90
N PHE A 351 -20.94 12.41 34.66
CA PHE A 351 -21.32 11.04 34.40
C PHE A 351 -20.90 10.59 32.98
N ALA A 352 -20.77 9.27 32.77
CA ALA A 352 -20.54 8.72 31.43
C ALA A 352 -21.32 7.45 31.22
N LEU A 353 -21.39 7.02 29.96
CA LEU A 353 -22.10 5.82 29.59
C LEU A 353 -21.17 4.91 28.82
N SER A 354 -21.03 3.67 29.29
CA SER A 354 -20.26 2.66 28.59
C SER A 354 -20.87 1.23 28.67
N GLY A 355 -21.11 0.67 27.50
CA GLY A 355 -21.80 -0.60 27.41
C GLY A 355 -23.27 -0.55 27.74
N GLY A 356 -23.83 0.67 27.83
CA GLY A 356 -25.25 0.88 28.10
C GLY A 356 -25.40 0.96 29.58
N VAL A 357 -24.28 0.92 30.30
CA VAL A 357 -24.30 1.10 31.75
C VAL A 357 -23.75 2.46 32.19
N LEU A 358 -24.39 3.07 33.18
CA LEU A 358 -24.04 4.42 33.51
C LEU A 358 -23.04 4.51 34.67
N PHE A 359 -22.06 5.39 34.54
CA PHE A 359 -21.12 5.66 35.63
C PHE A 359 -21.29 7.09 36.03
N ALA A 360 -21.77 7.33 37.26
CA ALA A 360 -22.23 8.67 37.63
C ALA A 360 -21.70 9.13 38.98
N ASN A 361 -21.41 10.44 39.07
CA ASN A 361 -21.12 11.03 40.37
C ASN A 361 -22.38 11.57 41.05
N CYS A 362 -23.11 10.66 41.71
CA CYS A 362 -24.42 10.93 42.26
C CYS A 362 -24.38 11.66 43.61
N ILE A 363 -23.18 12.11 43.97
CA ILE A 363 -23.01 13.13 45.00
C ILE A 363 -23.08 14.47 44.28
N SER A 364 -22.19 14.69 43.31
CA SER A 364 -22.19 15.91 42.53
C SER A 364 -23.50 16.18 41.80
N VAL A 365 -23.94 15.27 40.95
CA VAL A 365 -25.27 15.43 40.37
C VAL A 365 -26.31 14.59 41.11
N THR A 366 -27.60 14.87 40.91
CA THR A 366 -28.62 14.13 41.64
C THR A 366 -29.27 13.12 40.70
N CYS A 367 -29.19 11.85 41.04
CA CYS A 367 -29.64 10.78 40.15
C CYS A 367 -30.96 10.21 40.63
N GLN A 368 -31.91 9.95 39.72
CA GLN A 368 -33.08 9.19 40.19
C GLN A 368 -33.64 8.17 39.23
N CYS A 369 -34.40 7.24 39.81
CA CYS A 369 -35.00 6.12 39.11
C CYS A 369 -36.42 6.48 38.67
N GLN A 370 -36.63 6.64 37.36
CA GLN A 370 -37.96 7.00 36.87
C GLN A 370 -38.93 5.86 37.10
N THR A 371 -38.44 4.68 36.84
CA THR A 371 -39.27 3.50 36.95
C THR A 371 -39.66 3.28 38.40
N THR A 372 -38.70 3.11 39.30
CA THR A 372 -39.01 2.84 40.71
C THR A 372 -39.32 4.07 41.56
N GLY A 373 -39.31 5.26 40.96
CA GLY A 373 -39.70 6.46 41.70
C GLY A 373 -38.78 6.91 42.83
N ARG A 374 -37.84 6.07 43.28
CA ARG A 374 -36.95 6.44 44.40
C ARG A 374 -35.61 6.97 43.92
N ALA A 375 -35.10 8.03 44.57
CA ALA A 375 -33.81 8.64 44.17
C ALA A 375 -32.61 7.73 44.37
N ILE A 376 -31.66 7.80 43.44
CA ILE A 376 -30.44 6.98 43.52
C ILE A 376 -29.46 7.78 44.33
N SER A 377 -29.29 7.46 45.62
CA SER A 377 -28.30 8.21 46.37
C SER A 377 -27.01 7.48 46.70
N GLN A 378 -25.90 8.23 46.67
CA GLN A 378 -24.54 7.70 46.74
C GLN A 378 -23.88 7.98 48.07
N SER A 379 -23.32 6.96 48.68
CA SER A 379 -22.63 7.12 49.96
C SER A 379 -21.47 8.06 49.80
N GLY A 380 -21.00 8.60 50.90
CA GLY A 380 -19.81 9.42 50.85
C GLY A 380 -18.59 8.54 50.87
N GLU A 381 -18.79 7.26 51.16
CA GLU A 381 -17.70 6.31 51.14
C GLU A 381 -17.32 5.89 49.72
N GLN A 382 -18.17 6.23 48.76
CA GLN A 382 -17.93 5.76 47.40
C GLN A 382 -17.61 6.87 46.43
N THR A 383 -16.80 6.52 45.43
CA THR A 383 -16.27 7.44 44.44
C THR A 383 -17.27 7.75 43.35
N LEU A 384 -18.10 6.77 43.02
CA LEU A 384 -18.83 6.76 41.78
C LEU A 384 -19.88 5.68 41.84
N LEU A 385 -20.99 5.88 41.16
CA LEU A 385 -21.95 4.79 41.12
C LEU A 385 -21.99 4.22 39.76
N MET A 386 -22.04 2.90 39.72
CA MET A 386 -22.32 2.18 38.49
C MET A 386 -23.78 1.88 38.59
N ILE A 387 -24.54 2.42 37.67
CA ILE A 387 -25.95 2.21 37.58
C ILE A 387 -26.26 1.45 36.30
N ASP A 388 -26.86 0.27 36.46
CA ASP A 388 -27.28 -0.59 35.35
C ASP A 388 -28.75 -0.99 35.57
N ASN A 389 -29.33 -1.63 34.55
CA ASN A 389 -30.78 -1.88 34.56
C ASN A 389 -31.31 -2.80 35.65
N THR A 390 -30.41 -3.46 36.37
CA THR A 390 -30.76 -4.24 37.56
C THR A 390 -30.98 -3.42 38.86
N THR A 391 -31.13 -2.10 38.72
CA THR A 391 -31.64 -1.26 39.80
C THR A 391 -32.60 -0.26 39.18
N CYS A 392 -32.21 0.31 38.03
CA CYS A 392 -33.08 1.20 37.26
C CYS A 392 -33.11 0.78 35.83
N THR A 393 -34.28 0.68 35.25
CA THR A 393 -34.36 0.52 33.81
C THR A 393 -34.21 1.88 33.21
N THR A 394 -35.01 2.82 33.68
CA THR A 394 -34.88 4.18 33.23
C THR A 394 -34.23 5.10 34.29
N VAL A 395 -33.35 6.00 33.86
CA VAL A 395 -32.69 6.89 34.78
C VAL A 395 -32.94 8.33 34.38
N VAL A 396 -33.49 9.12 35.34
CA VAL A 396 -33.58 10.57 35.21
C VAL A 396 -32.33 11.10 35.86
N LEU A 397 -31.63 11.94 35.09
CA LEU A 397 -30.29 12.45 35.38
C LEU A 397 -30.24 13.97 35.12
N GLY A 398 -30.79 14.71 36.06
CA GLY A 398 -31.07 16.12 35.85
C GLY A 398 -32.22 16.34 34.88
N ASN A 399 -31.90 16.34 33.60
CA ASN A 399 -32.84 16.82 32.60
C ASN A 399 -32.84 15.87 31.41
N ILE A 400 -32.09 14.77 31.54
CA ILE A 400 -31.91 13.81 30.46
C ILE A 400 -32.39 12.45 30.96
N ILE A 401 -33.31 11.84 30.23
CA ILE A 401 -33.86 10.52 30.64
C ILE A 401 -33.16 9.47 29.81
N ILE A 402 -32.74 8.38 30.45
CA ILE A 402 -31.88 7.40 29.77
C ILE A 402 -32.14 5.93 30.21
N SER A 403 -32.44 5.08 29.24
CA SER A 403 -32.71 3.67 29.50
C SER A 403 -31.44 2.82 29.47
N LEU A 404 -31.28 1.93 30.44
CA LEU A 404 -29.99 1.27 30.66
C LEU A 404 -29.93 -0.22 30.32
N GLY A 405 -28.71 -0.70 30.13
CA GLY A 405 -28.45 -2.11 29.91
C GLY A 405 -27.97 -2.80 31.17
N LYS A 406 -27.70 -4.10 31.06
CA LYS A 406 -27.10 -4.86 32.16
C LYS A 406 -25.56 -4.79 32.03
N TYR A 407 -24.93 -4.46 33.15
CA TYR A 407 -23.48 -4.37 33.26
C TYR A 407 -22.83 -5.73 33.17
N LEU A 408 -21.87 -5.88 32.28
CA LEU A 408 -21.25 -7.17 32.08
C LEU A 408 -20.11 -7.42 33.05
N GLY A 409 -19.90 -6.54 34.01
CA GLY A 409 -18.82 -6.76 35.00
C GLY A 409 -19.30 -7.22 36.36
N SER A 410 -18.51 -6.98 37.40
CA SER A 410 -18.79 -7.51 38.76
C SER A 410 -20.25 -7.30 39.34
N ILE A 411 -20.89 -8.39 39.76
CA ILE A 411 -22.30 -8.37 40.21
C ILE A 411 -22.55 -7.29 41.30
N ASN A 412 -21.52 -6.95 42.07
CA ASN A 412 -21.66 -5.90 43.07
C ASN A 412 -20.51 -4.93 43.05
N TYR A 413 -20.39 -4.25 41.91
CA TYR A 413 -19.47 -3.13 41.68
C TYR A 413 -19.50 -2.10 42.83
N ASN A 414 -20.67 -1.90 43.43
CA ASN A 414 -20.84 -0.80 44.36
C ASN A 414 -20.52 -1.13 45.80
N SER A 415 -20.37 -2.41 46.10
CA SER A 415 -20.11 -2.83 47.47
C SER A 415 -18.60 -2.84 47.69
N GLU A 416 -17.82 -3.03 46.62
CA GLU A 416 -16.36 -3.20 46.74
C GLU A 416 -15.62 -1.87 46.44
N SER A 417 -14.78 -1.44 47.37
CA SER A 417 -14.17 -0.10 47.33
C SER A 417 -12.77 -0.12 46.70
N ILE A 418 -12.52 0.85 45.81
CA ILE A 418 -11.21 1.05 45.12
C ILE A 418 -10.33 1.78 46.08
N ALA A 419 -9.01 1.65 45.93
CA ALA A 419 -8.06 2.51 46.68
C ALA A 419 -7.57 3.70 45.81
N VAL A 420 -7.99 4.90 46.18
CA VAL A 420 -7.67 6.14 45.46
C VAL A 420 -6.19 6.52 45.59
N GLY A 421 -5.59 6.94 44.47
CA GLY A 421 -4.18 7.36 44.43
C GLY A 421 -3.86 8.69 45.11
N PRO A 422 -2.62 9.17 44.93
CA PRO A 422 -2.18 10.42 45.57
C PRO A 422 -2.72 11.68 44.85
N PRO A 423 -2.98 12.75 45.60
CA PRO A 423 -3.39 14.01 44.99
C PRO A 423 -2.19 14.79 44.44
N VAL A 424 -2.44 15.56 43.39
CA VAL A 424 -1.40 16.29 42.71
C VAL A 424 -1.96 17.52 41.98
N TYR A 425 -1.10 18.53 41.78
CA TYR A 425 -1.46 19.73 41.08
C TYR A 425 -0.78 19.72 39.73
N THR A 426 -1.55 20.10 38.71
CA THR A 426 -1.26 19.86 37.30
C THR A 426 -0.65 21.08 36.56
N ASP A 427 -0.83 22.24 37.20
CA ASP A 427 -0.52 23.58 36.72
C ASP A 427 0.96 23.89 36.61
N LYS A 428 1.31 24.49 35.46
CA LYS A 428 2.69 24.83 35.12
C LYS A 428 3.40 25.51 36.29
N VAL A 429 2.80 26.58 36.77
CA VAL A 429 3.32 27.32 37.91
C VAL A 429 3.41 26.48 39.18
N ASP A 430 2.51 25.50 39.31
CA ASP A 430 2.40 24.69 40.53
C ASP A 430 3.43 23.59 40.56
N ILE A 431 3.80 23.13 39.38
CA ILE A 431 4.92 22.19 39.26
C ILE A 431 6.26 22.76 39.74
N SER A 432 6.58 24.00 39.37
CA SER A 432 7.81 24.62 39.86
C SER A 432 7.85 24.77 41.39
N SER A 433 6.75 25.27 41.95
CA SER A 433 6.64 25.39 43.39
C SER A 433 6.72 24.04 44.05
N GLN A 434 6.02 23.05 43.49
CA GLN A 434 6.09 21.68 44.05
C GLN A 434 7.53 21.15 44.04
N ILE A 435 8.18 21.29 42.89
CA ILE A 435 9.58 20.89 42.77
C ILE A 435 10.49 21.62 43.78
N SER A 436 10.43 22.96 43.84
CA SER A 436 11.32 23.69 44.77
C SER A 436 11.01 23.35 46.22
N SER A 437 9.71 23.27 46.54
CA SER A 437 9.24 22.74 47.82
C SER A 437 9.93 21.42 48.14
N MET A 438 9.79 20.45 47.25
CA MET A 438 10.44 19.16 47.46
C MET A 438 11.96 19.26 47.60
N ASN A 439 12.63 20.07 46.78
CA ASN A 439 14.09 20.17 46.94
C ASN A 439 14.38 20.66 48.34
N GLN A 440 13.74 21.77 48.69
CA GLN A 440 13.88 22.32 50.03
C GLN A 440 13.72 21.24 51.08
N SER A 441 12.59 20.54 51.03
CA SER A 441 12.30 19.45 51.99
C SER A 441 13.38 18.32 52.04
N LEU A 442 13.76 17.81 50.87
CA LEU A 442 14.80 16.78 50.79
C LEU A 442 16.15 17.28 51.31
N GLN A 443 16.51 18.53 51.01
CA GLN A 443 17.75 19.09 51.53
C GLN A 443 17.67 19.23 53.03
N GLN A 444 16.53 19.76 53.50
CA GLN A 444 16.26 19.94 54.92
C GLN A 444 16.36 18.60 55.67
N SER A 445 15.80 17.54 55.10
CA SER A 445 15.90 16.22 55.72
C SER A 445 17.08 15.37 55.20
N LYS A 446 18.02 16.00 54.48
CA LYS A 446 19.27 15.34 54.09
C LYS A 446 20.38 15.72 55.05
N ASP A 447 20.06 16.57 56.03
CA ASP A 447 20.99 16.96 57.06
C ASP A 447 20.79 16.10 58.30
N TYR A 448 19.52 15.79 58.58
CA TYR A 448 19.16 14.86 59.66
C TYR A 448 19.77 13.47 59.44
N ILE A 449 19.94 13.10 58.17
CA ILE A 449 20.66 11.86 57.83
C ILE A 449 22.18 12.04 57.95
N LYS A 450 22.66 13.28 57.97
CA LYS A 450 24.06 13.54 58.29
C LYS A 450 24.26 13.67 59.80
N GLU A 451 23.16 13.87 60.54
CA GLU A 451 23.20 13.75 62.01
C GLU A 451 23.43 12.29 62.44
N GLY B 1 -4.26 36.11 53.74
CA GLY B 1 -5.60 36.24 53.10
C GLY B 1 -5.64 37.17 51.89
N ILE B 2 -6.80 37.18 51.21
CA ILE B 2 -7.02 37.90 49.93
C ILE B 2 -5.88 38.87 49.60
N LEU B 3 -4.73 38.27 49.28
CA LEU B 3 -3.58 38.85 48.56
C LEU B 3 -2.78 39.90 49.29
N HIS B 4 -1.50 39.62 49.51
CA HIS B 4 -0.57 40.60 50.11
C HIS B 4 0.23 41.43 49.08
N TYR B 5 -0.45 42.44 48.53
CA TYR B 5 0.03 43.21 47.38
C TYR B 5 1.41 43.85 47.55
N GLU B 6 1.66 44.52 48.67
CA GLU B 6 2.93 45.19 48.95
C GLU B 6 4.05 44.15 49.02
N LYS B 7 3.91 43.18 49.92
CA LYS B 7 4.89 42.09 50.05
C LYS B 7 5.16 41.53 48.64
N LEU B 8 4.08 41.28 47.90
CA LEU B 8 4.16 40.81 46.53
C LEU B 8 4.93 41.71 45.59
N SER B 9 4.77 43.03 45.71
CA SER B 9 5.39 43.95 44.77
C SER B 9 6.92 43.99 44.90
N LYS B 10 7.43 43.77 46.10
CA LYS B 10 8.88 43.73 46.31
C LYS B 10 9.51 42.56 45.59
N ILE B 11 8.79 41.43 45.49
CA ILE B 11 9.26 40.21 44.82
C ILE B 11 8.99 40.32 43.32
N GLY B 12 8.46 41.48 42.91
CA GLY B 12 8.38 41.86 41.51
C GLY B 12 7.06 41.58 40.83
N LEU B 13 6.02 41.49 41.64
CA LEU B 13 4.67 41.29 41.14
C LEU B 13 3.82 42.46 41.59
N VAL B 14 3.57 43.43 40.70
CA VAL B 14 2.84 44.68 41.09
C VAL B 14 1.34 44.60 40.75
N LYS B 15 0.46 45.26 41.54
CA LYS B 15 -0.99 45.13 41.29
C LYS B 15 -1.34 45.63 39.88
N GLY B 16 -1.90 44.75 39.07
CA GLY B 16 -2.44 45.15 37.77
C GLY B 16 -3.91 45.45 37.93
N ILE B 17 -4.65 45.37 36.83
CA ILE B 17 -6.07 45.63 36.91
C ILE B 17 -6.78 44.56 37.73
N THR B 18 -7.85 44.95 38.41
CA THR B 18 -8.84 43.99 38.89
C THR B 18 -10.04 43.89 37.93
N ARG B 19 -10.46 42.67 37.62
CA ARG B 19 -11.47 42.46 36.57
C ARG B 19 -12.67 41.69 37.05
N LYS B 20 -13.81 42.05 36.48
CA LYS B 20 -15.05 41.32 36.65
C LYS B 20 -14.91 39.94 35.99
N TYR B 21 -15.65 38.95 36.48
CA TYR B 21 -15.53 37.59 35.94
C TYR B 21 -16.87 37.22 35.33
N LYS B 22 -16.85 36.93 34.04
CA LYS B 22 -18.12 36.59 33.42
C LYS B 22 -18.11 35.27 32.65
N ILE B 23 -19.23 34.57 32.70
CA ILE B 23 -19.39 33.31 31.96
C ILE B 23 -20.71 33.35 31.21
N LYS B 24 -20.78 32.75 30.03
CA LYS B 24 -22.07 32.58 29.35
C LYS B 24 -23.07 31.70 30.15
N SER B 25 -24.36 31.89 29.91
CA SER B 25 -25.42 31.11 30.58
C SER B 25 -26.70 31.23 29.76
N ASN B 26 -27.81 30.64 30.25
CA ASN B 26 -29.12 31.01 29.74
C ASN B 26 -29.15 31.16 28.20
N PRO B 27 -28.78 30.09 27.44
CA PRO B 27 -28.77 30.12 25.98
C PRO B 27 -30.14 30.40 25.39
N LEU B 28 -30.20 30.80 24.14
CA LEU B 28 -31.47 31.15 23.52
C LEU B 28 -31.46 30.72 22.07
N THR B 29 -32.29 29.75 21.74
CA THR B 29 -32.20 29.03 20.47
C THR B 29 -32.91 29.67 19.26
N LYS B 30 -32.28 29.64 18.09
CA LYS B 30 -32.87 30.17 16.85
C LYS B 30 -32.35 29.38 15.65
N ASP B 31 -33.22 29.10 14.67
CA ASP B 31 -32.87 28.15 13.61
C ASP B 31 -32.60 28.74 12.22
N ILE B 32 -31.66 28.13 11.49
CA ILE B 32 -31.34 28.65 10.16
C ILE B 32 -30.99 27.56 9.14
N VAL B 33 -31.30 27.83 7.86
CA VAL B 33 -30.99 26.88 6.81
C VAL B 33 -29.81 27.35 5.96
N ILE B 34 -28.79 26.50 5.84
CA ILE B 34 -27.65 26.79 4.97
C ILE B 34 -27.63 25.83 3.80
N LYS B 35 -27.78 26.37 2.59
CA LYS B 35 -27.79 25.57 1.37
C LYS B 35 -26.41 25.57 0.74
N MET B 36 -25.91 24.37 0.48
CA MET B 36 -24.51 24.20 0.10
C MET B 36 -24.23 23.96 -1.40
N LYS B 37 -25.27 23.96 -2.22
CA LYS B 37 -25.12 23.98 -3.69
C LYS B 37 -25.90 25.17 -4.22
N PRO B 38 -25.23 26.04 -5.02
CA PRO B 38 -25.85 27.27 -5.55
C PRO B 38 -26.92 27.01 -6.61
N ASN B 39 -27.55 28.06 -7.13
CA ASN B 39 -28.80 27.93 -7.92
C ASN B 39 -28.68 27.40 -9.34
N VAL B 40 -27.88 28.05 -10.18
CA VAL B 40 -27.51 27.52 -11.49
C VAL B 40 -28.64 27.45 -12.52
N SER B 41 -29.88 27.24 -12.09
CA SER B 41 -31.02 27.15 -13.03
C SER B 41 -31.14 28.38 -13.95
N ASN B 42 -30.59 29.51 -13.49
CA ASN B 42 -30.57 30.75 -14.27
C ASN B 42 -29.37 30.86 -15.23
N VAL B 43 -28.36 29.99 -15.05
CA VAL B 43 -27.16 29.95 -15.91
C VAL B 43 -26.77 28.49 -16.20
N SER B 44 -27.77 27.65 -16.46
CA SER B 44 -27.56 26.20 -16.58
C SER B 44 -27.12 25.69 -17.97
N LYS B 45 -26.99 26.60 -18.93
CA LYS B 45 -26.67 26.19 -20.30
C LYS B 45 -25.28 25.57 -20.47
N CYS B 46 -24.26 26.21 -19.88
CA CYS B 46 -22.88 25.82 -20.13
C CYS B 46 -22.18 25.34 -18.87
N THR B 47 -22.80 24.39 -18.17
CA THR B 47 -22.21 23.87 -16.94
C THR B 47 -21.41 22.56 -17.14
N GLY B 48 -22.03 21.55 -17.75
CA GLY B 48 -21.41 20.22 -17.88
C GLY B 48 -21.45 19.45 -16.57
N THR B 49 -20.76 18.31 -16.54
CA THR B 49 -20.82 17.40 -15.39
C THR B 49 -20.03 17.86 -14.18
N VAL B 50 -19.94 19.17 -13.98
CA VAL B 50 -19.34 19.72 -12.77
C VAL B 50 -20.23 19.43 -11.55
N MET B 51 -21.55 19.51 -11.78
CA MET B 51 -22.57 19.35 -10.73
C MET B 51 -22.72 17.91 -10.27
N GLU B 52 -22.76 17.00 -11.24
CA GLU B 52 -22.84 15.57 -10.98
C GLU B 52 -21.65 15.14 -10.13
N ASN B 53 -20.49 15.77 -10.36
CA ASN B 53 -19.28 15.52 -9.57
C ASN B 53 -19.37 16.16 -8.20
N TYR B 54 -19.54 17.49 -8.18
CA TYR B 54 -19.67 18.25 -6.94
C TYR B 54 -20.69 17.62 -5.97
N LYS B 55 -21.84 17.18 -6.48
CA LYS B 55 -22.87 16.59 -5.64
C LYS B 55 -22.38 15.34 -4.94
N SER B 56 -21.87 14.38 -5.73
CA SER B 56 -21.37 13.12 -5.18
C SER B 56 -20.13 13.33 -4.30
N ARG B 57 -19.37 14.39 -4.60
CA ARG B 57 -18.26 14.77 -3.75
C ARG B 57 -18.76 15.25 -2.39
N LEU B 58 -19.71 16.18 -2.41
CA LEU B 58 -20.34 16.74 -1.21
C LEU B 58 -21.02 15.66 -0.36
N THR B 59 -21.78 14.78 -1.02
CA THR B 59 -22.44 13.64 -0.38
C THR B 59 -21.47 12.82 0.47
N GLY B 60 -20.24 12.71 -0.01
CA GLY B 60 -19.18 12.02 0.72
C GLY B 60 -18.79 12.65 2.05
N ILE B 61 -18.76 13.98 2.09
CA ILE B 61 -18.41 14.69 3.32
C ILE B 61 -19.65 14.89 4.22
N LEU B 62 -20.82 14.93 3.58
CA LEU B 62 -22.08 15.19 4.26
C LEU B 62 -22.73 13.98 4.88
N SER B 63 -22.79 12.87 4.13
CA SER B 63 -23.56 11.71 4.60
C SER B 63 -23.15 11.19 6.00
N PRO B 64 -21.83 11.04 6.29
CA PRO B 64 -21.46 10.53 7.63
C PRO B 64 -22.00 11.37 8.83
N ILE B 65 -22.17 12.68 8.65
CA ILE B 65 -22.85 13.55 9.62
C ILE B 65 -24.28 13.05 9.79
N LYS B 66 -25.06 13.10 8.71
CA LYS B 66 -26.43 12.57 8.73
C LYS B 66 -26.45 11.24 9.49
N GLY B 67 -25.70 10.26 9.00
CA GLY B 67 -25.54 8.98 9.70
C GLY B 67 -25.32 9.11 11.20
N ALA B 68 -24.33 9.92 11.59
CA ALA B 68 -24.03 10.10 13.03
C ALA B 68 -25.21 10.68 13.82
N ILE B 69 -25.86 11.69 13.25
CA ILE B 69 -27.05 12.30 13.85
C ILE B 69 -28.16 11.28 13.99
N GLU B 70 -28.47 10.58 12.92
CA GLU B 70 -29.58 9.64 12.94
C GLU B 70 -29.45 8.51 13.96
N LEU B 71 -28.23 8.17 14.36
CA LEU B 71 -28.03 7.18 15.41
C LEU B 71 -28.57 7.63 16.77
N TYR B 72 -28.51 8.93 17.04
CA TYR B 72 -29.17 9.46 18.22
C TYR B 72 -30.67 9.54 18.04
N ASN B 73 -31.13 9.88 16.83
CA ASN B 73 -32.56 9.96 16.55
C ASN B 73 -33.32 8.64 16.55
N ASN B 74 -32.92 7.67 15.73
CA ASN B 74 -33.64 6.38 15.74
C ASN B 74 -33.59 5.78 17.13
N ASN B 75 -32.63 6.23 17.92
CA ASN B 75 -32.44 5.70 19.25
C ASN B 75 -32.79 6.64 20.46
N THR B 76 -33.45 7.80 20.22
CA THR B 76 -34.22 8.49 21.30
C THR B 76 -35.71 8.35 21.05
N HIS B 77 -36.27 7.32 21.67
CA HIS B 77 -37.67 6.89 21.53
C HIS B 77 -38.51 7.53 22.63
N VAL B 88 -38.29 12.26 25.40
CA VAL B 88 -37.37 12.68 26.44
C VAL B 88 -36.26 11.64 26.65
N VAL B 89 -36.63 10.36 26.48
CA VAL B 89 -35.79 9.18 26.80
C VAL B 89 -34.80 8.70 25.71
N MET B 90 -33.52 8.63 26.09
CA MET B 90 -32.45 8.18 25.20
C MET B 90 -32.21 6.71 25.44
N ALA B 91 -32.06 5.96 24.35
CA ALA B 91 -31.77 4.51 24.42
C ALA B 91 -30.31 4.16 24.74
N GLY B 92 -30.05 3.89 26.01
CA GLY B 92 -28.71 3.63 26.51
C GLY B 92 -28.05 2.41 25.93
N ILE B 93 -28.82 1.35 25.70
CA ILE B 93 -28.26 0.13 25.09
C ILE B 93 -27.85 0.43 23.65
N ALA B 94 -28.75 1.09 22.91
CA ALA B 94 -28.51 1.46 21.52
C ALA B 94 -27.33 2.42 21.39
N ILE B 95 -27.28 3.45 22.23
CA ILE B 95 -26.17 4.40 22.21
C ILE B 95 -24.86 3.77 22.68
N GLY B 96 -24.92 3.00 23.76
CA GLY B 96 -23.83 2.13 24.15
C GLY B 96 -22.71 2.81 24.88
N ILE B 97 -21.93 3.61 24.16
CA ILE B 97 -20.75 4.28 24.73
C ILE B 97 -20.85 5.72 24.32
N ALA B 98 -21.05 6.62 25.28
CA ALA B 98 -21.08 8.07 25.00
C ALA B 98 -20.76 8.93 26.20
N THR B 99 -20.46 10.18 25.95
CA THR B 99 -20.25 11.15 27.03
C THR B 99 -21.49 11.95 27.40
N ALA B 100 -21.45 12.53 28.61
CA ALA B 100 -22.60 13.27 29.11
C ALA B 100 -22.91 14.37 28.13
N ALA B 101 -21.85 15.08 27.76
CA ALA B 101 -21.93 16.20 26.84
C ALA B 101 -22.71 15.84 25.58
N GLN B 102 -22.28 14.72 25.01
CA GLN B 102 -22.86 14.18 23.80
C GLN B 102 -24.33 13.84 24.04
N ILE B 103 -24.62 13.12 25.14
CA ILE B 103 -25.99 12.77 25.47
C ILE B 103 -26.86 14.02 25.47
N THR B 104 -26.36 15.06 26.15
CA THR B 104 -27.12 16.29 26.26
C THR B 104 -27.33 16.91 24.87
N ALA B 105 -26.23 17.00 24.10
CA ALA B 105 -26.38 17.44 22.73
C ALA B 105 -27.50 16.66 22.02
N GLY B 106 -27.57 15.34 22.27
CA GLY B 106 -28.57 14.46 21.68
C GLY B 106 -29.96 14.88 22.10
N VAL B 107 -30.13 15.13 23.40
CA VAL B 107 -31.40 15.69 23.88
C VAL B 107 -31.77 17.01 23.18
N ALA B 108 -30.80 17.94 23.08
CA ALA B 108 -31.01 19.20 22.30
C ALA B 108 -31.41 18.95 20.85
N LEU B 109 -30.83 17.90 20.29
CA LEU B 109 -31.11 17.46 18.92
C LEU B 109 -32.55 17.02 18.79
N TYR B 110 -32.92 16.10 19.66
CA TYR B 110 -34.32 15.69 19.71
C TYR B 110 -35.24 16.89 19.89
N GLU B 111 -34.86 17.81 20.78
CA GLU B 111 -35.64 19.03 20.95
C GLU B 111 -35.75 19.80 19.64
N ALA B 112 -34.64 19.93 18.89
CA ALA B 112 -34.65 20.59 17.56
C ALA B 112 -35.49 19.89 16.49
N MET B 113 -35.58 18.56 16.60
CA MET B 113 -36.39 17.80 15.63
C MET B 113 -37.79 18.35 15.27
N LYS B 114 -38.55 18.74 16.28
CA LYS B 114 -39.94 19.23 16.10
C LYS B 114 -40.00 20.36 15.07
N ASN B 115 -39.16 21.38 15.26
CA ASN B 115 -39.06 22.47 14.29
C ASN B 115 -38.31 22.10 13.00
N ALA B 116 -37.25 21.29 13.14
CA ALA B 116 -36.59 20.76 11.94
C ALA B 116 -37.63 20.22 10.94
N ASP B 117 -38.50 19.35 11.47
CA ASP B 117 -39.57 18.74 10.67
C ASP B 117 -40.51 19.74 9.98
N ASN B 118 -40.84 20.82 10.69
CA ASN B 118 -41.66 21.88 10.13
C ASN B 118 -40.95 22.70 9.09
N ILE B 119 -39.65 22.97 9.31
CA ILE B 119 -38.84 23.70 8.32
C ILE B 119 -38.70 22.85 7.06
N ASN B 120 -38.49 21.55 7.24
CA ASN B 120 -38.32 20.63 6.12
C ASN B 120 -39.46 20.57 5.10
N LYS B 121 -40.66 21.00 5.48
CA LYS B 121 -41.82 21.02 4.56
C LYS B 121 -41.67 22.01 3.40
N LEU B 122 -40.77 22.97 3.57
CA LEU B 122 -40.51 24.00 2.56
C LEU B 122 -39.38 23.59 1.61
N LYS B 123 -39.14 22.28 1.52
CA LYS B 123 -38.02 21.71 0.78
C LYS B 123 -37.93 22.21 -0.66
N SER B 124 -39.02 22.06 -1.41
CA SER B 124 -39.05 22.50 -2.81
C SER B 124 -38.83 24.00 -2.97
N SER B 125 -39.27 24.80 -1.99
CA SER B 125 -38.99 26.25 -2.01
C SER B 125 -37.55 26.57 -1.64
N ILE B 126 -36.96 25.78 -0.73
CA ILE B 126 -35.51 25.87 -0.47
C ILE B 126 -34.73 25.55 -1.75
N GLU B 127 -35.10 24.44 -2.37
CA GLU B 127 -34.46 23.94 -3.59
C GLU B 127 -34.29 25.01 -4.67
N SER B 128 -35.21 25.96 -4.72
CA SER B 128 -35.24 26.91 -5.83
C SER B 128 -35.04 28.36 -5.39
N THR B 129 -34.34 28.55 -4.28
CA THR B 129 -34.02 29.90 -3.83
C THR B 129 -33.08 30.60 -4.81
N ASN B 130 -33.46 31.83 -5.18
CA ASN B 130 -32.79 32.62 -6.21
C ASN B 130 -31.53 33.33 -5.70
N GLU B 131 -31.62 33.86 -4.48
CA GLU B 131 -30.63 34.80 -3.97
C GLU B 131 -29.84 34.23 -2.81
N ALA B 132 -28.78 34.96 -2.45
CA ALA B 132 -27.84 34.56 -1.39
C ALA B 132 -28.49 34.32 -0.01
N VAL B 133 -29.28 35.29 0.44
CA VAL B 133 -30.06 35.16 1.68
C VAL B 133 -31.55 35.36 1.40
N VAL B 134 -32.35 34.37 1.78
CA VAL B 134 -33.80 34.44 1.56
C VAL B 134 -34.59 34.25 2.87
N LYS B 135 -35.68 35.02 2.97
CA LYS B 135 -36.60 34.96 4.10
C LYS B 135 -37.80 34.12 3.67
N LEU B 136 -38.05 33.02 4.38
CA LEU B 136 -39.19 32.15 4.06
C LEU B 136 -40.22 32.09 5.19
N GLN B 137 -41.47 31.75 4.83
CA GLN B 137 -42.57 31.64 5.79
C GLN B 137 -42.85 30.18 6.19
N GLU B 138 -42.67 29.88 7.46
CA GLU B 138 -42.88 28.53 7.96
C GLU B 138 -44.34 28.40 8.42
N THR B 139 -45.25 28.97 7.62
CA THR B 139 -46.71 28.89 7.79
C THR B 139 -47.29 29.60 9.03
N ALA B 140 -46.51 29.68 10.11
CA ALA B 140 -47.00 30.20 11.38
C ALA B 140 -47.07 31.73 11.43
N GLU B 141 -46.40 32.38 10.48
CA GLU B 141 -45.90 33.74 10.59
C GLU B 141 -44.52 33.73 11.27
N LYS B 142 -44.11 32.55 11.73
CA LYS B 142 -42.73 32.28 12.15
C LYS B 142 -41.87 32.11 10.90
N THR B 143 -40.92 33.02 10.71
CA THR B 143 -40.07 33.04 9.52
C THR B 143 -38.86 32.10 9.65
N VAL B 144 -38.28 31.69 8.53
CA VAL B 144 -37.02 30.93 8.52
C VAL B 144 -36.10 31.35 7.36
N TYR B 145 -34.82 31.48 7.64
CA TYR B 145 -33.87 32.01 6.68
C TYR B 145 -33.06 30.95 5.96
N VAL B 146 -32.89 31.15 4.65
CA VAL B 146 -32.02 30.32 3.84
C VAL B 146 -30.83 31.12 3.32
N LEU B 147 -29.64 30.74 3.79
CA LEU B 147 -28.36 31.27 3.32
C LEU B 147 -27.76 30.24 2.38
N THR B 148 -27.61 30.61 1.11
CA THR B 148 -27.08 29.65 0.13
C THR B 148 -25.68 30.06 -0.39
N ALA B 149 -24.76 29.09 -0.35
CA ALA B 149 -23.35 29.34 -0.69
C ALA B 149 -23.12 29.71 -2.18
N LEU B 150 -22.13 30.58 -2.43
CA LEU B 150 -21.68 30.93 -3.78
C LEU B 150 -22.75 31.58 -4.66
N GLN B 151 -23.97 31.67 -4.13
CA GLN B 151 -25.08 32.23 -4.86
C GLN B 151 -24.81 33.66 -5.29
N ASP B 152 -24.24 34.46 -4.38
CA ASP B 152 -23.91 35.84 -4.67
C ASP B 152 -22.91 35.92 -5.81
N TYR B 153 -21.82 35.17 -5.68
CA TYR B 153 -20.82 35.04 -6.75
C TYR B 153 -21.51 34.71 -8.08
N ILE B 154 -22.34 33.67 -8.07
CA ILE B 154 -23.07 33.29 -9.27
C ILE B 154 -23.93 34.43 -9.85
N ASN B 155 -24.71 35.08 -9.00
CA ASN B 155 -25.59 36.16 -9.45
C ASN B 155 -24.86 37.42 -9.93
N THR B 156 -23.74 37.76 -9.29
CA THR B 156 -23.11 39.05 -9.59
C THR B 156 -21.74 39.00 -10.28
N ASN B 157 -21.22 37.81 -10.54
CA ASN B 157 -20.00 37.65 -11.37
C ASN B 157 -20.29 36.91 -12.66
N LEU B 158 -20.69 35.65 -12.48
CA LEU B 158 -20.98 34.72 -13.56
C LEU B 158 -22.07 35.22 -14.51
N VAL B 159 -23.26 35.48 -13.95
CA VAL B 159 -24.39 36.03 -14.69
C VAL B 159 -24.03 37.26 -15.54
N PRO B 160 -23.43 38.32 -14.93
CA PRO B 160 -23.05 39.41 -15.84
C PRO B 160 -21.84 39.17 -16.75
N SER B 161 -20.87 38.33 -16.36
CA SER B 161 -19.73 38.05 -17.28
C SER B 161 -19.97 36.97 -18.35
N ILE B 162 -21.15 36.32 -18.26
CA ILE B 162 -21.61 35.26 -19.19
C ILE B 162 -21.30 35.52 -20.66
N ASP B 163 -21.47 36.76 -21.09
CA ASP B 163 -21.29 37.16 -22.48
C ASP B 163 -19.82 37.10 -22.86
N GLN B 164 -18.99 37.79 -22.09
CA GLN B 164 -17.56 37.87 -22.41
C GLN B 164 -16.76 36.62 -22.04
N ILE B 165 -17.26 35.79 -21.12
CA ILE B 165 -16.66 34.46 -20.99
C ILE B 165 -17.27 33.55 -22.08
N SER B 166 -16.85 32.29 -22.14
CA SER B 166 -17.51 31.31 -22.99
C SER B 166 -18.02 30.11 -22.18
N CYS B 167 -18.51 29.11 -22.89
CA CYS B 167 -19.19 27.96 -22.25
C CYS B 167 -18.27 26.85 -21.73
N LYS B 168 -17.02 26.85 -22.18
CA LYS B 168 -16.03 25.92 -21.64
C LYS B 168 -15.20 26.60 -20.55
N GLN B 169 -15.38 27.91 -20.38
CA GLN B 169 -14.60 28.68 -19.39
C GLN B 169 -15.45 29.32 -18.32
N THR B 170 -16.77 29.32 -18.54
CA THR B 170 -17.70 29.55 -17.41
C THR B 170 -17.64 28.31 -16.55
N GLU B 171 -17.65 27.14 -17.18
CA GLU B 171 -17.64 25.91 -16.42
C GLU B 171 -16.35 25.76 -15.60
N LEU B 172 -15.20 26.16 -16.14
CA LEU B 172 -13.95 26.24 -15.37
C LEU B 172 -14.09 27.14 -14.13
N ALA B 173 -14.56 28.37 -14.37
CA ALA B 173 -14.83 29.35 -13.30
C ALA B 173 -15.79 28.81 -12.24
N LEU B 174 -16.74 27.99 -12.66
CA LEU B 174 -17.66 27.36 -11.72
C LEU B 174 -17.01 26.24 -10.92
N ASP B 175 -16.45 25.28 -11.64
CA ASP B 175 -15.71 24.17 -11.07
C ASP B 175 -14.71 24.66 -10.03
N LEU B 176 -13.97 25.71 -10.41
CA LEU B 176 -12.95 26.34 -9.55
C LEU B 176 -13.52 26.96 -8.25
N ALA B 177 -14.62 27.71 -8.40
CA ALA B 177 -15.35 28.27 -7.28
C ALA B 177 -15.83 27.14 -6.34
N LEU B 178 -16.57 26.19 -6.90
CA LEU B 178 -17.05 25.04 -6.12
C LEU B 178 -15.90 24.32 -5.39
N SER B 179 -14.85 23.97 -6.14
CA SER B 179 -13.74 23.28 -5.50
C SER B 179 -13.05 24.15 -4.44
N LYS B 180 -12.94 25.46 -4.66
CA LYS B 180 -12.33 26.32 -3.64
C LYS B 180 -13.17 26.30 -2.40
N TYR B 181 -14.45 26.56 -2.58
CA TYR B 181 -15.40 26.51 -1.47
C TYR B 181 -15.28 25.18 -0.71
N LEU B 182 -15.20 24.09 -1.47
CA LEU B 182 -15.00 22.77 -0.87
C LEU B 182 -13.70 22.67 -0.04
N SER B 183 -12.58 23.02 -0.65
CA SER B 183 -11.30 22.99 0.06
C SER B 183 -11.34 23.88 1.27
N ASP B 184 -12.14 24.95 1.24
CA ASP B 184 -12.30 25.78 2.43
C ASP B 184 -13.16 25.17 3.52
N LEU B 185 -14.30 24.60 3.13
CA LEU B 185 -15.14 24.00 4.17
C LEU B 185 -14.59 22.69 4.72
N LEU B 186 -13.77 22.00 3.95
CA LEU B 186 -13.33 20.67 4.36
C LEU B 186 -12.72 20.53 5.77
N PHE B 187 -11.97 21.53 6.25
CA PHE B 187 -11.36 21.38 7.58
C PHE B 187 -12.41 21.15 8.67
N VAL B 188 -13.35 22.08 8.78
CA VAL B 188 -14.43 22.03 9.78
C VAL B 188 -15.41 20.85 9.58
N PHE B 189 -15.84 20.63 8.35
CA PHE B 189 -16.88 19.62 8.02
C PHE B 189 -16.41 18.24 7.54
N GLY B 190 -15.09 18.02 7.46
CA GLY B 190 -14.52 16.77 6.96
C GLY B 190 -14.71 15.56 7.88
N PRO B 191 -13.88 14.51 7.68
CA PRO B 191 -13.86 13.33 8.59
C PRO B 191 -13.47 13.78 9.98
N ASN B 192 -13.10 15.05 10.02
CA ASN B 192 -12.54 15.76 11.14
C ASN B 192 -13.52 16.03 12.26
N LEU B 193 -14.70 16.53 11.90
CA LEU B 193 -15.87 16.68 12.80
C LEU B 193 -16.53 15.29 13.07
N GLN B 194 -15.86 14.47 13.86
CA GLN B 194 -16.25 13.06 14.01
C GLN B 194 -17.48 12.88 14.89
N ASP B 195 -17.70 13.88 15.74
CA ASP B 195 -18.83 13.91 16.63
C ASP B 195 -19.68 15.17 16.36
N PRO B 196 -20.71 15.06 15.46
CA PRO B 196 -21.57 16.19 15.09
C PRO B 196 -22.79 16.36 16.01
N VAL B 197 -22.95 15.41 16.93
CA VAL B 197 -23.97 15.52 17.97
C VAL B 197 -23.29 16.24 19.14
N SER B 198 -23.13 17.54 18.98
CA SER B 198 -22.51 18.43 19.95
C SER B 198 -22.96 19.85 19.71
N ASN B 199 -22.77 20.69 20.71
CA ASN B 199 -22.94 22.14 20.52
C ASN B 199 -21.72 22.89 21.05
N SER B 200 -20.57 22.58 20.47
CA SER B 200 -19.31 23.23 20.79
C SER B 200 -18.90 24.05 19.60
N MET B 201 -19.07 23.50 18.40
CA MET B 201 -18.80 24.21 17.15
C MET B 201 -19.17 25.66 17.25
N THR B 202 -18.19 26.55 17.07
CA THR B 202 -18.48 27.96 17.15
C THR B 202 -19.21 28.43 15.89
N ILE B 203 -20.10 29.42 16.06
CA ILE B 203 -20.88 29.90 14.92
C ILE B 203 -19.96 30.34 13.78
N GLN B 204 -18.82 30.95 14.14
CA GLN B 204 -17.78 31.29 13.17
C GLN B 204 -17.43 30.05 12.36
N ALA B 205 -16.99 28.99 13.05
CA ALA B 205 -16.62 27.74 12.39
C ALA B 205 -17.75 27.18 11.54
N ILE B 206 -18.97 27.15 12.07
CA ILE B 206 -20.12 26.71 11.26
C ILE B 206 -20.22 27.54 9.96
N SER B 207 -20.10 28.87 10.08
CA SER B 207 -20.26 29.79 8.93
C SER B 207 -19.33 29.50 7.73
N GLN B 208 -18.30 28.69 8.00
CA GLN B 208 -17.43 28.16 6.97
C GLN B 208 -18.24 27.62 5.81
N ALA B 209 -19.40 27.05 6.11
CA ALA B 209 -20.31 26.54 5.09
C ALA B 209 -20.95 27.67 4.29
N PHE B 210 -21.06 28.84 4.91
CA PHE B 210 -21.53 30.03 4.19
C PHE B 210 -20.37 30.96 3.87
N GLY B 211 -19.18 30.40 3.85
CA GLY B 211 -18.02 31.13 3.35
C GLY B 211 -17.42 32.08 4.38
N GLY B 212 -17.52 31.68 5.65
CA GLY B 212 -16.93 32.42 6.78
C GLY B 212 -17.69 33.68 7.14
N ASN B 213 -18.74 34.00 6.41
CA ASN B 213 -19.51 35.21 6.64
C ASN B 213 -20.50 35.01 7.79
N TYR B 214 -19.99 34.83 9.00
CA TYR B 214 -20.84 34.62 10.20
C TYR B 214 -21.58 35.90 10.61
N GLU B 215 -21.08 37.04 10.15
CA GLU B 215 -21.74 38.32 10.32
C GLU B 215 -23.15 38.31 9.78
N THR B 216 -23.31 38.04 8.48
CA THR B 216 -24.63 37.96 7.87
C THR B 216 -25.52 36.91 8.57
N LEU B 217 -24.94 35.75 8.82
CA LEU B 217 -25.61 34.64 9.53
C LEU B 217 -26.21 35.10 10.86
N LEU B 218 -25.38 35.76 11.68
CA LEU B 218 -25.90 36.32 12.91
C LEU B 218 -26.93 37.45 12.67
N ARG B 219 -26.59 38.37 11.76
CA ARG B 219 -27.43 39.55 11.50
C ARG B 219 -28.83 39.20 11.00
N THR B 220 -28.98 38.15 10.19
CA THR B 220 -30.32 37.77 9.74
C THR B 220 -31.17 37.20 10.88
N LEU B 221 -30.51 36.68 11.90
CA LEU B 221 -31.22 36.22 13.09
C LEU B 221 -31.48 37.40 14.04
N GLY B 222 -30.57 38.38 14.03
CA GLY B 222 -30.74 39.66 14.77
C GLY B 222 -30.83 39.58 16.29
N ASP B 227 -24.31 44.39 23.07
CA ASP B 227 -23.62 43.22 23.59
C ASP B 227 -23.71 42.04 22.59
N PHE B 228 -22.62 41.78 21.87
CA PHE B 228 -22.59 40.92 20.67
C PHE B 228 -21.13 40.46 20.44
N ASP B 229 -20.25 41.44 20.24
CA ASP B 229 -18.82 41.21 20.02
C ASP B 229 -18.17 40.47 21.19
N ASP B 230 -18.54 40.83 22.42
CA ASP B 230 -17.96 40.17 23.59
C ASP B 230 -18.35 38.71 23.64
N LEU B 231 -19.57 38.41 23.18
CA LEU B 231 -20.01 37.03 23.11
C LEU B 231 -19.22 36.37 22.05
N LEU B 232 -19.20 37.01 20.87
CA LEU B 232 -18.53 36.51 19.69
C LEU B 232 -17.07 36.14 19.92
N GLU B 233 -16.33 37.02 20.58
CA GLU B 233 -14.91 36.83 20.82
C GLU B 233 -14.57 36.00 22.07
N SER B 234 -15.57 35.35 22.65
CA SER B 234 -15.37 34.46 23.76
C SER B 234 -15.70 33.10 23.23
N ASP B 235 -15.98 33.04 21.92
CA ASP B 235 -16.57 31.87 21.28
C ASP B 235 -17.68 31.34 22.19
N SER B 236 -18.70 32.16 22.36
CA SER B 236 -19.82 31.74 23.19
C SER B 236 -21.03 31.57 22.30
N ILE B 237 -20.98 32.13 21.10
CA ILE B 237 -22.02 31.91 20.14
C ILE B 237 -21.71 30.62 19.37
N THR B 238 -22.47 29.56 19.66
CA THR B 238 -22.23 28.24 19.07
C THR B 238 -23.35 27.77 18.14
N GLY B 239 -22.98 26.83 17.27
CA GLY B 239 -23.93 26.21 16.34
C GLY B 239 -24.01 24.71 16.53
N GLN B 240 -25.22 24.18 16.37
CA GLN B 240 -25.41 22.73 16.32
C GLN B 240 -26.12 22.37 15.03
N ILE B 241 -25.58 21.36 14.33
CA ILE B 241 -26.19 20.83 13.10
C ILE B 241 -27.32 19.88 13.50
N VAL B 242 -28.54 20.24 13.10
CA VAL B 242 -29.70 19.48 13.55
C VAL B 242 -30.45 18.71 12.46
N TYR B 243 -30.14 19.02 11.20
CA TYR B 243 -30.67 18.23 10.07
C TYR B 243 -29.88 18.41 8.78
N VAL B 244 -29.67 17.29 8.07
CA VAL B 244 -28.91 17.26 6.80
C VAL B 244 -29.80 16.72 5.70
N ASP B 245 -29.99 17.49 4.62
CA ASP B 245 -30.75 17.01 3.45
C ASP B 245 -29.84 16.70 2.26
N LEU B 246 -29.78 15.42 1.91
CA LEU B 246 -28.79 14.92 0.95
C LEU B 246 -29.20 15.01 -0.50
N SER B 247 -30.47 15.27 -0.78
CA SER B 247 -30.92 15.46 -2.17
C SER B 247 -30.94 16.94 -2.57
N SER B 248 -31.27 17.80 -1.61
CA SER B 248 -31.27 19.26 -1.84
C SER B 248 -29.97 19.92 -1.41
N TYR B 249 -29.14 19.20 -0.64
CA TYR B 249 -27.82 19.65 -0.20
C TYR B 249 -27.92 20.92 0.63
N TYR B 250 -28.68 20.82 1.73
CA TYR B 250 -28.76 21.88 2.73
C TYR B 250 -28.69 21.32 4.14
N ILE B 251 -28.32 22.18 5.09
CA ILE B 251 -28.35 21.84 6.52
C ILE B 251 -29.19 22.82 7.34
N ILE B 252 -29.76 22.32 8.44
CA ILE B 252 -30.36 23.19 9.47
C ILE B 252 -29.45 23.32 10.68
N VAL B 253 -29.16 24.57 11.05
CA VAL B 253 -28.31 24.87 12.18
C VAL B 253 -29.14 25.58 13.25
N ARG B 254 -29.03 25.06 14.46
CA ARG B 254 -29.61 25.70 15.62
C ARG B 254 -28.48 26.51 16.20
N VAL B 255 -28.72 27.82 16.32
CA VAL B 255 -27.69 28.71 16.85
C VAL B 255 -28.05 28.98 18.30
N TYR B 256 -27.06 28.83 19.18
CA TYR B 256 -27.21 29.07 20.63
C TYR B 256 -26.60 30.41 21.04
N PHE B 257 -27.46 31.42 21.09
CA PHE B 257 -27.04 32.77 21.35
C PHE B 257 -27.29 33.00 22.85
N PRO B 258 -26.22 32.89 23.67
CA PRO B 258 -26.44 33.07 25.11
C PRO B 258 -26.35 34.52 25.57
N ILE B 259 -26.26 34.66 26.88
CA ILE B 259 -26.07 35.93 27.53
C ILE B 259 -24.96 35.65 28.53
N LEU B 260 -24.32 36.70 29.02
CA LEU B 260 -23.23 36.43 29.95
C LEU B 260 -23.49 36.97 31.36
N THR B 261 -23.23 36.16 32.38
CA THR B 261 -23.53 36.56 33.73
C THR B 261 -22.28 36.77 34.57
N GLU B 262 -22.30 37.84 35.35
CA GLU B 262 -21.24 38.18 36.27
C GLU B 262 -21.23 37.17 37.39
N ILE B 263 -20.06 36.59 37.68
CA ILE B 263 -20.00 35.69 38.82
C ILE B 263 -19.95 36.56 40.07
N GLN B 264 -20.56 36.11 41.17
CA GLN B 264 -20.75 36.96 42.36
C GLN B 264 -19.63 36.86 43.40
N GLN B 265 -19.22 38.01 43.91
CA GLN B 265 -17.93 38.20 44.61
C GLN B 265 -16.85 37.33 44.03
N ALA B 266 -16.66 37.49 42.73
CA ALA B 266 -15.61 36.84 42.03
C ALA B 266 -14.97 37.92 41.22
N TYR B 267 -13.65 37.98 41.32
CA TYR B 267 -12.85 38.85 40.46
C TYR B 267 -11.56 38.20 39.99
N VAL B 268 -11.05 38.67 38.85
CA VAL B 268 -9.72 38.25 38.38
C VAL B 268 -8.68 39.38 38.50
N GLN B 269 -7.69 39.11 39.34
CA GLN B 269 -6.67 40.08 39.64
C GLN B 269 -5.47 39.87 38.73
N GLU B 270 -5.12 40.87 37.91
CA GLU B 270 -3.84 40.80 37.20
C GLU B 270 -2.60 41.18 38.06
N LEU B 271 -1.49 40.48 37.86
CA LEU B 271 -0.23 40.86 38.48
C LEU B 271 0.81 41.20 37.42
N LEU B 272 1.29 42.45 37.43
CA LEU B 272 2.31 42.90 36.47
C LEU B 272 3.71 42.54 36.96
N PRO B 273 4.41 41.69 36.19
CA PRO B 273 5.72 41.18 36.55
C PRO B 273 6.81 42.15 36.15
N VAL B 274 7.83 42.19 37.01
CA VAL B 274 8.89 43.19 36.95
C VAL B 274 10.17 42.57 37.46
N SER B 275 11.23 42.56 36.67
CA SER B 275 12.47 41.89 37.14
C SER B 275 12.95 42.55 38.42
N PHE B 276 13.61 41.80 39.27
CA PHE B 276 14.02 42.37 40.53
C PHE B 276 15.39 41.88 40.94
N ASN B 277 16.02 42.57 41.87
CA ASN B 277 17.39 42.26 42.16
C ASN B 277 17.59 41.46 43.42
N ASN B 278 18.42 40.43 43.32
CA ASN B 278 18.87 39.72 44.50
C ASN B 278 20.25 39.11 44.32
N ASP B 279 21.12 39.36 45.29
CA ASP B 279 22.46 38.79 45.34
C ASP B 279 23.22 38.81 43.98
N ASN B 280 23.34 40.02 43.42
CA ASN B 280 24.09 40.27 42.18
C ASN B 280 23.49 39.73 40.89
N SER B 281 22.17 39.57 40.84
CA SER B 281 21.53 39.11 39.61
C SER B 281 20.03 39.40 39.56
N GLU B 282 19.50 39.45 38.35
CA GLU B 282 18.11 39.83 38.16
C GLU B 282 17.30 38.55 38.14
N TRP B 283 16.22 38.56 38.93
CA TRP B 283 15.30 37.44 39.02
C TRP B 283 13.92 37.88 38.60
N ILE B 284 13.12 36.90 38.21
CA ILE B 284 11.71 37.12 37.97
C ILE B 284 10.93 36.09 38.78
N SER B 285 9.81 36.50 39.37
CA SER B 285 9.02 35.61 40.23
C SER B 285 8.11 34.66 39.47
N ILE B 286 8.10 33.42 39.91
CA ILE B 286 7.31 32.38 39.27
C ILE B 286 5.98 32.10 39.98
N VAL B 287 5.01 32.95 39.63
CA VAL B 287 3.75 33.07 40.33
C VAL B 287 2.73 33.42 39.24
N PRO B 288 1.51 32.91 39.34
CA PRO B 288 0.48 33.22 38.33
C PRO B 288 0.27 34.71 38.16
N ASN B 289 0.17 35.17 36.92
CA ASN B 289 -0.13 36.59 36.62
C ASN B 289 -1.60 36.92 36.67
N PHE B 290 -2.42 35.90 36.82
CA PHE B 290 -3.85 36.08 36.94
C PHE B 290 -4.32 35.14 38.01
N VAL B 291 -4.97 35.73 39.00
CA VAL B 291 -5.46 34.95 40.09
C VAL B 291 -6.95 35.23 40.14
N LEU B 292 -7.73 34.15 40.31
CA LEU B 292 -9.17 34.27 40.48
C LEU B 292 -9.50 34.23 41.96
N ILE B 293 -10.26 35.22 42.38
CA ILE B 293 -10.79 35.20 43.74
C ILE B 293 -12.31 35.21 43.74
N ARG B 294 -12.91 34.07 44.09
CA ARG B 294 -14.35 34.02 44.28
C ARG B 294 -14.72 33.52 45.66
N ASN B 295 -15.56 34.33 46.32
CA ASN B 295 -15.81 34.23 47.74
C ASN B 295 -14.52 34.49 48.50
N THR B 296 -14.20 33.64 49.46
CA THR B 296 -13.00 33.85 50.24
C THR B 296 -11.83 33.02 49.64
N LEU B 297 -12.12 32.34 48.54
CA LEU B 297 -11.22 31.35 47.93
C LEU B 297 -10.37 31.90 46.77
N ILE B 298 -9.05 31.75 46.86
CA ILE B 298 -8.16 32.09 45.72
C ILE B 298 -7.77 30.85 44.92
N SER B 299 -7.92 30.94 43.60
CA SER B 299 -7.47 29.83 42.74
C SER B 299 -6.98 30.31 41.36
N ASN B 300 -6.39 29.35 40.61
CA ASN B 300 -5.85 29.63 39.28
C ASN B 300 -6.92 29.73 38.23
N ILE B 301 -6.66 30.47 37.16
CA ILE B 301 -7.65 30.52 36.10
C ILE B 301 -6.91 30.52 34.80
N GLU B 302 -7.46 29.81 33.81
CA GLU B 302 -6.80 29.70 32.52
C GLU B 302 -7.31 30.79 31.56
N VAL B 303 -6.80 32.01 31.69
CA VAL B 303 -7.40 33.15 30.98
C VAL B 303 -7.14 33.05 29.49
N LYS B 304 -6.06 32.35 29.14
CA LYS B 304 -5.72 32.09 27.73
C LYS B 304 -6.92 31.69 26.89
N TYR B 305 -7.90 31.04 27.50
CA TYR B 305 -9.10 30.59 26.80
C TYR B 305 -10.27 31.55 26.83
N CYS B 306 -10.15 32.64 27.60
CA CYS B 306 -11.20 33.66 27.72
C CYS B 306 -10.95 34.87 26.83
N LEU B 307 -11.73 35.91 27.03
CA LEU B 307 -11.52 37.19 26.41
C LEU B 307 -11.22 38.18 27.54
N ILE B 308 -9.98 38.63 27.63
CA ILE B 308 -9.56 39.65 28.57
C ILE B 308 -9.95 41.01 27.99
N THR B 309 -10.32 41.96 28.87
CA THR B 309 -11.00 43.19 28.48
C THR B 309 -10.88 44.20 29.61
N LYS B 310 -10.72 45.49 29.29
CA LYS B 310 -10.55 46.57 30.31
C LYS B 310 -11.28 46.27 31.64
N LYS B 311 -12.55 45.90 31.59
CA LYS B 311 -13.32 45.69 32.81
C LYS B 311 -13.49 44.21 33.23
N SER B 312 -13.44 43.28 32.28
CA SER B 312 -13.88 41.90 32.56
C SER B 312 -13.09 40.79 31.86
N VAL B 313 -12.93 39.65 32.53
CA VAL B 313 -12.52 38.42 31.89
C VAL B 313 -13.81 37.72 31.48
N ILE B 314 -13.93 37.42 30.19
CA ILE B 314 -15.15 36.79 29.66
C ILE B 314 -14.90 35.36 29.16
N CYS B 315 -15.59 34.38 29.74
CA CYS B 315 -15.30 33.00 29.44
C CYS B 315 -16.55 32.26 28.94
N ASN B 316 -16.37 31.25 28.09
CA ASN B 316 -17.50 30.43 27.69
C ASN B 316 -17.77 29.27 28.64
N GLN B 317 -16.96 29.17 29.69
CA GLN B 317 -17.18 28.21 30.77
C GLN B 317 -16.37 28.66 31.96
N ASP B 318 -16.61 28.06 33.12
CA ASP B 318 -15.74 28.28 34.25
C ASP B 318 -14.34 27.70 33.95
N TYR B 319 -13.30 28.48 34.19
CA TYR B 319 -11.95 28.02 33.93
C TYR B 319 -11.04 27.98 35.16
N ALA B 320 -11.64 27.97 36.35
CA ALA B 320 -10.90 27.85 37.59
C ALA B 320 -10.10 26.54 37.65
N THR B 321 -9.00 26.56 38.39
CA THR B 321 -8.08 25.45 38.48
C THR B 321 -7.45 25.55 39.84
N PRO B 322 -7.19 24.39 40.47
CA PRO B 322 -6.64 24.37 41.82
C PRO B 322 -5.26 24.98 41.92
N MET B 323 -4.88 25.34 43.13
CA MET B 323 -3.61 25.97 43.39
C MET B 323 -3.00 25.35 44.64
N THR B 324 -1.71 25.06 44.57
CA THR B 324 -1.04 24.45 45.71
C THR B 324 -0.94 25.43 46.87
N ALA B 325 -1.06 24.88 48.08
CA ALA B 325 -1.12 25.67 49.29
C ALA B 325 0.12 26.53 49.46
N SER B 326 1.24 26.09 48.86
CA SER B 326 2.46 26.90 48.87
C SER B 326 2.29 28.16 48.04
N VAL B 327 1.80 27.99 46.80
CA VAL B 327 1.53 29.13 45.94
C VAL B 327 0.41 30.00 46.49
N ARG B 328 -0.57 29.38 47.19
CA ARG B 328 -1.57 30.16 47.92
C ARG B 328 -0.93 31.00 49.04
N GLU B 329 -0.15 30.35 49.90
CA GLU B 329 0.59 31.05 50.98
C GLU B 329 1.47 32.20 50.46
N CYS B 330 2.22 31.90 49.40
CA CYS B 330 3.02 32.87 48.69
C CYS B 330 2.27 34.18 48.37
N LEU B 331 1.09 34.07 47.77
CA LEU B 331 0.28 35.21 47.36
C LEU B 331 -0.31 36.00 48.54
N THR B 332 -0.33 35.37 49.72
CA THR B 332 -0.95 35.96 50.89
C THR B 332 0.10 36.14 51.95
N GLY B 333 1.28 36.59 51.54
CA GLY B 333 2.31 36.95 52.50
C GLY B 333 3.64 36.22 52.43
N SER B 334 3.62 34.90 52.33
CA SER B 334 4.85 34.13 52.48
C SER B 334 5.71 34.16 51.23
N THR B 335 6.43 35.26 51.04
CA THR B 335 7.17 35.49 49.80
C THR B 335 8.33 34.52 49.66
N ASP B 336 8.80 33.99 50.79
CA ASP B 336 9.83 32.97 50.81
C ASP B 336 9.31 31.63 50.30
N LYS B 337 8.04 31.61 49.90
CA LYS B 337 7.45 30.45 49.25
C LYS B 337 7.21 30.67 47.74
N CYS B 338 7.28 31.92 47.29
CA CYS B 338 7.16 32.22 45.86
C CYS B 338 8.48 31.86 45.22
N PRO B 339 8.48 30.89 44.29
CA PRO B 339 9.72 30.52 43.59
C PRO B 339 10.21 31.61 42.64
N ARG B 340 11.51 31.66 42.37
CA ARG B 340 12.03 32.72 41.52
C ARG B 340 12.96 32.11 40.51
N GLU B 341 13.00 32.71 39.32
CA GLU B 341 13.90 32.27 38.23
C GLU B 341 14.86 33.34 37.68
N LEU B 342 16.05 32.87 37.31
CA LEU B 342 17.11 33.74 36.80
C LEU B 342 16.67 34.47 35.52
N VAL B 343 17.00 35.76 35.40
CA VAL B 343 16.67 36.48 34.16
C VAL B 343 17.88 36.55 33.27
N VAL B 344 17.75 36.08 32.04
CA VAL B 344 18.87 36.23 31.10
C VAL B 344 18.47 36.89 29.78
N SER B 345 17.27 37.43 29.69
CA SER B 345 16.89 38.18 28.52
C SER B 345 16.70 39.67 28.79
N SER B 346 17.42 40.45 27.99
CA SER B 346 17.13 41.86 27.82
C SER B 346 15.71 42.13 27.30
N HIS B 347 14.67 41.60 27.94
CA HIS B 347 13.37 41.90 27.44
C HIS B 347 12.35 41.77 28.53
N VAL B 348 12.65 40.94 29.52
CA VAL B 348 11.78 40.91 30.71
C VAL B 348 11.79 42.34 31.27
N PRO B 349 10.60 42.85 31.55
CA PRO B 349 10.37 44.22 31.94
C PRO B 349 11.07 44.63 33.25
N ARG B 350 11.40 45.92 33.34
CA ARG B 350 12.27 46.40 34.37
C ARG B 350 11.62 47.40 35.33
N PHE B 351 10.42 47.85 34.97
CA PHE B 351 9.63 48.67 35.88
C PHE B 351 8.14 48.55 35.56
N ALA B 352 7.29 48.82 36.56
CA ALA B 352 5.83 48.97 36.34
C ALA B 352 5.23 50.18 37.10
N LEU B 353 4.02 50.53 36.69
CA LEU B 353 3.28 51.61 37.33
C LEU B 353 1.96 51.12 37.90
N SER B 354 1.76 51.32 39.20
CA SER B 354 0.50 51.00 39.83
C SER B 354 0.04 52.01 40.90
N GLY B 355 -1.15 52.56 40.68
CA GLY B 355 -1.69 53.59 41.53
C GLY B 355 -1.01 54.93 41.32
N GLY B 356 -0.24 55.07 40.25
CA GLY B 356 0.47 56.32 39.96
C GLY B 356 1.83 56.34 40.65
N VAL B 357 2.12 55.23 41.32
CA VAL B 357 3.42 54.99 41.94
C VAL B 357 4.25 53.97 41.17
N LEU B 358 5.56 54.20 41.08
CA LEU B 358 6.43 53.42 40.19
C LEU B 358 7.20 52.36 40.95
N PHE B 359 7.30 51.18 40.36
CA PHE B 359 8.07 50.08 40.94
C PHE B 359 9.13 49.72 39.96
N ALA B 360 10.39 49.94 40.33
CA ALA B 360 11.47 49.97 39.34
C ALA B 360 12.71 49.24 39.77
N ASN B 361 13.34 48.54 38.81
CA ASN B 361 14.61 47.90 39.09
C ASN B 361 15.75 48.86 38.77
N CYS B 362 15.99 49.74 39.71
CA CYS B 362 16.97 50.82 39.50
C CYS B 362 18.43 50.38 39.62
N ILE B 363 18.64 49.06 39.66
CA ILE B 363 19.96 48.48 39.46
C ILE B 363 20.04 48.12 37.99
N SER B 364 19.07 47.36 37.49
CA SER B 364 19.06 47.04 36.05
C SER B 364 18.93 48.28 35.15
N VAL B 365 17.91 49.11 35.37
CA VAL B 365 17.82 50.36 34.62
C VAL B 365 18.30 51.49 35.52
N THR B 366 18.70 52.62 34.93
CA THR B 366 19.14 53.79 35.72
C THR B 366 17.99 54.77 35.86
N CYS B 367 17.65 55.09 37.10
CA CYS B 367 16.50 55.96 37.39
C CYS B 367 16.98 57.32 37.86
N GLN B 368 16.39 58.41 37.37
CA GLN B 368 16.71 59.75 37.94
C GLN B 368 15.55 60.71 38.16
N CYS B 369 15.79 61.72 38.99
CA CYS B 369 14.78 62.68 39.36
C CYS B 369 14.94 63.91 38.51
N GLN B 370 13.99 64.17 37.62
CA GLN B 370 14.09 65.38 36.77
C GLN B 370 13.99 66.64 37.62
N THR B 371 13.03 66.62 38.54
CA THR B 371 12.77 67.75 39.40
C THR B 371 14.00 68.02 40.26
N THR B 372 14.42 67.06 41.09
CA THR B 372 15.55 67.28 41.99
C THR B 372 16.94 67.09 41.38
N GLY B 373 17.01 66.80 40.09
CA GLY B 373 18.31 66.68 39.40
C GLY B 373 19.20 65.49 39.78
N ARG B 374 19.02 64.93 40.99
CA ARG B 374 19.88 63.83 41.47
C ARG B 374 19.37 62.45 41.05
N ALA B 375 20.29 61.55 40.68
CA ALA B 375 19.91 60.20 40.28
C ALA B 375 19.34 59.36 41.44
N ILE B 376 18.29 58.58 41.16
CA ILE B 376 17.68 57.69 42.14
C ILE B 376 18.45 56.38 42.08
N SER B 377 19.28 56.13 43.09
CA SER B 377 20.07 54.90 43.07
C SER B 377 19.64 53.85 44.13
N GLN B 378 19.68 52.57 43.72
CA GLN B 378 19.15 51.46 44.50
C GLN B 378 20.28 50.64 45.10
N SER B 379 20.14 50.34 46.38
CA SER B 379 21.10 49.52 47.09
C SER B 379 21.15 48.13 46.48
N GLY B 380 22.24 47.41 46.73
CA GLY B 380 22.30 45.99 46.37
C GLY B 380 21.53 45.12 47.34
N GLU B 381 21.16 45.69 48.47
CA GLU B 381 20.40 44.97 49.47
C GLU B 381 18.93 44.91 49.11
N GLN B 382 18.51 45.73 48.16
CA GLN B 382 17.08 45.79 47.86
C GLN B 382 16.70 45.25 46.50
N THR B 383 15.52 44.66 46.45
CA THR B 383 15.01 43.99 45.29
C THR B 383 14.52 44.96 44.23
N LEU B 384 13.95 46.06 44.68
CA LEU B 384 13.13 46.90 43.84
C LEU B 384 12.99 48.27 44.51
N LEU B 385 12.78 49.32 43.73
CA LEU B 385 12.43 50.58 44.37
C LEU B 385 10.97 50.91 44.14
N MET B 386 10.35 51.42 45.20
CA MET B 386 9.04 52.04 45.12
C MET B 386 9.35 53.50 45.09
N ILE B 387 9.02 54.14 43.97
CA ILE B 387 9.24 55.56 43.77
C ILE B 387 7.87 56.23 43.63
N ASP B 388 7.64 57.19 44.54
CA ASP B 388 6.42 58.02 44.57
C ASP B 388 6.73 59.49 44.82
N ASN B 389 5.69 60.31 44.90
CA ASN B 389 5.80 61.76 44.97
C ASN B 389 6.32 62.33 46.28
N THR B 390 6.89 61.47 47.12
CA THR B 390 7.51 61.92 48.36
C THR B 390 9.05 61.77 48.35
N THR B 391 9.60 61.47 47.16
CA THR B 391 11.05 61.61 46.88
C THR B 391 11.28 62.27 45.52
N CYS B 392 10.48 61.88 44.52
CA CYS B 392 10.45 62.56 43.24
C CYS B 392 9.04 62.87 42.83
N THR B 393 8.79 64.07 42.37
CA THR B 393 7.53 64.34 41.73
C THR B 393 7.63 63.86 40.31
N THR B 394 8.71 64.22 39.64
CA THR B 394 8.92 63.75 38.26
C THR B 394 10.13 62.82 38.19
N VAL B 395 9.95 61.71 37.46
CA VAL B 395 11.00 60.72 37.28
C VAL B 395 11.40 60.57 35.78
N VAL B 396 12.67 60.81 35.50
CA VAL B 396 13.30 60.45 34.24
C VAL B 396 13.77 59.02 34.40
N LEU B 397 13.32 58.16 33.47
CA LEU B 397 13.56 56.72 33.50
C LEU B 397 14.04 56.31 32.16
N GLY B 398 15.34 56.53 31.94
CA GLY B 398 15.96 56.35 30.63
C GLY B 398 15.59 57.49 29.71
N ASN B 399 14.42 57.38 29.10
CA ASN B 399 14.02 58.21 27.96
C ASN B 399 12.56 58.61 28.12
N ILE B 400 11.96 58.17 29.23
CA ILE B 400 10.53 58.37 29.52
C ILE B 400 10.42 59.20 30.80
N ILE B 401 9.71 60.33 30.73
CA ILE B 401 9.57 61.20 31.92
C ILE B 401 8.16 61.02 32.51
N ILE B 402 8.06 60.80 33.81
CA ILE B 402 6.80 60.37 34.41
C ILE B 402 6.58 60.94 35.81
N SER B 403 5.42 61.60 35.97
CA SER B 403 5.06 62.31 37.19
C SER B 403 4.25 61.41 38.10
N LEU B 404 4.60 61.42 39.39
CA LEU B 404 4.17 60.37 40.32
C LEU B 404 3.16 60.77 41.43
N GLY B 405 2.37 59.80 41.89
CA GLY B 405 1.46 60.03 42.99
C GLY B 405 2.06 59.60 44.31
N LYS B 406 1.31 59.75 45.39
CA LYS B 406 1.76 59.32 46.70
C LYS B 406 1.32 57.88 46.88
N TYR B 407 2.25 57.06 47.38
CA TYR B 407 2.01 55.66 47.66
C TYR B 407 1.09 55.46 48.89
N LEU B 408 0.02 54.69 48.70
CA LEU B 408 -0.95 54.52 49.78
C LEU B 408 -0.54 53.44 50.78
N GLY B 409 0.65 52.87 50.61
CA GLY B 409 1.11 51.81 51.51
C GLY B 409 2.17 52.27 52.48
N SER B 410 2.85 51.31 53.11
CA SER B 410 3.85 51.58 54.15
C SER B 410 4.78 52.80 53.92
N ILE B 411 4.82 53.69 54.92
CA ILE B 411 5.61 54.96 54.86
C ILE B 411 7.08 54.75 54.50
N ASN B 412 7.62 53.59 54.86
CA ASN B 412 9.00 53.24 54.51
C ASN B 412 9.13 51.84 53.92
N TYR B 413 8.51 51.68 52.76
CA TYR B 413 8.60 50.50 51.91
C TYR B 413 10.05 50.07 51.68
N ASN B 414 10.96 51.03 51.55
CA ASN B 414 12.30 50.73 51.11
C ASN B 414 13.28 50.40 52.24
N SER B 415 12.85 50.61 53.47
CA SER B 415 13.69 50.31 54.62
C SER B 415 13.53 48.86 55.01
N GLU B 416 12.34 48.30 54.77
CA GLU B 416 12.01 46.96 55.27
C GLU B 416 12.19 45.89 54.17
N SER B 417 12.97 44.86 54.50
CA SER B 417 13.43 43.88 53.51
C SER B 417 12.53 42.66 53.45
N ILE B 418 12.11 42.28 52.23
CA ILE B 418 11.35 41.01 51.93
C ILE B 418 12.30 39.81 51.97
N ALA B 419 11.79 38.64 52.34
CA ALA B 419 12.58 37.40 52.27
C ALA B 419 12.30 36.63 50.95
N VAL B 420 13.29 36.64 50.04
CA VAL B 420 13.17 36.04 48.68
C VAL B 420 13.04 34.52 48.74
N GLY B 421 12.20 33.99 47.86
CA GLY B 421 12.00 32.53 47.82
C GLY B 421 13.12 31.73 47.17
N PRO B 422 12.86 30.44 46.88
CA PRO B 422 13.88 29.56 46.30
C PRO B 422 14.01 29.74 44.78
N PRO B 423 15.24 29.58 44.26
CA PRO B 423 15.44 29.65 42.81
C PRO B 423 15.03 28.35 42.15
N VAL B 424 14.53 28.47 40.93
CA VAL B 424 14.09 27.32 40.14
C VAL B 424 14.21 27.55 38.62
N TYR B 425 14.34 26.45 37.88
CA TYR B 425 14.41 26.48 36.41
C TYR B 425 13.10 25.99 35.81
N THR B 426 12.65 26.71 34.80
CA THR B 426 11.26 26.71 34.33
C THR B 426 11.08 25.85 33.09
N ASP B 427 12.23 25.60 32.45
CA ASP B 427 12.42 24.96 31.14
C ASP B 427 12.07 23.49 31.07
N LYS B 428 11.35 23.14 30.02
CA LYS B 428 10.87 21.75 29.87
C LYS B 428 11.98 20.72 30.10
N VAL B 429 13.07 20.92 29.39
CA VAL B 429 14.24 20.08 29.48
C VAL B 429 14.91 20.13 30.84
N ASP B 430 14.73 21.23 31.56
CA ASP B 430 15.42 21.41 32.84
C ASP B 430 14.62 20.79 33.97
N ILE B 431 13.31 20.78 33.79
CA ILE B 431 12.47 20.01 34.69
C ILE B 431 12.85 18.52 34.77
N SER B 432 13.04 17.86 33.64
CA SER B 432 13.41 16.44 33.65
C SER B 432 14.76 16.20 34.33
N SER B 433 15.72 17.07 34.03
CA SER B 433 17.03 16.94 34.65
C SER B 433 16.94 17.20 36.13
N GLN B 434 16.25 18.26 36.53
CA GLN B 434 15.99 18.52 37.94
C GLN B 434 15.38 17.28 38.63
N ILE B 435 14.31 16.76 38.02
CA ILE B 435 13.63 15.57 38.54
C ILE B 435 14.58 14.40 38.67
N SER B 436 15.29 14.02 37.60
CA SER B 436 16.17 12.84 37.68
C SER B 436 17.30 13.06 38.68
N SER B 437 17.85 14.28 38.67
CA SER B 437 18.81 14.72 39.69
C SER B 437 18.29 14.44 41.12
N MET B 438 17.09 14.97 41.38
CA MET B 438 16.44 14.74 42.67
C MET B 438 16.16 13.27 42.99
N ASN B 439 15.43 12.57 42.13
CA ASN B 439 15.18 11.13 42.32
C ASN B 439 16.51 10.48 42.69
N GLN B 440 17.55 10.83 41.94
CA GLN B 440 18.90 10.37 42.26
C GLN B 440 19.25 10.67 43.72
N SER B 441 19.17 11.94 44.10
CA SER B 441 19.49 12.32 45.50
C SER B 441 18.66 11.64 46.61
N LEU B 442 17.34 11.62 46.45
CA LEU B 442 16.44 10.90 47.37
C LEU B 442 16.71 9.41 47.43
N GLN B 443 16.94 8.76 46.28
CA GLN B 443 17.32 7.33 46.28
C GLN B 443 18.67 7.11 46.98
N GLN B 444 19.63 7.96 46.64
CA GLN B 444 20.96 7.94 47.25
C GLN B 444 20.86 8.08 48.78
N SER B 445 20.02 9.01 49.25
CA SER B 445 19.83 9.17 50.69
C SER B 445 18.64 8.37 51.28
N LYS B 446 18.10 7.44 50.49
CA LYS B 446 17.09 6.51 50.98
C LYS B 446 17.72 5.16 51.33
N ASP B 447 19.04 5.08 51.16
CA ASP B 447 19.81 3.91 51.57
C ASP B 447 20.46 4.15 52.93
N TYR B 448 20.89 5.39 53.17
CA TYR B 448 21.42 5.78 54.46
C TYR B 448 20.36 5.63 55.55
N ILE B 449 19.10 5.77 55.17
CA ILE B 449 17.98 5.49 56.08
C ILE B 449 17.71 3.99 56.22
N LYS B 450 18.23 3.19 55.29
CA LYS B 450 18.21 1.73 55.45
C LYS B 450 19.45 1.25 56.22
N GLU B 451 20.47 2.11 56.33
CA GLU B 451 21.58 1.87 57.26
C GLU B 451 21.14 2.12 58.71
N ALA B 452 19.90 1.73 59.05
CA ALA B 452 19.35 1.91 60.38
C ALA B 452 18.36 0.77 60.64
N GLN B 453 18.04 0.05 59.57
CA GLN B 453 17.34 -1.24 59.67
C GLN B 453 18.27 -2.28 60.29
N LYS B 454 19.58 -2.05 60.17
CA LYS B 454 20.60 -2.87 60.82
C LYS B 454 21.30 -2.10 61.95
N ILE B 455 22.09 -1.08 61.60
CA ILE B 455 22.92 -0.31 62.55
C ILE B 455 22.16 0.64 63.52
N LEU B 456 20.89 0.31 63.78
CA LEU B 456 20.07 0.88 64.86
C LEU B 456 18.99 -0.11 65.33
N ASP B 457 18.91 -1.28 64.66
CA ASP B 457 17.99 -2.36 65.05
C ASP B 457 18.71 -3.62 65.59
N ASN B 458 19.70 -4.14 64.85
CA ASN B 458 20.54 -5.24 65.36
C ASN B 458 21.48 -4.75 66.46
N VAL B 459 22.08 -3.57 66.24
CA VAL B 459 22.88 -2.88 67.26
C VAL B 459 21.99 -2.15 68.29
N GLU B 460 20.85 -2.77 68.60
CA GLU B 460 19.96 -2.37 69.70
C GLU B 460 19.20 -3.61 70.23
N ASP B 461 19.01 -4.59 69.35
CA ASP B 461 18.58 -5.94 69.75
C ASP B 461 19.78 -6.83 70.14
N LYS B 462 21.00 -6.27 70.09
CA LYS B 462 22.18 -6.80 70.78
C LYS B 462 22.18 -6.35 72.25
N ILE B 463 21.45 -5.27 72.54
CA ILE B 463 21.22 -4.79 73.91
C ILE B 463 20.07 -5.53 74.63
N GLU B 464 19.43 -6.49 73.95
CA GLU B 464 18.49 -7.44 74.59
C GLU B 464 19.25 -8.67 75.10
N GLU B 465 20.23 -9.12 74.29
CA GLU B 465 21.19 -10.17 74.68
C GLU B 465 22.23 -9.65 75.70
N ILE B 466 22.79 -8.47 75.46
CA ILE B 466 23.68 -7.79 76.45
C ILE B 466 22.87 -7.22 77.64
N LEU B 467 21.67 -7.77 77.83
CA LEU B 467 20.79 -7.55 79.00
C LEU B 467 20.38 -8.89 79.60
N SER B 468 19.94 -9.83 78.73
CA SER B 468 19.63 -11.21 79.15
C SER B 468 20.84 -12.15 79.00
N GLY C 1 28.18 -7.09 -8.16
CA GLY C 1 27.52 -5.75 -8.01
C GLY C 1 27.24 -5.06 -9.34
N ILE C 2 28.22 -5.11 -10.25
CA ILE C 2 28.07 -4.73 -11.67
C ILE C 2 28.35 -5.95 -12.57
N LEU C 3 27.44 -6.22 -13.50
CA LEU C 3 27.63 -7.30 -14.44
C LEU C 3 28.64 -6.85 -15.46
N HIS C 4 29.53 -7.73 -15.88
CA HIS C 4 30.45 -7.33 -16.94
C HIS C 4 29.83 -7.49 -18.34
N TYR C 5 29.07 -6.45 -18.73
CA TYR C 5 28.24 -6.46 -19.95
C TYR C 5 28.97 -6.67 -21.26
N GLU C 6 30.11 -5.99 -21.46
CA GLU C 6 30.94 -6.14 -22.67
C GLU C 6 31.57 -7.56 -22.81
N LYS C 7 32.33 -7.96 -21.80
CA LYS C 7 32.87 -9.30 -21.74
C LYS C 7 31.71 -10.28 -21.98
N LEU C 8 30.57 -10.09 -21.29
CA LEU C 8 29.41 -10.95 -21.55
C LEU C 8 28.89 -10.92 -22.98
N SER C 9 28.90 -9.77 -23.64
CA SER C 9 28.34 -9.68 -25.00
C SER C 9 29.15 -10.47 -26.02
N LYS C 10 30.46 -10.57 -25.81
CA LYS C 10 31.29 -11.39 -26.69
C LYS C 10 30.94 -12.89 -26.64
N ILE C 11 30.64 -13.40 -25.43
CA ILE C 11 30.22 -14.77 -25.21
C ILE C 11 28.73 -14.97 -25.61
N GLY C 12 28.16 -13.94 -26.24
CA GLY C 12 26.85 -14.04 -26.88
C GLY C 12 25.65 -13.75 -26.03
N LEU C 13 25.89 -13.04 -24.91
CA LEU C 13 24.85 -12.50 -24.01
C LEU C 13 24.83 -10.95 -24.02
N VAL C 14 23.88 -10.36 -24.76
CA VAL C 14 23.90 -8.89 -24.95
C VAL C 14 22.92 -8.20 -23.99
N LYS C 15 23.20 -6.96 -23.52
CA LYS C 15 22.28 -6.31 -22.53
C LYS C 15 20.89 -6.16 -23.10
N GLY C 16 19.91 -6.65 -22.37
CA GLY C 16 18.52 -6.56 -22.77
C GLY C 16 18.01 -5.48 -21.89
N ILE C 17 16.70 -5.43 -21.69
CA ILE C 17 16.12 -4.39 -20.83
C ILE C 17 16.52 -4.57 -19.36
N THR C 18 16.67 -3.45 -18.66
CA THR C 18 16.70 -3.45 -17.21
C THR C 18 15.32 -3.10 -16.64
N ARG C 19 14.82 -3.97 -15.74
CA ARG C 19 13.45 -3.85 -15.22
C ARG C 19 13.31 -3.64 -13.72
N LYS C 20 12.28 -2.88 -13.39
CA LYS C 20 11.87 -2.70 -11.98
C LYS C 20 11.39 -4.05 -11.45
N TYR C 21 11.51 -4.24 -10.14
CA TYR C 21 11.11 -5.49 -9.52
C TYR C 21 9.96 -5.22 -8.59
N LYS C 22 8.80 -5.82 -8.85
CA LYS C 22 7.69 -5.55 -7.95
C LYS C 22 7.01 -6.80 -7.39
N ILE C 23 6.56 -6.72 -6.15
CA ILE C 23 5.85 -7.81 -5.50
C ILE C 23 4.59 -7.27 -4.84
N LYS C 24 3.51 -8.03 -4.85
CA LYS C 24 2.28 -7.66 -4.10
C LYS C 24 2.52 -7.53 -2.61
N SER C 25 1.70 -6.67 -1.98
CA SER C 25 1.67 -6.48 -0.52
C SER C 25 0.49 -5.60 -0.10
N ASN C 26 0.21 -5.56 1.20
CA ASN C 26 -0.92 -4.77 1.72
C ASN C 26 -2.23 -5.02 0.97
N PRO C 27 -2.85 -6.17 1.21
CA PRO C 27 -4.18 -6.40 0.67
C PRO C 27 -5.20 -5.44 1.24
N LEU C 28 -6.05 -4.89 0.38
CA LEU C 28 -7.36 -4.38 0.77
C LEU C 28 -8.38 -5.51 0.51
N THR C 29 -9.09 -5.88 1.57
CA THR C 29 -10.08 -6.96 1.59
C THR C 29 -11.50 -6.45 1.23
N LYS C 30 -12.25 -7.22 0.45
CA LYS C 30 -13.62 -6.87 0.09
C LYS C 30 -14.43 -8.15 -0.12
N ASP C 31 -15.69 -8.19 0.32
CA ASP C 31 -16.47 -9.47 0.37
C ASP C 31 -17.60 -9.68 -0.63
N ILE C 32 -17.76 -10.91 -1.08
CA ILE C 32 -18.80 -11.17 -2.10
C ILE C 32 -19.55 -12.50 -1.94
N VAL C 33 -20.83 -12.50 -2.33
CA VAL C 33 -21.60 -13.73 -2.25
C VAL C 33 -21.78 -14.36 -3.61
N ILE C 34 -21.41 -15.65 -3.71
CA ILE C 34 -21.65 -16.38 -4.96
C ILE C 34 -22.65 -17.51 -4.71
N LYS C 35 -23.80 -17.42 -5.38
CA LYS C 35 -24.87 -18.40 -5.23
C LYS C 35 -24.79 -19.42 -6.34
N MET C 36 -24.80 -20.68 -5.94
CA MET C 36 -24.46 -21.76 -6.89
C MET C 36 -25.64 -22.60 -7.41
N LYS C 37 -26.86 -22.24 -7.02
CA LYS C 37 -28.06 -22.80 -7.61
C LYS C 37 -28.91 -21.62 -8.09
N PRO C 38 -29.29 -21.61 -9.37
CA PRO C 38 -30.11 -20.53 -9.95
C PRO C 38 -31.52 -20.45 -9.36
N ASN C 39 -32.26 -19.39 -9.68
CA ASN C 39 -33.62 -19.21 -9.19
C ASN C 39 -34.63 -19.68 -10.24
N VAL C 40 -35.08 -20.92 -10.09
CA VAL C 40 -35.91 -21.57 -11.09
C VAL C 40 -37.41 -21.35 -10.88
N SER C 41 -37.75 -20.48 -9.93
CA SER C 41 -39.14 -20.21 -9.54
C SER C 41 -40.04 -19.71 -10.68
N ASN C 42 -39.45 -19.02 -11.67
CA ASN C 42 -40.19 -18.61 -12.86
C ASN C 42 -40.31 -19.73 -13.93
N VAL C 43 -39.75 -20.90 -13.65
CA VAL C 43 -39.68 -22.00 -14.61
C VAL C 43 -40.32 -23.29 -14.10
N SER C 44 -40.18 -23.55 -12.80
CA SER C 44 -40.49 -24.88 -12.21
C SER C 44 -41.93 -25.36 -12.44
N LYS C 45 -42.24 -25.52 -13.71
CA LYS C 45 -43.43 -26.22 -14.18
C LYS C 45 -42.95 -27.63 -14.50
N CYS C 46 -41.92 -27.69 -15.34
CA CYS C 46 -41.24 -28.93 -15.66
C CYS C 46 -39.82 -28.87 -15.12
N THR C 47 -39.56 -29.66 -14.09
CA THR C 47 -38.23 -29.78 -13.54
C THR C 47 -37.89 -31.25 -13.29
N GLY C 48 -38.85 -32.01 -12.75
CA GLY C 48 -38.58 -33.37 -12.29
C GLY C 48 -37.58 -33.35 -11.14
N THR C 49 -36.97 -34.49 -10.85
CA THR C 49 -36.03 -34.56 -9.73
C THR C 49 -34.62 -34.05 -10.05
N VAL C 50 -34.48 -33.17 -11.05
CA VAL C 50 -33.15 -32.68 -11.47
C VAL C 50 -32.55 -31.61 -10.55
N MET C 51 -33.43 -30.82 -9.91
CA MET C 51 -33.00 -29.92 -8.84
C MET C 51 -32.65 -30.73 -7.61
N GLU C 52 -33.50 -31.70 -7.31
CA GLU C 52 -33.31 -32.60 -6.18
C GLU C 52 -32.00 -33.34 -6.33
N ASN C 53 -31.66 -33.66 -7.58
CA ASN C 53 -30.39 -34.30 -7.92
C ASN C 53 -29.22 -33.32 -7.85
N TYR C 54 -29.28 -32.28 -8.67
CA TYR C 54 -28.26 -31.21 -8.67
C TYR C 54 -27.88 -30.75 -7.27
N LYS C 55 -28.88 -30.57 -6.40
CA LYS C 55 -28.63 -30.09 -5.04
C LYS C 55 -27.77 -31.08 -4.27
N SER C 56 -28.20 -32.34 -4.23
CA SER C 56 -27.48 -33.37 -3.49
C SER C 56 -26.14 -33.68 -4.13
N ARG C 57 -26.03 -33.44 -5.43
CA ARG C 57 -24.76 -33.54 -6.10
C ARG C 57 -23.82 -32.43 -5.64
N LEU C 58 -24.33 -31.20 -5.64
CA LEU C 58 -23.57 -30.03 -5.25
C LEU C 58 -23.11 -30.14 -3.80
N THR C 59 -24.03 -30.57 -2.93
CA THR C 59 -23.79 -30.79 -1.50
C THR C 59 -22.54 -31.64 -1.27
N GLY C 60 -22.37 -32.63 -2.15
CA GLY C 60 -21.24 -33.55 -2.12
C GLY C 60 -19.91 -32.85 -2.35
N ILE C 61 -19.88 -31.90 -3.27
CA ILE C 61 -18.62 -31.19 -3.57
C ILE C 61 -18.44 -29.99 -2.60
N LEU C 62 -19.55 -29.49 -2.06
CA LEU C 62 -19.52 -28.31 -1.18
C LEU C 62 -19.26 -28.59 0.29
N SER C 63 -19.94 -29.60 0.82
CA SER C 63 -19.88 -29.84 2.26
C SER C 63 -18.44 -29.93 2.81
N PRO C 64 -17.58 -30.73 2.13
CA PRO C 64 -16.25 -30.92 2.73
C PRO C 64 -15.48 -29.61 2.95
N ILE C 65 -15.75 -28.62 2.09
CA ILE C 65 -15.19 -27.28 2.27
C ILE C 65 -15.69 -26.76 3.61
N LYS C 66 -17.02 -26.62 3.71
CA LYS C 66 -17.66 -26.16 4.95
C LYS C 66 -16.99 -26.83 6.15
N GLY C 67 -17.10 -28.15 6.19
CA GLY C 67 -16.40 -28.93 7.21
C GLY C 67 -14.96 -28.49 7.45
N ALA C 68 -14.16 -28.37 6.39
CA ALA C 68 -12.76 -27.98 6.59
C ALA C 68 -12.63 -26.57 7.21
N ILE C 69 -13.43 -25.63 6.71
CA ILE C 69 -13.45 -24.27 7.24
C ILE C 69 -13.83 -24.28 8.72
N GLU C 70 -14.94 -24.94 9.07
CA GLU C 70 -15.43 -24.92 10.45
C GLU C 70 -14.48 -25.52 11.49
N LEU C 71 -13.55 -26.37 11.08
CA LEU C 71 -12.54 -26.86 12.02
C LEU C 71 -11.60 -25.74 12.49
N TYR C 72 -11.31 -24.79 11.63
CA TYR C 72 -10.56 -23.64 12.08
C TYR C 72 -11.42 -22.70 12.94
N ASN C 73 -12.68 -22.54 12.56
CA ASN C 73 -13.62 -21.74 13.33
C ASN C 73 -13.90 -22.28 14.73
N ASN C 74 -14.13 -23.58 14.90
CA ASN C 74 -14.16 -24.03 16.30
C ASN C 74 -12.79 -24.01 17.02
N ASN C 75 -11.70 -24.07 16.27
CA ASN C 75 -10.37 -24.20 16.86
C ASN C 75 -9.70 -22.86 17.19
N THR C 76 -10.25 -21.77 16.64
CA THR C 76 -9.74 -20.46 17.03
C THR C 76 -10.66 -19.83 18.09
N HIS C 77 -10.31 -20.05 19.37
CA HIS C 77 -11.07 -19.61 20.56
C HIS C 77 -10.46 -18.34 21.15
N ASP C 78 -10.74 -17.21 20.53
CA ASP C 78 -9.72 -16.19 20.39
C ASP C 78 -9.93 -14.83 21.04
N LEU C 79 -9.98 -13.82 20.20
CA LEU C 79 -9.93 -12.43 20.64
C LEU C 79 -8.85 -12.17 21.75
N VAL C 80 -8.05 -13.22 22.06
CA VAL C 80 -7.04 -13.24 23.16
C VAL C 80 -7.70 -12.69 24.41
N GLY C 81 -7.00 -11.76 25.08
CA GLY C 81 -7.56 -11.01 26.19
C GLY C 81 -8.81 -10.37 25.64
N ASP C 82 -9.95 -11.02 25.91
CA ASP C 82 -11.22 -10.91 25.18
C ASP C 82 -11.51 -9.85 24.10
N VAL C 83 -10.79 -8.71 24.12
CA VAL C 83 -11.06 -7.54 23.22
C VAL C 83 -10.98 -7.81 21.69
N LYS C 84 -11.98 -7.22 21.03
CA LYS C 84 -12.26 -7.44 19.61
C LYS C 84 -11.00 -7.31 18.75
N LEU C 85 -10.30 -6.13 18.86
CA LEU C 85 -9.13 -5.72 18.05
C LEU C 85 -7.75 -6.04 18.65
N ALA C 86 -7.72 -6.95 19.65
CA ALA C 86 -6.51 -7.14 20.47
C ALA C 86 -5.79 -8.43 20.15
N GLY C 87 -6.19 -9.02 19.02
CA GLY C 87 -5.59 -10.24 18.50
C GLY C 87 -6.54 -11.43 18.45
N VAL C 88 -5.98 -12.58 18.02
CA VAL C 88 -6.68 -13.85 17.79
C VAL C 88 -5.76 -15.01 18.20
N VAL C 89 -6.29 -15.96 18.99
CA VAL C 89 -5.54 -17.15 19.39
C VAL C 89 -6.03 -18.43 18.67
N MET C 90 -5.09 -19.11 18.01
CA MET C 90 -5.35 -20.37 17.34
C MET C 90 -5.02 -21.57 18.23
N ALA C 91 -5.91 -22.56 18.30
CA ALA C 91 -5.65 -23.70 19.15
C ALA C 91 -4.66 -24.67 18.51
N GLY C 92 -3.42 -24.60 18.98
CA GLY C 92 -2.34 -25.47 18.49
C GLY C 92 -2.54 -26.99 18.63
N ILE C 93 -3.05 -27.43 19.78
CA ILE C 93 -3.28 -28.85 20.01
C ILE C 93 -4.38 -29.30 19.10
N ALA C 94 -5.43 -28.49 19.00
CA ALA C 94 -6.57 -28.80 18.16
C ALA C 94 -6.20 -28.90 16.68
N ILE C 95 -5.44 -27.89 16.23
CA ILE C 95 -4.98 -27.85 14.84
C ILE C 95 -3.98 -28.95 14.52
N GLY C 96 -3.06 -29.18 15.45
CA GLY C 96 -2.14 -30.32 15.45
C GLY C 96 -0.94 -30.17 14.52
N ILE C 97 -1.20 -30.24 13.21
CA ILE C 97 -0.18 -30.29 12.18
C ILE C 97 -0.67 -29.33 11.13
N ALA C 98 0.01 -28.19 10.96
CA ALA C 98 -0.32 -27.28 9.87
C ALA C 98 0.88 -26.43 9.43
N THR C 99 0.76 -25.78 8.27
CA THR C 99 1.77 -24.78 7.87
C THR C 99 1.45 -23.36 8.28
N ALA C 100 2.53 -22.56 8.28
CA ALA C 100 2.43 -21.18 8.70
C ALA C 100 1.39 -20.52 7.83
N ALA C 101 1.49 -20.81 6.52
CA ALA C 101 0.61 -20.22 5.51
C ALA C 101 -0.85 -20.43 5.88
N GLN C 102 -1.14 -21.70 6.17
CA GLN C 102 -2.44 -22.17 6.53
C GLN C 102 -2.92 -21.51 7.81
N ILE C 103 -2.13 -21.58 8.88
CA ILE C 103 -2.47 -20.84 10.11
C ILE C 103 -2.86 -19.38 9.80
N THR C 104 -2.02 -18.69 9.02
CA THR C 104 -2.33 -17.31 8.64
C THR C 104 -3.66 -17.16 7.90
N ALA C 105 -3.86 -18.01 6.89
CA ALA C 105 -5.17 -18.08 6.26
C ALA C 105 -6.31 -18.27 7.26
N GLY C 106 -6.06 -19.09 8.29
CA GLY C 106 -7.01 -19.30 9.39
C GLY C 106 -7.29 -18.04 10.18
N VAL C 107 -6.23 -17.32 10.52
CA VAL C 107 -6.40 -16.01 11.14
C VAL C 107 -7.25 -15.09 10.24
N ALA C 108 -6.93 -15.05 8.95
CA ALA C 108 -7.72 -14.19 8.04
C ALA C 108 -9.18 -14.64 7.99
N LEU C 109 -9.37 -15.96 8.10
CA LEU C 109 -10.71 -16.55 8.13
C LEU C 109 -11.51 -16.10 9.34
N TYR C 110 -10.88 -16.28 10.52
CA TYR C 110 -11.47 -15.71 11.74
C TYR C 110 -11.79 -14.24 11.56
N GLU C 111 -10.84 -13.49 11.00
CA GLU C 111 -11.08 -12.08 10.74
C GLU C 111 -12.32 -11.88 9.85
N ALA C 112 -12.47 -12.73 8.83
CA ALA C 112 -13.67 -12.68 7.95
C ALA C 112 -14.98 -13.09 8.63
N MET C 113 -14.85 -13.88 9.69
CA MET C 113 -16.07 -14.31 10.39
C MET C 113 -17.07 -13.22 10.78
N LYS C 114 -16.55 -12.15 11.38
CA LYS C 114 -17.36 -11.01 11.86
C LYS C 114 -18.35 -10.49 10.81
N ASN C 115 -17.83 -10.20 9.62
CA ASN C 115 -18.68 -9.78 8.51
C ASN C 115 -19.45 -10.92 7.86
N ALA C 116 -18.81 -12.10 7.75
CA ALA C 116 -19.56 -13.27 7.27
C ALA C 116 -20.90 -13.43 8.03
N ASP C 117 -20.82 -13.39 9.36
CA ASP C 117 -22.01 -13.48 10.21
C ASP C 117 -23.08 -12.41 9.91
N ASN C 118 -22.63 -11.20 9.64
CA ASN C 118 -23.56 -10.12 9.29
C ASN C 118 -24.18 -10.32 7.94
N ILE C 119 -23.38 -10.80 6.97
CA ILE C 119 -23.89 -11.06 5.63
C ILE C 119 -24.91 -12.16 5.68
N ASN C 120 -24.60 -13.20 6.47
CA ASN C 120 -25.49 -14.35 6.60
C ASN C 120 -26.93 -14.06 7.02
N LYS C 121 -27.16 -12.93 7.71
CA LYS C 121 -28.50 -12.54 8.17
C LYS C 121 -29.49 -12.29 7.03
N LEU C 122 -28.97 -12.05 5.82
CA LEU C 122 -29.79 -11.78 4.65
C LEU C 122 -30.09 -13.07 3.86
N LYS C 123 -29.98 -14.19 4.56
CA LYS C 123 -30.10 -15.53 3.96
C LYS C 123 -31.37 -15.72 3.11
N SER C 124 -32.53 -15.43 3.69
CA SER C 124 -33.78 -15.58 2.96
C SER C 124 -33.88 -14.65 1.73
N SER C 125 -33.27 -13.46 1.81
CA SER C 125 -33.21 -12.57 0.65
C SER C 125 -32.19 -13.03 -0.42
N ILE C 126 -31.08 -13.64 0.00
CA ILE C 126 -30.15 -14.33 -0.94
C ILE C 126 -30.89 -15.46 -1.64
N GLU C 127 -31.60 -16.27 -0.84
CA GLU C 127 -32.37 -17.43 -1.32
C GLU C 127 -33.29 -17.15 -2.50
N SER C 128 -33.81 -15.92 -2.56
CA SER C 128 -34.84 -15.60 -3.53
C SER C 128 -34.41 -14.53 -4.50
N THR C 129 -33.11 -14.43 -4.76
CA THR C 129 -32.60 -13.45 -5.71
C THR C 129 -33.05 -13.78 -7.13
N ASN C 130 -33.60 -12.78 -7.82
CA ASN C 130 -34.21 -12.96 -9.12
C ASN C 130 -33.19 -12.98 -10.26
N GLU C 131 -32.17 -12.15 -10.15
CA GLU C 131 -31.29 -11.84 -11.26
C GLU C 131 -29.86 -12.30 -11.02
N ALA C 132 -29.08 -12.28 -12.10
CA ALA C 132 -27.71 -12.77 -12.14
C ALA C 132 -26.79 -12.09 -11.12
N VAL C 133 -26.80 -10.76 -11.10
CA VAL C 133 -26.05 -10.00 -10.10
C VAL C 133 -26.99 -9.06 -9.32
N VAL C 134 -26.97 -9.19 -8.00
CA VAL C 134 -27.87 -8.37 -7.17
C VAL C 134 -27.08 -7.59 -6.11
N LYS C 135 -27.53 -6.37 -5.86
CA LYS C 135 -26.97 -5.50 -4.84
C LYS C 135 -27.87 -5.52 -3.62
N LEU C 136 -27.32 -5.95 -2.47
CA LEU C 136 -28.13 -6.03 -1.25
C LEU C 136 -27.62 -5.09 -0.16
N GLN C 137 -28.50 -4.73 0.77
CA GLN C 137 -28.16 -3.86 1.89
C GLN C 137 -27.89 -4.65 3.16
N GLU C 138 -26.67 -4.54 3.66
CA GLU C 138 -26.27 -5.21 4.89
C GLU C 138 -26.52 -4.28 6.10
N THR C 139 -27.68 -3.63 6.07
CA THR C 139 -28.22 -2.77 7.15
C THR C 139 -27.42 -1.48 7.46
N ALA C 140 -26.12 -1.51 7.21
CA ALA C 140 -25.24 -0.42 7.62
C ALA C 140 -25.26 0.76 6.66
N GLU C 141 -25.81 0.52 5.47
CA GLU C 141 -25.50 1.30 4.25
C GLU C 141 -24.27 0.67 3.56
N LYS C 142 -23.64 -0.30 4.24
CA LYS C 142 -22.62 -1.17 3.65
C LYS C 142 -23.33 -2.20 2.78
N THR C 143 -23.11 -2.13 1.47
CA THR C 143 -23.76 -3.04 0.51
C THR C 143 -23.03 -4.38 0.38
N VAL C 144 -23.73 -5.39 -0.13
CA VAL C 144 -23.12 -6.70 -0.42
C VAL C 144 -23.72 -7.32 -1.68
N TYR C 145 -22.87 -7.88 -2.52
CA TYR C 145 -23.28 -8.38 -3.82
C TYR C 145 -23.53 -9.90 -3.88
N VAL C 146 -24.63 -10.26 -4.52
CA VAL C 146 -24.92 -11.67 -4.83
C VAL C 146 -24.84 -12.00 -6.34
N LEU C 147 -23.83 -12.77 -6.70
CA LEU C 147 -23.65 -13.28 -8.07
C LEU C 147 -24.15 -14.71 -8.13
N THR C 148 -25.22 -14.98 -8.89
CA THR C 148 -25.82 -16.32 -8.89
C THR C 148 -25.61 -17.03 -10.24
N ALA C 149 -25.08 -18.25 -10.19
CA ALA C 149 -24.79 -19.03 -11.39
C ALA C 149 -26.01 -19.37 -12.24
N LEU C 150 -25.81 -19.42 -13.56
CA LEU C 150 -26.81 -19.89 -14.54
C LEU C 150 -28.09 -19.05 -14.60
N GLN C 151 -28.22 -18.14 -13.64
CA GLN C 151 -29.40 -17.31 -13.53
C GLN C 151 -29.70 -16.57 -14.82
N ASP C 152 -28.65 -16.04 -15.45
CA ASP C 152 -28.81 -15.27 -16.68
C ASP C 152 -29.35 -16.17 -17.77
N TYR C 153 -28.73 -17.33 -17.91
CA TYR C 153 -29.16 -18.35 -18.87
C TYR C 153 -30.62 -18.63 -18.64
N ILE C 154 -30.97 -18.90 -17.39
CA ILE C 154 -32.36 -19.19 -17.02
C ILE C 154 -33.33 -18.06 -17.40
N ASN C 155 -32.98 -16.82 -17.05
CA ASN C 155 -33.83 -15.66 -17.34
C ASN C 155 -33.95 -15.32 -18.82
N THR C 156 -32.87 -15.49 -19.58
CA THR C 156 -32.87 -15.02 -20.98
C THR C 156 -32.84 -16.11 -22.09
N ASN C 157 -32.78 -17.39 -21.71
CA ASN C 157 -32.93 -18.50 -22.68
C ASN C 157 -34.18 -19.32 -22.44
N LEU C 158 -34.18 -19.99 -21.28
CA LEU C 158 -35.13 -21.03 -20.92
C LEU C 158 -36.56 -20.54 -20.78
N VAL C 159 -36.75 -19.50 -19.97
CA VAL C 159 -38.05 -18.86 -19.74
C VAL C 159 -38.62 -18.16 -21.00
N PRO C 160 -37.76 -17.45 -21.78
CA PRO C 160 -38.25 -16.92 -23.07
C PRO C 160 -38.37 -17.95 -24.20
N SER C 161 -37.83 -19.16 -24.00
CA SER C 161 -38.19 -20.27 -24.87
C SER C 161 -39.18 -21.28 -24.24
N ILE C 162 -39.72 -20.92 -23.07
CA ILE C 162 -40.61 -21.79 -22.30
C ILE C 162 -42.01 -22.02 -22.91
N ASP C 163 -42.40 -21.15 -23.84
CA ASP C 163 -43.63 -21.33 -24.58
C ASP C 163 -43.39 -22.27 -25.75
N GLN C 164 -42.42 -21.92 -26.60
CA GLN C 164 -42.08 -22.70 -27.80
C GLN C 164 -41.54 -24.09 -27.47
N ILE C 165 -40.87 -24.24 -26.34
CA ILE C 165 -40.27 -25.52 -25.97
C ILE C 165 -41.00 -26.24 -24.82
N SER C 166 -41.23 -27.55 -25.00
CA SER C 166 -42.04 -28.38 -24.09
C SER C 166 -41.31 -28.92 -22.86
N CYS C 167 -42.12 -29.44 -21.95
CA CYS C 167 -41.72 -30.03 -20.67
C CYS C 167 -40.32 -30.69 -20.57
N LYS C 168 -40.24 -31.90 -21.12
CA LYS C 168 -39.05 -32.74 -21.03
C LYS C 168 -37.81 -32.07 -21.63
N GLN C 169 -38.02 -31.31 -22.71
CA GLN C 169 -36.95 -30.57 -23.38
C GLN C 169 -36.47 -29.40 -22.51
N THR C 170 -37.41 -28.72 -21.89
CA THR C 170 -37.08 -27.62 -20.99
C THR C 170 -36.51 -28.08 -19.66
N GLU C 171 -36.76 -29.33 -19.26
CA GLU C 171 -35.99 -29.90 -18.14
C GLU C 171 -34.61 -30.45 -18.57
N LEU C 172 -34.56 -31.01 -19.78
CA LEU C 172 -33.30 -31.43 -20.40
C LEU C 172 -32.31 -30.27 -20.50
N ALA C 173 -32.76 -29.18 -21.11
CA ALA C 173 -31.96 -27.97 -21.24
C ALA C 173 -31.42 -27.48 -19.89
N LEU C 174 -32.20 -27.66 -18.83
CA LEU C 174 -31.80 -27.24 -17.50
C LEU C 174 -30.77 -28.18 -16.91
N ASP C 175 -31.14 -29.46 -16.89
CA ASP C 175 -30.25 -30.52 -16.43
C ASP C 175 -28.87 -30.40 -17.10
N LEU C 176 -28.90 -30.17 -18.41
CA LEU C 176 -27.69 -30.00 -19.21
C LEU C 176 -26.86 -28.78 -18.80
N ALA C 177 -27.52 -27.63 -18.61
CA ALA C 177 -26.84 -26.42 -18.16
C ALA C 177 -26.19 -26.67 -16.80
N LEU C 178 -27.01 -27.16 -15.86
CA LEU C 178 -26.52 -27.48 -14.52
C LEU C 178 -25.31 -28.43 -14.53
N SER C 179 -25.45 -29.55 -15.27
CA SER C 179 -24.36 -30.53 -15.35
C SER C 179 -23.11 -30.01 -16.07
N LYS C 180 -23.31 -29.19 -17.11
CA LYS C 180 -22.16 -28.49 -17.71
C LYS C 180 -21.46 -27.62 -16.69
N TYR C 181 -22.22 -26.70 -16.08
CA TYR C 181 -21.67 -25.81 -15.06
C TYR C 181 -20.91 -26.61 -13.99
N LEU C 182 -21.52 -27.70 -13.55
CA LEU C 182 -20.88 -28.61 -12.60
C LEU C 182 -19.54 -29.14 -13.14
N SER C 183 -19.57 -29.79 -14.30
CA SER C 183 -18.34 -30.32 -14.91
C SER C 183 -17.28 -29.24 -15.11
N ASP C 184 -17.70 -28.00 -15.30
CA ASP C 184 -16.75 -26.88 -15.37
C ASP C 184 -16.18 -26.45 -14.04
N LEU C 185 -17.04 -26.36 -13.00
CA LEU C 185 -16.51 -25.96 -11.71
C LEU C 185 -15.74 -27.05 -11.00
N LEU C 186 -15.99 -28.31 -11.37
CA LEU C 186 -15.43 -29.43 -10.60
C LEU C 186 -13.89 -29.47 -10.44
N PHE C 187 -13.13 -28.99 -11.42
CA PHE C 187 -11.66 -29.01 -11.30
C PHE C 187 -11.18 -28.18 -10.11
N VAL C 188 -11.55 -26.90 -10.08
CA VAL C 188 -11.17 -26.00 -9.00
C VAL C 188 -11.74 -26.40 -7.63
N PHE C 189 -13.04 -26.72 -7.59
CA PHE C 189 -13.75 -26.94 -6.32
C PHE C 189 -13.94 -28.38 -5.89
N GLY C 190 -13.41 -29.34 -6.65
CA GLY C 190 -13.57 -30.77 -6.31
C GLY C 190 -12.82 -31.25 -5.06
N PRO C 191 -12.59 -32.57 -4.97
CA PRO C 191 -11.75 -33.14 -3.88
C PRO C 191 -10.35 -32.55 -4.00
N ASN C 192 -10.20 -31.84 -5.11
CA ASN C 192 -8.97 -31.29 -5.61
C ASN C 192 -8.40 -30.18 -4.71
N LEU C 193 -9.27 -29.20 -4.40
CA LEU C 193 -9.03 -28.14 -3.42
C LEU C 193 -9.08 -28.70 -2.00
N GLN C 194 -8.04 -29.44 -1.61
CA GLN C 194 -8.06 -30.20 -0.36
C GLN C 194 -7.82 -29.31 0.83
N ASP C 195 -7.16 -28.19 0.58
CA ASP C 195 -6.91 -27.18 1.60
C ASP C 195 -7.61 -25.84 1.27
N PRO C 196 -8.85 -25.64 1.78
CA PRO C 196 -9.62 -24.42 1.47
C PRO C 196 -9.35 -23.24 2.44
N VAL C 197 -8.65 -23.58 3.52
CA VAL C 197 -8.16 -22.57 4.45
C VAL C 197 -6.83 -22.06 3.87
N SER C 198 -6.97 -21.28 2.79
CA SER C 198 -5.85 -20.67 2.08
C SER C 198 -6.28 -19.38 1.35
N ASN C 199 -5.31 -18.56 0.99
CA ASN C 199 -5.62 -17.43 0.12
C ASN C 199 -4.62 -17.39 -1.01
N SER C 200 -4.59 -18.50 -1.74
CA SER C 200 -3.76 -18.67 -2.92
C SER C 200 -4.65 -18.63 -4.09
N MET C 201 -5.70 -19.42 -4.08
CA MET C 201 -6.71 -19.38 -5.12
C MET C 201 -6.81 -18.03 -5.77
N THR C 202 -6.59 -18.01 -7.08
CA THR C 202 -6.69 -16.77 -7.82
C THR C 202 -8.17 -16.45 -8.08
N ILE C 203 -8.46 -15.16 -8.17
CA ILE C 203 -9.84 -14.72 -8.36
C ILE C 203 -10.43 -15.26 -9.67
N GLN C 204 -9.60 -15.35 -10.69
CA GLN C 204 -9.98 -16.04 -11.91
C GLN C 204 -10.51 -17.41 -11.54
N ALA C 205 -9.65 -18.24 -10.90
CA ALA C 205 -10.00 -19.60 -10.48
C ALA C 205 -11.30 -19.66 -9.64
N ILE C 206 -11.39 -18.79 -8.63
CA ILE C 206 -12.62 -18.71 -7.85
C ILE C 206 -13.82 -18.46 -8.78
N SER C 207 -13.68 -17.52 -9.71
CA SER C 207 -14.80 -17.12 -10.59
C SER C 207 -15.40 -18.28 -11.42
N GLN C 208 -14.66 -19.38 -11.49
CA GLN C 208 -15.19 -20.63 -12.02
C GLN C 208 -16.58 -20.97 -11.49
N ALA C 209 -16.85 -20.59 -10.23
CA ALA C 209 -18.15 -20.78 -9.62
C ALA C 209 -19.19 -19.83 -10.19
N PHE C 210 -18.74 -18.68 -10.70
CA PHE C 210 -19.63 -17.78 -11.45
C PHE C 210 -19.39 -17.88 -12.97
N GLY C 211 -18.78 -18.98 -13.39
CA GLY C 211 -18.72 -19.36 -14.80
C GLY C 211 -17.59 -18.71 -15.52
N GLY C 212 -16.50 -18.48 -14.79
CA GLY C 212 -15.28 -17.86 -15.32
C GLY C 212 -15.34 -16.35 -15.49
N ASN C 213 -16.49 -15.74 -15.25
CA ASN C 213 -16.66 -14.32 -15.47
C ASN C 213 -16.10 -13.51 -14.31
N TYR C 214 -14.77 -13.55 -14.15
CA TYR C 214 -14.10 -12.79 -13.08
C TYR C 214 -14.13 -11.27 -13.30
N GLU C 215 -14.35 -10.89 -14.56
CA GLU C 215 -14.54 -9.49 -14.92
C GLU C 215 -15.66 -8.82 -14.13
N THR C 216 -16.88 -9.34 -14.25
CA THR C 216 -18.04 -8.83 -13.51
C THR C 216 -17.80 -8.87 -11.99
N LEU C 217 -17.27 -10.01 -11.53
CA LEU C 217 -16.94 -10.20 -10.10
C LEU C 217 -16.04 -9.08 -9.60
N LEU C 218 -14.99 -8.77 -10.36
CA LEU C 218 -14.11 -7.67 -9.98
C LEU C 218 -14.80 -6.30 -10.13
N ARG C 219 -15.52 -6.11 -11.22
CA ARG C 219 -16.15 -4.85 -11.56
C ARG C 219 -17.24 -4.43 -10.55
N THR C 220 -18.00 -5.39 -10.00
CA THR C 220 -19.00 -5.02 -8.96
C THR C 220 -18.36 -4.56 -7.64
N LEU C 221 -17.14 -5.02 -7.38
CA LEU C 221 -16.38 -4.56 -6.22
C LEU C 221 -15.62 -3.27 -6.49
N GLY C 222 -14.92 -3.16 -7.62
CA GLY C 222 -14.11 -1.96 -7.94
C GLY C 222 -12.70 -2.01 -7.39
N ASP C 227 -3.56 -0.37 -13.01
CA ASP C 227 -2.77 -1.22 -12.13
C ASP C 227 -3.55 -2.52 -11.83
N PHE C 228 -4.79 -2.55 -12.32
CA PHE C 228 -5.80 -3.60 -12.10
C PHE C 228 -5.36 -4.85 -12.89
N ASP C 229 -5.11 -4.64 -14.18
CA ASP C 229 -4.64 -5.68 -15.08
C ASP C 229 -3.29 -6.28 -14.69
N ASP C 230 -2.36 -5.44 -14.27
CA ASP C 230 -1.05 -5.92 -13.84
C ASP C 230 -1.16 -6.78 -12.60
N LEU C 231 -2.08 -6.44 -11.71
CA LEU C 231 -2.35 -7.26 -10.53
C LEU C 231 -2.92 -8.55 -11.03
N LEU C 232 -3.99 -8.43 -11.80
CA LEU C 232 -4.72 -9.58 -12.32
C LEU C 232 -3.84 -10.62 -13.04
N GLU C 233 -2.92 -10.15 -13.88
CA GLU C 233 -2.08 -11.02 -14.64
C GLU C 233 -0.82 -11.44 -13.91
N SER C 234 -0.74 -11.22 -12.62
CA SER C 234 0.38 -11.76 -11.87
C SER C 234 -0.19 -12.79 -10.95
N ASP C 235 -1.49 -13.06 -11.13
CA ASP C 235 -2.30 -13.78 -10.15
C ASP C 235 -1.97 -13.26 -8.76
N SER C 236 -2.32 -12.01 -8.50
CA SER C 236 -2.08 -11.41 -7.21
C SER C 236 -3.40 -11.07 -6.56
N ILE C 237 -4.46 -11.05 -7.38
CA ILE C 237 -5.82 -10.94 -6.85
C ILE C 237 -6.36 -12.34 -6.46
N THR C 238 -6.39 -12.64 -5.17
CA THR C 238 -6.82 -13.95 -4.72
C THR C 238 -8.15 -13.97 -3.94
N GLY C 239 -8.76 -15.15 -3.86
CA GLY C 239 -10.01 -15.32 -3.12
C GLY C 239 -9.86 -16.36 -2.04
N GLN C 240 -10.56 -16.13 -0.93
CA GLN C 240 -10.63 -17.12 0.15
C GLN C 240 -12.09 -17.39 0.42
N ILE C 241 -12.46 -18.69 0.43
CA ILE C 241 -13.83 -19.11 0.80
C ILE C 241 -13.97 -19.05 2.30
N VAL C 242 -14.88 -18.20 2.77
CA VAL C 242 -15.01 -17.96 4.22
C VAL C 242 -16.31 -18.44 4.88
N TYR C 243 -17.29 -18.80 4.07
CA TYR C 243 -18.50 -19.45 4.57
C TYR C 243 -19.31 -20.15 3.49
N VAL C 244 -19.81 -21.35 3.82
CA VAL C 244 -20.58 -22.20 2.93
C VAL C 244 -21.96 -22.41 3.53
N ASP C 245 -23.03 -22.07 2.79
CA ASP C 245 -24.40 -22.37 3.22
C ASP C 245 -25.03 -23.50 2.40
N LEU C 246 -25.28 -24.62 3.07
CA LEU C 246 -25.70 -25.86 2.39
C LEU C 246 -27.18 -26.01 2.10
N SER C 247 -28.02 -25.19 2.75
CA SER C 247 -29.47 -25.19 2.46
C SER C 247 -29.86 -24.16 1.38
N SER C 248 -29.12 -23.05 1.33
CA SER C 248 -29.35 -22.00 0.35
C SER C 248 -28.43 -22.11 -0.86
N TYR C 249 -27.33 -22.85 -0.69
CA TYR C 249 -26.38 -23.12 -1.75
C TYR C 249 -25.71 -21.83 -2.25
N TYR C 250 -25.03 -21.19 -1.31
CA TYR C 250 -24.21 -20.04 -1.60
C TYR C 250 -22.91 -20.08 -0.83
N ILE C 251 -21.92 -19.32 -1.31
CA ILE C 251 -20.67 -19.14 -0.58
C ILE C 251 -20.37 -17.66 -0.39
N ILE C 252 -19.66 -17.35 0.69
CA ILE C 252 -19.03 -16.02 0.85
C ILE C 252 -17.53 -16.09 0.56
N VAL C 253 -17.07 -15.23 -0.34
CA VAL C 253 -15.66 -15.12 -0.66
C VAL C 253 -15.09 -13.78 -0.22
N ARG C 254 -13.96 -13.85 0.47
CA ARG C 254 -13.19 -12.67 0.84
C ARG C 254 -12.21 -12.53 -0.29
N VAL C 255 -12.22 -11.37 -0.92
CA VAL C 255 -11.30 -11.14 -2.04
C VAL C 255 -10.16 -10.28 -1.53
N TYR C 256 -8.92 -10.69 -1.79
CA TYR C 256 -7.76 -9.97 -1.31
C TYR C 256 -7.15 -9.16 -2.43
N PHE C 257 -7.48 -7.89 -2.48
CA PHE C 257 -7.08 -7.06 -3.58
C PHE C 257 -5.85 -6.26 -3.12
N PRO C 258 -4.64 -6.67 -3.50
CA PRO C 258 -3.48 -5.98 -2.94
C PRO C 258 -3.00 -4.84 -3.81
N ILE C 259 -1.80 -4.37 -3.50
CA ILE C 259 -1.16 -3.31 -4.22
C ILE C 259 0.24 -3.83 -4.44
N LEU C 260 0.97 -3.29 -5.39
CA LEU C 260 2.29 -3.85 -5.63
C LEU C 260 3.43 -2.89 -5.37
N THR C 261 4.43 -3.36 -4.63
CA THR C 261 5.51 -2.47 -4.27
C THR C 261 6.84 -2.73 -4.98
N GLU C 262 7.48 -1.62 -5.40
CA GLU C 262 8.80 -1.65 -6.00
C GLU C 262 9.83 -2.07 -4.95
N ILE C 263 10.57 -3.12 -5.22
CA ILE C 263 11.65 -3.49 -4.29
C ILE C 263 12.78 -2.49 -4.46
N GLN C 264 13.54 -2.25 -3.40
CA GLN C 264 14.47 -1.11 -3.43
C GLN C 264 15.91 -1.51 -3.77
N GLN C 265 16.59 -0.64 -4.52
CA GLN C 265 17.74 -1.06 -5.38
C GLN C 265 17.66 -2.55 -5.82
N ALA C 266 16.57 -2.89 -6.50
CA ALA C 266 16.47 -4.19 -7.04
C ALA C 266 16.00 -4.00 -8.44
N TYR C 267 16.64 -4.71 -9.37
CA TYR C 267 16.27 -4.72 -10.75
C TYR C 267 16.50 -6.07 -11.34
N VAL C 268 15.76 -6.36 -12.40
CA VAL C 268 15.93 -7.60 -13.17
C VAL C 268 16.47 -7.27 -14.58
N GLN C 269 17.67 -7.77 -14.81
CA GLN C 269 18.35 -7.52 -16.05
C GLN C 269 18.06 -8.62 -17.03
N GLU C 270 17.49 -8.32 -18.20
CA GLU C 270 17.47 -9.33 -19.30
C GLU C 270 18.81 -9.45 -20.11
N LEU C 271 19.13 -10.66 -20.54
CA LEU C 271 20.29 -10.90 -21.37
C LEU C 271 19.77 -11.53 -22.66
N LEU C 272 19.96 -10.86 -23.80
CA LEU C 272 19.52 -11.46 -25.06
C LEU C 272 20.61 -12.37 -25.60
N PRO C 273 20.24 -13.64 -25.88
CA PRO C 273 21.21 -14.65 -26.24
C PRO C 273 21.33 -14.64 -27.74
N VAL C 274 22.56 -14.94 -28.21
CA VAL C 274 22.97 -14.82 -29.61
C VAL C 274 23.99 -15.92 -29.86
N SER C 275 23.79 -16.77 -30.89
CA SER C 275 24.77 -17.85 -31.14
C SER C 275 26.10 -17.24 -31.49
N PHE C 276 27.20 -17.88 -31.11
CA PHE C 276 28.50 -17.28 -31.35
C PHE C 276 29.51 -18.30 -31.83
N ASN C 277 30.58 -17.85 -32.46
CA ASN C 277 31.53 -18.76 -33.08
C ASN C 277 32.77 -19.11 -32.27
N ASN C 278 33.09 -20.39 -32.21
CA ASN C 278 34.35 -20.85 -31.66
C ASN C 278 34.80 -22.16 -32.31
N ASP C 279 36.07 -22.22 -32.69
CA ASP C 279 36.73 -23.39 -33.23
C ASP C 279 35.87 -24.22 -34.24
N ASN C 280 35.37 -23.54 -35.26
CA ASN C 280 34.62 -24.14 -36.34
C ASN C 280 33.21 -24.60 -36.03
N SER C 281 32.58 -23.99 -35.03
CA SER C 281 31.20 -24.34 -34.73
C SER C 281 30.47 -23.25 -33.94
N GLU C 282 29.14 -23.30 -33.97
CA GLU C 282 28.31 -22.33 -33.30
C GLU C 282 27.95 -22.83 -31.92
N TRP C 283 28.16 -21.96 -30.95
CA TRP C 283 27.83 -22.25 -29.58
C TRP C 283 26.83 -21.25 -29.04
N ILE C 284 26.12 -21.67 -28.00
CA ILE C 284 25.25 -20.78 -27.26
C ILE C 284 25.66 -20.85 -25.80
N SER C 285 25.59 -19.73 -25.10
CA SER C 285 26.08 -19.67 -23.73
C SER C 285 25.01 -20.11 -22.73
N ILE C 286 25.43 -20.91 -21.75
CA ILE C 286 24.51 -21.50 -20.77
C ILE C 286 24.58 -20.68 -19.46
N VAL C 287 23.80 -19.60 -19.46
CA VAL C 287 23.85 -18.59 -18.45
C VAL C 287 22.42 -18.08 -18.35
N PRO C 288 21.97 -17.73 -17.13
CA PRO C 288 20.60 -17.24 -16.97
C PRO C 288 20.25 -16.03 -17.83
N ASN C 289 19.10 -16.02 -18.50
CA ASN C 289 18.65 -14.87 -19.29
C ASN C 289 18.07 -13.72 -18.46
N PHE C 290 17.84 -14.00 -17.19
CA PHE C 290 17.28 -13.06 -16.30
C PHE C 290 18.05 -13.20 -14.99
N VAL C 291 18.60 -12.07 -14.56
CA VAL C 291 19.41 -11.98 -13.38
C VAL C 291 18.78 -10.91 -12.52
N LEU C 292 18.61 -11.22 -11.23
CA LEU C 292 18.07 -10.25 -10.30
C LEU C 292 19.24 -9.69 -9.56
N ILE C 293 19.26 -8.36 -9.47
CA ILE C 293 20.27 -7.69 -8.67
C ILE C 293 19.52 -6.85 -7.68
N ARG C 294 19.62 -7.20 -6.40
CA ARG C 294 19.12 -6.34 -5.32
C ARG C 294 20.18 -6.09 -4.26
N ASN C 295 20.35 -4.82 -3.97
CA ASN C 295 21.51 -4.34 -3.25
C ASN C 295 22.78 -4.64 -4.04
N THR C 296 23.78 -5.21 -3.38
CA THR C 296 25.02 -5.46 -4.09
C THR C 296 25.05 -6.93 -4.55
N LEU C 297 23.94 -7.62 -4.32
CA LEU C 297 23.82 -9.07 -4.48
C LEU C 297 23.17 -9.51 -5.80
N ILE C 298 23.85 -10.39 -6.54
CA ILE C 298 23.28 -10.92 -7.79
C ILE C 298 22.77 -12.35 -7.59
N SER C 299 21.52 -12.61 -7.99
CA SER C 299 20.97 -13.96 -7.84
C SER C 299 19.96 -14.27 -8.91
N ASN C 300 19.58 -15.55 -9.00
CA ASN C 300 18.65 -15.98 -10.00
C ASN C 300 17.25 -15.59 -9.66
N ILE C 301 16.37 -15.55 -10.64
CA ILE C 301 14.96 -15.28 -10.39
C ILE C 301 14.11 -16.11 -11.34
N GLU C 302 13.03 -16.70 -10.85
CA GLU C 302 12.15 -17.53 -11.68
C GLU C 302 11.00 -16.72 -12.31
N VAL C 303 11.34 -16.00 -13.38
CA VAL C 303 10.42 -15.01 -14.01
C VAL C 303 9.22 -15.70 -14.65
N LYS C 304 9.41 -16.95 -14.98
CA LYS C 304 8.34 -17.78 -15.54
C LYS C 304 7.02 -17.63 -14.75
N TYR C 305 7.14 -17.36 -13.45
CA TYR C 305 5.98 -17.28 -12.59
C TYR C 305 5.41 -15.88 -12.47
N CYS C 306 6.17 -14.88 -12.96
CA CYS C 306 5.85 -13.49 -12.84
C CYS C 306 5.12 -12.92 -14.05
N LEU C 307 4.94 -11.61 -14.10
CA LEU C 307 4.44 -10.97 -15.29
C LEU C 307 5.56 -10.02 -15.74
N ILE C 308 6.16 -10.33 -16.89
CA ILE C 308 7.21 -9.51 -17.53
C ILE C 308 6.51 -8.41 -18.32
N THR C 309 7.12 -7.24 -18.38
CA THR C 309 6.42 -6.03 -18.85
C THR C 309 7.43 -4.92 -19.14
N LYS C 310 7.20 -4.13 -20.20
CA LYS C 310 8.22 -3.17 -20.71
C LYS C 310 9.10 -2.62 -19.57
N LYS C 311 8.47 -2.18 -18.48
CA LYS C 311 9.20 -1.51 -17.40
C LYS C 311 9.53 -2.39 -16.17
N SER C 312 8.72 -3.43 -15.94
CA SER C 312 8.80 -4.13 -14.65
C SER C 312 8.57 -5.64 -14.75
N VAL C 313 9.20 -6.39 -13.84
CA VAL C 313 8.84 -7.78 -13.53
C VAL C 313 7.92 -7.74 -12.30
N ILE C 314 6.72 -8.31 -12.46
CA ILE C 314 5.69 -8.20 -11.43
C ILE C 314 5.33 -9.57 -10.87
N CYS C 315 5.64 -9.82 -9.60
CA CYS C 315 5.44 -11.12 -9.01
C CYS C 315 4.51 -11.12 -7.80
N ASN C 316 3.84 -12.25 -7.55
CA ASN C 316 2.97 -12.33 -6.40
C ASN C 316 3.74 -12.82 -5.17
N GLN C 317 5.04 -13.03 -5.35
CA GLN C 317 5.94 -13.28 -4.25
C GLN C 317 7.35 -13.00 -4.68
N ASP C 318 8.29 -13.09 -3.75
CA ASP C 318 9.69 -12.99 -4.07
C ASP C 318 10.07 -14.30 -4.70
N TYR C 319 10.73 -14.23 -5.84
CA TYR C 319 11.10 -15.46 -6.58
C TYR C 319 12.61 -15.65 -6.72
N ALA C 320 13.37 -14.93 -5.89
CA ALA C 320 14.83 -15.03 -5.90
C ALA C 320 15.27 -16.45 -5.63
N THR C 321 16.39 -16.84 -6.23
CA THR C 321 16.95 -18.18 -6.04
C THR C 321 18.47 -18.07 -6.07
N PRO C 322 19.16 -18.85 -5.21
CA PRO C 322 20.62 -18.76 -5.10
C PRO C 322 21.36 -19.09 -6.40
N MET C 323 22.60 -18.65 -6.49
CA MET C 323 23.36 -18.84 -7.69
C MET C 323 24.77 -19.28 -7.31
N THR C 324 25.28 -20.29 -8.00
CA THR C 324 26.62 -20.77 -7.69
C THR C 324 27.68 -19.72 -8.02
N ALA C 325 28.74 -19.73 -7.20
CA ALA C 325 29.80 -18.72 -7.29
C ALA C 325 30.50 -18.70 -8.64
N SER C 326 30.45 -19.83 -9.33
CA SER C 326 30.98 -19.93 -10.68
C SER C 326 30.13 -19.13 -11.67
N VAL C 327 28.81 -19.34 -11.63
CA VAL C 327 27.90 -18.57 -12.48
C VAL C 327 27.88 -17.09 -12.09
N ARG C 328 28.03 -16.82 -10.78
CA ARG C 328 28.24 -15.43 -10.34
C ARG C 328 29.48 -14.86 -11.00
N GLU C 329 30.64 -15.50 -10.77
CA GLU C 329 31.93 -15.10 -11.38
C GLU C 329 31.88 -14.89 -12.89
N CYS C 330 31.29 -15.86 -13.59
CA CYS C 330 30.96 -15.77 -15.00
C CYS C 330 30.29 -14.44 -15.43
N LEU C 331 29.27 -14.01 -14.70
CA LEU C 331 28.51 -12.79 -15.06
C LEU C 331 29.27 -11.47 -14.73
N THR C 332 30.33 -11.60 -13.96
CA THR C 332 31.07 -10.45 -13.50
C THR C 332 32.51 -10.58 -13.96
N GLY C 333 32.66 -11.02 -15.22
CA GLY C 333 33.97 -11.06 -15.86
C GLY C 333 34.49 -12.40 -16.35
N SER C 334 34.51 -13.42 -15.49
CA SER C 334 35.19 -14.68 -15.78
C SER C 334 34.46 -15.51 -16.85
N THR C 335 34.59 -15.15 -18.11
CA THR C 335 33.80 -15.79 -19.15
C THR C 335 34.22 -17.23 -19.36
N ASP C 336 35.43 -17.54 -18.90
CA ASP C 336 35.96 -18.89 -18.99
C ASP C 336 35.25 -19.77 -17.98
N LYS C 337 34.33 -19.18 -17.22
CA LYS C 337 33.51 -19.93 -16.28
C LYS C 337 32.08 -20.06 -16.76
N CYS C 338 31.70 -19.33 -17.80
CA CYS C 338 30.37 -19.46 -18.37
C CYS C 338 30.35 -20.71 -19.24
N PRO C 339 29.52 -21.72 -18.89
CA PRO C 339 29.51 -22.90 -19.74
C PRO C 339 28.86 -22.60 -21.11
N ARG C 340 29.22 -23.37 -22.13
CA ARG C 340 28.67 -23.19 -23.47
C ARG C 340 28.21 -24.50 -24.08
N GLU C 341 27.19 -24.44 -24.93
CA GLU C 341 26.65 -25.66 -25.55
C GLU C 341 26.64 -25.52 -27.07
N LEU C 342 26.91 -26.63 -27.75
CA LEU C 342 26.85 -26.74 -29.19
C LEU C 342 25.47 -26.38 -29.78
N VAL C 343 25.46 -25.68 -30.91
CA VAL C 343 24.20 -25.26 -31.55
C VAL C 343 23.92 -26.14 -32.73
N VAL C 344 22.76 -26.79 -32.77
CA VAL C 344 22.44 -27.65 -33.92
C VAL C 344 21.07 -27.38 -34.51
N SER C 345 20.43 -26.30 -34.08
CA SER C 345 19.20 -25.86 -34.70
C SER C 345 19.32 -24.54 -35.44
N SER C 346 18.98 -24.57 -36.72
CA SER C 346 18.63 -23.37 -37.47
C SER C 346 17.48 -22.51 -36.83
N HIS C 347 17.56 -22.21 -35.55
CA HIS C 347 16.54 -21.40 -34.99
C HIS C 347 17.13 -20.54 -33.87
N VAL C 348 18.18 -21.04 -33.24
CA VAL C 348 18.77 -20.21 -32.19
C VAL C 348 19.22 -18.99 -32.94
N PRO C 349 18.94 -17.81 -32.37
CA PRO C 349 19.17 -16.47 -32.94
C PRO C 349 20.64 -16.15 -33.30
N ARG C 350 20.80 -15.38 -34.36
CA ARG C 350 22.12 -15.20 -34.89
C ARG C 350 22.67 -13.75 -34.73
N PHE C 351 21.81 -12.82 -34.33
CA PHE C 351 22.24 -11.47 -34.02
C PHE C 351 21.27 -10.78 -33.07
N ALA C 352 21.75 -9.73 -32.39
CA ALA C 352 20.88 -8.90 -31.54
C ALA C 352 21.28 -7.45 -31.58
N LEU C 353 20.38 -6.58 -31.11
CA LEU C 353 20.60 -5.15 -31.12
C LEU C 353 20.47 -4.59 -29.72
N SER C 354 21.52 -3.92 -29.27
CA SER C 354 21.54 -3.24 -27.97
C SER C 354 22.30 -1.88 -27.97
N GLY C 355 21.53 -0.86 -27.61
CA GLY C 355 21.99 0.52 -27.64
C GLY C 355 22.11 1.09 -29.06
N GLY C 356 21.48 0.41 -30.04
CA GLY C 356 21.51 0.81 -31.41
C GLY C 356 22.74 0.25 -32.07
N VAL C 357 23.51 -0.52 -31.31
CA VAL C 357 24.65 -1.22 -31.88
C VAL C 357 24.41 -2.71 -32.06
N LEU C 358 24.89 -3.27 -33.16
CA LEU C 358 24.54 -4.65 -33.49
C LEU C 358 25.59 -5.69 -33.05
N PHE C 359 25.13 -6.80 -32.51
CA PHE C 359 26.02 -7.91 -32.18
C PHE C 359 25.61 -9.07 -33.01
N ALA C 360 26.49 -9.49 -33.92
CA ALA C 360 26.09 -10.47 -34.93
C ALA C 360 27.06 -11.60 -35.09
N ASN C 361 26.54 -12.78 -35.41
CA ASN C 361 27.39 -13.90 -35.81
C ASN C 361 27.58 -13.95 -37.32
N CYS C 362 28.55 -13.15 -37.81
CA CYS C 362 28.79 -12.93 -39.22
C CYS C 362 29.58 -14.05 -39.90
N ILE C 363 29.77 -15.14 -39.16
CA ILE C 363 30.16 -16.42 -39.72
C ILE C 363 28.87 -17.18 -40.07
N SER C 364 28.00 -17.38 -39.10
CA SER C 364 26.72 -18.02 -39.35
C SER C 364 25.80 -17.29 -40.32
N VAL C 365 25.51 -16.02 -40.09
CA VAL C 365 24.81 -15.22 -41.11
C VAL C 365 25.79 -14.37 -41.93
N THR C 366 25.36 -13.87 -43.09
CA THR C 366 26.25 -13.04 -43.90
C THR C 366 25.87 -11.57 -43.74
N CYS C 367 26.82 -10.76 -43.29
CA CYS C 367 26.54 -9.37 -42.96
C CYS C 367 27.10 -8.45 -44.04
N GLN C 368 26.34 -7.43 -44.47
CA GLN C 368 27.02 -6.43 -45.32
C GLN C 368 26.66 -4.96 -45.08
N CYS C 369 27.56 -4.10 -45.53
CA CYS C 369 27.47 -2.66 -45.42
C CYS C 369 26.78 -2.07 -46.63
N GLN C 370 25.54 -1.57 -46.44
CA GLN C 370 24.82 -1.01 -47.58
C GLN C 370 25.54 0.24 -48.04
N THR C 371 25.92 1.03 -47.06
CA THR C 371 26.50 2.31 -47.33
C THR C 371 27.81 2.14 -48.07
N THR C 372 28.77 1.43 -47.47
CA THR C 372 30.09 1.23 -48.09
C THR C 372 30.19 0.08 -49.11
N GLY C 373 29.07 -0.59 -49.39
CA GLY C 373 29.02 -1.63 -50.40
C GLY C 373 29.90 -2.86 -50.20
N ARG C 374 30.77 -2.85 -49.18
CA ARG C 374 31.63 -4.02 -48.92
C ARG C 374 31.08 -4.94 -47.84
N ALA C 375 31.17 -6.26 -48.02
CA ALA C 375 30.66 -7.21 -47.04
C ALA C 375 31.43 -7.17 -45.72
N ILE C 376 30.70 -7.34 -44.63
CA ILE C 376 31.28 -7.35 -43.28
C ILE C 376 31.66 -8.78 -43.00
N SER C 377 32.94 -9.12 -43.13
CA SER C 377 33.28 -10.49 -42.82
C SER C 377 34.04 -10.72 -41.51
N GLN C 378 33.77 -11.84 -40.86
CA GLN C 378 34.23 -12.12 -39.49
C GLN C 378 35.28 -13.20 -39.49
N SER C 379 36.36 -12.94 -38.77
CA SER C 379 37.44 -13.91 -38.66
C SER C 379 36.94 -15.17 -38.00
N GLY C 380 37.69 -16.25 -38.16
CA GLY C 380 37.38 -17.47 -37.44
C GLY C 380 37.93 -17.41 -36.04
N GLU C 381 38.84 -16.47 -35.81
CA GLU C 381 39.36 -16.22 -34.49
C GLU C 381 38.37 -15.53 -33.55
N GLN C 382 37.30 -14.96 -34.10
CA GLN C 382 36.41 -14.20 -33.27
C GLN C 382 35.02 -14.83 -33.11
N THR C 383 34.41 -14.55 -31.95
CA THR C 383 33.15 -15.14 -31.52
C THR C 383 31.95 -14.45 -32.16
N LEU C 384 32.09 -13.15 -32.35
CA LEU C 384 30.95 -12.31 -32.59
C LEU C 384 31.43 -10.96 -33.09
N LEU C 385 30.66 -10.30 -33.94
CA LEU C 385 31.07 -8.96 -34.35
C LEU C 385 30.18 -7.97 -33.66
N MET C 386 30.82 -6.92 -33.15
CA MET C 386 30.11 -5.75 -32.71
C MET C 386 30.22 -4.83 -33.87
N ILE C 387 29.08 -4.48 -34.46
CA ILE C 387 28.97 -3.58 -35.60
C ILE C 387 28.21 -2.32 -35.17
N ASP C 388 28.87 -1.17 -35.30
CA ASP C 388 28.31 0.14 -34.96
C ASP C 388 28.55 1.11 -36.10
N ASN C 389 27.94 2.30 -35.98
CA ASN C 389 27.97 3.28 -37.09
C ASN C 389 29.35 3.77 -37.55
N THR C 390 30.38 3.43 -36.80
CA THR C 390 31.73 3.78 -37.16
C THR C 390 32.39 2.73 -38.07
N THR C 391 31.59 1.86 -38.68
CA THR C 391 32.06 1.04 -39.82
C THR C 391 30.95 0.98 -40.86
N CYS C 392 29.71 0.75 -40.40
CA CYS C 392 28.50 0.84 -41.22
C CYS C 392 27.46 1.75 -40.61
N THR C 393 26.92 2.65 -41.40
CA THR C 393 25.78 3.39 -40.94
C THR C 393 24.59 2.50 -41.15
N THR C 394 24.49 1.95 -42.36
CA THR C 394 23.40 1.04 -42.65
C THR C 394 23.92 -0.39 -42.84
N VAL C 395 23.18 -1.34 -42.29
CA VAL C 395 23.57 -2.73 -42.37
C VAL C 395 22.47 -3.56 -43.02
N VAL C 396 22.85 -4.24 -44.11
CA VAL C 396 22.00 -5.28 -44.71
C VAL C 396 22.41 -6.56 -44.04
N LEU C 397 21.38 -7.24 -43.54
CA LEU C 397 21.50 -8.45 -42.69
C LEU C 397 20.51 -9.54 -43.16
N GLY C 398 20.90 -10.24 -44.20
CA GLY C 398 20.01 -11.11 -44.92
C GLY C 398 18.98 -10.32 -45.71
N ASN C 399 17.91 -9.94 -45.01
CA ASN C 399 16.70 -9.44 -45.67
C ASN C 399 16.17 -8.23 -44.92
N ILE C 400 16.89 -7.81 -43.88
CA ILE C 400 16.47 -6.73 -43.01
C ILE C 400 17.53 -5.64 -43.09
N ILE C 401 17.12 -4.41 -43.39
CA ILE C 401 18.09 -3.30 -43.46
C ILE C 401 17.96 -2.48 -42.17
N ILE C 402 19.10 -2.11 -41.57
CA ILE C 402 19.07 -1.52 -40.23
C ILE C 402 20.16 -0.44 -40.03
N SER C 403 19.74 0.74 -39.59
CA SER C 403 20.66 1.84 -39.38
C SER C 403 21.20 1.82 -37.94
N LEU C 404 22.47 2.12 -37.76
CA LEU C 404 23.11 1.89 -36.45
C LEU C 404 23.60 3.13 -35.71
N GLY C 405 23.75 2.96 -34.38
CA GLY C 405 24.27 4.00 -33.51
C GLY C 405 25.74 3.76 -33.25
N LYS C 406 26.36 4.69 -32.49
CA LYS C 406 27.75 4.57 -32.01
C LYS C 406 27.74 3.81 -30.68
N TYR C 407 28.59 2.79 -30.62
CA TYR C 407 28.76 1.94 -29.47
C TYR C 407 29.42 2.69 -28.35
N LEU C 408 28.81 2.67 -27.19
CA LEU C 408 29.34 3.43 -26.11
C LEU C 408 30.47 2.72 -25.36
N GLY C 409 30.85 1.53 -25.83
CA GLY C 409 31.89 0.74 -25.15
C GLY C 409 33.26 0.81 -25.79
N SER C 410 34.11 -0.18 -25.51
CA SER C 410 35.52 -0.17 -25.97
C SER C 410 35.79 0.17 -27.49
N ILE C 411 36.64 1.17 -27.74
CA ILE C 411 36.85 1.68 -29.10
C ILE C 411 37.22 0.56 -30.09
N ASN C 412 37.81 -0.54 -29.59
CA ASN C 412 38.14 -1.68 -30.46
C ASN C 412 37.75 -3.00 -29.86
N TYR C 413 36.43 -3.13 -29.69
CA TYR C 413 35.76 -4.35 -29.23
C TYR C 413 36.21 -5.58 -30.04
N ASN C 414 36.50 -5.38 -31.32
CA ASN C 414 36.76 -6.50 -32.19
C ASN C 414 38.21 -6.95 -32.25
N SER C 415 39.12 -6.17 -31.73
CA SER C 415 40.53 -6.53 -31.75
C SER C 415 40.90 -7.36 -30.53
N GLU C 416 40.15 -7.18 -29.43
CA GLU C 416 40.46 -7.86 -28.17
C GLU C 416 39.60 -9.14 -28.01
N SER C 417 40.24 -10.27 -27.70
CA SER C 417 39.60 -11.60 -27.69
C SER C 417 39.19 -12.03 -26.28
N ILE C 418 37.95 -12.52 -26.14
CA ILE C 418 37.39 -13.05 -24.86
C ILE C 418 37.90 -14.44 -24.70
N ALA C 419 37.99 -14.94 -23.47
CA ALA C 419 38.28 -16.37 -23.24
C ALA C 419 36.98 -17.20 -23.01
N VAL C 420 36.66 -18.06 -23.98
CA VAL C 420 35.44 -18.87 -23.94
C VAL C 420 35.49 -19.94 -22.84
N GLY C 421 34.36 -20.15 -22.17
CA GLY C 421 34.26 -21.17 -21.10
C GLY C 421 34.23 -22.61 -21.55
N PRO C 422 33.93 -23.56 -20.62
CA PRO C 422 33.90 -24.99 -20.95
C PRO C 422 32.61 -25.39 -21.68
N PRO C 423 32.70 -26.37 -22.59
CA PRO C 423 31.50 -26.89 -23.22
C PRO C 423 30.73 -27.88 -22.32
N VAL C 424 29.42 -27.94 -22.50
CA VAL C 424 28.56 -28.79 -21.70
C VAL C 424 27.27 -29.17 -22.42
N TYR C 425 26.68 -30.30 -22.05
CA TYR C 425 25.42 -30.73 -22.61
C TYR C 425 24.34 -30.55 -21.58
N THR C 426 23.20 -30.03 -22.05
CA THR C 426 22.14 -29.43 -21.24
C THR C 426 20.97 -30.40 -20.94
N ASP C 427 20.93 -31.47 -21.73
CA ASP C 427 19.86 -32.44 -21.88
C ASP C 427 19.71 -33.37 -20.69
N LYS C 428 18.44 -33.58 -20.30
CA LYS C 428 18.11 -34.38 -19.13
C LYS C 428 18.86 -35.73 -19.14
N VAL C 429 18.67 -36.47 -20.23
CA VAL C 429 19.31 -37.74 -20.43
C VAL C 429 20.84 -37.65 -20.45
N ASP C 430 21.37 -36.49 -20.90
CA ASP C 430 22.82 -36.29 -21.04
C ASP C 430 23.50 -35.97 -19.72
N ILE C 431 22.73 -35.33 -18.83
CA ILE C 431 23.22 -35.12 -17.48
C ILE C 431 23.48 -36.44 -16.71
N SER C 432 22.58 -37.40 -16.84
CA SER C 432 22.77 -38.70 -16.16
C SER C 432 24.01 -39.43 -16.68
N SER C 433 24.15 -39.44 -18.00
CA SER C 433 25.31 -40.07 -18.59
C SER C 433 26.58 -39.33 -18.21
N GLN C 434 26.54 -38.00 -18.25
CA GLN C 434 27.70 -37.22 -17.85
C GLN C 434 28.10 -37.56 -16.41
N ILE C 435 27.09 -37.55 -15.52
CA ILE C 435 27.30 -37.87 -14.11
C ILE C 435 27.87 -39.29 -13.91
N SER C 436 27.25 -40.29 -14.52
CA SER C 436 27.74 -41.66 -14.36
C SER C 436 29.13 -41.84 -14.97
N SER C 437 29.35 -41.23 -16.14
CA SER C 437 30.68 -41.14 -16.74
C SER C 437 31.71 -40.59 -15.75
N MET C 438 31.41 -39.40 -15.20
CA MET C 438 32.28 -38.81 -14.20
C MET C 438 32.51 -39.73 -12.99
N ASN C 439 31.45 -40.38 -12.50
CA ASN C 439 31.67 -41.39 -11.45
C ASN C 439 32.68 -42.42 -11.96
N GLN C 440 32.29 -43.17 -12.98
CA GLN C 440 33.16 -44.17 -13.59
C GLN C 440 34.60 -43.69 -13.57
N SER C 441 34.85 -42.52 -14.16
CA SER C 441 36.21 -41.99 -14.23
C SER C 441 36.86 -41.73 -12.85
N LEU C 442 36.10 -41.11 -11.94
CA LEU C 442 36.59 -40.86 -10.58
C LEU C 442 36.89 -42.14 -9.80
N GLN C 443 36.02 -43.15 -9.93
CA GLN C 443 36.22 -44.47 -9.33
C GLN C 443 37.45 -45.14 -9.92
N GLN C 444 37.52 -45.11 -11.25
CA GLN C 444 38.65 -45.66 -11.99
C GLN C 444 39.96 -45.02 -11.55
N SER C 445 39.98 -43.70 -11.37
CA SER C 445 41.19 -43.03 -10.88
C SER C 445 41.23 -42.84 -9.35
N LYS C 446 40.32 -43.50 -8.63
CA LYS C 446 40.35 -43.52 -7.16
C LYS C 446 41.04 -44.81 -6.67
N ASP C 447 41.46 -45.63 -7.62
CA ASP C 447 42.20 -46.85 -7.32
C ASP C 447 43.68 -46.60 -7.48
N TYR C 448 44.03 -45.79 -8.48
CA TYR C 448 45.41 -45.36 -8.69
C TYR C 448 45.93 -44.57 -7.48
N ILE C 449 45.02 -43.89 -6.78
CA ILE C 449 45.36 -43.22 -5.53
C ILE C 449 45.45 -44.21 -4.36
N LYS C 450 44.87 -45.40 -4.53
CA LYS C 450 45.07 -46.47 -3.56
C LYS C 450 46.31 -47.29 -3.91
N GLU C 451 46.82 -47.12 -5.13
CA GLU C 451 48.15 -47.64 -5.49
C GLU C 451 49.26 -46.85 -4.77
N ALA C 452 48.98 -46.53 -3.51
CA ALA C 452 49.97 -46.12 -2.52
C ALA C 452 50.52 -47.38 -1.86
N GLN C 453 50.02 -48.53 -2.31
CA GLN C 453 50.64 -49.83 -2.06
C GLN C 453 51.86 -49.95 -2.97
N LYS C 454 51.61 -50.03 -4.28
CA LYS C 454 52.66 -49.97 -5.30
C LYS C 454 53.49 -48.67 -5.21
N ILE C 455 52.85 -47.56 -4.83
CA ILE C 455 53.61 -46.32 -4.53
C ILE C 455 54.36 -46.44 -3.19
N LEU C 456 53.64 -46.15 -2.10
CA LEU C 456 54.24 -45.99 -0.77
C LEU C 456 54.36 -47.28 0.05
N ASP C 457 54.44 -48.43 -0.62
CA ASP C 457 54.75 -49.70 0.07
C ASP C 457 55.69 -50.61 -0.72
N ASN C 458 55.63 -50.55 -2.04
CA ASN C 458 56.53 -51.34 -2.90
C ASN C 458 57.92 -50.74 -2.92
N VAL C 459 58.03 -49.50 -3.41
CA VAL C 459 59.29 -48.75 -3.40
C VAL C 459 59.68 -48.32 -1.98
N GLU C 460 58.72 -48.35 -1.06
CA GLU C 460 58.99 -48.08 0.36
C GLU C 460 59.56 -49.30 1.09
N ASP C 461 58.87 -50.45 0.99
CA ASP C 461 59.35 -51.70 1.60
C ASP C 461 60.57 -52.31 0.88
N LYS C 462 60.55 -52.34 -0.45
CA LYS C 462 61.67 -52.90 -1.23
C LYS C 462 63.00 -52.16 -0.99
N ILE C 463 62.94 -50.83 -0.98
CA ILE C 463 64.09 -50.00 -0.61
C ILE C 463 64.07 -49.76 0.89
N GLU C 464 64.37 -50.81 1.66
CA GLU C 464 64.41 -50.74 3.13
C GLU C 464 65.77 -50.28 3.65
N GLY D 1 7.75 -45.21 13.09
CA GLY D 1 8.01 -45.33 11.62
C GLY D 1 9.49 -45.44 11.24
N ILE D 2 9.76 -45.88 10.02
CA ILE D 2 11.14 -46.05 9.54
C ILE D 2 12.04 -44.80 9.76
N LEU D 3 11.47 -43.62 9.49
CA LEU D 3 12.16 -42.33 9.43
C LEU D 3 12.62 -41.77 10.75
N HIS D 4 13.68 -40.97 10.72
CA HIS D 4 14.13 -40.26 11.95
C HIS D 4 13.62 -38.81 12.07
N TYR D 5 12.37 -38.71 12.53
CA TYR D 5 11.56 -37.47 12.48
C TYR D 5 12.15 -36.31 13.26
N GLU D 6 12.67 -36.57 14.46
CA GLU D 6 13.28 -35.53 15.30
C GLU D 6 14.58 -34.99 14.69
N LYS D 7 15.55 -35.88 14.42
CA LYS D 7 16.78 -35.49 13.71
C LYS D 7 16.37 -34.72 12.44
N LEU D 8 15.41 -35.23 11.68
CA LEU D 8 14.92 -34.51 10.50
C LEU D 8 14.35 -33.14 10.78
N SER D 9 13.63 -32.98 11.89
CA SER D 9 12.97 -31.69 12.14
C SER D 9 13.98 -30.56 12.42
N LYS D 10 15.13 -30.91 12.99
CA LYS D 10 16.17 -29.92 13.27
C LYS D 10 16.75 -29.34 11.97
N ILE D 11 16.84 -30.18 10.94
CA ILE D 11 17.37 -29.82 9.64
C ILE D 11 16.24 -29.17 8.81
N GLY D 12 15.09 -28.94 9.46
CA GLY D 12 13.99 -28.12 8.91
C GLY D 12 12.90 -28.85 8.13
N LEU D 13 12.81 -30.15 8.39
CA LEU D 13 11.78 -30.99 7.77
C LEU D 13 10.90 -31.58 8.86
N VAL D 14 9.73 -30.99 9.07
CA VAL D 14 8.88 -31.38 10.22
C VAL D 14 7.81 -32.39 9.79
N LYS D 15 7.39 -33.35 10.66
CA LYS D 15 6.40 -34.36 10.24
C LYS D 15 5.11 -33.67 9.84
N GLY D 16 4.67 -33.94 8.62
CA GLY D 16 3.39 -33.46 8.09
C GLY D 16 2.42 -34.59 8.25
N ILE D 17 1.32 -34.55 7.52
CA ILE D 17 0.39 -35.67 7.56
C ILE D 17 0.98 -37.02 7.02
N THR D 18 0.54 -38.11 7.65
CA THR D 18 0.71 -39.44 7.06
C THR D 18 -0.53 -39.85 6.29
N ARG D 19 -0.35 -40.35 5.07
CA ARG D 19 -1.50 -40.63 4.21
C ARG D 19 -1.59 -42.08 3.73
N LYS D 20 -2.82 -42.50 3.50
CA LYS D 20 -3.07 -43.79 2.89
C LYS D 20 -2.64 -43.71 1.44
N TYR D 21 -2.25 -44.85 0.86
CA TYR D 21 -1.83 -44.91 -0.54
C TYR D 21 -2.82 -45.70 -1.37
N LYS D 22 -3.44 -45.05 -2.36
CA LYS D 22 -4.42 -45.82 -3.14
C LYS D 22 -4.20 -45.73 -4.64
N ILE D 23 -4.46 -46.83 -5.34
CA ILE D 23 -4.36 -46.90 -6.78
C ILE D 23 -5.62 -47.50 -7.35
N LYS D 24 -5.99 -47.11 -8.58
CA LYS D 24 -7.15 -47.70 -9.24
C LYS D 24 -6.89 -49.17 -9.57
N SER D 25 -7.97 -49.93 -9.63
CA SER D 25 -7.90 -51.36 -9.97
C SER D 25 -9.29 -51.81 -10.44
N ASN D 26 -9.41 -53.08 -10.87
CA ASN D 26 -10.73 -53.73 -10.96
C ASN D 26 -11.73 -52.84 -11.71
N PRO D 27 -11.39 -52.44 -12.95
CA PRO D 27 -12.27 -51.57 -13.73
C PRO D 27 -13.61 -52.23 -14.02
N LEU D 28 -14.61 -51.41 -14.31
CA LEU D 28 -15.94 -51.95 -14.53
C LEU D 28 -16.56 -51.22 -15.73
N THR D 29 -16.53 -51.92 -16.86
CA THR D 29 -16.76 -51.35 -18.18
C THR D 29 -18.23 -51.06 -18.52
N LYS D 30 -18.51 -49.90 -19.09
CA LYS D 30 -19.88 -49.62 -19.56
C LYS D 30 -19.85 -48.82 -20.83
N ASP D 31 -20.80 -49.01 -21.75
CA ASP D 31 -20.66 -48.43 -23.12
C ASP D 31 -21.62 -47.31 -23.46
N ILE D 32 -21.16 -46.37 -24.29
CA ILE D 32 -22.01 -45.25 -24.67
C ILE D 32 -21.82 -44.70 -26.10
N VAL D 33 -22.90 -44.19 -26.68
CA VAL D 33 -22.80 -43.69 -28.06
C VAL D 33 -22.83 -42.18 -28.10
N ILE D 34 -21.78 -41.61 -28.74
CA ILE D 34 -21.74 -40.16 -28.89
C ILE D 34 -21.90 -39.79 -30.36
N LYS D 35 -23.00 -39.11 -30.66
CA LYS D 35 -23.29 -38.67 -32.05
C LYS D 35 -22.82 -37.26 -32.27
N MET D 36 -22.05 -37.08 -33.33
CA MET D 36 -21.33 -35.84 -33.50
C MET D 36 -21.89 -34.89 -34.57
N LYS D 37 -23.00 -35.27 -35.19
CA LYS D 37 -23.77 -34.35 -36.04
C LYS D 37 -25.19 -34.31 -35.49
N PRO D 38 -25.72 -33.10 -35.22
CA PRO D 38 -27.07 -32.92 -34.66
C PRO D 38 -28.17 -33.32 -35.65
N ASN D 39 -29.42 -33.38 -35.19
CA ASN D 39 -30.53 -33.85 -36.03
C ASN D 39 -30.82 -32.93 -37.20
N VAL D 40 -31.34 -31.74 -36.91
CA VAL D 40 -31.52 -30.68 -37.92
C VAL D 40 -32.69 -30.89 -38.89
N SER D 41 -33.16 -32.13 -39.06
CA SER D 41 -34.31 -32.37 -39.95
C SER D 41 -35.59 -31.69 -39.42
N ASN D 42 -35.54 -31.21 -38.17
CA ASN D 42 -36.58 -30.33 -37.61
C ASN D 42 -36.51 -28.88 -38.15
N VAL D 43 -35.33 -28.48 -38.60
CA VAL D 43 -35.12 -27.20 -39.29
C VAL D 43 -34.27 -27.50 -40.52
N SER D 44 -34.73 -28.46 -41.31
CA SER D 44 -34.10 -28.80 -42.59
C SER D 44 -34.40 -27.72 -43.63
N LYS D 45 -35.01 -26.65 -43.16
CA LYS D 45 -35.43 -25.53 -44.01
C LYS D 45 -34.24 -24.75 -44.53
N CYS D 46 -33.52 -24.06 -43.64
CA CYS D 46 -32.45 -23.18 -44.09
C CYS D 46 -31.03 -23.56 -43.65
N THR D 47 -30.59 -24.75 -44.05
CA THR D 47 -29.24 -25.21 -43.80
C THR D 47 -28.29 -24.71 -44.90
N GLY D 48 -28.69 -24.91 -46.16
CA GLY D 48 -27.80 -24.67 -47.30
C GLY D 48 -26.70 -25.69 -47.28
N THR D 49 -25.63 -25.46 -48.04
CA THR D 49 -24.49 -26.36 -48.00
C THR D 49 -23.58 -25.98 -46.83
N VAL D 50 -24.00 -26.34 -45.62
CA VAL D 50 -23.10 -26.30 -44.46
C VAL D 50 -22.92 -27.71 -43.90
N MET D 51 -23.97 -28.52 -43.95
CA MET D 51 -23.92 -29.91 -43.51
C MET D 51 -22.99 -30.75 -44.38
N GLU D 52 -23.09 -30.51 -45.68
CA GLU D 52 -22.25 -31.15 -46.66
C GLU D 52 -20.79 -30.87 -46.33
N ASN D 53 -20.52 -29.65 -45.85
CA ASN D 53 -19.17 -29.25 -45.42
C ASN D 53 -18.78 -29.90 -44.09
N TYR D 54 -19.54 -29.58 -43.05
CA TYR D 54 -19.33 -30.14 -41.74
C TYR D 54 -19.08 -31.64 -41.79
N LYS D 55 -19.87 -32.37 -42.58
CA LYS D 55 -19.74 -33.82 -42.64
C LYS D 55 -18.37 -34.25 -43.15
N SER D 56 -17.99 -33.72 -44.31
CA SER D 56 -16.69 -34.05 -44.91
C SER D 56 -15.53 -33.51 -44.08
N ARG D 57 -15.77 -32.44 -43.35
CA ARG D 57 -14.78 -31.94 -42.41
C ARG D 57 -14.59 -32.94 -41.27
N LEU D 58 -15.71 -33.37 -40.67
CA LEU D 58 -15.72 -34.34 -39.58
C LEU D 58 -15.08 -35.66 -39.99
N THR D 59 -15.49 -36.16 -41.15
CA THR D 59 -14.91 -37.38 -41.75
C THR D 59 -13.39 -37.36 -41.73
N GLY D 60 -12.83 -36.18 -41.98
CA GLY D 60 -11.39 -35.96 -41.98
C GLY D 60 -10.73 -36.20 -40.65
N ILE D 61 -11.38 -35.79 -39.57
CA ILE D 61 -10.82 -36.00 -38.22
C ILE D 61 -11.21 -37.38 -37.67
N LEU D 62 -12.32 -37.93 -38.17
CA LEU D 62 -12.85 -39.21 -37.69
C LEU D 62 -12.26 -40.45 -38.34
N SER D 63 -12.15 -40.44 -39.67
CA SER D 63 -11.75 -41.64 -40.39
C SER D 63 -10.43 -42.28 -39.89
N PRO D 64 -9.36 -41.46 -39.65
CA PRO D 64 -8.10 -42.09 -39.21
C PRO D 64 -8.19 -42.87 -37.88
N ILE D 65 -9.09 -42.47 -36.99
CA ILE D 65 -9.43 -43.30 -35.83
C ILE D 65 -9.96 -44.65 -36.31
N LYS D 66 -11.07 -44.63 -37.05
CA LYS D 66 -11.66 -45.87 -37.59
C LYS D 66 -10.54 -46.74 -38.15
N GLY D 67 -9.83 -46.19 -39.12
CA GLY D 67 -8.69 -46.87 -39.69
C GLY D 67 -7.76 -47.47 -38.65
N ALA D 68 -7.35 -46.67 -37.66
CA ALA D 68 -6.43 -47.21 -36.65
C ALA D 68 -7.02 -48.38 -35.88
N ILE D 69 -8.29 -48.22 -35.50
CA ILE D 69 -9.01 -49.25 -34.77
C ILE D 69 -9.07 -50.55 -35.60
N GLU D 70 -9.50 -50.41 -36.84
CA GLU D 70 -9.72 -51.59 -37.66
C GLU D 70 -8.46 -52.40 -37.94
N LEU D 71 -7.28 -51.82 -37.77
CA LEU D 71 -6.04 -52.58 -37.95
C LEU D 71 -5.84 -53.58 -36.83
N TYR D 72 -6.33 -53.26 -35.63
CA TYR D 72 -6.32 -54.24 -34.58
C TYR D 72 -7.43 -55.29 -34.78
N ASN D 73 -8.58 -54.84 -35.26
CA ASN D 73 -9.70 -55.73 -35.54
C ASN D 73 -9.41 -56.75 -36.63
N ASN D 74 -8.90 -56.29 -37.77
CA ASN D 74 -8.48 -57.19 -38.83
C ASN D 74 -7.43 -58.20 -38.40
N ASN D 75 -6.60 -57.80 -37.43
CA ASN D 75 -5.50 -58.64 -36.99
C ASN D 75 -5.60 -59.28 -35.57
N THR D 76 -6.78 -59.26 -34.93
CA THR D 76 -7.03 -60.23 -33.82
C THR D 76 -8.02 -61.34 -34.24
N HIS D 77 -7.46 -62.43 -34.75
CA HIS D 77 -8.20 -63.56 -35.32
C HIS D 77 -8.42 -64.63 -34.26
N VAL D 89 -6.49 -64.25 -29.33
CA VAL D 89 -5.20 -64.26 -30.04
C VAL D 89 -4.96 -63.06 -30.99
N MET D 90 -3.87 -62.35 -30.74
CA MET D 90 -3.47 -61.17 -31.51
C MET D 90 -2.39 -61.57 -32.49
N ALA D 91 -2.54 -61.16 -33.75
CA ALA D 91 -1.58 -61.49 -34.83
C ALA D 91 -0.30 -60.67 -34.76
N GLY D 92 0.74 -61.25 -34.17
CA GLY D 92 2.01 -60.55 -33.95
C GLY D 92 2.73 -60.10 -35.21
N ILE D 93 2.69 -60.93 -36.25
CA ILE D 93 3.31 -60.54 -37.52
C ILE D 93 2.57 -59.34 -38.10
N ALA D 94 1.24 -59.41 -38.08
CA ALA D 94 0.40 -58.35 -38.64
C ALA D 94 0.59 -57.06 -37.87
N ILE D 95 0.56 -57.16 -36.54
CA ILE D 95 0.78 -56.00 -35.68
C ILE D 95 2.19 -55.42 -35.83
N GLY D 96 3.20 -56.29 -35.85
CA GLY D 96 4.57 -55.90 -36.17
C GLY D 96 5.35 -55.28 -35.03
N ILE D 97 5.00 -54.04 -34.71
CA ILE D 97 5.72 -53.25 -33.73
C ILE D 97 4.66 -52.64 -32.82
N ALA D 98 4.55 -53.12 -31.58
CA ALA D 98 3.66 -52.45 -30.60
C ALA D 98 4.11 -52.56 -29.11
N THR D 99 3.52 -51.73 -28.26
CA THR D 99 3.74 -51.87 -26.82
C THR D 99 2.70 -52.74 -26.11
N ALA D 100 3.14 -53.31 -24.99
CA ALA D 100 2.30 -54.16 -24.17
C ALA D 100 0.97 -53.48 -23.93
N ALA D 101 1.06 -52.24 -23.46
CA ALA D 101 -0.10 -51.40 -23.19
C ALA D 101 -1.11 -51.43 -24.34
N GLN D 102 -0.58 -51.14 -25.53
CA GLN D 102 -1.36 -51.06 -26.73
C GLN D 102 -1.99 -52.40 -27.00
N ILE D 103 -1.18 -53.47 -26.97
CA ILE D 103 -1.71 -54.85 -27.16
C ILE D 103 -2.90 -55.12 -26.23
N THR D 104 -2.70 -54.80 -24.95
CA THR D 104 -3.78 -55.00 -23.99
C THR D 104 -5.02 -54.17 -24.35
N ALA D 105 -4.81 -52.90 -24.68
CA ALA D 105 -5.89 -52.08 -25.22
C ALA D 105 -6.61 -52.77 -26.38
N GLY D 106 -5.82 -53.43 -27.24
CA GLY D 106 -6.36 -54.20 -28.36
C GLY D 106 -7.23 -55.35 -27.89
N VAL D 107 -6.70 -56.16 -26.96
CA VAL D 107 -7.54 -57.21 -26.33
C VAL D 107 -8.84 -56.63 -25.79
N ALA D 108 -8.76 -55.55 -25.01
CA ALA D 108 -10.00 -54.92 -24.53
C ALA D 108 -10.92 -54.46 -25.66
N LEU D 109 -10.33 -54.04 -26.78
CA LEU D 109 -11.10 -53.61 -27.94
C LEU D 109 -11.87 -54.77 -28.55
N TYR D 110 -11.14 -55.88 -28.70
CA TYR D 110 -11.78 -57.10 -29.17
C TYR D 110 -12.88 -57.53 -28.21
N GLU D 111 -12.60 -57.43 -26.92
CA GLU D 111 -13.62 -57.70 -25.93
C GLU D 111 -14.84 -56.79 -26.15
N ALA D 112 -14.63 -55.51 -26.38
CA ALA D 112 -15.75 -54.58 -26.67
C ALA D 112 -16.50 -54.85 -27.98
N MET D 113 -15.81 -55.45 -28.95
CA MET D 113 -16.49 -55.75 -30.22
C MET D 113 -17.86 -56.45 -30.16
N LYS D 114 -17.94 -57.48 -29.33
CA LYS D 114 -19.17 -58.24 -29.15
C LYS D 114 -20.39 -57.34 -28.91
N ASN D 115 -20.31 -56.48 -27.90
CA ASN D 115 -21.37 -55.52 -27.64
C ASN D 115 -21.43 -54.39 -28.66
N ALA D 116 -20.26 -53.91 -29.12
CA ALA D 116 -20.25 -52.88 -30.19
C ALA D 116 -21.16 -53.30 -31.35
N ASP D 117 -20.99 -54.55 -31.78
CA ASP D 117 -21.81 -55.10 -32.86
C ASP D 117 -23.32 -55.12 -32.57
N ASN D 118 -23.69 -55.43 -31.34
CA ASN D 118 -25.09 -55.39 -30.92
C ASN D 118 -25.66 -54.00 -30.84
N ILE D 119 -24.83 -53.05 -30.36
CA ILE D 119 -25.25 -51.64 -30.31
C ILE D 119 -25.45 -51.14 -31.73
N ASN D 120 -24.53 -51.52 -32.61
CA ASN D 120 -24.60 -51.06 -34.01
C ASN D 120 -25.89 -51.36 -34.77
N LYS D 121 -26.63 -52.37 -34.32
CA LYS D 121 -27.90 -52.74 -34.98
C LYS D 121 -28.96 -51.66 -34.90
N LEU D 122 -28.82 -50.73 -33.96
CA LEU D 122 -29.77 -49.66 -33.75
C LEU D 122 -29.39 -48.39 -34.53
N LYS D 123 -28.60 -48.60 -35.59
CA LYS D 123 -28.01 -47.51 -36.38
C LYS D 123 -29.04 -46.48 -36.85
N SER D 124 -30.10 -46.95 -37.52
CA SER D 124 -31.12 -46.05 -38.05
C SER D 124 -31.87 -45.30 -36.94
N SER D 125 -32.04 -45.92 -35.79
CA SER D 125 -32.61 -45.23 -34.64
C SER D 125 -31.64 -44.22 -34.00
N ILE D 126 -30.33 -44.51 -34.03
CA ILE D 126 -29.30 -43.53 -33.62
C ILE D 126 -29.35 -42.32 -34.57
N GLU D 127 -29.36 -42.62 -35.87
CA GLU D 127 -29.42 -41.62 -36.93
C GLU D 127 -30.48 -40.54 -36.77
N SER D 128 -31.61 -40.89 -36.15
CA SER D 128 -32.75 -39.99 -36.09
C SER D 128 -33.11 -39.59 -34.66
N THR D 129 -32.14 -39.61 -33.74
CA THR D 129 -32.38 -39.19 -32.35
C THR D 129 -32.73 -37.70 -32.30
N ASN D 130 -33.82 -37.39 -31.60
CA ASN D 130 -34.38 -36.05 -31.54
C ASN D 130 -33.67 -35.15 -30.53
N GLU D 131 -33.28 -35.74 -29.40
CA GLU D 131 -32.87 -34.96 -28.25
C GLU D 131 -31.41 -35.18 -27.89
N ALA D 132 -30.93 -34.33 -26.99
CA ALA D 132 -29.53 -34.31 -26.58
C ALA D 132 -29.04 -35.63 -25.98
N VAL D 133 -29.80 -36.16 -25.03
CA VAL D 133 -29.51 -37.47 -24.45
C VAL D 133 -30.70 -38.42 -24.62
N VAL D 134 -30.46 -39.59 -25.19
CA VAL D 134 -31.55 -40.53 -25.42
C VAL D 134 -31.19 -41.89 -24.84
N LYS D 135 -32.21 -42.55 -24.30
CA LYS D 135 -32.13 -43.91 -23.78
C LYS D 135 -32.69 -44.87 -24.83
N LEU D 136 -31.88 -45.83 -25.29
CA LEU D 136 -32.35 -46.80 -26.29
C LEU D 136 -32.34 -48.23 -25.77
N GLN D 137 -33.14 -49.08 -26.39
CA GLN D 137 -33.24 -50.50 -26.00
C GLN D 137 -32.45 -51.41 -26.92
N GLU D 138 -31.44 -52.07 -26.36
CA GLU D 138 -30.59 -52.97 -27.13
C GLU D 138 -31.20 -54.38 -27.07
N THR D 139 -32.51 -54.43 -27.27
CA THR D 139 -33.28 -55.68 -27.36
C THR D 139 -33.30 -56.57 -26.11
N ALA D 140 -32.23 -56.53 -25.31
CA ALA D 140 -32.09 -57.43 -24.16
C ALA D 140 -32.92 -57.03 -22.93
N GLU D 141 -33.37 -55.78 -22.93
CA GLU D 141 -33.70 -55.03 -21.71
C GLU D 141 -32.42 -54.33 -21.17
N LYS D 142 -31.28 -54.65 -21.79
CA LYS D 142 -30.02 -53.92 -21.62
C LYS D 142 -30.10 -52.64 -22.44
N THR D 143 -30.13 -51.50 -21.75
CA THR D 143 -30.27 -50.19 -22.40
C THR D 143 -28.93 -49.67 -22.92
N VAL D 144 -28.98 -48.73 -23.88
CA VAL D 144 -27.79 -47.99 -24.35
C VAL D 144 -28.09 -46.52 -24.65
N TYR D 145 -27.18 -45.65 -24.21
CA TYR D 145 -27.40 -44.22 -24.27
C TYR D 145 -26.73 -43.52 -25.45
N VAL D 146 -27.50 -42.62 -26.05
CA VAL D 146 -26.99 -41.75 -27.12
C VAL D 146 -26.94 -40.27 -26.70
N LEU D 147 -25.70 -39.79 -26.58
CA LEU D 147 -25.44 -38.36 -26.32
C LEU D 147 -25.08 -37.72 -27.65
N THR D 148 -25.85 -36.73 -28.09
CA THR D 148 -25.60 -36.12 -29.39
C THR D 148 -25.22 -34.65 -29.26
N ALA D 149 -24.11 -34.27 -29.88
CA ALA D 149 -23.54 -32.92 -29.76
C ALA D 149 -24.44 -31.84 -30.37
N LEU D 150 -24.41 -30.66 -29.74
CA LEU D 150 -25.07 -29.44 -30.28
C LEU D 150 -26.60 -29.54 -30.36
N GLN D 151 -27.11 -30.74 -30.08
CA GLN D 151 -28.53 -31.03 -30.20
C GLN D 151 -29.37 -30.10 -29.35
N ASP D 152 -28.91 -29.91 -28.11
CA ASP D 152 -29.59 -29.04 -27.17
C ASP D 152 -29.63 -27.63 -27.69
N TYR D 153 -28.47 -27.11 -28.08
CA TYR D 153 -28.37 -25.79 -28.72
C TYR D 153 -29.40 -25.69 -29.85
N ILE D 154 -29.38 -26.68 -30.75
CA ILE D 154 -30.33 -26.69 -31.86
C ILE D 154 -31.79 -26.66 -31.43
N ASN D 155 -32.16 -27.52 -30.49
CA ASN D 155 -33.54 -27.58 -30.00
C ASN D 155 -34.01 -26.35 -29.23
N THR D 156 -33.12 -25.75 -28.43
CA THR D 156 -33.54 -24.67 -27.53
C THR D 156 -33.05 -23.23 -27.84
N ASN D 157 -32.22 -23.08 -28.89
CA ASN D 157 -31.85 -21.74 -29.41
C ASN D 157 -32.39 -21.48 -30.81
N LEU D 158 -31.92 -22.30 -31.76
CA LEU D 158 -32.23 -22.15 -33.18
C LEU D 158 -33.71 -22.42 -33.51
N VAL D 159 -34.19 -23.62 -33.15
CA VAL D 159 -35.60 -24.00 -33.36
C VAL D 159 -36.59 -22.94 -32.82
N PRO D 160 -36.42 -22.48 -31.56
CA PRO D 160 -37.32 -21.40 -31.13
C PRO D 160 -37.01 -20.06 -31.80
N SER D 161 -35.73 -19.72 -31.95
CA SER D 161 -35.44 -18.51 -32.73
C SER D 161 -35.47 -18.72 -34.26
N ILE D 162 -36.33 -19.65 -34.71
CA ILE D 162 -36.63 -19.84 -36.14
C ILE D 162 -37.21 -18.58 -36.81
N ASP D 163 -38.37 -18.14 -36.31
CA ASP D 163 -39.05 -16.91 -36.76
C ASP D 163 -38.34 -15.72 -36.13
N GLN D 164 -38.61 -14.53 -36.64
CA GLN D 164 -37.90 -13.30 -36.23
C GLN D 164 -36.40 -13.33 -36.59
N ILE D 165 -35.98 -14.38 -37.29
CA ILE D 165 -34.59 -14.52 -37.75
C ILE D 165 -34.59 -15.10 -39.17
N SER D 166 -33.81 -14.49 -40.05
CA SER D 166 -33.82 -14.85 -41.46
C SER D 166 -33.06 -16.12 -41.84
N CYS D 167 -33.41 -16.63 -43.02
CA CYS D 167 -32.77 -17.77 -43.67
C CYS D 167 -31.24 -17.63 -43.73
N LYS D 168 -30.78 -16.43 -44.07
CA LYS D 168 -29.37 -16.08 -44.15
C LYS D 168 -28.74 -16.13 -42.75
N GLN D 169 -29.42 -15.54 -41.77
CA GLN D 169 -28.95 -15.47 -40.39
C GLN D 169 -28.83 -16.84 -39.74
N THR D 170 -29.89 -17.65 -39.88
CA THR D 170 -29.95 -18.97 -39.21
C THR D 170 -28.77 -19.89 -39.53
N GLU D 171 -28.42 -19.98 -40.82
CA GLU D 171 -27.32 -20.85 -41.23
C GLU D 171 -25.96 -20.39 -40.69
N LEU D 172 -25.76 -19.08 -40.56
CA LEU D 172 -24.57 -18.53 -39.91
C LEU D 172 -24.41 -19.06 -38.48
N ALA D 173 -25.48 -18.89 -37.70
CA ALA D 173 -25.54 -19.37 -36.33
C ALA D 173 -25.22 -20.85 -36.23
N LEU D 174 -25.63 -21.62 -37.23
CA LEU D 174 -25.37 -23.07 -37.26
C LEU D 174 -23.92 -23.36 -37.58
N ASP D 175 -23.47 -22.82 -38.71
CA ASP D 175 -22.10 -22.94 -39.15
C ASP D 175 -21.15 -22.58 -38.02
N LEU D 176 -21.46 -21.49 -37.32
CA LEU D 176 -20.65 -20.99 -36.22
C LEU D 176 -20.59 -21.96 -35.03
N ALA D 177 -21.75 -22.51 -34.68
CA ALA D 177 -21.85 -23.50 -33.60
C ALA D 177 -21.05 -24.75 -33.95
N LEU D 178 -21.33 -25.29 -35.14
CA LEU D 178 -20.59 -26.45 -35.65
C LEU D 178 -19.07 -26.21 -35.67
N SER D 179 -18.64 -25.11 -36.28
CA SER D 179 -17.20 -24.81 -36.31
C SER D 179 -16.60 -24.58 -34.91
N LYS D 180 -17.35 -23.92 -34.01
CA LYS D 180 -16.85 -23.75 -32.64
C LYS D 180 -16.66 -25.13 -32.01
N TYR D 181 -17.72 -25.93 -32.05
CA TYR D 181 -17.68 -27.31 -31.53
C TYR D 181 -16.46 -28.05 -32.09
N LEU D 182 -16.27 -27.93 -33.40
CA LEU D 182 -15.12 -28.53 -34.05
C LEU D 182 -13.82 -28.03 -33.42
N SER D 183 -13.64 -26.71 -33.39
CA SER D 183 -12.40 -26.12 -32.87
C SER D 183 -12.16 -26.51 -31.41
N ASP D 184 -13.25 -26.79 -30.71
CA ASP D 184 -13.14 -27.32 -29.36
C ASP D 184 -12.74 -28.77 -29.28
N LEU D 185 -13.33 -29.61 -30.12
CA LEU D 185 -12.97 -31.02 -30.07
C LEU D 185 -11.60 -31.33 -30.70
N LEU D 186 -11.15 -30.47 -31.59
CA LEU D 186 -9.95 -30.77 -32.38
C LEU D 186 -8.69 -31.16 -31.61
N PHE D 187 -8.44 -30.55 -30.45
CA PHE D 187 -7.23 -30.91 -29.67
C PHE D 187 -7.18 -32.39 -29.28
N VAL D 188 -8.21 -32.86 -28.58
CA VAL D 188 -8.25 -34.24 -28.16
C VAL D 188 -8.34 -35.24 -29.32
N PHE D 189 -9.19 -34.95 -30.32
CA PHE D 189 -9.53 -35.91 -31.39
C PHE D 189 -8.80 -35.71 -32.72
N GLY D 190 -7.89 -34.73 -32.78
CA GLY D 190 -7.14 -34.37 -34.01
C GLY D 190 -6.13 -35.40 -34.44
N PRO D 191 -5.15 -35.00 -35.29
CA PRO D 191 -3.98 -35.85 -35.65
C PRO D 191 -3.19 -36.19 -34.39
N ASN D 192 -3.61 -35.51 -33.36
CA ASN D 192 -3.00 -35.50 -32.08
C ASN D 192 -3.08 -36.83 -31.37
N LEU D 193 -4.31 -37.39 -31.30
CA LEU D 193 -4.65 -38.74 -30.77
C LEU D 193 -4.20 -39.80 -31.78
N GLN D 194 -2.89 -39.95 -31.93
CA GLN D 194 -2.31 -40.81 -32.95
C GLN D 194 -2.51 -42.30 -32.62
N ASP D 195 -2.65 -42.60 -31.34
CA ASP D 195 -2.87 -43.97 -30.87
C ASP D 195 -4.24 -44.11 -30.15
N PRO D 196 -5.32 -44.47 -30.89
CA PRO D 196 -6.67 -44.57 -30.33
C PRO D 196 -7.00 -45.97 -29.82
N VAL D 197 -6.09 -46.91 -30.04
CA VAL D 197 -6.21 -48.23 -29.43
C VAL D 197 -5.49 -48.11 -28.08
N SER D 198 -6.16 -47.41 -27.17
CA SER D 198 -5.65 -47.21 -25.82
C SER D 198 -6.80 -46.99 -24.88
N ASN D 199 -6.56 -47.20 -23.58
CA ASN D 199 -7.54 -46.76 -22.57
C ASN D 199 -6.89 -45.86 -21.52
N SER D 200 -6.32 -44.75 -22.01
CA SER D 200 -5.70 -43.76 -21.15
C SER D 200 -6.56 -42.54 -21.16
N MET D 201 -7.03 -42.15 -22.33
CA MET D 201 -7.93 -41.01 -22.47
C MET D 201 -8.87 -40.90 -21.29
N THR D 202 -8.83 -39.78 -20.58
CA THR D 202 -9.72 -39.62 -19.45
C THR D 202 -11.14 -39.27 -19.94
N ILE D 203 -12.14 -39.71 -19.17
CA ILE D 203 -13.53 -39.53 -19.58
C ILE D 203 -13.85 -38.04 -19.80
N GLN D 204 -13.25 -37.18 -18.98
CA GLN D 204 -13.31 -35.75 -19.18
C GLN D 204 -12.91 -35.43 -20.62
N ALA D 205 -11.66 -35.76 -20.96
CA ALA D 205 -11.14 -35.55 -22.32
C ALA D 205 -12.04 -36.13 -23.39
N ILE D 206 -12.56 -37.35 -23.17
CA ILE D 206 -13.49 -37.95 -24.14
C ILE D 206 -14.72 -37.05 -24.30
N SER D 207 -15.22 -36.54 -23.19
CA SER D 207 -16.47 -35.78 -23.19
C SER D 207 -16.40 -34.50 -24.00
N GLN D 208 -15.17 -34.12 -24.36
CA GLN D 208 -14.96 -33.03 -25.32
C GLN D 208 -15.85 -33.14 -26.55
N ALA D 209 -16.12 -34.38 -26.97
CA ALA D 209 -17.02 -34.70 -28.09
C ALA D 209 -18.47 -34.41 -27.73
N PHE D 210 -18.81 -34.50 -26.46
CA PHE D 210 -20.14 -34.07 -26.00
C PHE D 210 -20.09 -32.70 -25.34
N GLY D 211 -19.02 -31.97 -25.61
CA GLY D 211 -18.96 -30.54 -25.26
C GLY D 211 -18.55 -30.35 -23.82
N GLY D 212 -17.68 -31.26 -23.35
CA GLY D 212 -17.04 -31.18 -22.04
C GLY D 212 -17.93 -31.60 -20.91
N ASN D 213 -19.20 -31.88 -21.22
CA ASN D 213 -20.17 -32.23 -20.21
C ASN D 213 -20.02 -33.69 -19.80
N TYR D 214 -18.92 -34.01 -19.12
CA TYR D 214 -18.69 -35.38 -18.67
C TYR D 214 -19.60 -35.78 -17.50
N GLU D 215 -20.13 -34.77 -16.82
CA GLU D 215 -21.12 -34.98 -15.77
C GLU D 215 -22.31 -35.79 -16.26
N THR D 216 -23.04 -35.28 -17.26
CA THR D 216 -24.18 -35.99 -17.85
C THR D 216 -23.77 -37.39 -18.35
N LEU D 217 -22.65 -37.44 -19.06
CA LEU D 217 -22.09 -38.69 -19.57
C LEU D 217 -21.97 -39.71 -18.44
N LEU D 218 -21.32 -39.34 -17.36
CA LEU D 218 -21.21 -40.24 -16.23
C LEU D 218 -22.57 -40.55 -15.60
N ARG D 219 -23.39 -39.51 -15.40
CA ARG D 219 -24.69 -39.62 -14.73
C ARG D 219 -25.69 -40.53 -15.44
N THR D 220 -25.67 -40.56 -16.78
CA THR D 220 -26.56 -41.49 -17.52
C THR D 220 -26.13 -42.95 -17.36
N LEU D 221 -24.86 -43.16 -17.08
CA LEU D 221 -24.37 -44.50 -16.79
C LEU D 221 -24.56 -44.92 -15.33
N GLY D 222 -24.15 -44.05 -14.39
CA GLY D 222 -24.33 -44.28 -12.94
C GLY D 222 -23.75 -45.59 -12.38
N ASP D 227 -17.51 -41.56 -3.91
CA ASP D 227 -16.14 -42.03 -4.23
C ASP D 227 -15.89 -41.87 -5.75
N PHE D 228 -16.73 -41.04 -6.33
CA PHE D 228 -16.87 -40.76 -7.74
C PHE D 228 -15.87 -39.64 -8.07
N ASP D 229 -15.95 -38.56 -7.29
CA ASP D 229 -15.06 -37.41 -7.44
C ASP D 229 -13.58 -37.76 -7.26
N ASP D 230 -13.27 -38.58 -6.25
CA ASP D 230 -11.89 -38.98 -6.02
C ASP D 230 -11.37 -39.75 -7.22
N LEU D 231 -12.21 -40.60 -7.79
CA LEU D 231 -11.83 -41.29 -9.02
C LEU D 231 -11.58 -40.27 -10.08
N LEU D 232 -12.60 -39.44 -10.32
CA LEU D 232 -12.58 -38.44 -11.37
C LEU D 232 -11.32 -37.53 -11.35
N GLU D 233 -10.93 -37.11 -10.16
CA GLU D 233 -9.84 -36.16 -10.01
C GLU D 233 -8.49 -36.85 -9.88
N SER D 234 -8.43 -38.14 -10.15
CA SER D 234 -7.16 -38.85 -10.20
C SER D 234 -6.92 -39.22 -11.65
N ASP D 235 -7.85 -38.75 -12.50
CA ASP D 235 -8.01 -39.23 -13.88
C ASP D 235 -7.90 -40.73 -13.88
N SER D 236 -8.89 -41.39 -13.27
CA SER D 236 -8.91 -42.86 -13.20
C SER D 236 -10.07 -43.39 -14.00
N ILE D 237 -11.01 -42.50 -14.29
CA ILE D 237 -12.14 -42.84 -15.12
C ILE D 237 -11.75 -42.56 -16.57
N THR D 238 -11.46 -43.62 -17.30
CA THR D 238 -11.00 -43.49 -18.70
C THR D 238 -11.99 -44.02 -19.77
N GLY D 239 -11.82 -43.54 -20.99
CA GLY D 239 -12.63 -43.96 -22.12
C GLY D 239 -11.76 -44.56 -23.22
N GLN D 240 -12.29 -45.59 -23.86
CA GLN D 240 -11.64 -46.15 -25.04
C GLN D 240 -12.66 -46.08 -26.17
N ILE D 241 -12.22 -45.59 -27.33
CA ILE D 241 -13.07 -45.56 -28.53
C ILE D 241 -13.05 -46.95 -29.19
N VAL D 242 -14.23 -47.56 -29.29
CA VAL D 242 -14.28 -48.95 -29.74
C VAL D 242 -14.96 -49.17 -31.09
N TYR D 243 -15.62 -48.12 -31.60
CA TYR D 243 -16.25 -48.15 -32.94
C TYR D 243 -16.61 -46.75 -33.46
N VAL D 244 -16.31 -46.54 -34.75
CA VAL D 244 -16.55 -45.28 -35.44
C VAL D 244 -17.49 -45.55 -36.61
N ASP D 245 -18.62 -44.83 -36.67
CA ASP D 245 -19.53 -44.91 -37.83
C ASP D 245 -19.47 -43.64 -38.68
N LEU D 246 -18.97 -43.81 -39.90
CA LEU D 246 -18.67 -42.68 -40.78
C LEU D 246 -19.82 -42.14 -41.62
N SER D 247 -20.90 -42.92 -41.76
CA SER D 247 -22.09 -42.45 -42.47
C SER D 247 -23.10 -41.80 -41.51
N SER D 248 -23.18 -42.31 -40.29
CA SER D 248 -24.07 -41.75 -39.28
C SER D 248 -23.39 -40.77 -38.34
N TYR D 249 -22.05 -40.78 -38.36
CA TYR D 249 -21.23 -39.83 -37.58
C TYR D 249 -21.44 -39.95 -36.07
N TYR D 250 -21.24 -41.17 -35.58
CA TYR D 250 -21.26 -41.46 -34.14
C TYR D 250 -20.08 -42.34 -33.73
N ILE D 251 -19.76 -42.32 -32.45
CA ILE D 251 -18.78 -43.27 -31.92
C ILE D 251 -19.32 -44.06 -30.74
N ILE D 252 -18.79 -45.27 -30.56
CA ILE D 252 -19.03 -46.01 -29.31
C ILE D 252 -17.81 -45.98 -28.38
N VAL D 253 -18.06 -45.56 -27.13
CA VAL D 253 -17.00 -45.47 -26.14
C VAL D 253 -17.26 -46.45 -25.02
N ARG D 254 -16.21 -47.22 -24.71
CA ARG D 254 -16.21 -48.09 -23.55
C ARG D 254 -15.60 -47.29 -22.46
N VAL D 255 -16.38 -47.08 -21.40
CA VAL D 255 -15.92 -46.33 -20.24
C VAL D 255 -15.48 -47.34 -19.17
N TYR D 256 -14.26 -47.13 -18.66
CA TYR D 256 -13.66 -47.97 -17.64
C TYR D 256 -13.73 -47.23 -16.32
N PHE D 257 -14.73 -47.59 -15.53
CA PHE D 257 -15.01 -47.00 -14.23
C PHE D 257 -14.42 -47.95 -13.18
N PRO D 258 -13.24 -47.62 -12.61
CA PRO D 258 -12.64 -48.54 -11.66
C PRO D 258 -13.07 -48.34 -10.22
N ILE D 259 -12.34 -49.00 -9.34
CA ILE D 259 -12.50 -48.82 -7.92
C ILE D 259 -11.09 -48.71 -7.39
N LEU D 260 -10.90 -48.09 -6.24
CA LEU D 260 -9.52 -47.83 -5.83
C LEU D 260 -9.13 -48.66 -4.63
N THR D 261 -7.95 -49.26 -4.66
CA THR D 261 -7.61 -50.07 -3.50
C THR D 261 -6.44 -49.57 -2.70
N GLU D 262 -6.53 -49.77 -1.39
CA GLU D 262 -5.52 -49.30 -0.46
C GLU D 262 -4.33 -50.23 -0.61
N ILE D 263 -3.14 -49.66 -0.74
CA ILE D 263 -1.94 -50.49 -0.77
C ILE D 263 -1.62 -50.88 0.65
N GLN D 264 -1.08 -52.07 0.86
CA GLN D 264 -0.98 -52.58 2.23
C GLN D 264 0.38 -52.29 2.87
N GLN D 265 0.35 -52.01 4.18
CA GLN D 265 1.44 -51.29 4.88
C GLN D 265 2.21 -50.32 4.00
N ALA D 266 1.47 -49.40 3.40
CA ALA D 266 2.06 -48.43 2.57
C ALA D 266 1.41 -47.15 2.99
N TYR D 267 2.26 -46.16 3.26
CA TYR D 267 1.80 -44.82 3.51
C TYR D 267 2.68 -43.78 2.84
N VAL D 268 2.09 -42.62 2.58
CA VAL D 268 2.85 -41.45 2.11
C VAL D 268 2.98 -40.36 3.20
N GLN D 269 4.24 -40.19 3.63
CA GLN D 269 4.58 -39.19 4.67
C GLN D 269 4.85 -37.82 4.07
N GLU D 270 4.07 -36.79 4.45
CA GLU D 270 4.53 -35.42 4.08
C GLU D 270 5.59 -34.81 5.03
N LEU D 271 6.50 -34.02 4.47
CA LEU D 271 7.46 -33.33 5.30
C LEU D 271 7.22 -31.86 5.05
N LEU D 272 6.94 -31.09 6.13
CA LEU D 272 6.80 -29.61 6.06
C LEU D 272 8.15 -28.92 6.21
N PRO D 273 8.58 -28.19 5.15
CA PRO D 273 9.89 -27.61 5.10
C PRO D 273 9.84 -26.23 5.76
N VAL D 274 10.96 -25.90 6.38
CA VAL D 274 11.07 -24.74 7.23
C VAL D 274 12.51 -24.23 7.15
N SER D 275 12.71 -22.96 6.79
CA SER D 275 14.08 -22.47 6.68
C SER D 275 14.75 -22.62 8.03
N PHE D 276 16.05 -22.89 8.01
CA PHE D 276 16.79 -23.05 9.27
C PHE D 276 18.14 -22.33 9.27
N ASN D 277 18.72 -22.16 10.45
CA ASN D 277 19.91 -21.34 10.53
C ASN D 277 21.18 -22.14 10.67
N ASN D 278 22.19 -21.73 9.91
CA ASN D 278 23.53 -22.27 10.09
C ASN D 278 24.58 -21.27 9.62
N ASP D 279 25.58 -21.05 10.48
CA ASP D 279 26.73 -20.22 10.18
C ASP D 279 26.40 -18.86 9.49
N ASN D 280 25.53 -18.08 10.13
CA ASN D 280 25.15 -16.74 9.67
C ASN D 280 24.32 -16.64 8.40
N SER D 281 23.58 -17.70 8.09
CA SER D 281 22.67 -17.69 6.93
C SER D 281 21.56 -18.75 6.99
N GLU D 282 20.47 -18.46 6.26
CA GLU D 282 19.30 -19.31 6.27
C GLU D 282 19.43 -20.34 5.17
N TRP D 283 19.18 -21.59 5.51
CA TRP D 283 19.28 -22.71 4.59
C TRP D 283 17.95 -23.45 4.54
N ILE D 284 17.71 -24.12 3.43
CA ILE D 284 16.56 -24.98 3.32
C ILE D 284 17.07 -26.35 2.90
N SER D 285 16.48 -27.39 3.46
CA SER D 285 16.95 -28.78 3.20
C SER D 285 16.43 -29.35 1.88
N ILE D 286 17.33 -29.94 1.10
CA ILE D 286 17.00 -30.51 -0.21
C ILE D 286 16.76 -32.01 -0.08
N VAL D 287 15.52 -32.31 0.27
CA VAL D 287 15.09 -33.66 0.65
C VAL D 287 13.64 -33.75 0.20
N PRO D 288 13.24 -34.91 -0.30
CA PRO D 288 11.87 -35.05 -0.79
C PRO D 288 10.81 -34.66 0.26
N ASN D 289 9.78 -33.92 -0.15
CA ASN D 289 8.69 -33.54 0.75
C ASN D 289 7.62 -34.59 0.90
N PHE D 290 7.71 -35.62 0.07
CA PHE D 290 6.82 -36.75 0.16
C PHE D 290 7.66 -37.98 0.03
N VAL D 291 7.49 -38.89 0.97
CA VAL D 291 8.23 -40.11 0.97
C VAL D 291 7.17 -41.20 1.04
N LEU D 292 7.36 -42.22 0.20
CA LEU D 292 6.51 -43.39 0.25
C LEU D 292 7.20 -44.47 1.08
N ILE D 293 6.47 -44.98 2.06
CA ILE D 293 6.94 -46.15 2.81
C ILE D 293 5.98 -47.31 2.63
N ARG D 294 6.42 -48.33 1.88
CA ARG D 294 5.64 -49.57 1.78
C ARG D 294 6.48 -50.77 2.17
N ASN D 295 5.89 -51.54 3.10
CA ASN D 295 6.61 -52.55 3.85
C ASN D 295 7.75 -51.89 4.65
N THR D 296 8.95 -52.44 4.56
CA THR D 296 10.03 -51.88 5.33
C THR D 296 10.85 -50.90 4.45
N LEU D 297 10.36 -50.71 3.23
CA LEU D 297 11.07 -50.00 2.16
C LEU D 297 10.67 -48.52 1.97
N ILE D 298 11.64 -47.61 2.03
CA ILE D 298 11.36 -46.20 1.75
C ILE D 298 11.79 -45.78 0.35
N SER D 299 10.90 -45.10 -0.37
CA SER D 299 11.25 -44.65 -1.71
C SER D 299 10.47 -43.42 -2.11
N ASN D 300 10.90 -42.81 -3.21
CA ASN D 300 10.27 -41.57 -3.68
C ASN D 300 8.95 -41.81 -4.33
N ILE D 301 8.12 -40.79 -4.42
CA ILE D 301 6.85 -40.95 -5.10
C ILE D 301 6.52 -39.67 -5.81
N GLU D 302 6.02 -39.76 -7.03
CA GLU D 302 5.71 -38.56 -7.81
C GLU D 302 4.28 -38.10 -7.60
N VAL D 303 4.02 -37.44 -6.47
CA VAL D 303 2.66 -37.11 -6.07
C VAL D 303 2.00 -36.11 -7.01
N LYS D 304 2.84 -35.33 -7.69
CA LYS D 304 2.35 -34.35 -8.65
C LYS D 304 1.28 -34.93 -9.55
N TYR D 305 1.35 -36.24 -9.80
CA TYR D 305 0.47 -36.88 -10.78
C TYR D 305 -0.78 -37.48 -10.16
N CYS D 306 -0.82 -37.54 -8.83
CA CYS D 306 -1.90 -38.16 -8.07
C CYS D 306 -2.88 -37.11 -7.60
N LEU D 307 -3.78 -37.50 -6.71
CA LEU D 307 -4.71 -36.59 -5.97
C LEU D 307 -4.42 -36.67 -4.48
N ILE D 308 -3.85 -35.58 -3.95
CA ILE D 308 -3.48 -35.45 -2.54
C ILE D 308 -4.78 -35.06 -1.86
N THR D 309 -4.99 -35.56 -0.64
CA THR D 309 -6.30 -35.49 0.05
C THR D 309 -6.14 -35.71 1.56
N LYS D 310 -6.95 -35.04 2.38
CA LYS D 310 -6.74 -35.07 3.83
C LYS D 310 -6.25 -36.46 4.32
N LYS D 311 -6.89 -37.54 3.86
CA LYS D 311 -6.51 -38.86 4.35
C LYS D 311 -5.58 -39.70 3.43
N SER D 312 -5.64 -39.44 2.12
CA SER D 312 -5.00 -40.34 1.15
C SER D 312 -4.31 -39.65 -0.02
N VAL D 313 -3.26 -40.29 -0.54
CA VAL D 313 -2.74 -40.01 -1.88
C VAL D 313 -3.39 -41.01 -2.86
N ILE D 314 -4.06 -40.46 -3.88
CA ILE D 314 -4.83 -41.31 -4.80
C ILE D 314 -4.28 -41.26 -6.21
N CYS D 315 -3.76 -42.37 -6.73
CA CYS D 315 -3.07 -42.38 -8.01
C CYS D 315 -3.73 -43.31 -8.99
N ASN D 316 -3.62 -43.01 -10.28
CA ASN D 316 -4.13 -43.94 -11.29
C ASN D 316 -3.11 -45.02 -11.66
N GLN D 317 -1.98 -45.02 -10.96
CA GLN D 317 -0.99 -46.05 -11.15
C GLN D 317 -0.02 -45.93 -10.01
N ASP D 318 0.83 -46.93 -9.84
CA ASP D 318 1.92 -46.85 -8.88
C ASP D 318 2.90 -45.83 -9.41
N TYR D 319 3.30 -44.89 -8.57
CA TYR D 319 4.25 -43.84 -8.96
C TYR D 319 5.49 -43.88 -8.12
N ALA D 320 5.87 -45.04 -7.60
CA ALA D 320 7.06 -45.13 -6.79
C ALA D 320 8.29 -44.89 -7.67
N THR D 321 9.36 -44.38 -7.06
CA THR D 321 10.61 -44.10 -7.76
C THR D 321 11.79 -44.34 -6.81
N PRO D 322 12.91 -44.82 -7.35
CA PRO D 322 14.02 -45.25 -6.50
C PRO D 322 14.65 -44.07 -5.83
N MET D 323 15.43 -44.34 -4.80
CA MET D 323 16.03 -43.28 -4.00
C MET D 323 17.44 -43.68 -3.61
N THR D 324 18.36 -42.74 -3.77
CA THR D 324 19.75 -43.00 -3.49
C THR D 324 19.98 -43.31 -2.01
N ALA D 325 20.90 -44.23 -1.76
CA ALA D 325 21.17 -44.69 -0.40
C ALA D 325 21.60 -43.56 0.52
N SER D 326 22.13 -42.50 -0.06
CA SER D 326 22.48 -41.33 0.72
C SER D 326 21.23 -40.63 1.22
N VAL D 327 20.30 -40.37 0.31
CA VAL D 327 19.03 -39.71 0.67
C VAL D 327 18.19 -40.64 1.56
N ARG D 328 18.27 -41.95 1.34
CA ARG D 328 17.69 -42.87 2.29
C ARG D 328 18.33 -42.67 3.67
N GLU D 329 19.65 -42.83 3.77
CA GLU D 329 20.38 -42.67 5.06
C GLU D 329 20.03 -41.37 5.76
N CYS D 330 20.02 -40.27 4.99
CA CYS D 330 19.60 -38.93 5.42
C CYS D 330 18.26 -38.94 6.19
N LEU D 331 17.26 -39.61 5.62
CA LEU D 331 15.91 -39.63 6.20
C LEU D 331 15.85 -40.51 7.44
N THR D 332 16.87 -41.33 7.61
CA THR D 332 16.89 -42.27 8.70
C THR D 332 18.08 -42.00 9.61
N GLY D 333 18.29 -40.72 9.90
CA GLY D 333 19.28 -40.35 10.89
C GLY D 333 20.43 -39.48 10.40
N SER D 334 21.10 -39.90 9.32
CA SER D 334 22.33 -39.23 8.88
C SER D 334 22.07 -37.86 8.27
N THR D 335 21.84 -36.86 9.11
CA THR D 335 21.48 -35.53 8.63
C THR D 335 22.64 -34.87 7.93
N ASP D 336 23.85 -35.33 8.21
CA ASP D 336 25.04 -34.84 7.52
C ASP D 336 25.11 -35.33 6.06
N LYS D 337 24.09 -36.09 5.65
CA LYS D 337 23.96 -36.56 4.28
C LYS D 337 22.81 -35.88 3.57
N CYS D 338 21.97 -35.15 4.29
CA CYS D 338 20.91 -34.38 3.67
C CYS D 338 21.50 -33.10 3.11
N PRO D 339 21.42 -32.91 1.79
CA PRO D 339 22.02 -31.71 1.23
C PRO D 339 21.18 -30.48 1.57
N ARG D 340 21.84 -29.32 1.65
CA ARG D 340 21.16 -28.07 2.00
C ARG D 340 21.45 -26.98 0.99
N GLU D 341 20.47 -26.10 0.77
CA GLU D 341 20.64 -24.94 -0.13
C GLU D 341 20.40 -23.58 0.55
N LEU D 342 21.21 -22.58 0.17
CA LEU D 342 21.06 -21.22 0.65
C LEU D 342 19.67 -20.63 0.38
N VAL D 343 19.16 -19.85 1.30
CA VAL D 343 17.84 -19.26 1.12
C VAL D 343 18.02 -17.80 0.77
N VAL D 344 17.37 -17.35 -0.31
CA VAL D 344 17.48 -15.95 -0.69
C VAL D 344 16.12 -15.33 -1.00
N SER D 345 15.05 -16.06 -0.73
CA SER D 345 13.72 -15.50 -0.88
C SER D 345 12.93 -15.34 0.42
N SER D 346 12.57 -14.08 0.71
CA SER D 346 11.56 -13.73 1.70
C SER D 346 10.22 -14.42 1.43
N HIS D 347 10.23 -15.73 1.26
CA HIS D 347 8.99 -16.42 1.02
C HIS D 347 9.07 -17.87 1.44
N VAL D 348 10.29 -18.41 1.45
CA VAL D 348 10.45 -19.75 2.01
C VAL D 348 10.05 -19.63 3.48
N PRO D 349 9.20 -20.54 3.94
CA PRO D 349 8.54 -20.51 5.22
C PRO D 349 9.51 -20.58 6.37
N ARG D 350 9.11 -19.93 7.47
CA ARG D 350 10.01 -19.69 8.59
C ARG D 350 9.67 -20.45 9.90
N PHE D 351 8.47 -21.03 9.95
CA PHE D 351 8.04 -21.85 11.08
C PHE D 351 6.96 -22.87 10.62
N ALA D 352 6.85 -23.99 11.33
CA ALA D 352 5.74 -24.93 11.11
C ALA D 352 5.25 -25.50 12.42
N LEU D 353 4.05 -26.08 12.37
CA LEU D 353 3.40 -26.66 13.54
C LEU D 353 3.14 -28.14 13.34
N SER D 354 3.65 -28.94 14.26
CA SER D 354 3.41 -30.38 14.23
C SER D 354 3.26 -31.00 15.63
N GLY D 355 2.08 -31.62 15.83
CA GLY D 355 1.70 -32.18 17.10
C GLY D 355 1.29 -31.13 18.10
N GLY D 356 1.03 -29.92 17.62
CA GLY D 356 0.71 -28.83 18.52
C GLY D 356 1.95 -28.19 19.11
N VAL D 357 3.11 -28.65 18.67
CA VAL D 357 4.37 -28.03 19.02
C VAL D 357 4.96 -27.27 17.84
N LEU D 358 5.61 -26.14 18.13
CA LEU D 358 6.07 -25.24 17.10
C LEU D 358 7.55 -25.44 16.76
N PHE D 359 7.87 -25.48 15.46
CA PHE D 359 9.25 -25.46 14.97
C PHE D 359 9.55 -24.18 14.21
N ALA D 360 10.41 -23.34 14.77
CA ALA D 360 10.52 -21.97 14.27
C ALA D 360 11.95 -21.54 14.07
N ASN D 361 12.18 -20.73 13.04
CA ASN D 361 13.44 -20.05 12.86
C ASN D 361 13.44 -18.67 13.52
N CYS D 362 13.71 -18.69 14.83
CA CYS D 362 13.63 -17.51 15.69
C CYS D 362 14.86 -16.61 15.61
N ILE D 363 15.72 -16.89 14.63
CA ILE D 363 16.71 -15.95 14.13
C ILE D 363 16.07 -15.19 12.97
N SER D 364 15.62 -15.88 11.94
CA SER D 364 14.94 -15.20 10.85
C SER D 364 13.69 -14.39 11.26
N VAL D 365 12.74 -15.03 11.97
CA VAL D 365 11.58 -14.29 12.53
C VAL D 365 11.77 -14.04 14.02
N THR D 366 11.04 -13.07 14.57
CA THR D 366 11.17 -12.79 16.01
C THR D 366 10.04 -13.49 16.75
N CYS D 367 10.40 -14.31 17.73
CA CYS D 367 9.41 -15.10 18.46
C CYS D 367 9.27 -14.54 19.86
N GLN D 368 8.03 -14.41 20.36
CA GLN D 368 7.87 -14.08 21.80
C GLN D 368 6.77 -14.80 22.59
N CYS D 369 6.91 -14.79 23.90
CA CYS D 369 6.01 -15.45 24.80
C CYS D 369 4.95 -14.47 25.28
N GLN D 370 3.72 -14.56 24.81
CA GLN D 370 2.69 -13.65 25.31
C GLN D 370 2.45 -13.83 26.82
N THR D 371 2.36 -15.10 27.25
CA THR D 371 2.12 -15.44 28.64
C THR D 371 3.24 -14.88 29.50
N THR D 372 4.48 -15.34 29.31
CA THR D 372 5.60 -14.89 30.16
C THR D 372 6.20 -13.54 29.76
N GLY D 373 5.63 -12.85 28.78
CA GLY D 373 6.13 -11.53 28.38
C GLY D 373 7.53 -11.42 27.75
N ARG D 374 8.42 -12.37 28.04
CA ARG D 374 9.82 -12.32 27.54
C ARG D 374 9.98 -12.90 26.13
N ALA D 375 10.79 -12.26 25.29
CA ALA D 375 11.03 -12.76 23.93
C ALA D 375 11.78 -14.11 23.89
N ILE D 376 11.36 -14.98 22.97
CA ILE D 376 12.03 -16.27 22.75
C ILE D 376 13.17 -16.06 21.75
N SER D 377 14.40 -16.08 22.23
CA SER D 377 15.51 -15.84 21.32
C SER D 377 16.39 -17.05 21.11
N GLN D 378 16.86 -17.17 19.87
CA GLN D 378 17.55 -18.36 19.36
C GLN D 378 19.04 -18.11 19.19
N SER D 379 19.86 -19.00 19.76
CA SER D 379 21.31 -18.93 19.63
C SER D 379 21.69 -19.00 18.16
N GLY D 380 22.89 -18.53 17.85
CA GLY D 380 23.45 -18.68 16.50
C GLY D 380 23.98 -20.09 16.32
N GLU D 381 24.13 -20.82 17.42
CA GLU D 381 24.61 -22.21 17.39
C GLU D 381 23.52 -23.18 16.99
N GLN D 382 22.27 -22.73 16.99
CA GLN D 382 21.18 -23.64 16.73
C GLN D 382 20.39 -23.31 15.48
N THR D 383 19.94 -24.39 14.84
CA THR D 383 19.32 -24.33 13.54
C THR D 383 17.88 -23.83 13.61
N LEU D 384 17.23 -24.15 14.72
CA LEU D 384 15.80 -24.10 14.79
C LEU D 384 15.40 -24.17 16.27
N LEU D 385 14.28 -23.54 16.61
CA LEU D 385 13.76 -23.76 17.94
C LEU D 385 12.52 -24.65 17.89
N MET D 386 12.49 -25.61 18.82
CA MET D 386 11.30 -26.34 19.13
C MET D 386 10.73 -25.60 20.32
N ILE D 387 9.53 -25.07 20.14
CA ILE D 387 8.80 -24.36 21.17
C ILE D 387 7.50 -25.10 21.48
N ASP D 388 7.37 -25.52 22.74
CA ASP D 388 6.21 -26.21 23.24
C ASP D 388 5.81 -25.54 24.56
N ASN D 389 4.66 -25.91 25.12
CA ASN D 389 4.17 -25.25 26.34
C ASN D 389 5.10 -25.25 27.56
N THR D 390 6.13 -26.10 27.56
CA THR D 390 7.06 -26.14 28.69
C THR D 390 8.07 -24.98 28.72
N THR D 391 7.84 -23.98 27.88
CA THR D 391 8.54 -22.69 27.95
C THR D 391 7.55 -21.55 27.68
N CYS D 392 6.69 -21.73 26.68
CA CYS D 392 5.55 -20.84 26.45
C CYS D 392 4.28 -21.62 26.29
N THR D 393 3.23 -21.16 26.95
CA THR D 393 1.92 -21.71 26.65
C THR D 393 1.40 -21.02 25.41
N THR D 394 1.52 -19.69 25.38
CA THR D 394 1.12 -18.95 24.19
C THR D 394 2.31 -18.29 23.51
N VAL D 395 2.33 -18.31 22.19
CA VAL D 395 3.42 -17.72 21.43
C VAL D 395 2.91 -16.70 20.42
N VAL D 396 3.46 -15.48 20.55
CA VAL D 396 3.29 -14.41 19.56
C VAL D 396 4.42 -14.63 18.57
N LEU D 397 4.01 -14.76 17.32
CA LEU D 397 4.91 -15.00 16.21
C LEU D 397 4.69 -14.02 15.05
N GLY D 398 5.31 -12.84 15.18
CA GLY D 398 5.01 -11.71 14.32
C GLY D 398 3.64 -11.12 14.62
N ASN D 399 2.63 -11.74 13.99
CA ASN D 399 1.28 -11.20 13.97
C ASN D 399 0.22 -12.28 14.23
N ILE D 400 0.70 -13.46 14.59
CA ILE D 400 -0.16 -14.61 14.84
C ILE D 400 0.08 -15.15 16.27
N ILE D 401 -0.99 -15.30 17.04
CA ILE D 401 -0.85 -15.77 18.42
C ILE D 401 -1.28 -17.23 18.45
N ILE D 402 -0.49 -18.09 19.09
CA ILE D 402 -0.72 -19.52 18.97
C ILE D 402 -0.36 -20.30 20.24
N SER D 403 -1.33 -21.08 20.73
CA SER D 403 -1.20 -21.81 22.00
C SER D 403 -0.64 -23.20 21.73
N LEU D 404 0.32 -23.62 22.56
CA LEU D 404 1.12 -24.82 22.28
C LEU D 404 0.89 -26.02 23.18
N GLY D 405 1.18 -27.20 22.65
CA GLY D 405 1.14 -28.44 23.42
C GLY D 405 2.50 -28.82 23.96
N LYS D 406 2.58 -29.99 24.61
CA LYS D 406 3.86 -30.53 25.06
C LYS D 406 4.44 -31.46 24.00
N TYR D 407 5.73 -31.26 23.73
CA TYR D 407 6.45 -32.00 22.72
C TYR D 407 6.70 -33.41 23.18
N LEU D 408 6.32 -34.39 22.36
CA LEU D 408 6.43 -35.80 22.78
C LEU D 408 7.84 -36.37 22.61
N GLY D 409 8.78 -35.56 22.13
CA GLY D 409 10.15 -36.01 21.88
C GLY D 409 11.13 -35.66 22.98
N SER D 410 12.42 -35.65 22.63
CA SER D 410 13.52 -35.44 23.58
C SER D 410 13.34 -34.22 24.50
N ILE D 411 13.44 -34.46 25.81
CA ILE D 411 13.22 -33.41 26.83
C ILE D 411 14.06 -32.15 26.61
N ASN D 412 15.21 -32.29 25.96
CA ASN D 412 16.05 -31.14 25.64
C ASN D 412 16.54 -31.13 24.18
N TYR D 413 15.56 -31.02 23.29
CA TYR D 413 15.74 -30.86 21.85
C TYR D 413 16.73 -29.76 21.52
N ASN D 414 16.72 -28.69 22.32
CA ASN D 414 17.46 -27.50 21.97
C ASN D 414 18.91 -27.48 22.47
N SER D 415 19.24 -28.41 23.37
CA SER D 415 20.60 -28.50 23.90
C SER D 415 21.50 -29.33 23.01
N GLU D 416 20.91 -30.29 22.30
CA GLU D 416 21.67 -31.23 21.45
C GLU D 416 21.71 -30.78 19.97
N SER D 417 22.93 -30.67 19.42
CA SER D 417 23.13 -30.11 18.08
C SER D 417 23.17 -31.17 16.96
N ILE D 418 22.40 -30.93 15.89
CA ILE D 418 22.42 -31.78 14.68
C ILE D 418 23.67 -31.45 13.87
N ALA D 419 24.13 -32.39 13.04
CA ALA D 419 25.23 -32.12 12.11
C ALA D 419 24.69 -31.83 10.69
N VAL D 420 24.86 -30.59 10.22
CA VAL D 420 24.26 -30.13 8.96
C VAL D 420 24.99 -30.77 7.78
N GLY D 421 24.26 -31.10 6.71
CA GLY D 421 24.89 -31.70 5.53
C GLY D 421 25.62 -30.73 4.62
N PRO D 422 25.96 -31.16 3.37
CA PRO D 422 26.69 -30.33 2.43
C PRO D 422 25.80 -29.34 1.68
N PRO D 423 26.35 -28.15 1.39
CA PRO D 423 25.57 -27.18 0.63
C PRO D 423 25.58 -27.54 -0.86
N VAL D 424 24.51 -27.18 -1.55
CA VAL D 424 24.42 -27.43 -2.98
C VAL D 424 23.49 -26.44 -3.69
N TYR D 425 23.70 -26.28 -4.99
CA TYR D 425 22.87 -25.40 -5.82
C TYR D 425 21.96 -26.26 -6.67
N THR D 426 20.71 -25.82 -6.72
CA THR D 426 19.58 -26.62 -7.19
C THR D 426 19.24 -26.36 -8.69
N ASP D 427 19.73 -25.21 -9.16
CA ASP D 427 19.37 -24.57 -10.41
C ASP D 427 19.88 -25.29 -11.66
N LYS D 428 19.01 -25.36 -12.66
CA LYS D 428 19.31 -26.08 -13.91
C LYS D 428 20.67 -25.65 -14.47
N VAL D 429 20.83 -24.35 -14.64
CA VAL D 429 22.07 -23.74 -15.12
C VAL D 429 23.26 -23.94 -14.18
N ASP D 430 22.99 -24.13 -12.89
CA ASP D 430 24.07 -24.26 -11.93
C ASP D 430 24.57 -25.69 -11.84
N ILE D 431 23.67 -26.62 -12.14
CA ILE D 431 24.08 -28.02 -12.25
C ILE D 431 25.14 -28.21 -13.37
N SER D 432 24.92 -27.65 -14.57
CA SER D 432 25.88 -27.80 -15.67
C SER D 432 27.21 -27.23 -15.29
N SER D 433 27.19 -26.02 -14.74
CA SER D 433 28.44 -25.43 -14.32
C SER D 433 29.09 -26.29 -13.24
N GLN D 434 28.33 -26.72 -12.23
CA GLN D 434 28.90 -27.55 -11.18
C GLN D 434 29.60 -28.76 -11.80
N ILE D 435 28.87 -29.41 -12.71
CA ILE D 435 29.33 -30.61 -13.40
C ILE D 435 30.64 -30.32 -14.15
N SER D 436 30.64 -29.25 -14.96
CA SER D 436 31.83 -28.97 -15.76
C SER D 436 33.01 -28.58 -14.89
N SER D 437 32.75 -27.77 -13.87
CA SER D 437 33.71 -27.45 -12.83
C SER D 437 34.36 -28.73 -12.29
N MET D 438 33.50 -29.64 -11.79
CA MET D 438 33.97 -30.94 -11.28
C MET D 438 34.80 -31.71 -12.32
N ASN D 439 34.34 -31.69 -13.58
CA ASN D 439 35.10 -32.29 -14.69
C ASN D 439 36.47 -31.67 -14.91
N GLN D 440 36.50 -30.42 -15.36
CA GLN D 440 37.69 -29.59 -15.40
C GLN D 440 38.62 -30.01 -14.28
N SER D 441 38.12 -29.97 -13.04
CA SER D 441 38.96 -30.37 -11.90
C SER D 441 39.50 -31.82 -11.98
N LEU D 442 38.61 -32.78 -12.29
CA LEU D 442 39.04 -34.18 -12.44
C LEU D 442 40.09 -34.39 -13.56
N GLN D 443 39.90 -33.73 -14.70
CA GLN D 443 40.86 -33.77 -15.80
C GLN D 443 42.17 -33.14 -15.37
N GLN D 444 42.08 -31.97 -14.75
CA GLN D 444 43.24 -31.24 -14.22
C GLN D 444 44.03 -32.11 -13.25
N SER D 445 43.33 -32.82 -12.36
CA SER D 445 44.03 -33.74 -11.43
C SER D 445 44.13 -35.18 -11.94
N LYS D 446 43.81 -35.41 -13.21
CA LYS D 446 44.01 -36.73 -13.83
C LYS D 446 45.34 -36.75 -14.60
N ASP D 447 46.03 -35.61 -14.58
CA ASP D 447 47.34 -35.49 -15.19
C ASP D 447 48.42 -35.69 -14.14
N TYR D 448 48.16 -35.17 -12.94
CA TYR D 448 49.06 -35.36 -11.81
C TYR D 448 49.18 -36.84 -11.47
N ILE D 449 48.14 -37.61 -11.76
CA ILE D 449 48.20 -39.07 -11.62
C ILE D 449 48.94 -39.73 -12.79
N LYS D 450 49.09 -39.00 -13.89
CA LYS D 450 49.95 -39.46 -14.98
C LYS D 450 51.40 -39.02 -14.74
N GLU D 451 51.60 -38.04 -13.86
CA GLU D 451 52.96 -37.71 -13.38
C GLU D 451 53.52 -38.84 -12.50
N GLY E 1 20.42 -48.24 -40.97
CA GLY E 1 21.22 -48.84 -39.86
C GLY E 1 22.43 -48.04 -39.37
N ILE E 2 22.17 -46.86 -38.79
CA ILE E 2 23.20 -46.07 -38.11
C ILE E 2 23.38 -46.52 -36.64
N LEU E 3 22.25 -46.85 -35.99
CA LEU E 3 22.17 -47.33 -34.59
C LEU E 3 22.48 -48.82 -34.41
N HIS E 4 22.70 -49.28 -33.18
CA HIS E 4 22.84 -50.72 -32.92
C HIS E 4 21.60 -51.33 -32.21
N TYR E 5 20.58 -51.61 -33.02
CA TYR E 5 19.24 -52.02 -32.57
C TYR E 5 19.19 -53.27 -31.70
N GLU E 6 19.88 -54.35 -32.12
CA GLU E 6 19.91 -55.61 -31.37
C GLU E 6 20.60 -55.42 -30.00
N LYS E 7 21.85 -54.96 -30.03
CA LYS E 7 22.59 -54.64 -28.79
C LYS E 7 21.69 -53.77 -27.90
N LEU E 8 21.09 -52.74 -28.50
CA LEU E 8 20.16 -51.90 -27.78
C LEU E 8 18.97 -52.62 -27.18
N SER E 9 18.42 -53.61 -27.89
CA SER E 9 17.18 -54.26 -27.42
C SER E 9 17.41 -55.11 -26.18
N LYS E 10 18.60 -55.68 -26.05
CA LYS E 10 18.93 -56.43 -24.83
C LYS E 10 18.94 -55.55 -23.59
N ILE E 11 19.38 -54.29 -23.73
CA ILE E 11 19.44 -53.33 -22.62
C ILE E 11 18.05 -52.71 -22.40
N GLY E 12 17.08 -53.21 -23.16
CA GLY E 12 15.68 -52.90 -22.94
C GLY E 12 15.09 -51.76 -23.76
N LEU E 13 15.75 -51.46 -24.87
CA LEU E 13 15.30 -50.44 -25.79
C LEU E 13 15.02 -51.09 -27.14
N VAL E 14 13.75 -51.36 -27.46
CA VAL E 14 13.42 -52.10 -28.70
C VAL E 14 13.03 -51.14 -29.83
N LYS E 15 13.31 -51.49 -31.10
CA LYS E 15 12.97 -50.57 -32.23
C LYS E 15 11.48 -50.25 -32.30
N GLY E 16 11.15 -48.97 -32.17
CA GLY E 16 9.78 -48.51 -32.33
C GLY E 16 9.63 -48.07 -33.76
N ILE E 17 8.65 -47.22 -34.02
CA ILE E 17 8.45 -46.76 -35.38
C ILE E 17 9.61 -45.86 -35.83
N THR E 18 9.88 -45.88 -37.13
CA THR E 18 10.72 -44.85 -37.72
C THR E 18 9.83 -43.82 -38.39
N ARG E 19 10.14 -42.54 -38.19
CA ARG E 19 9.26 -41.47 -38.65
C ARG E 19 9.94 -40.46 -39.55
N LYS E 20 9.16 -39.93 -40.49
CA LYS E 20 9.55 -38.80 -41.31
C LYS E 20 9.64 -37.56 -40.44
N TYR E 21 10.52 -36.62 -40.81
CA TYR E 21 10.73 -35.40 -40.02
C TYR E 21 10.28 -34.21 -40.83
N LYS E 22 9.29 -33.49 -40.32
CA LYS E 22 8.79 -32.35 -41.07
C LYS E 22 8.77 -31.04 -40.28
N ILE E 23 9.09 -29.93 -40.96
CA ILE E 23 9.04 -28.62 -40.35
C ILE E 23 8.26 -27.67 -41.28
N LYS E 24 7.55 -26.70 -40.72
CA LYS E 24 6.92 -25.66 -41.56
C LYS E 24 7.98 -24.84 -42.32
N SER E 25 7.56 -24.21 -43.42
CA SER E 25 8.43 -23.31 -44.19
C SER E 25 7.57 -22.43 -45.10
N ASN E 26 8.20 -21.53 -45.86
CA ASN E 26 7.53 -20.92 -47.01
C ASN E 26 6.09 -20.45 -46.67
N PRO E 27 5.93 -19.55 -45.65
CA PRO E 27 4.61 -19.07 -45.21
C PRO E 27 3.88 -18.34 -46.30
N LEU E 28 2.57 -18.21 -46.18
CA LEU E 28 1.81 -17.55 -47.23
C LEU E 28 0.73 -16.67 -46.62
N THR E 29 0.93 -15.36 -46.73
CA THR E 29 0.22 -14.36 -45.94
C THR E 29 -1.22 -14.02 -46.41
N LYS E 30 -2.14 -13.87 -45.47
CA LYS E 30 -3.52 -13.50 -45.80
C LYS E 30 -4.12 -12.66 -44.67
N ASP E 31 -4.92 -11.64 -44.98
CA ASP E 31 -5.35 -10.66 -43.95
C ASP E 31 -6.80 -10.72 -43.53
N ILE E 32 -7.06 -10.39 -42.26
CA ILE E 32 -8.44 -10.45 -41.76
C ILE E 32 -8.75 -9.39 -40.71
N VAL E 33 -10.01 -8.96 -40.68
CA VAL E 33 -10.42 -7.97 -39.69
C VAL E 33 -11.26 -8.59 -38.59
N ILE E 34 -10.83 -8.40 -37.34
CA ILE E 34 -11.61 -8.83 -36.17
C ILE E 34 -12.17 -7.63 -35.41
N LYS E 35 -13.49 -7.49 -35.37
CA LYS E 35 -14.14 -6.38 -34.68
C LYS E 35 -14.56 -6.83 -33.31
N MET E 36 -14.16 -6.05 -32.31
CA MET E 36 -14.27 -6.48 -30.92
C MET E 36 -15.41 -5.86 -30.11
N LYS E 37 -16.22 -5.02 -30.74
CA LYS E 37 -17.48 -4.53 -30.14
C LYS E 37 -18.60 -4.90 -31.11
N PRO E 38 -19.65 -5.57 -30.62
CA PRO E 38 -20.77 -6.01 -31.46
C PRO E 38 -21.66 -4.86 -31.97
N ASN E 39 -22.64 -5.17 -32.83
CA ASN E 39 -23.49 -4.17 -33.50
C ASN E 39 -24.31 -3.30 -32.56
N VAL E 40 -25.29 -3.92 -31.90
CA VAL E 40 -26.12 -3.28 -30.86
C VAL E 40 -27.14 -2.25 -31.37
N SER E 41 -26.84 -1.59 -32.50
CA SER E 41 -27.75 -0.56 -33.03
C SER E 41 -29.15 -1.08 -33.40
N ASN E 42 -29.38 -2.38 -33.21
CA ASN E 42 -30.74 -2.92 -33.20
C ASN E 42 -31.28 -3.06 -31.78
N VAL E 43 -30.43 -3.55 -30.88
CA VAL E 43 -30.81 -3.72 -29.47
C VAL E 43 -30.18 -2.60 -28.62
N SER E 44 -30.33 -1.36 -29.09
CA SER E 44 -29.85 -0.19 -28.37
C SER E 44 -30.94 0.52 -27.55
N LYS E 45 -31.94 -0.25 -27.11
CA LYS E 45 -33.01 0.27 -26.25
C LYS E 45 -32.51 0.41 -24.82
N CYS E 46 -32.16 -0.72 -24.22
CA CYS E 46 -31.75 -0.76 -22.83
C CYS E 46 -30.28 -1.15 -22.68
N THR E 47 -29.38 -0.25 -23.09
CA THR E 47 -27.93 -0.49 -22.90
C THR E 47 -27.32 0.37 -21.78
N GLY E 48 -28.10 1.31 -21.25
CA GLY E 48 -27.63 2.24 -20.22
C GLY E 48 -26.29 2.83 -20.61
N THR E 49 -25.27 2.54 -19.80
CA THR E 49 -23.90 2.94 -20.15
C THR E 49 -22.95 1.76 -20.04
N VAL E 50 -23.40 0.58 -20.47
CA VAL E 50 -22.50 -0.58 -20.53
C VAL E 50 -21.44 -0.37 -21.60
N MET E 51 -21.82 0.32 -22.68
CA MET E 51 -20.94 0.53 -23.83
C MET E 51 -19.83 1.52 -23.53
N GLU E 52 -20.22 2.61 -22.88
CA GLU E 52 -19.30 3.65 -22.46
C GLU E 52 -18.23 3.05 -21.55
N ASN E 53 -18.63 2.08 -20.73
CA ASN E 53 -17.71 1.36 -19.87
C ASN E 53 -16.86 0.37 -20.64
N TYR E 54 -17.52 -0.57 -21.31
CA TYR E 54 -16.86 -1.58 -22.13
C TYR E 54 -15.79 -0.99 -23.05
N LYS E 55 -16.13 0.13 -23.71
CA LYS E 55 -15.20 0.77 -24.63
C LYS E 55 -13.93 1.23 -23.95
N SER E 56 -14.07 2.03 -22.90
CA SER E 56 -12.92 2.52 -22.14
C SER E 56 -12.18 1.39 -21.45
N ARG E 57 -12.88 0.31 -21.12
CA ARG E 57 -12.22 -0.85 -20.59
C ARG E 57 -11.34 -1.51 -21.63
N LEU E 58 -11.92 -1.74 -22.82
CA LEU E 58 -11.23 -2.34 -23.96
C LEU E 58 -10.02 -1.51 -24.41
N THR E 59 -10.22 -0.19 -24.51
CA THR E 59 -9.17 0.78 -24.83
C THR E 59 -7.92 0.59 -23.97
N GLY E 60 -8.13 0.26 -22.70
CA GLY E 60 -7.06 -0.02 -21.76
C GLY E 60 -6.21 -1.24 -22.11
N ILE E 61 -6.85 -2.30 -22.62
CA ILE E 61 -6.11 -3.50 -22.98
C ILE E 61 -5.59 -3.39 -24.42
N LEU E 62 -6.25 -2.57 -25.22
CA LEU E 62 -5.93 -2.41 -26.64
C LEU E 62 -4.84 -1.40 -26.93
N SER E 63 -4.93 -0.23 -26.31
CA SER E 63 -4.02 0.86 -26.65
C SER E 63 -2.52 0.51 -26.57
N PRO E 64 -2.07 -0.15 -25.47
CA PRO E 64 -0.62 -0.47 -25.38
C PRO E 64 -0.05 -1.31 -26.57
N ILE E 65 -0.89 -2.15 -27.18
CA ILE E 65 -0.55 -2.88 -28.42
C ILE E 65 -0.31 -1.85 -29.51
N LYS E 66 -1.34 -1.07 -29.82
CA LYS E 66 -1.20 0.03 -30.79
C LYS E 66 0.13 0.75 -30.56
N GLY E 67 0.26 1.37 -29.38
CA GLY E 67 1.53 2.00 -28.96
C GLY E 67 2.78 1.19 -29.30
N ALA E 68 2.82 -0.10 -28.90
CA ALA E 68 3.98 -0.96 -29.18
C ALA E 68 4.26 -1.14 -30.67
N ILE E 69 3.19 -1.36 -31.44
CA ILE E 69 3.27 -1.48 -32.89
C ILE E 69 3.83 -0.20 -33.51
N GLU E 70 3.23 0.93 -33.15
CA GLU E 70 3.61 2.20 -33.75
C GLU E 70 5.07 2.60 -33.53
N LEU E 71 5.71 2.07 -32.48
CA LEU E 71 7.13 2.36 -32.25
C LEU E 71 8.00 1.75 -33.35
N TYR E 72 7.57 0.62 -33.90
CA TYR E 72 8.27 0.05 -35.04
C TYR E 72 7.93 0.80 -36.32
N ASN E 73 6.68 1.24 -36.45
CA ASN E 73 6.28 2.01 -37.63
C ASN E 73 6.90 3.40 -37.73
N ASN E 74 6.85 4.20 -36.67
CA ASN E 74 7.42 5.57 -36.69
C ASN E 74 8.94 5.51 -36.60
N ASN E 75 9.47 4.34 -36.82
CA ASN E 75 10.90 4.16 -36.78
C ASN E 75 11.43 3.19 -37.87
N THR E 76 10.54 2.60 -38.69
CA THR E 76 11.00 2.02 -39.97
C THR E 76 10.72 3.02 -41.10
N HIS E 77 11.71 3.87 -41.34
CA HIS E 77 11.68 4.93 -42.33
C HIS E 77 12.24 4.45 -43.66
N VAL E 89 14.26 -0.26 -44.39
CA VAL E 89 15.23 0.14 -43.34
C VAL E 89 14.63 0.43 -41.96
N MET E 90 15.11 -0.31 -40.94
CA MET E 90 14.70 -0.13 -39.55
C MET E 90 15.68 0.78 -38.84
N ALA E 91 15.13 1.71 -38.06
CA ALA E 91 15.95 2.67 -37.29
C ALA E 91 16.53 2.12 -35.99
N GLY E 92 17.79 1.69 -36.06
CA GLY E 92 18.44 0.99 -34.96
C GLY E 92 18.62 1.83 -33.71
N ILE E 93 18.86 3.13 -33.89
CA ILE E 93 19.03 4.01 -32.73
C ILE E 93 17.68 4.15 -32.06
N ALA E 94 16.63 4.36 -32.85
CA ALA E 94 15.27 4.51 -32.34
C ALA E 94 14.77 3.25 -31.66
N ILE E 95 14.99 2.09 -32.28
CA ILE E 95 14.60 0.82 -31.70
C ILE E 95 15.43 0.47 -30.47
N GLY E 96 16.74 0.70 -30.55
CA GLY E 96 17.60 0.66 -29.38
C GLY E 96 18.03 -0.72 -28.93
N ILE E 97 17.08 -1.46 -28.36
CA ILE E 97 17.33 -2.79 -27.79
C ILE E 97 16.24 -3.69 -28.33
N ALA E 98 16.59 -4.63 -29.21
CA ALA E 98 15.62 -5.63 -29.67
C ALA E 98 16.26 -6.93 -30.13
N THR E 99 15.42 -7.95 -30.28
CA THR E 99 15.89 -9.22 -30.83
C THR E 99 15.69 -9.34 -32.33
N ALA E 100 16.42 -10.31 -32.92
CA ALA E 100 16.38 -10.50 -34.36
C ALA E 100 14.95 -10.84 -34.75
N ALA E 101 14.39 -11.76 -33.97
CA ALA E 101 13.04 -12.24 -34.19
C ALA E 101 12.04 -11.08 -34.30
N GLN E 102 12.11 -10.22 -33.29
CA GLN E 102 11.33 -9.00 -33.20
C GLN E 102 11.59 -8.08 -34.41
N ILE E 103 12.86 -7.83 -34.74
CA ILE E 103 13.17 -6.98 -35.87
C ILE E 103 12.47 -7.50 -37.13
N THR E 104 12.59 -8.81 -37.31
CA THR E 104 11.99 -9.45 -38.50
C THR E 104 10.48 -9.26 -38.47
N ALA E 105 9.88 -9.55 -37.30
CA ALA E 105 8.46 -9.29 -37.15
C ALA E 105 8.11 -7.84 -37.54
N GLY E 106 9.01 -6.92 -37.22
CA GLY E 106 8.85 -5.50 -37.56
C GLY E 106 8.87 -5.28 -39.06
N VAL E 107 9.86 -5.88 -39.73
CA VAL E 107 9.84 -5.87 -41.21
C VAL E 107 8.53 -6.45 -41.78
N ALA E 108 8.10 -7.63 -41.30
CA ALA E 108 6.79 -8.18 -41.73
C ALA E 108 5.63 -7.22 -41.46
N LEU E 109 5.72 -6.48 -40.35
CA LEU E 109 4.72 -5.48 -40.00
C LEU E 109 4.69 -4.36 -41.04
N TYR E 110 5.88 -3.81 -41.31
CA TYR E 110 5.99 -2.79 -42.34
C TYR E 110 5.45 -3.33 -43.66
N GLU E 111 5.80 -4.57 -43.98
CA GLU E 111 5.26 -5.19 -45.18
C GLU E 111 3.73 -5.23 -45.14
N ALA E 112 3.14 -5.56 -43.98
CA ALA E 112 1.67 -5.55 -43.82
C ALA E 112 1.01 -4.17 -43.93
N MET E 113 1.76 -3.13 -43.54
CA MET E 113 1.23 -1.75 -43.61
C MET E 113 0.51 -1.34 -44.91
N LYS E 114 1.14 -1.63 -46.06
CA LYS E 114 0.59 -1.28 -47.37
C LYS E 114 -0.87 -1.72 -47.52
N ASN E 115 -1.15 -3.00 -47.26
CA ASN E 115 -2.51 -3.49 -47.31
C ASN E 115 -3.35 -3.06 -46.11
N ALA E 116 -2.73 -3.01 -44.93
CA ALA E 116 -3.44 -2.48 -43.76
C ALA E 116 -4.13 -1.15 -44.11
N ASP E 117 -3.34 -0.24 -44.69
CA ASP E 117 -3.82 1.09 -45.10
C ASP E 117 -5.00 1.05 -46.08
N ASN E 118 -4.95 0.11 -47.01
CA ASN E 118 -6.03 -0.10 -47.96
C ASN E 118 -7.29 -0.68 -47.33
N ILE E 119 -7.11 -1.62 -46.40
CA ILE E 119 -8.24 -2.19 -45.65
C ILE E 119 -8.90 -1.09 -44.80
N ASN E 120 -8.05 -0.28 -44.16
CA ASN E 120 -8.55 0.79 -43.29
C ASN E 120 -9.51 1.81 -43.93
N LYS E 121 -9.49 1.93 -45.25
CA LYS E 121 -10.38 2.85 -45.95
C LYS E 121 -11.87 2.46 -45.83
N LEU E 122 -12.14 1.21 -45.49
CA LEU E 122 -13.50 0.72 -45.36
C LEU E 122 -14.01 0.83 -43.91
N LYS E 123 -13.40 1.76 -43.16
CA LYS E 123 -13.65 1.92 -41.72
C LYS E 123 -15.13 2.07 -41.38
N SER E 124 -15.81 3.02 -42.01
CA SER E 124 -17.22 3.25 -41.75
C SER E 124 -18.11 2.05 -42.09
N SER E 125 -17.72 1.27 -43.10
CA SER E 125 -18.44 0.04 -43.43
C SER E 125 -18.13 -1.09 -42.46
N ILE E 126 -16.91 -1.13 -41.93
CA ILE E 126 -16.58 -2.04 -40.80
C ILE E 126 -17.43 -1.68 -39.59
N GLU E 127 -17.43 -0.40 -39.25
CA GLU E 127 -18.19 0.14 -38.13
C GLU E 127 -19.65 -0.32 -38.04
N SER E 128 -20.26 -0.56 -39.19
CA SER E 128 -21.70 -0.84 -39.23
C SER E 128 -22.03 -2.24 -39.74
N THR E 129 -21.12 -3.18 -39.56
CA THR E 129 -21.37 -4.55 -39.99
C THR E 129 -22.49 -5.16 -39.17
N ASN E 130 -23.43 -5.78 -39.86
CA ASN E 130 -24.64 -6.32 -39.25
C ASN E 130 -24.45 -7.70 -38.62
N GLU E 131 -23.68 -8.54 -39.29
CA GLU E 131 -23.60 -9.96 -38.98
C GLU E 131 -22.24 -10.38 -38.47
N ALA E 132 -22.19 -11.61 -37.96
CA ALA E 132 -21.01 -12.19 -37.33
C ALA E 132 -19.77 -12.25 -38.23
N VAL E 133 -19.95 -12.77 -39.44
CA VAL E 133 -18.90 -12.78 -40.47
C VAL E 133 -19.36 -12.07 -41.75
N VAL E 134 -18.62 -11.05 -42.15
CA VAL E 134 -18.98 -10.30 -43.35
C VAL E 134 -17.85 -10.27 -44.38
N LYS E 135 -18.25 -10.33 -45.65
CA LYS E 135 -17.34 -10.28 -46.78
C LYS E 135 -17.39 -8.87 -47.36
N LEU E 136 -16.25 -8.17 -47.38
CA LEU E 136 -16.19 -6.82 -47.91
C LEU E 136 -15.29 -6.70 -49.13
N GLN E 137 -15.55 -5.68 -49.96
CA GLN E 137 -14.77 -5.42 -51.17
C GLN E 137 -13.74 -4.32 -50.97
N GLU E 138 -12.46 -4.69 -51.11
CA GLU E 138 -11.37 -3.75 -50.94
C GLU E 138 -11.05 -3.11 -52.29
N THR E 139 -12.10 -2.75 -53.01
CA THR E 139 -12.06 -2.03 -54.30
C THR E 139 -11.40 -2.78 -55.47
N ALA E 140 -10.45 -3.66 -55.19
CA ALA E 140 -9.65 -4.32 -56.22
C ALA E 140 -10.37 -5.49 -56.88
N GLU E 141 -11.45 -5.95 -56.25
CA GLU E 141 -12.00 -7.29 -56.42
C GLU E 141 -11.29 -8.23 -55.45
N LYS E 142 -10.26 -7.71 -54.77
CA LYS E 142 -9.63 -8.37 -53.63
C LYS E 142 -10.52 -8.17 -52.40
N THR E 143 -11.07 -9.27 -51.88
CA THR E 143 -12.03 -9.24 -50.76
C THR E 143 -11.33 -9.19 -49.40
N VAL E 144 -12.04 -8.71 -48.37
CA VAL E 144 -11.54 -8.75 -46.99
C VAL E 144 -12.67 -9.05 -46.00
N TYR E 145 -12.36 -9.91 -45.04
CA TYR E 145 -13.38 -10.41 -44.12
C TYR E 145 -13.38 -9.72 -42.78
N VAL E 146 -14.59 -9.44 -42.30
CA VAL E 146 -14.79 -8.92 -40.94
C VAL E 146 -15.54 -9.90 -40.05
N LEU E 147 -14.82 -10.40 -39.04
CA LEU E 147 -15.36 -11.28 -38.00
C LEU E 147 -15.60 -10.43 -36.78
N THR E 148 -16.85 -10.27 -36.36
CA THR E 148 -17.15 -9.40 -35.23
C THR E 148 -17.67 -10.20 -34.03
N ALA E 149 -17.07 -9.96 -32.86
CA ALA E 149 -17.38 -10.70 -31.62
C ALA E 149 -18.83 -10.50 -31.09
N LEU E 150 -19.38 -11.57 -30.51
CA LEU E 150 -20.66 -11.55 -29.81
C LEU E 150 -21.84 -11.19 -30.70
N GLN E 151 -21.53 -10.84 -31.95
CA GLN E 151 -22.54 -10.43 -32.90
C GLN E 151 -23.62 -11.49 -33.09
N ASP E 152 -23.17 -12.75 -33.20
CA ASP E 152 -24.09 -13.87 -33.36
C ASP E 152 -25.04 -13.98 -32.17
N TYR E 153 -24.44 -13.99 -30.97
CA TYR E 153 -25.20 -13.97 -29.72
C TYR E 153 -26.24 -12.85 -29.76
N ILE E 154 -25.78 -11.64 -30.08
CA ILE E 154 -26.70 -10.51 -30.15
C ILE E 154 -27.84 -10.71 -31.15
N ASN E 155 -27.51 -11.17 -32.35
CA ASN E 155 -28.52 -11.39 -33.38
C ASN E 155 -29.50 -12.52 -33.11
N THR E 156 -29.02 -13.59 -32.49
CA THR E 156 -29.87 -14.78 -32.35
C THR E 156 -30.32 -15.15 -30.94
N ASN E 157 -29.88 -14.39 -29.94
CA ASN E 157 -30.38 -14.56 -28.56
C ASN E 157 -31.17 -13.36 -28.06
N LEU E 158 -30.48 -12.23 -27.99
CA LEU E 158 -31.00 -11.01 -27.39
C LEU E 158 -32.27 -10.47 -28.09
N VAL E 159 -32.16 -10.26 -29.40
CA VAL E 159 -33.23 -9.67 -30.22
C VAL E 159 -34.53 -10.50 -30.26
N PRO E 160 -34.46 -11.80 -30.62
CA PRO E 160 -35.72 -12.56 -30.72
C PRO E 160 -36.48 -12.70 -29.39
N SER E 161 -35.83 -12.30 -28.30
CA SER E 161 -36.46 -12.31 -26.98
C SER E 161 -36.52 -10.93 -26.29
N ILE E 162 -36.05 -9.90 -27.00
CA ILE E 162 -36.12 -8.50 -26.53
C ILE E 162 -37.51 -8.04 -26.02
N ASP E 163 -38.54 -8.80 -26.36
CA ASP E 163 -39.90 -8.49 -25.92
C ASP E 163 -40.30 -9.24 -24.64
N GLN E 164 -40.01 -10.55 -24.58
CA GLN E 164 -40.32 -11.37 -23.41
C GLN E 164 -39.36 -11.07 -22.26
N ILE E 165 -38.12 -10.74 -22.59
CA ILE E 165 -37.17 -10.24 -21.58
C ILE E 165 -37.56 -8.80 -21.22
N SER E 166 -37.19 -8.35 -20.03
CA SER E 166 -37.43 -6.95 -19.66
C SER E 166 -36.29 -6.04 -20.10
N CYS E 167 -36.28 -4.82 -19.58
CA CYS E 167 -35.32 -3.79 -19.96
C CYS E 167 -33.94 -3.98 -19.31
N LYS E 168 -33.92 -4.05 -17.98
CA LYS E 168 -32.68 -4.20 -17.20
C LYS E 168 -32.05 -5.60 -17.39
N GLN E 169 -32.90 -6.59 -17.67
CA GLN E 169 -32.45 -7.95 -17.93
C GLN E 169 -31.60 -8.03 -19.18
N THR E 170 -32.00 -7.32 -20.23
CA THR E 170 -31.22 -7.26 -21.47
C THR E 170 -29.89 -6.56 -21.25
N GLU E 171 -29.90 -5.42 -20.55
CA GLU E 171 -28.63 -4.75 -20.27
C GLU E 171 -27.72 -5.62 -19.39
N LEU E 172 -28.30 -6.29 -18.39
CA LEU E 172 -27.55 -7.27 -17.60
C LEU E 172 -26.94 -8.36 -18.48
N ALA E 173 -27.80 -8.98 -19.31
CA ALA E 173 -27.40 -10.04 -20.24
C ALA E 173 -26.31 -9.57 -21.18
N LEU E 174 -26.32 -8.29 -21.53
CA LEU E 174 -25.30 -7.73 -22.41
C LEU E 174 -23.99 -7.52 -21.67
N ASP E 175 -24.07 -6.76 -20.58
CA ASP E 175 -22.95 -6.50 -19.69
C ASP E 175 -22.21 -7.80 -19.36
N LEU E 176 -23.00 -8.83 -19.01
CA LEU E 176 -22.48 -10.16 -18.67
C LEU E 176 -21.73 -10.84 -19.83
N ALA E 177 -22.33 -10.78 -21.02
CA ALA E 177 -21.73 -11.32 -22.22
C ALA E 177 -20.39 -10.61 -22.49
N LEU E 178 -20.47 -9.27 -22.58
CA LEU E 178 -19.25 -8.46 -22.80
C LEU E 178 -18.18 -8.78 -21.76
N SER E 179 -18.54 -8.75 -20.48
CA SER E 179 -17.53 -9.01 -19.45
C SER E 179 -16.98 -10.45 -19.49
N LYS E 180 -17.84 -11.42 -19.83
CA LYS E 180 -17.34 -12.80 -19.98
C LYS E 180 -16.34 -12.84 -21.12
N TYR E 181 -16.75 -12.31 -22.27
CA TYR E 181 -15.88 -12.24 -23.43
C TYR E 181 -14.54 -11.59 -23.06
N LEU E 182 -14.63 -10.49 -22.31
CA LEU E 182 -13.45 -9.80 -21.81
C LEU E 182 -12.55 -10.71 -20.95
N SER E 183 -13.15 -11.29 -19.92
CA SER E 183 -12.41 -12.20 -19.04
C SER E 183 -11.79 -13.33 -19.83
N ASP E 184 -12.44 -13.73 -20.93
CA ASP E 184 -11.88 -14.77 -21.76
C ASP E 184 -10.72 -14.31 -22.61
N LEU E 185 -10.87 -13.16 -23.26
CA LEU E 185 -9.75 -12.68 -24.07
C LEU E 185 -8.57 -12.17 -23.26
N LEU E 186 -8.80 -11.74 -22.03
CA LEU E 186 -7.75 -11.08 -21.28
C LEU E 186 -6.40 -11.83 -21.14
N PHE E 187 -6.41 -13.17 -21.04
CA PHE E 187 -5.13 -13.90 -20.88
C PHE E 187 -4.16 -13.65 -22.05
N VAL E 188 -4.63 -13.94 -23.26
CA VAL E 188 -3.87 -13.75 -24.49
C VAL E 188 -3.53 -12.27 -24.80
N PHE E 189 -4.51 -11.37 -24.67
CA PHE E 189 -4.38 -9.96 -25.09
C PHE E 189 -4.04 -8.94 -24.01
N GLY E 190 -3.90 -9.40 -22.76
CA GLY E 190 -3.63 -8.53 -21.60
C GLY E 190 -2.25 -7.85 -21.60
N PRO E 191 -1.80 -7.39 -20.41
CA PRO E 191 -0.44 -6.84 -20.23
C PRO E 191 0.56 -7.94 -20.51
N ASN E 192 -0.02 -9.12 -20.67
CA ASN E 192 0.63 -10.38 -20.84
C ASN E 192 1.39 -10.54 -22.15
N LEU E 193 0.72 -10.21 -23.26
CA LEU E 193 1.30 -10.09 -24.62
C LEU E 193 2.16 -8.80 -24.73
N GLN E 194 3.32 -8.81 -24.08
CA GLN E 194 4.10 -7.57 -23.91
C GLN E 194 4.81 -7.17 -25.19
N ASP E 195 5.06 -8.18 -26.02
CA ASP E 195 5.70 -7.99 -27.29
C ASP E 195 4.75 -8.42 -28.43
N PRO E 196 3.97 -7.47 -28.99
CA PRO E 196 2.99 -7.76 -30.06
C PRO E 196 3.57 -7.67 -31.46
N VAL E 197 4.81 -7.20 -31.54
CA VAL E 197 5.54 -7.19 -32.80
C VAL E 197 6.25 -8.55 -32.89
N SER E 198 5.44 -9.57 -33.19
CA SER E 198 5.91 -10.95 -33.32
C SER E 198 4.95 -11.72 -34.20
N ASN E 199 5.41 -12.84 -34.72
CA ASN E 199 4.51 -13.80 -35.36
C ASN E 199 4.70 -15.20 -34.78
N SER E 200 4.46 -15.31 -33.48
CA SER E 200 4.54 -16.56 -32.75
C SER E 200 3.13 -16.93 -32.35
N MET E 201 2.36 -15.95 -31.89
CA MET E 201 0.96 -16.16 -31.53
C MET E 201 0.29 -17.14 -32.46
N THR E 202 -0.21 -18.22 -31.89
CA THR E 202 -0.89 -19.20 -32.71
C THR E 202 -2.27 -18.67 -33.10
N ILE E 203 -2.74 -19.08 -34.29
CA ILE E 203 -4.03 -18.60 -34.78
C ILE E 203 -5.16 -18.97 -33.81
N GLN E 204 -5.03 -20.14 -33.17
CA GLN E 204 -5.94 -20.54 -32.10
C GLN E 204 -5.98 -19.45 -31.02
N ALA E 205 -4.82 -19.13 -30.47
CA ALA E 205 -4.70 -18.08 -29.46
C ALA E 205 -5.25 -16.74 -29.94
N ILE E 206 -4.87 -16.30 -31.15
CA ILE E 206 -5.47 -15.08 -31.71
C ILE E 206 -7.00 -15.16 -31.71
N SER E 207 -7.57 -16.28 -32.17
CA SER E 207 -9.04 -16.42 -32.30
C SER E 207 -9.85 -16.24 -30.99
N GLN E 208 -9.12 -16.27 -29.87
CA GLN E 208 -9.67 -15.89 -28.58
C GLN E 208 -10.46 -14.61 -28.68
N ALA E 209 -10.03 -13.68 -29.54
CA ALA E 209 -10.72 -12.44 -29.79
C ALA E 209 -12.02 -12.67 -30.55
N PHE E 210 -12.08 -13.77 -31.31
CA PHE E 210 -13.35 -14.17 -31.95
C PHE E 210 -14.01 -15.34 -31.22
N GLY E 211 -13.61 -15.50 -29.97
CA GLY E 211 -14.29 -16.41 -29.05
C GLY E 211 -13.82 -17.83 -29.27
N GLY E 212 -12.54 -17.97 -29.65
CA GLY E 212 -11.87 -19.25 -29.78
C GLY E 212 -12.28 -20.02 -31.01
N ASN E 213 -13.18 -19.46 -31.80
CA ASN E 213 -13.65 -20.10 -33.01
C ASN E 213 -12.66 -19.92 -34.18
N TYR E 214 -11.49 -20.52 -34.06
CA TYR E 214 -10.45 -20.41 -35.10
C TYR E 214 -10.82 -21.18 -36.37
N GLU E 215 -11.73 -22.14 -36.20
CA GLU E 215 -12.30 -22.85 -37.33
C GLU E 215 -12.89 -21.91 -38.38
N THR E 216 -13.87 -21.10 -38.00
CA THR E 216 -14.47 -20.14 -38.90
C THR E 216 -13.42 -19.17 -39.48
N LEU E 217 -12.59 -18.64 -38.59
CA LEU E 217 -11.50 -17.73 -38.99
C LEU E 217 -10.66 -18.34 -40.12
N LEU E 218 -10.21 -19.57 -39.94
CA LEU E 218 -9.46 -20.24 -40.98
C LEU E 218 -10.32 -20.50 -42.24
N ARG E 219 -11.54 -20.99 -42.01
CA ARG E 219 -12.44 -21.39 -43.10
C ARG E 219 -12.83 -20.24 -44.02
N THR E 220 -12.99 -19.02 -43.48
CA THR E 220 -13.29 -17.88 -44.35
C THR E 220 -12.11 -17.49 -45.23
N LEU E 221 -10.90 -17.82 -44.78
CA LEU E 221 -9.71 -17.59 -45.59
C LEU E 221 -9.46 -18.74 -46.58
N GLY E 222 -9.74 -19.99 -46.16
CA GLY E 222 -9.67 -21.18 -47.05
C GLY E 222 -8.31 -21.84 -47.18
N ASP E 227 -4.04 -31.77 -44.81
CA ASP E 227 -2.79 -31.14 -44.37
C ASP E 227 -2.99 -29.84 -43.56
N PHE E 228 -4.26 -29.57 -43.24
CA PHE E 228 -4.74 -28.42 -42.49
C PHE E 228 -4.59 -28.71 -40.98
N ASP E 229 -5.14 -29.85 -40.57
CA ASP E 229 -5.07 -30.29 -39.19
C ASP E 229 -3.64 -30.51 -38.73
N ASP E 230 -2.81 -31.07 -39.58
CA ASP E 230 -1.42 -31.32 -39.18
C ASP E 230 -0.68 -30.02 -38.92
N LEU E 231 -1.03 -29.00 -39.70
CA LEU E 231 -0.44 -27.69 -39.52
C LEU E 231 -0.95 -27.14 -38.23
N LEU E 232 -2.29 -27.19 -38.10
CA LEU E 232 -2.98 -26.67 -36.96
C LEU E 232 -2.48 -27.25 -35.64
N GLU E 233 -2.26 -28.54 -35.58
CA GLU E 233 -1.83 -29.17 -34.36
C GLU E 233 -0.32 -29.17 -34.13
N SER E 234 0.41 -28.42 -34.93
CA SER E 234 1.84 -28.26 -34.72
C SER E 234 2.05 -26.85 -34.29
N ASP E 235 0.94 -26.15 -34.11
CA ASP E 235 0.91 -24.72 -33.95
C ASP E 235 1.84 -24.12 -34.97
N SER E 236 1.49 -24.31 -36.24
CA SER E 236 2.30 -23.74 -37.31
C SER E 236 1.52 -22.63 -38.01
N ILE E 237 0.21 -22.62 -37.80
CA ILE E 237 -0.62 -21.53 -38.30
C ILE E 237 -0.64 -20.39 -37.28
N THR E 238 0.09 -19.32 -37.59
CA THR E 238 0.25 -18.20 -36.66
C THR E 238 -0.42 -16.90 -37.12
N GLY E 239 -0.67 -16.02 -36.16
CA GLY E 239 -1.26 -14.72 -36.44
C GLY E 239 -0.34 -13.60 -35.97
N GLN E 240 -0.31 -12.52 -36.74
CA GLN E 240 0.35 -11.27 -36.33
C GLN E 240 -0.66 -10.13 -36.36
N ILE E 241 -0.70 -9.37 -35.26
CA ILE E 241 -1.53 -8.16 -35.21
C ILE E 241 -0.81 -7.03 -35.94
N VAL E 242 -1.46 -6.54 -37.00
CA VAL E 242 -0.82 -5.53 -37.84
C VAL E 242 -1.45 -4.13 -37.82
N TYR E 243 -2.63 -4.00 -37.23
CA TYR E 243 -3.27 -2.70 -37.05
C TYR E 243 -4.40 -2.74 -36.03
N VAL E 244 -4.43 -1.71 -35.17
CA VAL E 244 -5.43 -1.57 -34.11
C VAL E 244 -6.20 -0.27 -34.31
N ASP E 245 -7.53 -0.35 -34.40
CA ASP E 245 -8.37 0.87 -34.50
C ASP E 245 -9.14 1.13 -33.22
N LEU E 246 -8.77 2.20 -32.54
CA LEU E 246 -9.29 2.46 -31.20
C LEU E 246 -10.64 3.17 -31.11
N SER E 247 -11.12 3.75 -32.21
CA SER E 247 -12.46 4.37 -32.21
C SER E 247 -13.54 3.39 -32.70
N SER E 248 -13.16 2.52 -33.63
CA SER E 248 -14.07 1.49 -34.15
C SER E 248 -13.94 0.15 -33.42
N TYR E 249 -12.83 -0.03 -32.68
CA TYR E 249 -12.57 -1.21 -31.85
C TYR E 249 -12.50 -2.46 -32.69
N TYR E 250 -11.57 -2.45 -33.66
CA TYR E 250 -11.24 -3.61 -34.49
C TYR E 250 -9.74 -3.74 -34.68
N ILE E 251 -9.31 -4.96 -35.00
CA ILE E 251 -7.92 -5.26 -35.34
C ILE E 251 -7.78 -5.91 -36.72
N ILE E 252 -6.63 -5.70 -37.36
CA ILE E 252 -6.26 -6.47 -38.55
C ILE E 252 -5.16 -7.49 -38.23
N VAL E 253 -5.45 -8.74 -38.57
CA VAL E 253 -4.52 -9.84 -38.30
C VAL E 253 -4.05 -10.38 -39.64
N ARG E 254 -2.74 -10.53 -39.75
CA ARG E 254 -2.12 -11.20 -40.88
C ARG E 254 -1.92 -12.61 -40.40
N VAL E 255 -2.49 -13.55 -41.15
CA VAL E 255 -2.41 -14.95 -40.79
C VAL E 255 -1.36 -15.56 -41.68
N TYR E 256 -0.41 -16.27 -41.07
CA TYR E 256 0.69 -16.94 -41.77
C TYR E 256 0.44 -18.44 -41.90
N PHE E 257 -0.12 -18.82 -43.04
CA PHE E 257 -0.53 -20.17 -43.31
C PHE E 257 0.62 -20.81 -44.09
N PRO E 258 1.47 -21.62 -43.40
CA PRO E 258 2.61 -22.19 -44.13
C PRO E 258 2.32 -23.54 -44.78
N ILE E 259 3.40 -24.19 -45.19
CA ILE E 259 3.34 -25.51 -45.74
C ILE E 259 4.47 -26.24 -45.02
N LEU E 260 4.44 -27.56 -45.01
CA LEU E 260 5.47 -28.26 -44.25
C LEU E 260 6.36 -29.13 -45.12
N THR E 261 7.66 -29.03 -44.93
CA THR E 261 8.62 -29.71 -45.78
C THR E 261 9.36 -30.83 -45.05
N GLU E 262 9.48 -31.95 -45.77
CA GLU E 262 10.20 -33.12 -45.29
C GLU E 262 11.68 -32.80 -45.24
N ILE E 263 12.33 -33.02 -44.09
CA ILE E 263 13.76 -32.81 -44.04
C ILE E 263 14.39 -33.99 -44.75
N GLN E 264 15.51 -33.77 -45.46
CA GLN E 264 16.10 -34.79 -46.34
C GLN E 264 17.15 -35.68 -45.68
N GLN E 265 17.06 -36.98 -45.95
CA GLN E 265 17.69 -38.04 -45.13
C GLN E 265 17.71 -37.70 -43.66
N ALA E 266 16.53 -37.40 -43.17
CA ALA E 266 16.33 -37.16 -41.76
C ALA E 266 15.16 -38.00 -41.39
N TYR E 267 15.35 -38.75 -40.30
CA TYR E 267 14.26 -39.50 -39.68
C TYR E 267 14.32 -39.48 -38.15
N VAL E 268 13.15 -39.64 -37.53
CA VAL E 268 13.07 -39.76 -36.07
C VAL E 268 12.70 -41.19 -35.65
N GLN E 269 13.64 -41.81 -34.97
CA GLN E 269 13.51 -43.19 -34.56
C GLN E 269 12.96 -43.30 -33.15
N GLU E 270 11.79 -43.93 -32.99
CA GLU E 270 11.32 -44.21 -31.63
C GLU E 270 11.96 -45.45 -31.02
N LEU E 271 12.26 -45.41 -29.72
CA LEU E 271 12.72 -46.59 -29.00
C LEU E 271 11.68 -46.94 -27.92
N LEU E 272 11.13 -48.16 -28.00
CA LEU E 272 10.18 -48.62 -26.97
C LEU E 272 10.93 -49.25 -25.80
N PRO E 273 10.76 -48.65 -24.60
CA PRO E 273 11.48 -49.06 -23.38
C PRO E 273 10.75 -50.20 -22.69
N VAL E 274 11.55 -51.08 -22.10
CA VAL E 274 11.08 -52.36 -21.58
C VAL E 274 11.97 -52.70 -20.42
N SER E 275 11.38 -52.94 -19.23
CA SER E 275 12.25 -53.23 -18.05
C SER E 275 13.08 -54.49 -18.31
N PHE E 276 14.25 -54.56 -17.73
CA PHE E 276 15.07 -55.69 -18.01
C PHE E 276 15.79 -56.17 -16.77
N ASN E 277 16.30 -57.38 -16.79
CA ASN E 277 16.82 -57.95 -15.58
C ASN E 277 18.32 -57.90 -15.49
N ASN E 278 18.82 -57.49 -14.34
CA ASN E 278 20.25 -57.62 -14.07
C ASN E 278 20.53 -57.80 -12.59
N ASP E 279 21.32 -58.82 -12.26
CA ASP E 279 21.77 -59.05 -10.88
C ASP E 279 20.65 -58.91 -9.82
N ASN E 280 19.57 -59.67 -10.01
CA ASN E 280 18.46 -59.78 -9.06
C ASN E 280 17.56 -58.57 -8.94
N SER E 281 17.51 -57.73 -9.97
CA SER E 281 16.62 -56.57 -9.94
C SER E 281 16.29 -56.02 -11.33
N GLU E 282 15.14 -55.35 -11.44
CA GLU E 282 14.67 -54.87 -12.72
C GLU E 282 15.21 -53.47 -12.92
N TRP E 283 15.78 -53.25 -14.09
CA TRP E 283 16.34 -51.96 -14.48
C TRP E 283 15.63 -51.43 -15.69
N ILE E 284 15.72 -50.12 -15.86
CA ILE E 284 15.25 -49.48 -17.06
C ILE E 284 16.39 -48.62 -17.61
N SER E 285 16.58 -48.63 -18.93
CA SER E 285 17.70 -47.89 -19.53
C SER E 285 17.44 -46.39 -19.68
N ILE E 286 18.46 -45.60 -19.39
CA ILE E 286 18.34 -44.14 -19.42
C ILE E 286 18.98 -43.58 -20.70
N VAL E 287 18.17 -43.56 -21.75
CA VAL E 287 18.59 -43.29 -23.10
C VAL E 287 17.39 -42.64 -23.75
N PRO E 288 17.62 -41.70 -24.64
CA PRO E 288 16.49 -41.03 -25.29
C PRO E 288 15.58 -41.99 -26.02
N ASN E 289 14.27 -41.78 -25.92
CA ASN E 289 13.26 -42.58 -26.62
C ASN E 289 12.97 -42.12 -28.04
N PHE E 290 13.53 -40.97 -28.39
CA PHE E 290 13.43 -40.42 -29.73
C PHE E 290 14.78 -39.88 -30.14
N VAL E 291 15.28 -40.41 -31.23
CA VAL E 291 16.57 -40.02 -31.68
C VAL E 291 16.34 -39.52 -33.07
N LEU E 292 16.94 -38.36 -33.37
CA LEU E 292 16.90 -37.77 -34.71
C LEU E 292 18.16 -38.18 -35.45
N ILE E 293 17.97 -38.73 -36.64
CA ILE E 293 19.10 -38.98 -37.55
C ILE E 293 18.95 -38.23 -38.86
N ARG E 294 19.78 -37.20 -39.05
CA ARG E 294 19.83 -36.51 -40.31
C ARG E 294 21.23 -36.50 -40.89
N ASN E 295 21.31 -36.94 -42.13
CA ASN E 295 22.56 -37.29 -42.77
C ASN E 295 23.20 -38.45 -42.01
N THR E 296 24.48 -38.31 -41.69
CA THR E 296 25.18 -39.38 -40.99
C THR E 296 25.20 -39.08 -39.48
N LEU E 297 24.55 -37.97 -39.10
CA LEU E 297 24.59 -37.42 -37.75
C LEU E 297 23.40 -37.85 -36.85
N ILE E 298 23.69 -38.42 -35.67
CA ILE E 298 22.62 -38.67 -34.68
C ILE E 298 22.58 -37.56 -33.64
N SER E 299 21.39 -37.07 -33.34
CA SER E 299 21.23 -36.10 -32.24
C SER E 299 19.84 -36.15 -31.59
N ASN E 300 19.72 -35.44 -30.45
CA ASN E 300 18.48 -35.45 -29.66
C ASN E 300 17.42 -34.58 -30.25
N ILE E 301 16.16 -34.86 -30.00
CA ILE E 301 15.14 -33.98 -30.54
C ILE E 301 14.08 -33.83 -29.51
N GLU E 302 13.54 -32.62 -29.36
CA GLU E 302 12.54 -32.35 -28.32
C GLU E 302 11.11 -32.55 -28.86
N VAL E 303 10.67 -33.81 -28.94
CA VAL E 303 9.45 -34.09 -29.69
C VAL E 303 8.26 -33.55 -28.96
N LYS E 304 8.40 -33.41 -27.64
CA LYS E 304 7.35 -32.85 -26.79
C LYS E 304 6.68 -31.62 -27.38
N TYR E 305 7.44 -30.89 -28.20
CA TYR E 305 6.94 -29.64 -28.79
C TYR E 305 6.36 -29.79 -30.19
N CYS E 306 6.51 -30.98 -30.78
CA CYS E 306 6.05 -31.29 -32.12
C CYS E 306 4.70 -32.02 -32.10
N LEU E 307 4.30 -32.54 -33.24
CA LEU E 307 3.11 -33.36 -33.36
C LEU E 307 3.61 -34.70 -33.85
N ILE E 308 3.56 -35.71 -32.97
CA ILE E 308 3.90 -37.08 -33.33
C ILE E 308 2.69 -37.70 -34.05
N THR E 309 2.95 -38.58 -35.03
CA THR E 309 1.92 -39.05 -35.95
C THR E 309 2.39 -40.34 -36.60
N LYS E 310 1.47 -41.28 -36.86
CA LYS E 310 1.84 -42.57 -37.51
C LYS E 310 3.10 -42.49 -38.42
N LYS E 311 3.10 -41.56 -39.38
CA LYS E 311 4.22 -41.51 -40.32
C LYS E 311 5.28 -40.44 -40.03
N SER E 312 4.93 -39.38 -39.30
CA SER E 312 5.82 -38.22 -39.21
C SER E 312 5.84 -37.49 -37.85
N VAL E 313 7.00 -36.94 -37.49
CA VAL E 313 7.11 -35.96 -36.44
C VAL E 313 6.98 -34.63 -37.17
N ILE E 314 6.03 -33.80 -36.73
CA ILE E 314 5.77 -32.50 -37.39
C ILE E 314 6.04 -31.31 -36.45
N CYS E 315 6.97 -30.44 -36.82
CA CYS E 315 7.46 -29.42 -35.91
C CYS E 315 7.30 -28.04 -36.52
N ASN E 316 7.10 -27.01 -35.70
CA ASN E 316 7.03 -25.66 -36.23
C ASN E 316 8.40 -25.00 -36.31
N GLN E 317 9.43 -25.78 -35.96
CA GLN E 317 10.80 -25.33 -36.09
C GLN E 317 11.68 -26.54 -35.96
N ASP E 318 12.95 -26.40 -36.29
CA ASP E 318 13.94 -27.43 -35.97
C ASP E 318 14.11 -27.54 -34.45
N TYR E 319 14.01 -28.77 -33.92
CA TYR E 319 14.15 -28.98 -32.50
C TYR E 319 15.32 -29.89 -32.14
N ALA E 320 16.30 -30.02 -33.03
CA ALA E 320 17.48 -30.82 -32.75
C ALA E 320 18.23 -30.25 -31.55
N THR E 321 18.96 -31.12 -30.85
CA THR E 321 19.69 -30.76 -29.65
C THR E 321 20.88 -31.69 -29.60
N PRO E 322 22.02 -31.18 -29.13
CA PRO E 322 23.24 -31.96 -29.09
C PRO E 322 23.15 -33.18 -28.17
N MET E 323 24.10 -34.09 -28.34
CA MET E 323 24.10 -35.33 -27.61
C MET E 323 25.53 -35.67 -27.25
N THR E 324 25.75 -36.03 -26.00
CA THR E 324 27.08 -36.36 -25.54
C THR E 324 27.60 -37.64 -26.18
N ALA E 325 28.91 -37.60 -26.46
CA ALA E 325 29.55 -38.67 -27.24
C ALA E 325 29.36 -40.03 -26.57
N SER E 326 29.18 -40.02 -25.25
CA SER E 326 28.91 -41.25 -24.54
C SER E 326 27.55 -41.80 -24.91
N VAL E 327 26.52 -40.94 -24.87
CA VAL E 327 25.17 -41.34 -25.25
C VAL E 327 25.08 -41.67 -26.74
N ARG E 328 25.93 -41.01 -27.54
CA ARG E 328 26.09 -41.39 -28.96
C ARG E 328 26.68 -42.82 -29.10
N GLU E 329 27.82 -43.06 -28.46
CA GLU E 329 28.48 -44.35 -28.46
C GLU E 329 27.54 -45.46 -27.98
N CYS E 330 26.84 -45.19 -26.87
CA CYS E 330 25.81 -46.07 -26.34
C CYS E 330 24.82 -46.56 -27.42
N LEU E 331 24.23 -45.64 -28.17
CA LEU E 331 23.23 -45.98 -29.19
C LEU E 331 23.83 -46.73 -30.39
N THR E 332 25.16 -46.70 -30.52
CA THR E 332 25.83 -47.31 -31.66
C THR E 332 26.78 -48.38 -31.16
N GLY E 333 26.28 -49.19 -30.22
CA GLY E 333 26.99 -50.38 -29.77
C GLY E 333 27.40 -50.46 -28.32
N SER E 334 28.04 -49.42 -27.81
CA SER E 334 28.64 -49.47 -26.48
C SER E 334 27.60 -49.41 -25.36
N THR E 335 26.95 -50.54 -25.12
CA THR E 335 25.84 -50.62 -24.16
C THR E 335 26.32 -50.41 -22.74
N ASP E 336 27.61 -50.64 -22.50
CA ASP E 336 28.22 -50.41 -21.21
C ASP E 336 28.38 -48.92 -20.97
N LYS E 337 27.91 -48.11 -21.93
CA LYS E 337 27.89 -46.66 -21.80
C LYS E 337 26.48 -46.11 -21.58
N CYS E 338 25.47 -46.93 -21.87
CA CYS E 338 24.08 -46.55 -21.60
C CYS E 338 23.81 -46.67 -20.11
N PRO E 339 23.50 -45.54 -19.45
CA PRO E 339 23.22 -45.61 -18.01
C PRO E 339 21.90 -46.35 -17.72
N ARG E 340 21.77 -46.92 -16.53
CA ARG E 340 20.54 -47.65 -16.22
C ARG E 340 20.05 -47.26 -14.86
N GLU E 341 18.73 -47.27 -14.67
CA GLU E 341 18.12 -46.95 -13.37
C GLU E 341 17.21 -48.06 -12.79
N LEU E 342 17.24 -48.16 -11.47
CA LEU E 342 16.47 -49.16 -10.74
C LEU E 342 14.97 -49.00 -10.98
N VAL E 343 14.25 -50.10 -11.16
CA VAL E 343 12.79 -50.02 -11.34
C VAL E 343 12.10 -50.35 -10.04
N VAL E 344 11.26 -49.44 -9.56
CA VAL E 344 10.46 -49.73 -8.34
C VAL E 344 8.96 -49.50 -8.51
N SER E 345 8.51 -49.29 -9.73
CA SER E 345 7.08 -49.21 -9.99
C SER E 345 6.54 -50.38 -10.83
N SER E 346 5.54 -51.03 -10.26
CA SER E 346 4.64 -51.88 -11.01
C SER E 346 3.93 -51.17 -12.17
N HIS E 347 4.65 -50.51 -13.08
CA HIS E 347 3.95 -49.86 -14.16
C HIS E 347 4.87 -49.70 -15.33
N VAL E 348 6.18 -49.65 -15.06
CA VAL E 348 7.12 -49.62 -16.18
C VAL E 348 6.89 -50.94 -16.91
N PRO E 349 6.80 -50.84 -18.23
CA PRO E 349 6.40 -51.93 -19.10
C PRO E 349 7.38 -53.12 -19.09
N ARG E 350 6.83 -54.32 -19.33
CA ARG E 350 7.58 -55.53 -19.11
C ARG E 350 7.86 -56.33 -20.37
N PHE E 351 7.16 -55.98 -21.45
CA PHE E 351 7.48 -56.53 -22.77
C PHE E 351 7.13 -55.57 -23.92
N ALA E 352 7.79 -55.74 -25.07
CA ALA E 352 7.39 -55.04 -26.30
C ALA E 352 7.39 -55.95 -27.52
N LEU E 353 6.77 -55.45 -28.59
CA LEU E 353 6.68 -56.17 -29.85
C LEU E 353 7.29 -55.35 -30.97
N SER E 354 8.30 -55.92 -31.64
CA SER E 354 8.89 -55.30 -32.80
C SER E 354 9.29 -56.26 -33.94
N GLY E 355 8.68 -56.02 -35.09
CA GLY E 355 8.84 -56.86 -36.24
C GLY E 355 8.05 -58.15 -36.17
N GLY E 356 7.13 -58.23 -35.21
CA GLY E 356 6.34 -59.45 -34.98
C GLY E 356 7.04 -60.42 -34.04
N VAL E 357 8.20 -59.97 -33.55
CA VAL E 357 8.96 -60.70 -32.56
C VAL E 357 8.91 -60.01 -31.21
N LEU E 358 8.84 -60.81 -30.14
CA LEU E 358 8.55 -60.29 -28.80
C LEU E 358 9.81 -60.15 -27.95
N PHE E 359 9.90 -59.04 -27.22
CA PHE E 359 11.01 -58.79 -26.30
C PHE E 359 10.46 -58.67 -24.90
N ALA E 360 10.78 -59.63 -24.05
CA ALA E 360 10.03 -59.79 -22.82
C ALA E 360 10.89 -60.01 -21.60
N ASN E 361 10.46 -59.43 -20.48
CA ASN E 361 11.12 -59.72 -19.21
C ASN E 361 10.44 -60.86 -18.51
N CYS E 362 10.84 -62.04 -18.93
CA CYS E 362 10.22 -63.28 -18.49
C CYS E 362 10.70 -63.73 -17.09
N ILE E 363 11.44 -62.87 -16.42
CA ILE E 363 11.67 -63.00 -14.98
C ILE E 363 10.56 -62.18 -14.30
N SER E 364 10.41 -60.92 -14.68
CA SER E 364 9.34 -60.09 -14.10
C SER E 364 7.94 -60.64 -14.38
N VAL E 365 7.61 -60.85 -15.65
CA VAL E 365 6.33 -61.48 -15.99
C VAL E 365 6.58 -62.92 -16.34
N THR E 366 5.54 -63.74 -16.29
CA THR E 366 5.67 -65.18 -16.60
C THR E 366 5.19 -65.44 -18.02
N CYS E 367 6.09 -65.98 -18.84
CA CYS E 367 5.82 -66.18 -20.26
C CYS E 367 5.57 -67.65 -20.52
N GLN E 368 4.55 -67.99 -21.30
CA GLN E 368 4.41 -69.40 -21.73
C GLN E 368 4.02 -69.65 -23.19
N CYS E 369 4.27 -70.87 -23.65
CA CYS E 369 3.99 -71.27 -25.01
C CYS E 369 2.66 -71.98 -25.10
N GLN E 370 1.68 -71.36 -25.75
CA GLN E 370 0.36 -71.99 -25.84
C GLN E 370 0.44 -73.24 -26.70
N THR E 371 1.13 -73.09 -27.83
CA THR E 371 1.29 -74.19 -28.77
C THR E 371 2.02 -75.36 -28.09
N THR E 372 3.25 -75.16 -27.64
CA THR E 372 4.03 -76.26 -27.03
C THR E 372 3.72 -76.56 -25.55
N GLY E 373 2.76 -75.84 -24.95
CA GLY E 373 2.35 -76.14 -23.57
C GLY E 373 3.36 -75.83 -22.45
N ARG E 374 4.64 -75.78 -22.77
CA ARG E 374 5.70 -75.56 -21.75
C ARG E 374 5.98 -74.06 -21.50
N ALA E 375 6.20 -73.69 -20.25
CA ALA E 375 6.49 -72.30 -19.91
C ALA E 375 7.85 -71.83 -20.44
N ILE E 376 7.90 -70.59 -20.95
CA ILE E 376 9.15 -69.97 -21.44
C ILE E 376 9.82 -69.32 -20.24
N SER E 377 10.90 -69.93 -19.76
CA SER E 377 11.57 -69.38 -18.58
C SER E 377 12.95 -68.77 -18.88
N GLN E 378 13.25 -67.67 -18.20
CA GLN E 378 14.44 -66.85 -18.48
C GLN E 378 15.46 -67.01 -17.37
N SER E 379 16.70 -67.22 -17.79
CA SER E 379 17.82 -67.34 -16.86
C SER E 379 17.98 -66.05 -16.07
N GLY E 380 18.64 -66.14 -14.93
CA GLY E 380 19.06 -64.94 -14.20
C GLY E 380 20.26 -64.26 -14.83
N GLU E 381 20.93 -64.96 -15.73
CA GLU E 381 22.08 -64.41 -16.44
C GLU E 381 21.67 -63.50 -17.55
N GLN E 382 20.41 -63.54 -17.95
CA GLN E 382 19.98 -62.76 -19.09
C GLN E 382 19.00 -61.65 -18.76
N THR E 383 19.15 -60.56 -19.52
CA THR E 383 18.44 -59.32 -19.32
C THR E 383 17.01 -59.40 -19.79
N LEU E 384 16.80 -60.15 -20.87
CA LEU E 384 15.60 -60.04 -21.65
C LEU E 384 15.47 -61.29 -22.53
N LEU E 385 14.25 -61.69 -22.87
CA LEU E 385 14.14 -62.75 -23.87
C LEU E 385 13.62 -62.18 -25.18
N MET E 386 14.24 -62.66 -26.25
CA MET E 386 13.73 -62.45 -27.58
C MET E 386 12.99 -63.73 -27.88
N ILE E 387 11.68 -63.62 -28.07
CA ILE E 387 10.83 -64.74 -28.39
C ILE E 387 10.24 -64.54 -29.79
N ASP E 388 10.52 -65.49 -30.67
CA ASP E 388 10.02 -65.53 -32.06
C ASP E 388 9.49 -66.91 -32.45
N ASN E 389 9.01 -67.03 -33.69
CA ASN E 389 8.38 -68.24 -34.21
C ASN E 389 9.28 -69.45 -34.44
N THR E 390 10.48 -69.41 -33.88
CA THR E 390 11.38 -70.57 -33.92
C THR E 390 11.58 -71.24 -32.54
N THR E 391 10.76 -70.83 -31.56
CA THR E 391 10.59 -71.56 -30.27
C THR E 391 9.11 -71.65 -29.90
N CYS E 392 8.38 -70.53 -30.09
CA CYS E 392 6.93 -70.53 -29.98
C CYS E 392 6.29 -69.90 -31.18
N THR E 393 5.28 -70.53 -31.72
CA THR E 393 4.47 -69.84 -32.71
C THR E 393 3.51 -68.96 -31.96
N THR E 394 2.85 -69.50 -30.94
CA THR E 394 1.93 -68.70 -30.15
C THR E 394 2.44 -68.56 -28.72
N VAL E 395 2.36 -67.34 -28.20
CA VAL E 395 2.80 -67.03 -26.84
C VAL E 395 1.67 -66.52 -25.96
N VAL E 396 1.40 -67.24 -24.87
CA VAL E 396 0.56 -66.79 -23.79
C VAL E 396 1.48 -65.96 -22.88
N LEU E 397 1.05 -64.73 -22.64
CA LEU E 397 1.80 -63.76 -21.85
C LEU E 397 0.91 -63.15 -20.83
N GLY E 398 0.73 -63.88 -19.74
CA GLY E 398 -0.24 -63.54 -18.72
C GLY E 398 -1.64 -63.84 -19.19
N ASN E 399 -2.23 -62.92 -19.95
CA ASN E 399 -3.65 -62.92 -20.24
C ASN E 399 -3.88 -62.56 -21.70
N ILE E 400 -2.77 -62.36 -22.42
CA ILE E 400 -2.77 -61.93 -23.82
C ILE E 400 -2.08 -63.03 -24.64
N ILE E 401 -2.76 -63.52 -25.65
CA ILE E 401 -2.21 -64.58 -26.54
C ILE E 401 -1.73 -63.97 -27.85
N ILE E 402 -0.51 -64.28 -28.27
CA ILE E 402 0.08 -63.54 -29.38
C ILE E 402 0.98 -64.41 -30.27
N SER E 403 0.66 -64.41 -31.56
CA SER E 403 1.34 -65.24 -32.56
C SER E 403 2.53 -64.51 -33.15
N LEU E 404 3.65 -65.19 -33.29
CA LEU E 404 4.94 -64.54 -33.55
C LEU E 404 5.57 -64.78 -34.95
N GLY E 405 6.39 -63.81 -35.39
CA GLY E 405 7.15 -63.96 -36.62
C GLY E 405 8.55 -64.45 -36.35
N LYS E 406 9.33 -64.65 -37.42
CA LYS E 406 10.72 -65.04 -37.28
C LYS E 406 11.56 -63.78 -37.13
N TYR E 407 12.49 -63.83 -36.19
CA TYR E 407 13.42 -62.74 -35.93
C TYR E 407 14.48 -62.61 -37.04
N LEU E 408 14.61 -61.40 -37.59
CA LEU E 408 15.53 -61.20 -38.71
C LEU E 408 16.96 -60.96 -38.25
N GLY E 409 17.21 -61.04 -36.95
CA GLY E 409 18.56 -60.84 -36.42
C GLY E 409 19.28 -62.12 -36.04
N SER E 410 20.35 -61.97 -35.26
CA SER E 410 21.21 -63.09 -34.85
C SER E 410 20.50 -64.41 -34.47
N ILE E 411 20.89 -65.50 -35.13
CA ILE E 411 20.27 -66.85 -34.92
C ILE E 411 20.20 -67.29 -33.45
N ASN E 412 21.14 -66.80 -32.63
CA ASN E 412 21.15 -67.10 -31.20
C ASN E 412 21.36 -65.85 -30.34
N TYR E 413 20.39 -64.95 -30.44
CA TYR E 413 20.28 -63.75 -29.62
C TYR E 413 20.43 -64.04 -28.13
N ASN E 414 19.94 -65.19 -27.69
CA ASN E 414 19.82 -65.44 -26.26
C ASN E 414 21.06 -66.10 -25.66
N SER E 415 21.96 -66.57 -26.51
CA SER E 415 23.17 -67.23 -26.04
C SER E 415 24.23 -66.19 -25.73
N GLU E 416 24.18 -65.07 -26.46
CA GLU E 416 25.23 -64.05 -26.39
C GLU E 416 24.86 -62.88 -25.44
N SER E 417 25.74 -62.61 -24.49
CA SER E 417 25.41 -61.71 -23.39
C SER E 417 25.89 -60.31 -23.66
N ILE E 418 25.02 -59.32 -23.46
CA ILE E 418 25.33 -57.85 -23.53
C ILE E 418 26.06 -57.43 -22.27
N ALA E 419 26.90 -56.40 -22.36
CA ALA E 419 27.52 -55.81 -21.16
C ALA E 419 26.74 -54.57 -20.68
N VAL E 420 26.06 -54.72 -19.52
CA VAL E 420 25.18 -53.68 -18.94
C VAL E 420 25.96 -52.43 -18.46
N GLY E 421 25.40 -51.25 -18.68
CA GLY E 421 26.08 -50.01 -18.30
C GLY E 421 26.04 -49.72 -16.80
N PRO E 422 26.44 -48.49 -16.42
CA PRO E 422 26.46 -48.08 -15.02
C PRO E 422 25.08 -47.69 -14.46
N PRO E 423 24.84 -47.97 -13.16
CA PRO E 423 23.57 -47.56 -12.54
C PRO E 423 23.60 -46.09 -12.17
N VAL E 424 22.43 -45.46 -12.20
CA VAL E 424 22.30 -44.03 -11.91
C VAL E 424 20.90 -43.65 -11.44
N TYR E 425 20.82 -42.60 -10.62
CA TYR E 425 19.55 -42.10 -10.12
C TYR E 425 19.17 -40.83 -10.88
N THR E 426 17.89 -40.75 -11.24
CA THR E 426 17.35 -39.84 -12.26
C THR E 426 16.73 -38.61 -11.65
N ASP E 427 16.40 -38.76 -10.37
CA ASP E 427 15.62 -37.84 -9.52
C ASP E 427 16.26 -36.50 -9.22
N LYS E 428 15.45 -35.45 -9.33
CA LYS E 428 15.97 -34.08 -9.15
C LYS E 428 16.78 -33.93 -7.86
N VAL E 429 16.18 -34.34 -6.78
CA VAL E 429 16.79 -34.30 -5.48
C VAL E 429 18.01 -35.18 -5.39
N ASP E 430 18.05 -36.25 -6.18
CA ASP E 430 19.12 -37.25 -6.10
C ASP E 430 20.34 -36.79 -6.90
N ILE E 431 20.08 -36.07 -7.97
CA ILE E 431 21.17 -35.46 -8.69
C ILE E 431 22.02 -34.56 -7.79
N SER E 432 21.38 -33.69 -7.00
CA SER E 432 22.13 -32.77 -6.12
C SER E 432 22.98 -33.51 -5.08
N SER E 433 22.39 -34.53 -4.47
CA SER E 433 23.11 -35.35 -3.51
C SER E 433 24.25 -36.11 -4.19
N GLN E 434 23.98 -36.69 -5.35
CA GLN E 434 25.03 -37.34 -6.14
C GLN E 434 26.19 -36.40 -6.41
N ILE E 435 25.84 -35.19 -6.89
CA ILE E 435 26.81 -34.13 -7.17
C ILE E 435 27.61 -33.74 -5.92
N SER E 436 26.94 -33.40 -4.82
CA SER E 436 27.69 -32.95 -3.63
C SER E 436 28.55 -34.09 -3.10
N SER E 437 27.98 -35.29 -3.13
CA SER E 437 28.69 -36.55 -2.80
C SER E 437 30.00 -36.66 -3.60
N MET E 438 29.85 -36.57 -4.91
CA MET E 438 31.01 -36.60 -5.78
C MET E 438 32.00 -35.49 -5.53
N ASN E 439 31.57 -34.23 -5.57
CA ASN E 439 32.49 -33.16 -5.30
C ASN E 439 33.27 -33.54 -4.05
N GLN E 440 32.52 -33.95 -3.01
CA GLN E 440 33.16 -34.47 -1.80
C GLN E 440 34.26 -35.48 -2.14
N SER E 441 33.89 -36.53 -2.87
CA SER E 441 34.85 -37.60 -3.23
C SER E 441 36.09 -37.13 -4.01
N LEU E 442 35.88 -36.32 -5.04
CA LEU E 442 36.95 -35.74 -5.85
C LEU E 442 37.86 -34.82 -5.05
N GLN E 443 37.27 -34.01 -4.15
CA GLN E 443 38.07 -33.16 -3.24
C GLN E 443 38.88 -34.02 -2.29
N GLN E 444 38.21 -35.02 -1.69
CA GLN E 444 38.83 -35.99 -0.79
C GLN E 444 40.02 -36.70 -1.47
N SER E 445 39.83 -37.14 -2.71
CA SER E 445 40.93 -37.77 -3.45
C SER E 445 41.76 -36.79 -4.30
N LYS E 446 41.56 -35.48 -4.11
CA LYS E 446 42.41 -34.48 -4.76
C LYS E 446 43.51 -34.01 -3.80
N ASP E 447 43.50 -34.58 -2.59
CA ASP E 447 44.53 -34.32 -1.59
C ASP E 447 45.59 -35.40 -1.63
N TYR E 448 45.14 -36.64 -1.86
CA TYR E 448 46.04 -37.79 -2.04
C TYR E 448 46.94 -37.57 -3.25
N ILE E 449 46.45 -36.83 -4.24
CA ILE E 449 47.29 -36.43 -5.38
C ILE E 449 48.21 -35.27 -5.03
N LYS E 450 47.91 -34.56 -3.94
CA LYS E 450 48.84 -33.56 -3.41
C LYS E 450 49.84 -34.21 -2.44
N GLU E 451 49.53 -35.43 -1.98
CA GLU E 451 50.52 -36.24 -1.26
C GLU E 451 51.62 -36.73 -2.21
N GLY F 1 34.04 25.71 20.41
CA GLY F 1 34.89 26.01 21.59
C GLY F 1 34.24 25.62 22.91
N ILE F 2 33.16 26.31 23.26
CA ILE F 2 32.50 26.16 24.59
C ILE F 2 32.07 24.71 24.86
N LEU F 3 31.31 24.14 23.91
CA LEU F 3 30.68 22.81 24.00
C LEU F 3 31.62 21.65 23.76
N HIS F 4 31.22 20.44 24.21
CA HIS F 4 31.99 19.20 23.91
C HIS F 4 31.31 18.30 22.85
N TYR F 5 31.56 18.67 21.59
CA TYR F 5 30.83 18.13 20.42
C TYR F 5 30.98 16.63 20.21
N GLU F 6 32.21 16.12 20.35
CA GLU F 6 32.46 14.68 20.22
C GLU F 6 31.75 13.85 21.31
N LYS F 7 32.08 14.13 22.59
CA LYS F 7 31.37 13.50 23.72
C LYS F 7 29.88 13.60 23.47
N LEU F 8 29.38 14.80 23.11
CA LEU F 8 27.96 14.95 22.77
C LEU F 8 27.47 14.04 21.64
N SER F 9 28.28 13.85 20.61
CA SER F 9 27.77 13.11 19.46
C SER F 9 27.54 11.64 19.77
N LYS F 10 28.33 11.08 20.71
CA LYS F 10 28.14 9.68 21.12
C LYS F 10 26.80 9.46 21.83
N ILE F 11 26.36 10.46 22.60
CA ILE F 11 25.09 10.45 23.30
C ILE F 11 23.95 10.88 22.34
N GLY F 12 24.29 11.01 21.06
CA GLY F 12 23.29 11.13 19.96
C GLY F 12 22.89 12.54 19.56
N LEU F 13 23.74 13.49 19.91
CA LEU F 13 23.55 14.88 19.56
C LEU F 13 24.73 15.34 18.69
N VAL F 14 24.51 15.38 17.38
CA VAL F 14 25.61 15.69 16.45
C VAL F 14 25.61 17.20 16.06
N LYS F 15 26.80 17.82 15.87
CA LYS F 15 26.83 19.26 15.52
C LYS F 15 26.03 19.52 14.27
N GLY F 16 25.09 20.45 14.38
CA GLY F 16 24.28 20.91 13.26
C GLY F 16 24.91 22.18 12.80
N ILE F 17 24.15 22.98 12.08
CA ILE F 17 24.62 24.32 11.72
C ILE F 17 24.86 25.28 12.94
N THR F 18 25.91 26.09 12.79
CA THR F 18 26.10 27.24 13.64
C THR F 18 25.50 28.48 12.99
N ARG F 19 24.70 29.24 13.72
CA ARG F 19 24.00 30.38 13.13
C ARG F 19 24.28 31.72 13.81
N LYS F 20 24.19 32.75 12.98
CA LYS F 20 24.30 34.10 13.49
C LYS F 20 23.04 34.37 14.31
N TYR F 21 23.15 35.29 15.27
CA TYR F 21 22.01 35.67 16.11
C TYR F 21 21.60 37.11 15.84
N LYS F 22 20.36 37.31 15.36
CA LYS F 22 19.98 38.69 15.09
C LYS F 22 18.67 39.10 15.73
N ILE F 23 18.62 40.34 16.20
CA ILE F 23 17.42 40.93 16.75
C ILE F 23 17.09 42.24 16.06
N LYS F 24 15.80 42.57 15.95
CA LYS F 24 15.42 43.90 15.45
C LYS F 24 15.90 45.02 16.38
N SER F 25 16.19 46.16 15.77
CA SER F 25 16.64 47.34 16.50
C SER F 25 16.29 48.54 15.64
N ASN F 26 16.58 49.75 16.14
CA ASN F 26 16.64 50.93 15.25
C ASN F 26 15.41 51.05 14.30
N PRO F 27 14.17 51.08 14.86
CA PRO F 27 12.96 51.10 14.07
C PRO F 27 12.89 52.34 13.27
N LEU F 28 12.07 52.34 12.23
CA LEU F 28 12.04 53.51 11.36
C LEU F 28 10.60 53.80 10.95
N THR F 29 10.08 54.84 11.53
CA THR F 29 8.67 55.08 11.53
C THR F 29 8.13 55.71 10.22
N LYS F 30 7.01 55.18 9.73
CA LYS F 30 6.35 55.79 8.56
C LYS F 30 4.84 55.67 8.67
N ASP F 31 4.08 56.66 8.22
CA ASP F 31 2.64 56.69 8.57
C ASP F 31 1.67 56.40 7.43
N ILE F 32 0.53 55.79 7.74
CA ILE F 32 -0.43 55.47 6.69
C ILE F 32 -1.92 55.53 7.11
N VAL F 33 -2.78 55.90 6.15
CA VAL F 33 -4.20 56.01 6.48
C VAL F 33 -4.98 54.84 5.90
N ILE F 34 -5.72 54.15 6.79
CA ILE F 34 -6.60 53.07 6.34
C ILE F 34 -8.07 53.45 6.51
N LYS F 35 -8.78 53.60 5.39
CA LYS F 35 -10.21 53.95 5.42
C LYS F 35 -11.07 52.72 5.34
N MET F 36 -12.00 52.62 6.28
CA MET F 36 -12.68 51.36 6.49
C MET F 36 -14.13 51.32 5.99
N LYS F 37 -14.58 52.40 5.34
CA LYS F 37 -15.85 52.41 4.61
C LYS F 37 -15.54 52.83 3.18
N PRO F 38 -15.97 52.03 2.19
CA PRO F 38 -15.69 52.33 0.79
C PRO F 38 -16.45 53.58 0.30
N ASN F 39 -16.13 54.07 -0.90
CA ASN F 39 -16.69 55.31 -1.39
C ASN F 39 -18.18 55.24 -1.73
N VAL F 40 -18.52 54.40 -2.71
CA VAL F 40 -19.93 54.02 -3.00
C VAL F 40 -20.85 55.14 -3.57
N SER F 41 -20.37 56.39 -3.59
CA SER F 41 -21.19 57.46 -4.16
C SER F 41 -21.44 57.20 -5.64
N ASN F 42 -20.61 56.34 -6.24
CA ASN F 42 -20.79 55.87 -7.63
C ASN F 42 -21.76 54.70 -7.80
N VAL F 43 -22.45 54.37 -6.70
CA VAL F 43 -23.65 53.53 -6.71
C VAL F 43 -24.54 53.92 -5.54
N SER F 44 -24.50 55.20 -5.17
CA SER F 44 -25.34 55.75 -4.10
C SER F 44 -26.85 55.56 -4.33
N LYS F 45 -27.20 54.88 -5.42
CA LYS F 45 -28.61 54.64 -5.79
C LYS F 45 -29.31 53.66 -4.82
N CYS F 46 -29.28 52.36 -5.11
CA CYS F 46 -29.98 51.40 -4.23
C CYS F 46 -29.08 50.62 -3.26
N THR F 47 -28.51 51.35 -2.30
CA THR F 47 -27.80 50.74 -1.19
C THR F 47 -28.75 50.40 -0.02
N GLY F 48 -29.73 51.28 0.22
CA GLY F 48 -30.63 51.14 1.36
C GLY F 48 -29.93 51.56 2.64
N THR F 49 -30.45 51.15 3.79
CA THR F 49 -29.87 51.53 5.08
C THR F 49 -28.59 50.78 5.38
N VAL F 50 -28.12 49.94 4.45
CA VAL F 50 -26.93 49.12 4.72
C VAL F 50 -25.73 49.94 5.17
N MET F 51 -25.58 51.16 4.66
CA MET F 51 -24.51 52.05 5.11
C MET F 51 -24.77 52.58 6.50
N GLU F 52 -26.02 52.95 6.75
CA GLU F 52 -26.45 53.45 8.04
C GLU F 52 -26.19 52.38 9.10
N ASN F 53 -26.35 51.12 8.70
CA ASN F 53 -26.09 49.96 9.56
C ASN F 53 -24.60 49.71 9.71
N TYR F 54 -23.94 49.44 8.60
CA TYR F 54 -22.49 49.26 8.57
C TYR F 54 -21.74 50.32 9.39
N LYS F 55 -22.13 51.58 9.25
CA LYS F 55 -21.43 52.64 9.95
C LYS F 55 -21.54 52.49 11.46
N SER F 56 -22.76 52.37 11.96
CA SER F 56 -23.00 52.20 13.40
C SER F 56 -22.43 50.88 13.92
N ARG F 57 -22.39 49.87 13.05
CA ARG F 57 -21.75 48.61 13.40
C ARG F 57 -20.26 48.85 13.61
N LEU F 58 -19.63 49.47 12.62
CA LEU F 58 -18.19 49.77 12.65
C LEU F 58 -17.82 50.65 13.84
N THR F 59 -18.65 51.67 14.11
CA THR F 59 -18.46 52.59 15.22
C THR F 59 -18.29 51.83 16.52
N GLY F 60 -19.03 50.73 16.61
CA GLY F 60 -19.03 49.84 17.78
C GLY F 60 -17.70 49.15 18.03
N ILE F 61 -17.03 48.73 16.96
CA ILE F 61 -15.73 48.07 17.08
C ILE F 61 -14.59 49.10 17.10
N LEU F 62 -14.85 50.27 16.52
CA LEU F 62 -13.84 51.32 16.40
C LEU F 62 -13.71 52.24 17.61
N SER F 63 -14.85 52.71 18.13
CA SER F 63 -14.82 53.73 19.17
C SER F 63 -13.94 53.36 20.40
N PRO F 64 -14.07 52.11 20.93
CA PRO F 64 -13.26 51.79 22.11
C PRO F 64 -11.74 51.92 21.91
N ILE F 65 -11.26 51.69 20.70
CA ILE F 65 -9.85 52.02 20.36
C ILE F 65 -9.63 53.53 20.58
N LYS F 66 -10.34 54.37 19.82
CA LYS F 66 -10.27 55.81 20.01
C LYS F 66 -10.20 56.13 21.50
N GLY F 67 -11.27 55.78 22.20
CA GLY F 67 -11.32 55.91 23.64
C GLY F 67 -10.02 55.52 24.31
N ALA F 68 -9.54 54.31 24.06
CA ALA F 68 -8.33 53.86 24.75
C ALA F 68 -7.13 54.75 24.44
N ILE F 69 -7.02 55.16 23.17
CA ILE F 69 -5.91 55.98 22.72
C ILE F 69 -5.97 57.32 23.43
N GLU F 70 -7.15 57.93 23.42
CA GLU F 70 -7.29 59.26 23.96
C GLU F 70 -7.00 59.37 25.45
N LEU F 71 -7.03 58.26 26.17
CA LEU F 71 -6.67 58.30 27.60
C LEU F 71 -5.18 58.52 27.79
N TYR F 72 -4.36 58.06 26.85
CA TYR F 72 -2.95 58.39 26.92
C TYR F 72 -2.69 59.84 26.44
N ASN F 73 -3.44 60.24 25.42
CA ASN F 73 -3.31 61.61 24.89
C ASN F 73 -3.74 62.66 25.88
N ASN F 74 -4.93 62.54 26.44
CA ASN F 74 -5.40 63.43 27.49
C ASN F 74 -4.41 63.54 28.66
N ASN F 75 -3.71 62.44 28.94
CA ASN F 75 -2.82 62.37 30.09
C ASN F 75 -1.30 62.42 29.84
N THR F 76 -0.86 62.65 28.61
CA THR F 76 0.54 63.12 28.43
C THR F 76 0.61 64.63 28.16
N HIS F 77 0.80 65.40 29.24
CA HIS F 77 0.77 66.87 29.24
C HIS F 77 2.17 67.45 29.18
N ASP F 78 2.71 67.70 27.99
CA ASP F 78 4.16 67.94 27.94
C ASP F 78 4.79 68.80 26.84
N LEU F 79 5.80 68.19 26.23
CA LEU F 79 6.95 68.85 25.64
C LEU F 79 8.03 68.98 26.74
N VAL F 80 7.74 68.44 27.93
CA VAL F 80 8.55 68.57 29.18
C VAL F 80 8.39 69.94 29.86
N VAL F 88 8.82 65.13 26.84
CA VAL F 88 7.56 64.43 27.06
C VAL F 88 7.39 63.90 28.48
N VAL F 89 6.30 64.30 29.12
CA VAL F 89 5.95 63.82 30.45
C VAL F 89 4.58 63.12 30.48
N MET F 90 4.55 61.92 31.04
CA MET F 90 3.34 61.13 31.14
C MET F 90 2.77 61.29 32.53
N ALA F 91 1.45 61.52 32.63
CA ALA F 91 0.79 61.73 33.93
C ALA F 91 0.54 60.45 34.73
N GLY F 92 1.46 60.16 35.65
CA GLY F 92 1.42 58.90 36.40
C GLY F 92 0.17 58.68 37.23
N ILE F 93 -0.32 59.73 37.86
CA ILE F 93 -1.54 59.62 38.66
C ILE F 93 -2.70 59.28 37.74
N ALA F 94 -2.79 59.98 36.61
CA ALA F 94 -3.88 59.81 35.67
C ALA F 94 -3.84 58.41 35.06
N ILE F 95 -2.64 57.99 34.64
CA ILE F 95 -2.47 56.66 34.07
C ILE F 95 -2.74 55.54 35.09
N GLY F 96 -2.23 55.72 36.31
CA GLY F 96 -2.58 54.88 37.45
C GLY F 96 -1.82 53.57 37.53
N ILE F 97 -2.18 52.66 36.62
CA ILE F 97 -1.66 51.29 36.61
C ILE F 97 -1.28 51.03 35.15
N ALA F 98 0.01 50.96 34.83
CA ALA F 98 0.44 50.51 33.49
C ALA F 98 1.81 49.78 33.43
N THR F 99 2.05 49.06 32.35
CA THR F 99 3.37 48.51 32.14
C THR F 99 4.32 49.44 31.39
N ALA F 100 5.61 49.19 31.60
CA ALA F 100 6.68 49.94 30.93
C ALA F 100 6.42 49.98 29.45
N ALA F 101 6.19 48.80 28.89
CA ALA F 101 5.92 48.65 27.47
C ALA F 101 4.85 49.64 26.99
N GLN F 102 3.74 49.63 27.72
CA GLN F 102 2.59 50.42 27.40
C GLN F 102 2.96 51.89 27.49
N ILE F 103 3.58 52.29 28.60
CA ILE F 103 4.06 53.69 28.76
C ILE F 103 4.89 54.11 27.53
N THR F 104 5.85 53.26 27.15
CA THR F 104 6.70 53.58 25.98
C THR F 104 5.86 53.71 24.69
N ALA F 105 4.95 52.75 24.48
CA ALA F 105 3.99 52.88 23.39
C ALA F 105 3.29 54.25 23.42
N GLY F 106 2.92 54.68 24.64
CA GLY F 106 2.29 55.97 24.88
C GLY F 106 3.17 57.13 24.44
N VAL F 107 4.42 57.13 24.92
CA VAL F 107 5.42 58.11 24.40
C VAL F 107 5.49 58.11 22.87
N ALA F 108 5.64 56.94 22.26
CA ALA F 108 5.62 56.88 20.78
C ALA F 108 4.32 57.45 20.18
N LEU F 109 3.20 57.27 20.88
CA LEU F 109 1.91 57.75 20.43
C LEU F 109 1.90 59.28 20.43
N TYR F 110 2.37 59.82 21.56
CA TYR F 110 2.53 61.25 21.64
C TYR F 110 3.45 61.76 20.53
N GLU F 111 4.54 61.03 20.31
CA GLU F 111 5.44 61.39 19.22
C GLU F 111 4.72 61.40 17.87
N ALA F 112 3.88 60.40 17.63
CA ALA F 112 3.05 60.36 16.40
C ALA F 112 2.00 61.48 16.28
N MET F 113 1.53 61.95 17.43
CA MET F 113 0.51 63.00 17.38
C MET F 113 0.80 64.18 16.46
N LYS F 114 2.02 64.71 16.53
CA LYS F 114 2.42 65.86 15.72
C LYS F 114 2.07 65.70 14.23
N ASN F 115 2.53 64.62 13.61
CA ASN F 115 2.17 64.28 12.24
C ASN F 115 0.71 63.82 12.09
N ALA F 116 0.20 63.04 13.05
CA ALA F 116 -1.23 62.68 12.99
C ALA F 116 -2.08 63.92 12.72
N ASP F 117 -1.81 64.97 13.50
CA ASP F 117 -2.56 66.22 13.40
C ASP F 117 -2.46 66.88 12.02
N ASN F 118 -1.28 66.83 11.42
CA ASN F 118 -1.06 67.33 10.07
C ASN F 118 -1.77 66.51 9.01
N ILE F 119 -1.73 65.17 9.16
CA ILE F 119 -2.45 64.27 8.24
C ILE F 119 -3.95 64.55 8.34
N ASN F 120 -4.44 64.71 9.56
CA ASN F 120 -5.87 64.93 9.76
C ASN F 120 -6.48 66.14 9.02
N LYS F 121 -5.65 67.10 8.64
CA LYS F 121 -6.16 68.27 7.93
C LYS F 121 -6.74 67.94 6.57
N LEU F 122 -6.36 66.79 6.02
CA LEU F 122 -6.81 66.36 4.69
C LEU F 122 -8.08 65.50 4.77
N LYS F 123 -8.83 65.69 5.86
CA LYS F 123 -9.99 64.86 6.19
C LYS F 123 -11.02 64.76 5.08
N SER F 124 -11.46 65.91 4.56
CA SER F 124 -12.45 65.94 3.50
C SER F 124 -11.96 65.30 2.19
N SER F 125 -10.65 65.42 1.92
CA SER F 125 -10.07 64.72 0.78
C SER F 125 -9.91 63.21 1.01
N ILE F 126 -9.65 62.80 2.25
CA ILE F 126 -9.72 61.36 2.62
C ILE F 126 -11.14 60.84 2.40
N GLU F 127 -12.11 61.57 2.95
CA GLU F 127 -13.53 61.25 2.85
C GLU F 127 -14.01 60.89 1.44
N SER F 128 -13.40 61.47 0.41
CA SER F 128 -13.93 61.33 -0.94
C SER F 128 -12.95 60.64 -1.87
N THR F 129 -12.06 59.79 -1.32
CA THR F 129 -11.10 59.07 -2.15
C THR F 129 -11.83 58.07 -3.06
N ASN F 130 -11.48 58.11 -4.34
CA ASN F 130 -12.14 57.33 -5.38
C ASN F 130 -11.66 55.88 -5.44
N GLU F 131 -10.36 55.69 -5.26
CA GLU F 131 -9.70 54.43 -5.58
C GLU F 131 -9.14 53.74 -4.36
N ALA F 132 -8.75 52.49 -4.56
CA ALA F 132 -8.27 51.61 -3.51
C ALA F 132 -7.05 52.14 -2.75
N VAL F 133 -6.03 52.54 -3.49
CA VAL F 133 -4.85 53.20 -2.91
C VAL F 133 -4.62 54.60 -3.52
N VAL F 134 -4.53 55.61 -2.65
CA VAL F 134 -4.35 56.97 -3.14
C VAL F 134 -3.15 57.60 -2.47
N LYS F 135 -2.45 58.43 -3.24
CA LYS F 135 -1.31 59.22 -2.79
C LYS F 135 -1.78 60.65 -2.57
N LEU F 136 -1.64 61.16 -1.35
CA LEU F 136 -2.06 62.54 -1.05
C LEU F 136 -0.90 63.43 -0.65
N GLN F 137 -1.08 64.75 -0.81
CA GLN F 137 -0.04 65.73 -0.46
C GLN F 137 -0.32 66.37 0.89
N GLU F 138 0.60 66.18 1.82
CA GLU F 138 0.47 66.74 3.16
C GLU F 138 1.15 68.11 3.20
N THR F 139 0.92 68.88 2.14
CA THR F 139 1.39 70.28 2.00
C THR F 139 2.90 70.49 1.92
N ALA F 140 3.66 69.58 2.54
CA ALA F 140 5.11 69.76 2.68
C ALA F 140 5.88 69.40 1.40
N GLU F 141 5.21 68.64 0.53
CA GLU F 141 5.85 67.76 -0.46
C GLU F 141 6.10 66.37 0.20
N LYS F 142 5.86 66.29 1.52
CA LYS F 142 5.76 65.02 2.25
C LYS F 142 4.41 64.39 1.94
N THR F 143 4.42 63.26 1.23
CA THR F 143 3.18 62.60 0.78
C THR F 143 2.58 61.75 1.90
N VAL F 144 1.30 61.39 1.79
CA VAL F 144 0.66 60.40 2.69
C VAL F 144 -0.37 59.52 1.98
N TYR F 145 -0.36 58.22 2.28
CA TYR F 145 -1.14 57.26 1.54
C TYR F 145 -2.44 56.86 2.20
N VAL F 146 -3.48 56.79 1.37
CA VAL F 146 -4.79 56.29 1.82
C VAL F 146 -5.17 54.97 1.14
N LEU F 147 -5.19 53.91 1.97
CA LEU F 147 -5.66 52.58 1.55
C LEU F 147 -7.09 52.42 2.04
N THR F 148 -8.02 52.22 1.11
CA THR F 148 -9.43 52.13 1.51
C THR F 148 -10.01 50.76 1.21
N ALA F 149 -10.65 50.17 2.21
CA ALA F 149 -11.16 48.79 2.13
C ALA F 149 -12.29 48.64 1.11
N LEU F 150 -12.34 47.47 0.48
CA LEU F 150 -13.45 47.06 -0.41
C LEU F 150 -13.63 47.93 -1.65
N GLN F 151 -12.85 49.01 -1.70
CA GLN F 151 -12.95 50.01 -2.77
C GLN F 151 -12.74 49.38 -4.14
N ASP F 152 -11.72 48.53 -4.24
CA ASP F 152 -11.42 47.82 -5.47
C ASP F 152 -12.59 46.94 -5.90
N TYR F 153 -13.07 46.11 -4.97
CA TYR F 153 -14.26 45.30 -5.19
C TYR F 153 -15.37 46.18 -5.76
N ILE F 154 -15.66 47.29 -5.06
CA ILE F 154 -16.71 48.20 -5.50
C ILE F 154 -16.48 48.74 -6.92
N ASN F 155 -15.26 49.21 -7.20
CA ASN F 155 -14.93 49.78 -8.50
C ASN F 155 -14.92 48.76 -9.65
N THR F 156 -14.47 47.54 -9.39
CA THR F 156 -14.28 46.57 -10.48
C THR F 156 -15.24 45.36 -10.53
N ASN F 157 -16.13 45.22 -9.53
CA ASN F 157 -17.21 44.20 -9.56
C ASN F 157 -18.59 44.84 -9.67
N LEU F 158 -18.88 45.71 -8.71
CA LEU F 158 -20.21 46.27 -8.50
C LEU F 158 -20.60 47.37 -9.50
N VAL F 159 -19.69 48.34 -9.69
CA VAL F 159 -19.90 49.40 -10.68
C VAL F 159 -20.08 48.81 -12.10
N PRO F 160 -19.20 47.89 -12.53
CA PRO F 160 -19.51 47.28 -13.83
C PRO F 160 -20.76 46.40 -13.76
N SER F 161 -20.92 45.63 -12.68
CA SER F 161 -22.13 44.81 -12.55
C SER F 161 -23.38 45.56 -12.04
N ILE F 162 -23.43 46.88 -12.22
CA ILE F 162 -24.66 47.63 -11.92
C ILE F 162 -25.78 47.18 -12.86
N ASP F 163 -25.54 47.39 -14.16
CA ASP F 163 -26.55 47.43 -15.23
C ASP F 163 -27.47 46.21 -15.34
N GLN F 164 -26.97 45.04 -14.94
CA GLN F 164 -27.70 43.78 -15.08
C GLN F 164 -27.97 43.10 -13.72
N ILE F 165 -28.38 43.90 -12.74
CA ILE F 165 -28.60 43.43 -11.37
C ILE F 165 -29.67 44.28 -10.69
N SER F 166 -30.66 43.62 -10.07
CA SER F 166 -31.78 44.29 -9.37
C SER F 166 -31.31 45.17 -8.20
N CYS F 167 -32.19 46.05 -7.72
CA CYS F 167 -31.84 46.99 -6.64
C CYS F 167 -31.61 46.33 -5.29
N LYS F 168 -32.33 45.26 -5.02
CA LYS F 168 -32.02 44.43 -3.87
C LYS F 168 -30.78 43.58 -4.16
N GLN F 169 -30.65 43.14 -5.42
CA GLN F 169 -29.51 42.33 -5.84
C GLN F 169 -28.18 43.04 -5.64
N THR F 170 -28.15 44.34 -5.96
CA THR F 170 -26.94 45.15 -5.79
C THR F 170 -26.62 45.32 -4.32
N GLU F 171 -27.65 45.62 -3.54
CA GLU F 171 -27.47 45.88 -2.11
C GLU F 171 -27.10 44.63 -1.28
N LEU F 172 -27.65 43.47 -1.66
CA LEU F 172 -27.25 42.20 -1.08
C LEU F 172 -25.74 41.96 -1.20
N ALA F 173 -25.25 42.06 -2.44
CA ALA F 173 -23.85 41.90 -2.74
C ALA F 173 -22.98 42.85 -1.94
N LEU F 174 -23.51 44.04 -1.64
CA LEU F 174 -22.77 45.04 -0.85
C LEU F 174 -22.75 44.68 0.62
N ASP F 175 -23.95 44.47 1.16
CA ASP F 175 -24.15 44.04 2.53
C ASP F 175 -23.26 42.84 2.86
N LEU F 176 -23.28 41.88 1.94
CA LEU F 176 -22.48 40.68 2.07
C LEU F 176 -20.97 40.95 2.12
N ALA F 177 -20.49 41.80 1.21
CA ALA F 177 -19.07 42.20 1.17
C ALA F 177 -18.65 42.90 2.45
N LEU F 178 -19.41 43.95 2.79
CA LEU F 178 -19.23 44.63 4.06
C LEU F 178 -19.21 43.68 5.28
N SER F 179 -20.27 42.87 5.44
CA SER F 179 -20.29 41.94 6.57
C SER F 179 -19.16 40.91 6.53
N LYS F 180 -18.78 40.42 5.35
CA LYS F 180 -17.64 39.50 5.27
C LYS F 180 -16.39 40.21 5.78
N TYR F 181 -16.12 41.38 5.18
CA TYR F 181 -14.97 42.19 5.60
C TYR F 181 -14.96 42.39 7.12
N LEU F 182 -16.12 42.72 7.65
CA LEU F 182 -16.29 42.86 9.08
C LEU F 182 -15.90 41.58 9.82
N SER F 183 -16.51 40.45 9.43
CA SER F 183 -16.23 39.17 10.11
C SER F 183 -14.76 38.79 10.01
N ASP F 184 -14.11 39.25 8.94
CA ASP F 184 -12.66 39.06 8.81
C ASP F 184 -11.82 39.97 9.70
N LEU F 185 -12.18 41.25 9.76
CA LEU F 185 -11.40 42.14 10.62
C LEU F 185 -11.65 41.93 12.11
N LEU F 186 -12.82 41.39 12.44
CA LEU F 186 -13.23 41.35 13.85
C LEU F 186 -12.24 40.71 14.84
N PHE F 187 -11.52 39.66 14.43
CA PHE F 187 -10.57 39.02 15.37
C PHE F 187 -9.48 39.96 15.88
N VAL F 188 -8.74 40.58 14.97
CA VAL F 188 -7.71 41.53 15.33
C VAL F 188 -8.20 42.82 16.01
N PHE F 189 -9.28 43.42 15.48
CA PHE F 189 -9.77 44.74 15.94
C PHE F 189 -10.93 44.76 16.90
N GLY F 190 -11.43 43.57 17.29
CA GLY F 190 -12.59 43.44 18.19
C GLY F 190 -12.32 43.87 19.63
N PRO F 191 -13.16 43.39 20.59
CA PRO F 191 -12.92 43.62 22.04
C PRO F 191 -11.59 43.00 22.43
N ASN F 192 -11.10 42.24 21.47
CA ASN F 192 -9.95 41.43 21.58
C ASN F 192 -8.65 42.20 21.80
N LEU F 193 -8.44 43.23 20.98
CA LEU F 193 -7.34 44.20 21.06
C LEU F 193 -7.63 45.19 22.19
N GLN F 194 -7.58 44.70 23.42
CA GLN F 194 -7.97 45.49 24.59
C GLN F 194 -6.96 46.61 24.91
N ASP F 195 -5.71 46.41 24.46
CA ASP F 195 -4.66 47.40 24.66
C ASP F 195 -4.09 47.92 23.32
N PRO F 196 -4.67 49.01 22.76
CA PRO F 196 -4.26 49.54 21.46
C PRO F 196 -3.13 50.57 21.58
N VAL F 197 -2.77 50.92 22.79
CA VAL F 197 -1.60 51.74 23.02
C VAL F 197 -0.43 50.75 23.16
N SER F 198 -0.01 50.23 22.00
CA SER F 198 1.10 49.30 21.90
C SER F 198 1.67 49.32 20.51
N ASN F 199 2.90 48.83 20.37
CA ASN F 199 3.46 48.60 19.02
C ASN F 199 3.96 47.17 18.89
N SER F 200 3.05 46.21 19.12
CA SER F 200 3.33 44.79 18.98
C SER F 200 2.65 44.28 17.77
N MET F 201 1.40 44.73 17.58
CA MET F 201 0.62 44.36 16.40
C MET F 201 1.51 44.26 15.17
N THR F 202 1.49 43.12 14.50
CA THR F 202 2.32 42.96 13.34
C THR F 202 1.61 43.59 12.15
N ILE F 203 2.40 44.09 11.20
CA ILE F 203 1.82 44.81 10.06
C ILE F 203 0.85 43.92 9.28
N GLN F 204 1.18 42.63 9.23
CA GLN F 204 0.29 41.63 8.67
C GLN F 204 -1.06 41.74 9.36
N ALA F 205 -1.08 41.54 10.68
CA ALA F 205 -2.30 41.65 11.48
C ALA F 205 -3.03 42.96 11.26
N ILE F 206 -2.27 44.07 11.23
CA ILE F 206 -2.89 45.40 10.95
C ILE F 206 -3.59 45.39 9.60
N SER F 207 -2.93 44.81 8.60
CA SER F 207 -3.44 44.86 7.25
C SER F 207 -4.76 44.13 7.07
N GLN F 208 -5.17 43.41 8.11
CA GLN F 208 -6.52 42.83 8.16
C GLN F 208 -7.60 43.85 7.86
N ALA F 209 -7.35 45.10 8.24
CA ALA F 209 -8.23 46.23 7.94
C ALA F 209 -8.24 46.57 6.47
N PHE F 210 -7.13 46.31 5.78
CA PHE F 210 -7.06 46.47 4.33
C PHE F 210 -7.20 45.12 3.63
N GLY F 211 -7.67 44.13 4.35
CA GLY F 211 -8.06 42.87 3.72
C GLY F 211 -6.88 41.95 3.56
N GLY F 212 -5.96 42.02 4.52
CA GLY F 212 -4.81 41.12 4.61
C GLY F 212 -3.71 41.43 3.63
N ASN F 213 -3.94 42.38 2.74
CA ASN F 213 -2.99 42.72 1.69
C ASN F 213 -1.88 43.62 2.24
N TYR F 214 -1.04 43.07 3.11
CA TYR F 214 0.05 43.83 3.71
C TYR F 214 1.16 44.12 2.72
N GLU F 215 1.20 43.34 1.66
CA GLU F 215 2.09 43.61 0.54
C GLU F 215 1.95 45.03 0.00
N THR F 216 0.76 45.38 -0.47
CA THR F 216 0.51 46.73 -1.02
C THR F 216 0.84 47.79 0.01
N LEU F 217 0.37 47.56 1.24
CA LEU F 217 0.61 48.45 2.38
C LEU F 217 2.11 48.72 2.54
N LEU F 218 2.91 47.67 2.56
CA LEU F 218 4.34 47.89 2.65
C LEU F 218 4.93 48.56 1.38
N ARG F 219 4.48 48.09 0.22
CA ARG F 219 4.99 48.54 -1.07
C ARG F 219 4.74 50.03 -1.32
N THR F 220 3.60 50.56 -0.86
CA THR F 220 3.35 52.01 -1.02
C THR F 220 4.25 52.87 -0.13
N LEU F 221 4.72 52.30 0.96
CA LEU F 221 5.69 52.98 1.79
C LEU F 221 7.11 52.80 1.25
N GLY F 222 7.40 51.64 0.68
CA GLY F 222 8.74 51.40 0.09
C GLY F 222 9.61 50.43 0.90
N ASP F 227 15.93 42.68 2.01
CA ASP F 227 16.06 42.26 3.43
C ASP F 227 14.77 42.56 4.28
N PHE F 228 13.66 42.39 3.58
CA PHE F 228 12.32 42.84 3.87
C PHE F 228 11.56 41.62 4.37
N ASP F 229 11.71 40.51 3.64
CA ASP F 229 11.09 39.23 3.99
C ASP F 229 11.55 38.70 5.34
N ASP F 230 12.85 38.75 5.61
CA ASP F 230 13.38 38.30 6.89
C ASP F 230 12.80 39.11 8.02
N LEU F 231 12.63 40.40 7.80
CA LEU F 231 11.96 41.23 8.79
C LEU F 231 10.54 40.73 8.94
N LEU F 232 9.83 40.69 7.82
CA LEU F 232 8.42 40.31 7.80
C LEU F 232 8.11 38.97 8.50
N GLU F 233 8.97 37.99 8.29
CA GLU F 233 8.74 36.65 8.82
C GLU F 233 9.34 36.46 10.21
N SER F 234 9.73 37.55 10.84
CA SER F 234 10.17 37.49 12.22
C SER F 234 9.12 38.19 13.04
N ASP F 235 8.07 38.64 12.34
CA ASP F 235 7.11 39.62 12.85
C ASP F 235 7.88 40.71 13.56
N SER F 236 8.66 41.48 12.77
CA SER F 236 9.43 42.60 13.30
C SER F 236 8.90 43.89 12.76
N ILE F 237 8.13 43.79 11.68
CA ILE F 237 7.45 44.95 11.13
C ILE F 237 6.10 45.07 11.82
N THR F 238 5.99 46.06 12.70
CA THR F 238 4.79 46.29 13.52
C THR F 238 4.05 47.61 13.23
N GLY F 239 2.77 47.64 13.57
CA GLY F 239 1.93 48.82 13.40
C GLY F 239 1.36 49.27 14.73
N GLN F 240 1.29 50.58 14.92
CA GLN F 240 0.59 51.14 16.06
C GLN F 240 -0.52 52.06 15.54
N ILE F 241 -1.73 51.90 16.09
CA ILE F 241 -2.86 52.77 15.75
C ILE F 241 -2.72 54.08 16.51
N VAL F 242 -2.61 55.19 15.78
CA VAL F 242 -2.31 56.48 16.42
C VAL F 242 -3.43 57.52 16.37
N TYR F 243 -4.45 57.25 15.55
CA TYR F 243 -5.63 58.11 15.45
C TYR F 243 -6.83 57.38 14.78
N VAL F 244 -8.00 57.55 15.39
CA VAL F 244 -9.27 57.02 14.89
C VAL F 244 -10.25 58.16 14.58
N ASP F 245 -10.76 58.22 13.34
CA ASP F 245 -11.80 59.19 12.97
C ASP F 245 -13.15 58.51 12.77
N LEU F 246 -14.09 58.86 13.64
CA LEU F 246 -15.38 58.17 13.74
C LEU F 246 -16.47 58.67 12.82
N SER F 247 -16.31 59.86 12.26
CA SER F 247 -17.27 60.36 11.27
C SER F 247 -16.87 60.00 9.84
N SER F 248 -15.57 59.96 9.57
CA SER F 248 -15.04 59.58 8.26
C SER F 248 -14.67 58.10 8.15
N TYR F 249 -14.55 57.44 9.31
CA TYR F 249 -14.29 56.00 9.40
C TYR F 249 -12.95 55.61 8.77
N TYR F 250 -11.89 56.24 9.29
CA TYR F 250 -10.52 55.91 8.92
C TYR F 250 -9.61 55.85 10.14
N ILE F 251 -8.48 55.17 9.98
CA ILE F 251 -7.45 55.20 11.03
C ILE F 251 -6.09 55.62 10.48
N ILE F 252 -5.28 56.19 11.37
CA ILE F 252 -3.86 56.41 11.05
C ILE F 252 -2.97 55.38 11.79
N VAL F 253 -2.13 54.70 11.01
CA VAL F 253 -1.21 53.70 11.56
C VAL F 253 0.22 54.13 11.36
N ARG F 254 0.99 54.08 12.45
CA ARG F 254 2.41 54.36 12.41
C ARG F 254 3.00 53.02 12.27
N VAL F 255 3.73 52.83 11.17
CA VAL F 255 4.42 51.57 10.90
C VAL F 255 5.88 51.69 11.30
N TYR F 256 6.32 50.72 12.12
CA TYR F 256 7.67 50.64 12.65
C TYR F 256 8.47 49.60 11.86
N PHE F 257 9.26 50.07 10.92
CA PHE F 257 10.04 49.24 10.03
C PHE F 257 11.48 49.27 10.53
N PRO F 258 11.91 48.22 11.25
CA PRO F 258 13.23 48.26 11.85
C PRO F 258 14.30 47.72 10.94
N ILE F 259 15.46 47.48 11.52
CA ILE F 259 16.59 46.89 10.85
C ILE F 259 17.13 45.92 11.85
N LEU F 260 17.85 44.91 11.41
CA LEU F 260 18.20 43.87 12.36
C LEU F 260 19.67 43.83 12.62
N THR F 261 20.06 43.72 13.88
CA THR F 261 21.49 43.71 14.15
C THR F 261 22.05 42.41 14.69
N GLU F 262 23.24 42.09 14.24
CA GLU F 262 23.93 40.87 14.64
C GLU F 262 24.37 41.07 16.09
N ILE F 263 24.05 40.11 16.93
CA ILE F 263 24.59 40.12 18.28
C ILE F 263 26.05 39.70 18.26
N GLN F 264 26.87 40.29 19.11
CA GLN F 264 28.32 40.10 18.97
C GLN F 264 28.86 38.94 19.80
N GLN F 265 29.82 38.22 19.24
CA GLN F 265 30.17 36.85 19.68
C GLN F 265 28.99 36.06 20.25
N ALA F 266 27.96 35.94 19.45
CA ALA F 266 26.83 35.20 19.84
C ALA F 266 26.49 34.38 18.64
N TYR F 267 26.32 33.09 18.89
CA TYR F 267 25.82 32.20 17.87
C TYR F 267 24.80 31.23 18.45
N VAL F 268 23.93 30.73 17.55
CA VAL F 268 23.01 29.62 17.90
C VAL F 268 23.45 28.31 17.24
N GLN F 269 23.83 27.35 18.11
CA GLN F 269 24.28 26.01 17.68
C GLN F 269 23.11 25.04 17.56
N GLU F 270 22.87 24.47 16.37
CA GLU F 270 21.88 23.36 16.32
C GLU F 270 22.48 21.99 16.68
N LEU F 271 21.70 21.14 17.32
CA LEU F 271 22.13 19.79 17.62
C LEU F 271 21.18 18.87 16.91
N LEU F 272 21.72 18.00 16.02
CA LEU F 272 20.88 17.00 15.34
C LEU F 272 20.81 15.73 16.17
N PRO F 273 19.56 15.34 16.56
CA PRO F 273 19.32 14.25 17.47
C PRO F 273 19.20 12.94 16.70
N VAL F 274 19.72 11.89 17.32
CA VAL F 274 19.91 10.62 16.67
C VAL F 274 19.72 9.51 17.72
N SER F 275 18.80 8.57 17.51
CA SER F 275 18.55 7.58 18.55
C SER F 275 19.82 6.82 18.76
N PHE F 276 20.07 6.38 19.99
CA PHE F 276 21.29 5.64 20.29
C PHE F 276 21.09 4.40 21.17
N ASN F 277 22.06 3.51 21.18
CA ASN F 277 21.86 2.25 21.85
C ASN F 277 22.50 2.16 23.22
N ASN F 278 21.73 1.63 24.17
CA ASN F 278 22.27 1.31 25.47
C ASN F 278 21.49 0.19 26.14
N ASP F 279 22.22 -0.80 26.62
CA ASP F 279 21.66 -1.92 27.39
C ASP F 279 20.36 -2.50 26.79
N ASN F 280 20.44 -2.94 25.53
CA ASN F 280 19.33 -3.58 24.82
C ASN F 280 18.10 -2.74 24.48
N SER F 281 18.28 -1.42 24.37
CA SER F 281 17.19 -0.54 23.96
C SER F 281 17.67 0.81 23.39
N GLU F 282 16.80 1.42 22.59
CA GLU F 282 17.12 2.66 21.92
C GLU F 282 16.66 3.81 22.82
N TRP F 283 17.58 4.76 22.99
CA TRP F 283 17.35 5.95 23.79
C TRP F 283 17.53 7.20 22.94
N ILE F 284 16.88 8.29 23.36
CA ILE F 284 17.11 9.59 22.76
C ILE F 284 17.51 10.56 23.86
N SER F 285 18.45 11.45 23.57
CA SER F 285 18.97 12.38 24.60
C SER F 285 18.07 13.57 24.84
N ILE F 286 17.81 13.87 26.10
CA ILE F 286 16.92 14.98 26.50
C ILE F 286 17.76 16.24 26.83
N VAL F 287 18.14 16.92 25.76
CA VAL F 287 19.06 18.05 25.79
C VAL F 287 18.58 19.04 24.73
N PRO F 288 18.69 20.34 25.01
CA PRO F 288 18.19 21.30 24.03
C PRO F 288 18.81 21.11 22.62
N ASN F 289 17.99 21.26 21.59
CA ASN F 289 18.46 21.14 20.20
C ASN F 289 19.04 22.44 19.67
N PHE F 290 18.84 23.50 20.42
CA PHE F 290 19.40 24.78 20.05
C PHE F 290 19.97 25.35 21.32
N VAL F 291 21.21 25.77 21.24
CA VAL F 291 21.88 26.33 22.36
C VAL F 291 22.41 27.66 21.89
N LEU F 292 22.20 28.68 22.73
CA LEU F 292 22.73 30.01 22.44
C LEU F 292 24.04 30.18 23.18
N ILE F 293 25.08 30.52 22.42
CA ILE F 293 26.33 30.92 23.06
C ILE F 293 26.67 32.37 22.74
N ARG F 294 26.58 33.23 23.76
CA ARG F 294 27.05 34.61 23.62
C ARG F 294 28.07 34.97 24.67
N ASN F 295 29.20 35.47 24.18
CA ASN F 295 30.41 35.62 24.96
C ASN F 295 30.88 34.24 25.40
N THR F 296 31.18 34.08 26.68
CA THR F 296 31.67 32.81 27.13
C THR F 296 30.50 31.99 27.74
N LEU F 297 29.31 32.57 27.66
CA LEU F 297 28.12 32.07 28.36
C LEU F 297 27.18 31.22 27.48
N ILE F 298 26.86 29.99 27.94
CA ILE F 298 25.87 29.14 27.23
C ILE F 298 24.50 29.15 27.88
N SER F 299 23.47 29.37 27.07
CA SER F 299 22.13 29.36 27.61
C SER F 299 21.09 28.93 26.59
N ASN F 300 19.87 28.71 27.06
CA ASN F 300 18.79 28.27 26.18
C ASN F 300 18.21 29.40 25.36
N ILE F 301 17.54 29.06 24.29
CA ILE F 301 16.92 30.08 23.48
C ILE F 301 15.64 29.56 22.91
N GLU F 302 14.59 30.38 22.91
CA GLU F 302 13.31 29.91 22.41
C GLU F 302 13.13 30.21 20.91
N VAL F 303 13.77 29.37 20.09
CA VAL F 303 13.80 29.60 18.63
C VAL F 303 12.41 29.52 17.98
N LYS F 304 11.51 28.78 18.62
CA LYS F 304 10.15 28.61 18.13
C LYS F 304 9.54 29.94 17.74
N TYR F 305 9.99 31.00 18.42
CA TYR F 305 9.39 32.31 18.22
C TYR F 305 10.09 33.16 17.13
N CYS F 306 11.28 32.70 16.70
CA CYS F 306 12.14 33.41 15.78
C CYS F 306 11.93 32.91 14.37
N LEU F 307 12.79 33.35 13.45
CA LEU F 307 12.88 32.82 12.09
C LEU F 307 14.23 32.14 11.91
N ILE F 308 14.21 30.82 11.75
CA ILE F 308 15.41 30.01 11.55
C ILE F 308 15.69 30.07 10.05
N THR F 309 16.97 30.08 9.69
CA THR F 309 17.40 30.42 8.31
C THR F 309 18.83 29.95 8.05
N LYS F 310 19.14 29.53 6.82
CA LYS F 310 20.44 28.88 6.57
C LYS F 310 21.59 29.47 7.39
N LYS F 311 21.68 30.80 7.40
CA LYS F 311 22.80 31.46 8.09
C LYS F 311 22.49 32.06 9.49
N SER F 312 21.23 32.39 9.76
CA SER F 312 20.90 33.09 11.02
C SER F 312 19.61 32.67 11.70
N VAL F 313 19.56 32.82 13.03
CA VAL F 313 18.31 32.88 13.78
C VAL F 313 17.90 34.37 13.95
N ILE F 314 16.68 34.67 13.54
CA ILE F 314 16.24 36.08 13.47
C ILE F 314 15.04 36.31 14.39
N CYS F 315 15.21 37.12 15.44
CA CYS F 315 14.18 37.26 16.44
C CYS F 315 13.74 38.69 16.58
N ASN F 316 12.50 38.91 16.96
CA ASN F 316 12.05 40.29 17.22
C ASN F 316 12.36 40.75 18.63
N GLN F 317 13.06 39.94 19.39
CA GLN F 317 13.52 40.30 20.70
C GLN F 317 14.54 39.30 21.13
N ASP F 318 15.27 39.58 22.19
CA ASP F 318 16.15 38.59 22.77
C ASP F 318 15.27 37.50 23.37
N TYR F 319 15.62 36.26 23.09
CA TYR F 319 14.85 35.13 23.60
C TYR F 319 15.68 34.18 24.43
N ALA F 320 16.74 34.68 25.05
CA ALA F 320 17.60 33.82 25.85
C ALA F 320 16.83 33.38 27.08
N THR F 321 17.21 32.23 27.65
CA THR F 321 16.56 31.67 28.83
C THR F 321 17.61 30.87 29.59
N PRO F 322 17.54 30.92 30.94
CA PRO F 322 18.57 30.32 31.78
C PRO F 322 18.61 28.82 31.61
N MET F 323 19.71 28.23 32.03
CA MET F 323 19.91 26.79 31.91
C MET F 323 20.57 26.25 33.16
N THR F 324 20.09 25.11 33.60
CA THR F 324 20.58 24.52 34.83
C THR F 324 22.00 24.03 34.66
N ALA F 325 22.79 24.21 35.72
CA ALA F 325 24.22 23.92 35.72
C ALA F 325 24.50 22.47 35.35
N SER F 326 23.53 21.60 35.60
CA SER F 326 23.62 20.21 35.18
C SER F 326 23.58 20.11 33.66
N VAL F 327 22.56 20.73 33.04
CA VAL F 327 22.44 20.73 31.57
C VAL F 327 23.59 21.51 30.91
N ARG F 328 24.06 22.57 31.58
CA ARG F 328 25.30 23.20 31.14
C ARG F 328 26.46 22.20 31.17
N GLU F 329 26.70 21.59 32.33
CA GLU F 329 27.79 20.62 32.48
C GLU F 329 27.71 19.51 31.42
N CYS F 330 26.51 18.98 31.24
CA CYS F 330 26.20 17.98 30.22
C CYS F 330 26.74 18.34 28.81
N LEU F 331 26.47 19.58 28.37
CA LEU F 331 26.88 20.07 27.04
C LEU F 331 28.38 20.31 26.96
N THR F 332 29.02 20.36 28.10
CA THR F 332 30.43 20.65 28.14
C THR F 332 31.19 19.48 28.74
N GLY F 333 30.80 18.28 28.36
CA GLY F 333 31.57 17.09 28.73
C GLY F 333 30.85 16.04 29.54
N SER F 334 30.16 16.45 30.62
CA SER F 334 29.58 15.49 31.58
C SER F 334 28.34 14.77 31.03
N THR F 335 28.55 13.79 30.16
CA THR F 335 27.44 13.15 29.46
C THR F 335 26.60 12.33 30.41
N ASP F 336 27.18 11.97 31.56
CA ASP F 336 26.45 11.27 32.62
C ASP F 336 25.46 12.20 33.33
N LYS F 337 25.41 13.46 32.89
CA LYS F 337 24.43 14.42 33.40
C LYS F 337 23.34 14.76 32.37
N CYS F 338 23.55 14.38 31.11
CA CYS F 338 22.54 14.53 30.08
C CYS F 338 21.47 13.46 30.26
N PRO F 339 20.22 13.86 30.58
CA PRO F 339 19.18 12.85 30.76
C PRO F 339 18.82 12.18 29.44
N ARG F 340 18.33 10.93 29.51
CA ARG F 340 17.98 10.17 28.30
C ARG F 340 16.60 9.58 28.47
N GLU F 341 15.91 9.37 27.35
CA GLU F 341 14.56 8.79 27.37
C GLU F 341 14.43 7.62 26.41
N LEU F 342 13.66 6.61 26.84
CA LEU F 342 13.37 5.45 26.03
C LEU F 342 12.68 5.81 24.70
N VAL F 343 13.09 5.12 23.63
CA VAL F 343 12.50 5.38 22.31
C VAL F 343 11.48 4.30 22.01
N VAL F 344 10.27 4.71 21.65
CA VAL F 344 9.26 3.73 21.29
C VAL F 344 8.54 4.06 19.99
N SER F 345 9.05 5.04 19.26
CA SER F 345 8.49 5.32 17.94
C SER F 345 9.47 5.08 16.78
N SER F 346 9.03 4.21 15.85
CA SER F 346 9.63 4.05 14.53
C SER F 346 9.63 5.36 13.74
N HIS F 347 10.16 6.42 14.32
CA HIS F 347 10.17 7.68 13.61
C HIS F 347 11.28 8.58 14.11
N VAL F 348 11.68 8.39 15.36
CA VAL F 348 12.84 9.14 15.85
C VAL F 348 14.00 8.66 14.98
N PRO F 349 14.76 9.61 14.42
CA PRO F 349 15.81 9.41 13.46
C PRO F 349 16.93 8.51 13.96
N ARG F 350 17.53 7.79 13.01
CA ARG F 350 18.44 6.71 13.34
C ARG F 350 19.90 6.94 12.89
N PHE F 351 20.09 7.97 12.08
CA PHE F 351 21.45 8.40 11.70
C PHE F 351 21.47 9.92 11.31
N ALA F 352 22.64 10.54 11.42
CA ALA F 352 22.81 11.91 10.91
C ALA F 352 24.16 12.09 10.29
N LEU F 353 24.29 13.18 9.53
CA LEU F 353 25.54 13.48 8.83
C LEU F 353 26.10 14.83 9.23
N SER F 354 27.35 14.81 9.72
CA SER F 354 28.01 16.06 10.09
C SER F 354 29.50 16.07 9.75
N GLY F 355 29.87 17.05 8.92
CA GLY F 355 31.20 17.16 8.39
C GLY F 355 31.49 16.17 7.28
N GLY F 356 30.44 15.56 6.74
CA GLY F 356 30.64 14.54 5.74
C GLY F 356 30.95 13.20 6.35
N VAL F 357 30.93 13.15 7.68
CA VAL F 357 31.05 11.89 8.40
C VAL F 357 29.71 11.49 9.00
N LEU F 358 29.45 10.18 9.03
CA LEU F 358 28.14 9.66 9.38
C LEU F 358 28.07 9.19 10.83
N PHE F 359 26.99 9.55 11.54
CA PHE F 359 26.73 9.06 12.89
C PHE F 359 25.46 8.20 12.90
N ALA F 360 25.61 6.92 13.13
CA ALA F 360 24.51 6.01 12.85
C ALA F 360 24.25 5.01 13.98
N ASN F 361 22.97 4.70 14.19
CA ASN F 361 22.58 3.60 15.05
C ASN F 361 22.48 2.29 14.28
N CYS F 362 23.64 1.66 14.11
CA CYS F 362 23.78 0.45 13.30
C CYS F 362 23.36 -0.80 14.03
N ILE F 363 22.76 -0.63 15.20
CA ILE F 363 21.95 -1.67 15.82
C ILE F 363 20.51 -1.50 15.34
N SER F 364 19.95 -0.32 15.51
CA SER F 364 18.59 -0.09 15.03
C SER F 364 18.43 -0.23 13.52
N VAL F 365 19.28 0.44 12.73
CA VAL F 365 19.27 0.22 11.27
C VAL F 365 20.45 -0.63 10.87
N THR F 366 20.39 -1.24 9.69
CA THR F 366 21.50 -2.10 9.23
C THR F 366 22.38 -1.31 8.28
N CYS F 367 23.67 -1.24 8.59
CA CYS F 367 24.58 -0.39 7.82
C CYS F 367 25.50 -1.26 7.00
N GLN F 368 25.73 -0.94 5.72
CA GLN F 368 26.79 -1.68 4.99
C GLN F 368 27.72 -0.89 4.08
N CYS F 369 28.86 -1.50 3.77
CA CYS F 369 29.90 -0.88 2.97
C CYS F 369 29.73 -1.30 1.52
N GLN F 370 29.25 -0.41 0.66
CA GLN F 370 29.14 -0.80 -0.75
C GLN F 370 30.51 -1.12 -1.37
N THR F 371 31.49 -0.27 -1.08
CA THR F 371 32.84 -0.43 -1.61
C THR F 371 33.43 -1.78 -1.15
N THR F 372 33.61 -1.96 0.16
CA THR F 372 34.21 -3.21 0.67
C THR F 372 33.24 -4.40 0.78
N GLY F 373 32.00 -4.26 0.34
CA GLY F 373 31.03 -5.35 0.38
C GLY F 373 30.57 -5.88 1.74
N ARG F 374 31.38 -5.70 2.79
CA ARG F 374 31.06 -6.26 4.13
C ARG F 374 30.16 -5.34 4.95
N ALA F 375 29.19 -5.93 5.66
CA ALA F 375 28.28 -5.15 6.51
C ALA F 375 28.98 -4.47 7.71
N ILE F 376 28.59 -3.22 7.99
CA ILE F 376 29.09 -2.47 9.15
C ILE F 376 28.22 -2.81 10.36
N SER F 377 28.75 -3.61 11.26
CA SER F 377 27.96 -3.99 12.43
C SER F 377 28.48 -3.40 13.71
N GLN F 378 27.53 -3.06 14.57
CA GLN F 378 27.77 -2.31 15.79
C GLN F 378 27.65 -3.20 17.01
N SER F 379 28.66 -3.14 17.89
CA SER F 379 28.64 -3.86 19.16
C SER F 379 27.45 -3.42 20.00
N GLY F 380 27.04 -4.26 20.95
CA GLY F 380 26.02 -3.88 21.92
C GLY F 380 26.61 -2.98 23.00
N GLU F 381 27.93 -2.92 23.06
CA GLU F 381 28.64 -2.11 24.03
C GLU F 381 28.69 -0.65 23.62
N GLN F 382 28.36 -0.38 22.36
CA GLN F 382 28.47 0.97 21.86
C GLN F 382 27.15 1.60 21.49
N THR F 383 27.09 2.91 21.71
CA THR F 383 25.87 3.71 21.57
C THR F 383 25.56 3.99 20.11
N LEU F 384 26.61 4.16 19.32
CA LEU F 384 26.51 4.80 18.04
C LEU F 384 27.77 4.47 17.26
N LEU F 385 27.65 4.39 15.95
CA LEU F 385 28.86 4.31 15.16
C LEU F 385 29.15 5.64 14.47
N MET F 386 30.43 6.02 14.52
CA MET F 386 30.96 7.06 13.67
C MET F 386 31.54 6.31 12.49
N ILE F 387 30.99 6.58 11.32
CA ILE F 387 31.46 6.00 10.08
C ILE F 387 31.98 7.10 9.17
N ASP F 388 33.26 6.99 8.81
CA ASP F 388 33.93 7.93 7.91
C ASP F 388 34.68 7.12 6.85
N ASN F 389 35.20 7.76 5.81
CA ASN F 389 35.90 7.05 4.74
C ASN F 389 37.11 6.15 5.12
N THR F 390 37.53 6.16 6.39
CA THR F 390 38.63 5.30 6.80
C THR F 390 38.16 3.91 7.23
N THR F 391 36.90 3.60 6.92
CA THR F 391 36.38 2.22 6.98
C THR F 391 35.51 1.95 5.75
N CYS F 392 34.65 2.89 5.40
CA CYS F 392 33.91 2.86 4.14
C CYS F 392 34.04 4.14 3.41
N THR F 393 34.27 4.06 2.11
CA THR F 393 34.17 5.26 1.31
C THR F 393 32.70 5.49 0.99
N THR F 394 32.03 4.42 0.58
CA THR F 394 30.62 4.54 0.31
C THR F 394 29.82 3.68 1.30
N VAL F 395 28.69 4.21 1.73
CA VAL F 395 27.85 3.51 2.68
C VAL F 395 26.43 3.36 2.17
N VAL F 396 25.98 2.10 2.13
CA VAL F 396 24.59 1.77 1.88
C VAL F 396 23.95 1.73 3.24
N LEU F 397 22.87 2.50 3.34
CA LEU F 397 22.11 2.70 4.56
C LEU F 397 20.60 2.54 4.35
N GLY F 398 20.17 1.27 4.39
CA GLY F 398 18.85 0.88 3.93
C GLY F 398 18.69 1.00 2.42
N ASN F 399 18.38 2.23 2.00
CA ASN F 399 17.95 2.50 0.63
C ASN F 399 18.61 3.77 0.08
N ILE F 400 19.55 4.30 0.86
CA ILE F 400 20.27 5.51 0.48
C ILE F 400 21.80 5.25 0.46
N ILE F 401 22.43 5.59 -0.66
CA ILE F 401 23.87 5.33 -0.80
C ILE F 401 24.58 6.65 -0.59
N ILE F 402 25.64 6.66 0.22
CA ILE F 402 26.24 7.93 0.63
C ILE F 402 27.76 7.85 0.81
N SER F 403 28.48 8.76 0.13
CA SER F 403 29.95 8.78 0.14
C SER F 403 30.46 9.66 1.26
N LEU F 404 31.49 9.18 1.96
CA LEU F 404 31.91 9.78 3.24
C LEU F 404 33.28 10.48 3.26
N GLY F 405 33.42 11.45 4.14
CA GLY F 405 34.69 12.12 4.33
C GLY F 405 35.47 11.53 5.50
N LYS F 406 36.62 12.12 5.81
CA LYS F 406 37.40 11.74 6.99
C LYS F 406 37.00 12.58 8.20
N TYR F 407 36.81 11.89 9.32
CA TYR F 407 36.37 12.48 10.57
C TYR F 407 37.51 13.25 11.18
N LEU F 408 37.24 14.51 11.51
CA LEU F 408 38.30 15.38 12.03
C LEU F 408 38.56 15.18 13.52
N GLY F 409 37.80 14.29 14.17
CA GLY F 409 37.92 14.04 15.62
C GLY F 409 38.79 12.86 15.97
N SER F 410 38.61 12.34 17.18
CA SER F 410 39.44 11.24 17.72
C SER F 410 39.61 10.02 16.78
N ILE F 411 40.86 9.63 16.56
CA ILE F 411 41.21 8.53 15.64
C ILE F 411 40.45 7.23 15.91
N ASN F 412 40.08 7.01 17.17
CA ASN F 412 39.29 5.82 17.54
C ASN F 412 38.08 6.15 18.41
N TYR F 413 37.18 6.94 17.83
CA TYR F 413 35.87 7.28 18.37
C TYR F 413 35.12 6.06 18.89
N ASN F 414 35.28 4.92 18.21
CA ASN F 414 34.45 3.76 18.49
C ASN F 414 35.00 2.81 19.53
N SER F 415 36.26 3.01 19.90
CA SER F 415 36.88 2.19 20.95
C SER F 415 36.58 2.73 22.33
N GLU F 416 36.41 4.06 22.43
CA GLU F 416 36.21 4.74 23.72
C GLU F 416 34.73 4.95 24.06
N SER F 417 34.31 4.48 25.24
CA SER F 417 32.89 4.45 25.63
C SER F 417 32.46 5.69 26.45
N ILE F 418 31.36 6.33 26.06
CA ILE F 418 30.75 7.46 26.78
C ILE F 418 30.00 6.90 27.98
N ALA F 419 29.80 7.73 29.01
CA ALA F 419 28.95 7.31 30.14
C ALA F 419 27.53 7.92 30.01
N VAL F 420 26.53 7.06 29.77
CA VAL F 420 25.15 7.50 29.52
C VAL F 420 24.51 8.06 30.80
N GLY F 421 23.75 9.15 30.66
CA GLY F 421 23.04 9.77 31.79
C GLY F 421 21.82 9.01 32.30
N PRO F 422 20.99 9.66 33.14
CA PRO F 422 19.85 9.01 33.79
C PRO F 422 18.62 8.99 32.88
N PRO F 423 17.83 7.90 32.96
CA PRO F 423 16.62 7.85 32.17
C PRO F 423 15.52 8.70 32.80
N VAL F 424 14.62 9.21 31.93
CA VAL F 424 13.52 10.04 32.38
C VAL F 424 12.34 10.04 31.41
N TYR F 425 11.14 10.31 31.94
CA TYR F 425 9.90 10.39 31.16
C TYR F 425 9.48 11.84 31.00
N THR F 426 9.09 12.15 29.78
CA THR F 426 9.02 13.51 29.30
C THR F 426 7.59 14.06 29.38
N ASP F 427 6.67 13.12 29.52
CA ASP F 427 5.25 13.30 29.32
C ASP F 427 4.59 14.12 30.42
N LYS F 428 3.66 14.98 30.02
CA LYS F 428 2.97 15.86 30.97
C LYS F 428 2.40 15.07 32.14
N VAL F 429 1.61 14.06 31.82
CA VAL F 429 1.00 13.19 32.81
C VAL F 429 2.02 12.39 33.64
N ASP F 430 3.20 12.17 33.07
CA ASP F 430 4.17 11.32 33.73
C ASP F 430 5.02 12.13 34.69
N ILE F 431 5.18 13.41 34.36
CA ILE F 431 5.80 14.32 35.31
C ILE F 431 5.04 14.39 36.66
N SER F 432 3.71 14.55 36.63
CA SER F 432 2.93 14.61 37.89
C SER F 432 3.06 13.34 38.69
N SER F 433 2.96 12.19 38.01
CA SER F 433 3.13 10.93 38.71
C SER F 433 4.55 10.80 39.27
N GLN F 434 5.55 11.17 38.46
CA GLN F 434 6.93 11.13 38.93
C GLN F 434 7.08 11.96 40.20
N ILE F 435 6.54 13.18 40.13
CA ILE F 435 6.59 14.14 41.22
C ILE F 435 5.90 13.59 42.47
N SER F 436 4.67 13.09 42.32
CA SER F 436 3.95 12.58 43.49
C SER F 436 4.60 11.30 44.06
N SER F 437 5.04 10.41 43.19
CA SER F 437 5.88 9.29 43.56
C SER F 437 7.06 9.75 44.42
N MET F 438 7.85 10.68 43.89
CA MET F 438 8.99 11.25 44.66
C MET F 438 8.54 11.82 46.01
N ASN F 439 7.40 12.52 46.01
CA ASN F 439 6.74 12.94 47.26
C ASN F 439 6.42 11.76 48.23
N GLN F 440 5.41 10.96 47.92
CA GLN F 440 5.10 9.70 48.57
C GLN F 440 6.37 9.08 49.15
N SER F 441 7.36 8.79 48.31
CA SER F 441 8.60 8.21 48.80
C SER F 441 9.34 9.06 49.84
N LEU F 442 9.49 10.38 49.56
CA LEU F 442 10.10 11.26 50.56
C LEU F 442 9.35 11.33 51.91
N GLN F 443 8.01 11.36 51.86
CA GLN F 443 7.17 11.35 53.07
C GLN F 443 7.35 10.03 53.80
N GLN F 444 7.24 8.94 53.05
CA GLN F 444 7.44 7.58 53.56
C GLN F 444 8.80 7.45 54.26
N SER F 445 9.86 7.97 53.64
CA SER F 445 11.18 7.96 54.29
C SER F 445 11.51 9.22 55.13
N LYS F 446 10.51 10.05 55.39
CA LYS F 446 10.68 11.19 56.28
C LYS F 446 10.15 10.84 57.67
N ASP F 447 9.65 9.61 57.79
CA ASP F 447 9.18 9.09 59.07
C ASP F 447 10.28 8.25 59.73
N TYR F 448 11.00 7.50 58.90
CA TYR F 448 12.15 6.74 59.37
C TYR F 448 13.22 7.66 59.96
N ILE F 449 13.27 8.90 59.48
CA ILE F 449 14.15 9.92 60.07
C ILE F 449 13.56 10.50 61.35
N LYS F 450 12.25 10.31 61.55
CA LYS F 450 11.63 10.65 62.84
C LYS F 450 11.72 9.48 63.82
N GLU F 451 12.00 8.28 63.31
CA GLU F 451 12.37 7.14 64.18
C GLU F 451 13.76 7.38 64.81
C1 NAG G . -30.93 -4.99 30.67
C2 NAG G . -32.30 -5.35 30.12
C3 NAG G . -32.27 -6.58 29.21
C4 NAG G . -31.13 -6.56 28.16
C5 NAG G . -29.82 -6.11 28.82
C6 NAG G . -28.73 -5.83 27.79
C7 NAG G . -34.37 -4.98 31.21
C8 NAG G . -35.27 -5.29 32.37
N2 NAG G . -33.21 -5.60 31.22
O3 NAG G . -33.55 -6.66 28.61
O4 NAG G . -30.97 -7.84 27.56
O5 NAG G . -30.00 -4.93 29.60
O6 NAG G . -28.82 -4.48 27.39
O7 NAG G . -34.74 -4.20 30.32
C1 NAG G . -31.36 -7.87 26.15
C2 NAG G . -30.80 -9.09 25.43
C3 NAG G . -31.16 -9.05 23.95
C4 NAG G . -32.67 -8.83 23.72
C5 NAG G . -33.15 -7.63 24.54
C6 NAG G . -34.66 -7.43 24.44
C7 NAG G . -28.75 -9.90 26.59
C8 NAG G . -27.24 -9.90 26.57
N2 NAG G . -29.35 -9.20 25.61
O3 NAG G . -30.83 -10.28 23.34
O4 NAG G . -32.98 -8.72 22.33
O5 NAG G . -32.76 -7.79 25.91
O6 NAG G . -35.33 -8.39 25.22
O7 NAG G . -29.35 -10.53 27.48
C1 NAG H . -32.30 5.40 11.02
C2 NAG H . -31.54 4.58 9.96
C3 NAG H . -31.58 5.17 8.53
C4 NAG H . -32.97 5.75 8.19
C5 NAG H . -33.42 6.62 9.38
C6 NAG H . -34.76 7.34 9.17
C7 NAG H . -29.23 4.86 11.02
C8 NAG H . -27.99 4.08 11.36
N2 NAG H . -30.20 4.16 10.41
O3 NAG H . -31.26 4.15 7.60
O4 NAG H . -33.01 6.46 6.95
O5 NAG H . -33.56 5.79 10.51
O6 NAG H . -35.07 8.10 10.31
O7 NAG H . -29.31 6.06 11.30
C1 NAG H . -33.64 5.67 5.91
C2 NAG H . -34.92 6.32 5.35
C3 NAG H . -35.39 5.75 4.00
C4 NAG H . -34.28 5.28 3.06
C5 NAG H . -33.12 4.59 3.80
C6 NAG H . -31.93 4.41 2.87
C7 NAG H . -37.09 6.97 6.43
C8 NAG H . -38.11 6.58 7.48
N2 NAG H . -36.03 6.15 6.30
O3 NAG H . -36.16 6.73 3.33
O4 NAG H . -34.82 4.38 2.10
O5 NAG H . -32.69 5.39 4.88
O6 NAG H . -31.73 3.04 2.62
O7 NAG H . -37.26 7.98 5.76
C1 NAG I . 26.46 7.41 -34.64
C2 NAG I . 25.47 8.08 -35.61
C3 NAG I . 24.45 9.05 -34.96
C4 NAG I . 24.50 9.21 -33.41
C5 NAG I . 25.28 8.13 -32.63
C6 NAG I . 24.42 7.50 -31.52
C7 NAG I . 25.93 8.64 -37.95
C8 NAG I . 27.01 9.16 -38.85
N2 NAG I . 26.32 8.59 -36.68
O3 NAG I . 23.10 8.65 -35.25
O4 NAG I . 24.92 10.52 -33.00
O5 NAG I . 25.81 7.07 -33.42
O6 NAG I . 23.24 6.91 -32.04
O7 NAG I . 24.83 8.33 -38.43
C1 NAG I . 23.72 11.33 -32.91
C2 NAG I . 23.70 12.32 -31.74
C3 NAG I . 22.29 12.88 -31.66
C4 NAG I . 21.83 13.50 -33.00
C5 NAG I . 22.28 12.71 -34.24
C6 NAG I . 22.47 13.67 -35.41
C7 NAG I . 25.38 11.57 -30.05
C8 NAG I . 25.58 11.08 -28.65
N2 NAG I . 24.11 11.81 -30.43
O3 NAG I . 22.25 13.92 -30.71
O4 NAG I . 20.43 13.68 -33.00
O5 NAG I . 23.52 12.05 -34.10
O6 NAG I . 21.44 13.50 -36.36
O7 NAG I . 26.36 11.69 -30.79
S SO4 J . -19.75 25.54 32.34
O1 SO4 J . -19.67 25.74 30.87
O2 SO4 J . -18.39 25.60 32.92
O3 SO4 J . -20.34 24.21 32.57
O4 SO4 J . -20.61 26.60 32.93
C1 NAG K . 1.25 63.63 46.16
C2 NAG K . 1.14 64.89 47.06
C3 NAG K . -0.25 65.01 47.71
C4 NAG K . -1.37 65.08 46.65
C5 NAG K . -1.03 64.31 45.35
C6 NAG K . -0.81 65.30 44.18
C7 NAG K . 3.40 65.56 47.92
C8 NAG K . 4.31 65.56 49.10
N2 NAG K . 2.19 64.99 48.09
O3 NAG K . -0.27 66.14 48.58
O4 NAG K . -2.63 64.62 47.12
O5 NAG K . 0.04 63.33 45.46
O6 NAG K . -1.98 66.07 44.00
O7 NAG K . 3.76 66.06 46.84
S SO4 L . 14.71 43.13 23.39
O1 SO4 L . 16.02 43.77 23.85
O2 SO4 L . 14.12 43.31 22.01
O3 SO4 L . 15.01 41.71 23.60
O4 SO4 L . 13.45 43.51 24.10
C1 NAG M . -18.40 -26.55 15.91
C2 NAG M . -18.35 -27.97 15.33
C3 NAG M . -19.74 -28.47 14.88
C4 NAG M . -20.95 -27.97 15.69
C5 NAG M . -20.71 -26.65 16.49
C6 NAG M . -21.65 -26.56 17.70
C7 NAG M . -16.18 -28.66 14.31
C8 NAG M . -15.40 -28.74 13.02
N2 NAG M . -17.41 -28.12 14.21
O3 NAG M . -19.78 -29.90 14.85
O4 NAG M . -22.03 -27.86 14.77
O5 NAG M . -19.37 -26.48 16.95
O6 NAG M . -21.58 -25.25 18.21
O7 NAG M . -15.68 -29.08 15.37
C1 NAG N . -41.35 -13.97 -14.03
C2 NAG N . -41.08 -12.50 -13.73
C3 NAG N . -42.18 -11.99 -12.79
C4 NAG N . -43.54 -12.11 -13.48
C5 NAG N . -43.75 -13.49 -14.14
C6 NAG N . -44.85 -13.38 -15.20
C7 NAG N . -38.89 -11.49 -13.91
C8 NAG N . -37.53 -11.28 -13.32
N2 NAG N . -39.74 -12.26 -13.22
O3 NAG N . -41.94 -10.66 -12.41
O4 NAG N . -44.55 -11.84 -12.54
O5 NAG N . -42.58 -14.04 -14.76
O6 NAG N . -45.95 -14.20 -14.84
O7 NAG N . -39.18 -10.97 -14.99
C1 NAG O . 29.63 -44.05 -7.80
C2 NAG O . 28.12 -44.30 -7.94
C3 NAG O . 27.61 -44.95 -6.65
C4 NAG O . 28.45 -46.17 -6.26
C5 NAG O . 29.96 -45.86 -6.31
C6 NAG O . 30.83 -47.10 -6.01
C7 NAG O . 26.67 -42.83 -9.38
C8 NAG O . 26.04 -41.47 -9.45
N2 NAG O . 27.39 -43.07 -8.26
O3 NAG O . 26.25 -45.31 -6.78
O4 NAG O . 28.06 -46.64 -4.98
O5 NAG O . 30.31 -45.27 -7.56
O6 NAG O . 30.51 -47.74 -4.79
O7 NAG O . 26.49 -43.62 -10.31
S SO4 P . 13.51 -22.85 -37.71
O1 SO4 P . 14.20 -21.54 -37.74
O2 SO4 P . 13.64 -23.56 -39.01
O3 SO4 P . 12.07 -22.60 -37.47
O4 SO4 P . 14.14 -23.67 -36.64
C1 NAG Q . -9.55 -54.89 -43.08
C2 NAG Q . -9.24 -53.50 -43.71
C3 NAG Q . -10.43 -53.06 -44.58
C4 NAG Q . -10.76 -54.11 -45.64
C5 NAG Q . -10.80 -55.56 -45.07
C6 NAG Q . -10.72 -56.57 -46.21
C7 NAG Q . -7.70 -52.30 -42.15
C8 NAG Q . -7.54 -51.13 -41.23
N2 NAG Q . -8.90 -52.44 -42.75
O3 NAG Q . -10.16 -51.84 -45.22
O4 NAG Q . -11.99 -53.79 -46.25
O5 NAG Q . -9.78 -55.85 -44.12
O6 NAG Q . -11.32 -57.78 -45.81
O7 NAG Q . -6.76 -53.08 -42.31
C1 NAG R . 35.29 -33.83 -19.35
C2 NAG R . 34.10 -33.61 -20.29
C3 NAG R . 34.41 -33.99 -21.75
C4 NAG R . 35.88 -33.79 -22.20
C5 NAG R . 36.90 -34.12 -21.10
C6 NAG R . 38.34 -33.71 -21.44
C7 NAG R . 32.03 -33.87 -18.89
C8 NAG R . 30.93 -34.80 -18.45
N2 NAG R . 32.94 -34.34 -19.77
O3 NAG R . 33.57 -33.25 -22.58
O4 NAG R . 36.18 -34.52 -23.40
O5 NAG R . 36.54 -33.45 -19.90
O6 NAG R . 38.44 -32.72 -22.44
O7 NAG R . 32.05 -32.73 -18.43
S SO4 S . 6.60 -13.24 -0.32
O1 SO4 S . 7.08 -11.94 0.26
O2 SO4 S . 7.60 -13.79 -1.26
O3 SO4 S . 6.64 -14.25 0.76
O4 SO4 S . 5.23 -13.08 -0.96
C1 NAG T . 3.44 7.43 -34.32
C2 NAG T . 3.46 7.79 -32.83
C3 NAG T . 2.07 8.24 -32.32
C4 NAG T . 1.11 8.86 -33.36
C5 NAG T . 1.33 8.41 -34.81
C6 NAG T . 0.60 9.33 -35.78
C7 NAG T . 4.53 6.53 -30.91
C8 NAG T . 5.05 5.19 -30.52
N2 NAG T . 4.03 6.63 -32.15
O3 NAG T . 2.23 9.22 -31.30
O4 NAG T . -0.23 8.61 -32.99
O5 NAG T . 2.72 8.37 -35.10
O6 NAG T . 0.72 8.87 -37.11
O7 NAG T . 4.56 7.45 -30.10
C1 NAG U . -32.35 -4.35 -37.43
C2 NAG U . -31.99 -5.59 -38.27
C3 NAG U . -31.95 -5.16 -39.75
C4 NAG U . -33.40 -4.79 -40.09
C5 NAG U . -33.84 -3.60 -39.20
C6 NAG U . -35.31 -3.16 -39.43
C7 NAG U . -30.81 -7.48 -37.27
C8 NAG U . -29.49 -8.01 -36.78
N2 NAG U . -30.79 -6.24 -37.78
O3 NAG U . -31.45 -6.17 -40.60
O4 NAG U . -33.52 -4.54 -41.48
O5 NAG U . -33.64 -3.85 -37.81
O6 NAG U . -36.05 -4.12 -40.15
O7 NAG U . -31.81 -8.19 -37.22
C1 NAG V . 7.65 -67.83 -39.28
C2 NAG V . 8.04 -69.04 -40.14
C3 NAG V . 8.46 -68.60 -41.54
C4 NAG V . 7.42 -67.71 -42.23
C5 NAG V . 6.61 -66.80 -41.29
C6 NAG V . 5.21 -66.61 -41.86
C7 NAG V . 8.80 -70.92 -38.69
C8 NAG V . 10.01 -71.68 -38.21
N2 NAG V . 9.05 -69.91 -39.53
O3 NAG V . 8.74 -69.73 -42.35
O4 NAG V . 8.00 -66.91 -43.26
O5 NAG V . 6.51 -67.28 -39.95
O6 NAG V . 5.25 -66.28 -43.25
O7 NAG V . 7.67 -71.22 -38.30
C1 NAG W . 33.11 -28.54 -3.84
C2 NAG W . 32.35 -27.21 -4.00
C3 NAG W . 32.98 -26.02 -3.23
C4 NAG W . 33.72 -26.39 -1.94
C5 NAG W . 34.54 -27.68 -2.11
C6 NAG W . 35.17 -28.14 -0.80
C7 NAG W . 31.53 -27.38 -6.35
C8 NAG W . 31.69 -26.81 -7.73
N2 NAG W . 32.31 -26.84 -5.40
O3 NAG W . 31.98 -25.06 -2.96
O4 NAG W . 34.52 -25.30 -1.52
O5 NAG W . 33.71 -28.74 -2.56
O6 NAG W . 36.53 -27.77 -0.78
O7 NAG W . 30.72 -28.28 -6.13
S SO4 X . -0.12 -49.84 -12.20
O1 SO4 X . 0.64 -48.78 -11.50
O2 SO4 X . 0.25 -49.85 -13.63
O3 SO4 X . -1.61 -49.64 -12.21
O4 SO4 X . 0.38 -51.05 -11.46
C1 NAG Y . -10.34 63.92 27.05
C2 NAG Y . -11.62 63.06 27.02
C3 NAG Y . -12.55 63.59 25.93
C4 NAG Y . -12.94 65.04 26.25
C5 NAG Y . -11.72 65.93 26.64
C6 NAG Y . -12.22 67.15 27.42
C7 NAG Y . -11.02 60.81 27.88
C8 NAG Y . -10.84 59.35 27.54
N2 NAG Y . -11.40 61.61 26.88
O3 NAG Y . -13.70 62.78 25.79
O4 NAG Y . -13.63 65.60 25.16
O5 NAG Y . -10.69 65.28 27.38
O6 NAG Y . -11.66 68.33 26.90
O7 NAG Y . -10.79 61.18 29.03
C1 NAG Z . 38.55 10.82 2.47
C2 NAG Z . 39.96 10.34 2.12
C3 NAG Z . 40.91 11.49 2.43
C4 NAG Z . 40.62 12.69 1.51
C5 NAG Z . 39.14 12.82 1.07
C6 NAG Z . 39.09 13.04 -0.45
C7 NAG Z . 39.85 7.86 2.30
C8 NAG Z . 40.35 6.64 3.05
N2 NAG Z . 40.31 9.05 2.73
O3 NAG Z . 42.28 11.11 2.32
O4 NAG Z . 41.05 13.91 2.08
O5 NAG Z . 38.23 11.76 1.45
O6 NAG Z . 39.65 14.30 -0.81
O7 NAG Z . 39.05 7.73 1.37
S SO4 AA . 7.13 6.87 10.73
O1 SO4 AA . 8.54 7.29 10.94
O2 SO4 AA . 6.27 7.61 9.74
O3 SO4 AA . 6.53 7.04 12.08
O4 SO4 AA . 7.15 5.42 10.38
#